data_6VCA
#
_entry.id   6VCA
#
_cell.length_a   236.910
_cell.length_b   336.200
_cell.length_c   222.150
_cell.angle_alpha   90.000
_cell.angle_beta   90.000
_cell.angle_gamma   90.000
#
_symmetry.space_group_name_H-M   'C 2 2 2'
#
loop_
_entity.id
_entity.type
_entity.pdbx_description
1 polymer "5'-nucleotidase, ecto (CD73), isoform CRA_a"
2 polymer 'TB38 heavy chain'
3 polymer 'TB38 light chain'
4 branched 2-acetamido-2-deoxy-beta-D-glucopyranose-(1-4)-2-acetamido-2-deoxy-beta-D-glucopyranose
5 branched beta-D-mannopyranose-(1-4)-2-acetamido-2-deoxy-beta-D-glucopyranose-(1-4)-2-acetamido-2-deoxy-beta-D-glucopyranose
6 non-polymer 2-acetamido-2-deoxy-beta-D-glucopyranose
#
loop_
_entity_poly.entity_id
_entity_poly.type
_entity_poly.pdbx_seq_one_letter_code
_entity_poly.pdbx_strand_id
1 'polypeptide(L)'
;WELTILHTNDVHSRLEQTSEDSSKCVNASRCMGGVARLFTKVQQIRRAEPNVLLLDAGDQYQGTIWFTVYKGAEVAHFMN
ALRYDAMALGNHEFDNGVEGLIEPLLKEAKFPILSANIKAKGPLASQISGLYLPYKVLPVGDEVVGIVGYTSKETPFLSN
PGTNLVFEDEITALQPEVDKLKTLNVNKIIALGHSGFEMDKLIAQKVRGVDVVVGGHSNTFLYTGNPPSKEVPAGKYPFI
VTSDDGRKVPVVQAYAFGKYLGYLKIEFDERGNVISSHGNPILLNSSIPEDPSIKADINKWRIKLDNYSTQELGKTIVYL
DGSSQSCRFRECNMGNLICDAMINNNLRHADEMFWNHVSMCILNGGGIRSPIDERNNGTITWENLAAVLPFGGTFDLVQL
KGSTLKKAFEHSVHRYGQSTGEFLQVGGIHVVYDLSRKPGDRVVKLDVLCTKCRVPSYDPLKMDEVYKVILPNFLANGGD
GFQMIKDELLRHDSGDQDINVVSTYISKMKVIYPAVEGRIKFSHHHHHH
;
A,B,C,D
2 'polypeptide(L)'
;QVQLVESGGGVVQPGRSLRLSCAASGFTFSSYGMHWVRQAPGKGLEWVAVFWYDGSNKYYADSVKGRFTISRDNSKNTLY
LQMNSLSAEDTAVYYCARAPNWDDAFDIWGQGTMVTVSSASTKGPSVFPLAPSSKSTSGGTAALGCLVKDYFPEPVTVSW
NSGALTSGVHTFPAVLQSSGLYSLSSVVTVPSSSLGTQTYICNVNHKPSNTKVDKKVEPKSCDKTHTHHHHHH
;
H,E,P,K
3 'polypeptide(L)'
;QTVVTQEPSFSVSPGGTVTLTCGLSSGSVSTSYYPNWYQQTPGQAPRTLIYSTNTRSSGVPDRFSGSILGNKAALTITGA
QADDESDYYCVLFMGSGIWVFGGGTKLTVLGQPKAAPSVTLFPPSSEELQANKATLVCLISDFYPGAVTVAWKADSSPVK
AGVETTTPSKQSNNKYAASSYLSLTPEQWKSHRSYSCQVTHEGSTVEKTVAPTECS
;
L,F,O,J
#
loop_
_chem_comp.id
_chem_comp.type
_chem_comp.name
_chem_comp.formula
BMA D-saccharide, beta linking beta-D-mannopyranose 'C6 H12 O6'
NAG D-saccharide, beta linking 2-acetamido-2-deoxy-beta-D-glucopyranose 'C8 H15 N O6'
#
# COMPACT_ATOMS: atom_id res chain seq x y z
N TRP A 1 55.18 -25.38 33.24
CA TRP A 1 54.74 -24.40 32.21
C TRP A 1 53.22 -24.51 32.04
N GLU A 2 52.44 -23.70 32.79
CA GLU A 2 50.95 -23.69 32.74
C GLU A 2 50.50 -23.03 31.44
N LEU A 3 49.49 -23.62 30.82
CA LEU A 3 48.88 -23.18 29.53
C LEU A 3 47.37 -23.24 29.67
N THR A 4 46.73 -22.09 29.82
CA THR A 4 45.27 -21.93 29.84
C THR A 4 44.76 -22.00 28.40
N ILE A 5 43.86 -22.92 28.09
CA ILE A 5 43.32 -23.21 26.71
C ILE A 5 41.81 -22.93 26.68
N LEU A 6 41.42 -21.78 26.08
CA LEU A 6 40.01 -21.43 25.76
C LEU A 6 39.63 -22.09 24.44
N HIS A 7 38.60 -22.92 24.43
CA HIS A 7 38.16 -23.65 23.21
C HIS A 7 36.64 -23.53 23.09
N THR A 8 36.18 -23.47 21.83
CA THR A 8 34.75 -23.49 21.38
C THR A 8 34.59 -24.57 20.31
N ASN A 9 33.36 -24.91 19.93
CA ASN A 9 33.08 -25.78 18.75
C ASN A 9 31.60 -25.72 18.45
N ASP A 10 31.20 -26.26 17.30
CA ASP A 10 29.79 -26.32 16.83
C ASP A 10 29.08 -25.01 17.23
N VAL A 11 29.67 -23.86 16.95
CA VAL A 11 29.10 -22.53 17.34
C VAL A 11 27.83 -22.26 16.51
N HIS A 12 27.72 -22.88 15.30
CA HIS A 12 26.58 -22.77 14.34
C HIS A 12 26.16 -21.31 14.19
N SER A 13 27.10 -20.42 13.86
CA SER A 13 26.87 -18.98 13.58
C SER A 13 25.68 -18.45 14.40
N ARG A 14 25.69 -18.65 15.72
CA ARG A 14 24.78 -17.99 16.70
C ARG A 14 25.48 -16.73 17.23
N LEU A 15 25.59 -15.68 16.42
CA LEU A 15 26.48 -14.52 16.70
C LEU A 15 25.83 -13.70 17.79
N GLU A 16 24.52 -13.41 17.71
CA GLU A 16 23.84 -12.73 18.85
C GLU A 16 23.35 -13.81 19.81
N GLN A 17 23.35 -13.46 21.10
CA GLN A 17 22.94 -14.29 22.28
C GLN A 17 21.58 -14.98 22.01
N THR A 18 21.39 -16.16 22.60
CA THR A 18 20.20 -17.06 22.43
C THR A 18 19.53 -17.21 23.81
N SER A 19 18.58 -18.14 23.94
CA SER A 19 17.99 -18.58 25.25
C SER A 19 18.56 -19.97 25.63
N GLU A 20 18.31 -20.40 26.86
CA GLU A 20 18.93 -21.63 27.46
C GLU A 20 18.76 -22.83 26.51
N ASP A 21 17.67 -22.96 25.74
CA ASP A 21 17.41 -24.14 24.86
C ASP A 21 17.95 -23.90 23.45
N SER A 22 18.64 -22.78 23.24
CA SER A 22 19.44 -22.44 22.03
C SER A 22 18.54 -21.94 20.89
N SER A 23 17.39 -21.34 21.23
CA SER A 23 16.39 -20.71 20.32
C SER A 23 16.62 -19.19 20.23
N LYS A 24 15.62 -18.44 19.77
CA LYS A 24 15.60 -16.95 19.77
C LYS A 24 15.57 -16.46 21.22
N CYS A 25 16.43 -15.49 21.56
CA CYS A 25 16.49 -14.79 22.87
C CYS A 25 15.13 -14.15 23.18
N VAL A 26 14.57 -14.40 24.38
CA VAL A 26 13.23 -13.96 24.83
C VAL A 26 13.40 -12.94 25.98
N ASN A 27 13.58 -13.43 27.23
CA ASN A 27 13.92 -12.62 28.44
C ASN A 27 15.34 -12.09 28.31
N ALA A 28 15.48 -10.86 27.81
CA ALA A 28 16.74 -10.06 27.81
C ALA A 28 17.57 -10.41 29.07
N SER A 29 16.96 -10.39 30.25
CA SER A 29 17.62 -10.53 31.57
C SER A 29 18.28 -11.91 31.76
N ARG A 30 17.80 -12.95 31.07
CA ARG A 30 18.12 -14.38 31.39
C ARG A 30 18.84 -15.05 30.21
N CYS A 31 19.15 -14.30 29.15
CA CYS A 31 19.68 -14.87 27.87
C CYS A 31 21.13 -15.29 28.06
N MET A 32 21.59 -16.23 27.22
CA MET A 32 22.97 -16.80 27.27
C MET A 32 23.56 -16.75 25.87
N GLY A 33 24.83 -17.09 25.72
CA GLY A 33 25.54 -17.08 24.44
C GLY A 33 25.96 -15.69 24.02
N GLY A 34 26.25 -15.51 22.73
CA GLY A 34 26.67 -14.21 22.14
C GLY A 34 28.17 -14.18 21.94
N VAL A 35 28.64 -13.52 20.87
CA VAL A 35 30.08 -13.29 20.61
C VAL A 35 30.45 -11.98 21.26
N ALA A 36 29.45 -11.10 21.44
CA ALA A 36 29.53 -9.95 22.35
C ALA A 36 29.95 -10.44 23.74
N ARG A 37 29.14 -11.34 24.32
CA ARG A 37 29.35 -11.92 25.69
C ARG A 37 30.72 -12.60 25.74
N LEU A 38 30.99 -13.50 24.80
CA LEU A 38 32.22 -14.32 24.72
C LEU A 38 33.45 -13.41 24.77
N PHE A 39 33.48 -12.35 23.95
CA PHE A 39 34.62 -11.41 23.88
C PHE A 39 34.96 -10.95 25.30
N THR A 40 33.97 -10.47 26.04
CA THR A 40 34.12 -10.00 27.44
C THR A 40 35.02 -11.00 28.17
N LYS A 41 34.56 -12.25 28.29
CA LYS A 41 35.15 -13.28 29.20
C LYS A 41 36.55 -13.65 28.72
N VAL A 42 36.79 -13.63 27.41
CA VAL A 42 38.13 -13.96 26.84
C VAL A 42 39.11 -12.85 27.20
N GLN A 43 38.68 -11.60 27.05
CA GLN A 43 39.53 -10.42 27.33
C GLN A 43 39.86 -10.39 28.82
N GLN A 44 38.89 -10.74 29.68
CA GLN A 44 39.08 -10.84 31.15
C GLN A 44 40.25 -11.79 31.44
N ILE A 45 40.25 -12.96 30.77
CA ILE A 45 41.24 -14.05 30.99
C ILE A 45 42.61 -13.59 30.48
N ARG A 46 42.68 -13.09 29.26
CA ARG A 46 43.96 -12.63 28.64
C ARG A 46 44.63 -11.52 29.48
N ARG A 47 43.82 -10.65 30.09
CA ARG A 47 44.30 -9.53 30.93
C ARG A 47 44.77 -10.07 32.29
N ALA A 48 44.50 -11.34 32.61
CA ALA A 48 44.92 -12.03 33.86
C ALA A 48 46.09 -13.00 33.60
N GLU A 49 45.87 -14.04 32.80
CA GLU A 49 46.79 -15.19 32.57
C GLU A 49 47.87 -14.77 31.55
N PRO A 50 49.07 -15.36 31.63
CA PRO A 50 50.16 -15.03 30.70
C PRO A 50 50.24 -15.93 29.46
N ASN A 51 49.74 -17.17 29.58
CA ASN A 51 49.79 -18.25 28.55
C ASN A 51 48.36 -18.68 28.18
N VAL A 52 47.78 -18.07 27.14
CA VAL A 52 46.37 -18.29 26.69
C VAL A 52 46.34 -18.65 25.20
N LEU A 53 45.48 -19.62 24.84
CA LEU A 53 45.18 -20.02 23.44
C LEU A 53 43.67 -20.11 23.23
N LEU A 54 43.15 -19.53 22.15
CA LEU A 54 41.69 -19.52 21.83
C LEU A 54 41.48 -20.28 20.54
N LEU A 55 40.95 -21.50 20.65
CA LEU A 55 40.79 -22.45 19.50
C LEU A 55 39.31 -22.65 19.18
N ASP A 56 38.99 -23.02 17.93
CA ASP A 56 37.66 -23.54 17.51
C ASP A 56 37.92 -24.82 16.69
N ALA A 57 36.93 -25.72 16.66
CA ALA A 57 36.98 -27.04 16.00
C ALA A 57 35.87 -27.18 14.96
N GLY A 58 35.42 -26.06 14.37
CA GLY A 58 34.55 -26.01 13.18
C GLY A 58 33.06 -25.84 13.50
N ASP A 59 32.21 -26.47 12.68
CA ASP A 59 30.74 -26.26 12.54
C ASP A 59 30.41 -24.81 12.93
N GLN A 60 31.25 -23.84 12.55
CA GLN A 60 31.04 -22.38 12.80
C GLN A 60 30.09 -21.82 11.74
N TYR A 61 29.74 -22.61 10.73
CA TYR A 61 29.38 -22.13 9.37
C TYR A 61 27.92 -22.27 9.02
N GLN A 62 27.06 -22.99 9.72
CA GLN A 62 25.62 -23.03 9.36
C GLN A 62 24.84 -22.55 10.57
N GLY A 63 23.62 -22.02 10.38
CA GLY A 63 22.59 -22.13 11.44
C GLY A 63 21.54 -21.05 11.45
N THR A 64 21.94 -19.80 11.65
CA THR A 64 21.05 -18.62 11.76
C THR A 64 20.93 -17.97 10.37
N ILE A 65 20.14 -16.91 10.29
CA ILE A 65 20.06 -16.01 9.10
C ILE A 65 21.44 -15.40 8.85
N TRP A 66 22.13 -15.02 9.91
CA TRP A 66 23.49 -14.41 9.93
C TRP A 66 24.34 -15.05 8.83
N PHE A 67 24.40 -16.37 8.80
CA PHE A 67 25.13 -17.11 7.76
C PHE A 67 24.36 -17.03 6.45
N THR A 68 23.07 -17.38 6.50
CA THR A 68 22.17 -17.37 5.31
C THR A 68 22.38 -16.08 4.52
N VAL A 69 22.78 -15.00 5.19
CA VAL A 69 22.97 -13.65 4.59
C VAL A 69 24.44 -13.39 4.26
N TYR A 70 25.34 -13.52 5.21
CA TYR A 70 26.76 -13.10 5.05
C TYR A 70 27.63 -14.27 4.55
N LYS A 71 27.15 -15.50 4.69
CA LYS A 71 27.68 -16.71 4.00
C LYS A 71 29.17 -16.99 4.29
N GLY A 72 29.63 -16.57 5.47
CA GLY A 72 30.97 -16.92 5.97
C GLY A 72 31.79 -15.69 6.25
N ALA A 73 31.40 -14.55 5.69
CA ALA A 73 32.12 -13.28 5.88
C ALA A 73 31.88 -12.79 7.30
N GLU A 74 30.71 -13.05 7.87
CA GLU A 74 30.38 -12.66 9.27
C GLU A 74 31.35 -13.39 10.20
N VAL A 75 31.62 -14.66 9.89
CA VAL A 75 32.52 -15.56 10.68
C VAL A 75 33.89 -14.86 10.75
N ALA A 76 34.60 -14.79 9.62
CA ALA A 76 35.95 -14.18 9.53
C ALA A 76 36.01 -12.88 10.35
N HIS A 77 35.31 -11.83 9.92
CA HIS A 77 35.47 -10.45 10.44
C HIS A 77 35.02 -10.34 11.89
N PHE A 78 34.56 -11.42 12.54
CA PHE A 78 34.26 -11.47 14.00
C PHE A 78 35.28 -12.34 14.74
N MET A 79 35.55 -13.56 14.23
CA MET A 79 36.61 -14.44 14.79
C MET A 79 37.91 -13.64 14.83
N ASN A 80 38.11 -12.76 13.85
CA ASN A 80 39.31 -11.90 13.71
C ASN A 80 39.26 -10.79 14.77
N ALA A 81 38.06 -10.40 15.18
CA ALA A 81 37.83 -9.39 16.25
C ALA A 81 37.96 -10.03 17.64
N LEU A 82 37.66 -11.32 17.77
CA LEU A 82 37.88 -12.07 19.03
C LEU A 82 39.36 -12.45 19.14
N ARG A 83 40.05 -12.46 18.00
CA ARG A 83 41.51 -12.70 17.83
C ARG A 83 41.83 -14.16 18.19
N TYR A 84 41.06 -15.09 17.67
CA TYR A 84 41.35 -16.54 17.70
C TYR A 84 42.78 -16.80 17.25
N ASP A 85 43.31 -17.97 17.64
CA ASP A 85 44.74 -18.35 17.53
C ASP A 85 44.90 -19.46 16.48
N ALA A 86 43.93 -20.38 16.44
CA ALA A 86 43.73 -21.34 15.33
C ALA A 86 42.27 -21.81 15.29
N MET A 87 41.90 -22.47 14.19
CA MET A 87 40.56 -23.09 13.96
C MET A 87 40.73 -24.29 13.03
N ALA A 88 39.84 -25.25 13.17
CA ALA A 88 39.76 -26.46 12.32
C ALA A 88 38.48 -26.39 11.49
N LEU A 89 38.38 -27.24 10.46
CA LEU A 89 37.28 -27.27 9.47
C LEU A 89 36.24 -28.29 9.89
N GLY A 90 35.00 -28.06 9.48
CA GLY A 90 33.80 -28.73 10.01
C GLY A 90 32.98 -29.48 8.98
N ASN A 91 32.10 -30.37 9.48
CA ASN A 91 31.03 -31.03 8.69
C ASN A 91 30.40 -29.91 7.83
N HIS A 92 30.03 -28.77 8.43
CA HIS A 92 29.20 -27.68 7.82
C HIS A 92 30.01 -26.59 7.10
N GLU A 93 31.34 -26.69 7.03
CA GLU A 93 32.16 -25.57 6.46
C GLU A 93 32.07 -25.59 4.93
N PHE A 94 31.76 -26.76 4.38
CA PHE A 94 31.67 -26.98 2.90
C PHE A 94 30.20 -26.98 2.46
N ASP A 95 29.28 -26.42 3.25
CA ASP A 95 27.84 -26.41 2.93
C ASP A 95 27.64 -25.46 1.73
N ASN A 96 28.51 -24.47 1.63
CA ASN A 96 28.50 -23.50 0.52
C ASN A 96 29.52 -23.95 -0.53
N GLY A 97 29.94 -25.21 -0.52
CA GLY A 97 30.98 -25.71 -1.43
C GLY A 97 32.31 -25.07 -1.13
N VAL A 98 33.36 -25.49 -1.82
CA VAL A 98 34.75 -25.06 -1.50
C VAL A 98 34.84 -23.53 -1.59
N GLU A 99 34.37 -22.92 -2.68
CA GLU A 99 34.59 -21.46 -2.86
C GLU A 99 33.72 -20.66 -1.87
N GLY A 100 32.70 -21.26 -1.27
CA GLY A 100 31.86 -20.63 -0.23
C GLY A 100 32.52 -20.75 1.13
N LEU A 101 33.67 -21.44 1.17
CA LEU A 101 34.67 -21.52 2.27
C LEU A 101 35.94 -20.74 1.90
N ILE A 102 36.50 -20.94 0.70
CA ILE A 102 37.85 -20.43 0.26
C ILE A 102 37.77 -18.91 0.07
N GLU A 103 36.69 -18.43 -0.55
CA GLU A 103 36.50 -16.99 -0.80
C GLU A 103 36.19 -16.33 0.54
N PRO A 104 35.00 -16.53 1.14
CA PRO A 104 34.57 -15.72 2.28
C PRO A 104 35.55 -15.82 3.46
N LEU A 105 35.91 -17.06 3.85
CA LEU A 105 36.70 -17.39 5.06
C LEU A 105 38.21 -17.42 4.78
N LEU A 106 38.73 -18.50 4.17
CA LEU A 106 40.19 -18.86 4.12
C LEU A 106 41.06 -17.69 3.65
N LYS A 107 40.49 -16.83 2.79
CA LYS A 107 41.20 -15.65 2.25
C LYS A 107 41.03 -14.48 3.23
N GLU A 108 39.80 -14.15 3.62
CA GLU A 108 39.47 -12.99 4.50
C GLU A 108 39.89 -13.28 5.95
N ALA A 109 40.13 -14.53 6.35
CA ALA A 109 40.43 -14.92 7.75
C ALA A 109 41.87 -14.56 8.06
N LYS A 110 42.11 -13.96 9.24
CA LYS A 110 43.37 -13.28 9.64
C LYS A 110 44.20 -14.21 10.57
N PHE A 111 43.83 -15.50 10.67
CA PHE A 111 44.49 -16.51 11.54
C PHE A 111 44.55 -17.85 10.83
N PRO A 112 45.55 -18.70 11.15
CA PRO A 112 45.75 -19.94 10.42
C PRO A 112 44.58 -20.87 10.71
N ILE A 113 44.18 -21.64 9.68
CA ILE A 113 43.06 -22.64 9.68
C ILE A 113 43.54 -24.00 9.20
N LEU A 114 43.31 -25.02 10.00
CA LEU A 114 43.99 -26.32 9.89
C LEU A 114 43.00 -27.43 9.58
N SER A 115 43.52 -28.43 8.85
CA SER A 115 43.07 -29.83 8.75
C SER A 115 44.12 -30.59 7.95
N ALA A 116 44.62 -31.72 8.45
CA ALA A 116 45.78 -32.43 7.86
C ALA A 116 45.27 -33.57 6.99
N ASN A 117 44.04 -34.02 7.21
CA ASN A 117 43.50 -35.24 6.57
C ASN A 117 42.79 -34.90 5.27
N ILE A 118 42.66 -33.60 4.98
CA ILE A 118 42.03 -33.08 3.74
C ILE A 118 43.12 -32.73 2.74
N LYS A 119 43.20 -33.47 1.62
CA LYS A 119 44.10 -33.11 0.48
C LYS A 119 43.24 -32.91 -0.78
N ALA A 120 43.63 -31.92 -1.59
CA ALA A 120 42.98 -31.56 -2.87
C ALA A 120 43.85 -32.07 -4.00
N LYS A 121 43.22 -32.47 -5.11
CA LYS A 121 43.94 -32.82 -6.34
C LYS A 121 43.46 -31.94 -7.49
N GLY A 122 44.14 -32.06 -8.62
CA GLY A 122 43.87 -31.28 -9.84
C GLY A 122 44.16 -29.79 -9.66
N PRO A 123 43.27 -28.92 -10.19
CA PRO A 123 43.55 -27.49 -10.25
C PRO A 123 43.16 -26.77 -8.96
N LEU A 124 42.18 -27.30 -8.21
CA LEU A 124 41.80 -26.72 -6.90
C LEU A 124 43.07 -26.64 -6.04
N ALA A 125 43.90 -27.68 -6.12
CA ALA A 125 45.18 -27.81 -5.39
C ALA A 125 45.98 -26.51 -5.43
N SER A 126 46.18 -25.93 -6.63
CA SER A 126 46.95 -24.67 -6.83
C SER A 126 46.18 -23.49 -6.22
N GLN A 127 44.88 -23.34 -6.53
CA GLN A 127 44.02 -22.24 -6.05
C GLN A 127 44.11 -22.14 -4.53
N ILE A 128 43.93 -23.28 -3.85
CA ILE A 128 43.70 -23.37 -2.39
C ILE A 128 45.06 -23.39 -1.68
N SER A 129 46.13 -23.76 -2.37
CA SER A 129 47.54 -23.78 -1.87
C SER A 129 47.70 -22.94 -0.61
N GLY A 130 47.94 -23.58 0.54
CA GLY A 130 48.29 -22.92 1.81
C GLY A 130 47.29 -21.86 2.30
N LEU A 131 45.96 -22.04 2.10
CA LEU A 131 44.90 -21.31 2.87
C LEU A 131 44.38 -22.19 4.04
N TYR A 132 44.50 -23.52 3.85
CA TYR A 132 44.20 -24.61 4.82
C TYR A 132 45.52 -25.36 5.07
N LEU A 133 46.04 -25.36 6.30
CA LEU A 133 47.35 -25.97 6.65
C LEU A 133 47.12 -27.22 7.50
N PRO A 134 48.07 -28.20 7.49
CA PRO A 134 47.86 -29.47 8.19
C PRO A 134 48.17 -29.33 9.67
N TYR A 135 49.26 -28.64 10.02
CA TYR A 135 49.62 -28.24 11.39
C TYR A 135 50.10 -26.80 11.40
N LYS A 136 50.25 -26.29 12.62
CA LYS A 136 50.66 -24.91 12.93
C LYS A 136 51.49 -24.92 14.22
N VAL A 137 52.57 -24.19 14.18
CA VAL A 137 53.55 -24.01 15.28
C VAL A 137 53.29 -22.60 15.79
N LEU A 138 52.54 -22.53 16.88
CA LEU A 138 51.93 -21.30 17.44
C LEU A 138 52.72 -20.95 18.70
N PRO A 139 53.54 -19.88 18.69
CA PRO A 139 54.38 -19.57 19.83
C PRO A 139 53.52 -18.88 20.90
N VAL A 140 53.63 -19.36 22.14
CA VAL A 140 52.99 -18.81 23.37
C VAL A 140 54.14 -18.52 24.34
N GLY A 141 54.06 -17.43 25.09
CA GLY A 141 55.19 -16.99 25.93
C GLY A 141 56.49 -17.21 25.17
N ASP A 142 57.51 -17.71 25.85
CA ASP A 142 58.88 -17.94 25.32
C ASP A 142 58.97 -19.36 24.76
N GLU A 143 57.90 -20.14 24.89
CA GLU A 143 57.82 -21.51 24.36
C GLU A 143 57.01 -21.45 23.07
N VAL A 144 56.85 -22.62 22.48
CA VAL A 144 56.13 -22.88 21.22
C VAL A 144 55.13 -24.00 21.53
N VAL A 145 53.94 -23.93 20.93
CA VAL A 145 52.97 -25.06 20.86
C VAL A 145 52.72 -25.46 19.39
N GLY A 146 52.86 -26.76 19.09
CA GLY A 146 52.29 -27.41 17.89
C GLY A 146 50.77 -27.63 18.03
N ILE A 147 50.01 -27.29 17.00
CA ILE A 147 48.56 -27.64 16.87
C ILE A 147 48.34 -28.35 15.53
N VAL A 148 47.81 -29.58 15.56
CA VAL A 148 47.54 -30.39 14.36
C VAL A 148 46.04 -30.48 14.22
N GLY A 149 45.58 -30.39 12.98
CA GLY A 149 44.16 -30.31 12.59
C GLY A 149 43.65 -31.62 12.02
N TYR A 150 42.33 -31.83 12.10
CA TYR A 150 41.67 -32.96 11.42
C TYR A 150 40.20 -32.59 11.22
N THR A 151 39.52 -33.34 10.34
CA THR A 151 38.11 -33.12 9.92
C THR A 151 37.51 -34.47 9.53
N SER A 152 36.25 -34.69 9.81
CA SER A 152 35.62 -36.03 9.70
C SER A 152 35.62 -36.47 8.24
N LYS A 153 35.98 -37.73 8.00
CA LYS A 153 35.86 -38.39 6.68
C LYS A 153 34.37 -38.54 6.32
N GLU A 154 33.45 -38.31 7.27
CA GLU A 154 31.99 -38.29 7.06
C GLU A 154 31.59 -37.04 6.23
N THR A 155 32.49 -36.04 6.06
CA THR A 155 32.18 -34.68 5.55
C THR A 155 31.51 -34.74 4.19
N PRO A 156 32.01 -35.49 3.18
CA PRO A 156 31.35 -35.59 1.87
C PRO A 156 29.90 -36.08 1.90
N PHE A 157 29.49 -36.73 2.98
CA PHE A 157 28.11 -37.24 3.12
C PHE A 157 27.22 -36.20 3.82
N LEU A 158 27.81 -35.20 4.51
CA LEU A 158 27.06 -34.17 5.30
C LEU A 158 27.29 -32.76 4.75
N SER A 159 27.90 -32.64 3.58
CA SER A 159 28.28 -31.35 2.96
C SER A 159 28.52 -31.52 1.45
N ASN A 160 29.06 -30.50 0.79
CA ASN A 160 29.21 -30.38 -0.69
C ASN A 160 30.63 -29.93 -1.02
N PRO A 161 31.67 -30.75 -0.74
CA PRO A 161 33.07 -30.32 -0.90
C PRO A 161 33.59 -30.41 -2.35
N GLY A 162 32.72 -30.70 -3.31
CA GLY A 162 33.13 -31.09 -4.66
C GLY A 162 33.85 -32.43 -4.65
N THR A 163 34.35 -32.82 -5.81
CA THR A 163 34.99 -34.12 -6.11
C THR A 163 36.50 -33.91 -6.24
N ASN A 164 37.03 -32.75 -5.89
CA ASN A 164 38.50 -32.48 -5.96
C ASN A 164 39.15 -32.71 -4.59
N LEU A 165 38.34 -32.78 -3.52
CA LEU A 165 38.82 -32.92 -2.13
C LEU A 165 38.71 -34.36 -1.66
N VAL A 166 39.82 -34.84 -1.08
CA VAL A 166 39.90 -36.18 -0.44
C VAL A 166 39.90 -35.95 1.06
N PHE A 167 39.33 -36.91 1.79
CA PHE A 167 39.29 -36.90 3.27
C PHE A 167 39.97 -38.18 3.75
N GLU A 168 41.29 -38.13 4.01
CA GLU A 168 42.13 -39.28 4.47
C GLU A 168 41.71 -39.65 5.91
N ASP A 169 42.06 -40.86 6.35
CA ASP A 169 41.73 -41.34 7.72
C ASP A 169 42.50 -40.47 8.69
N GLU A 170 41.77 -39.89 9.65
CA GLU A 170 42.31 -38.92 10.65
C GLU A 170 43.67 -39.42 11.13
N ILE A 171 43.66 -40.57 11.80
CA ILE A 171 44.83 -41.18 12.48
C ILE A 171 45.98 -41.24 11.47
N THR A 172 45.75 -41.86 10.30
CA THR A 172 46.77 -42.06 9.24
C THR A 172 47.52 -40.75 8.99
N ALA A 173 46.78 -39.66 8.83
CA ALA A 173 47.29 -38.39 8.30
C ALA A 173 47.93 -37.56 9.41
N LEU A 174 47.47 -37.76 10.64
CA LEU A 174 47.99 -37.01 11.82
C LEU A 174 49.38 -37.50 12.17
N GLN A 175 49.56 -38.82 12.26
CA GLN A 175 50.78 -39.48 12.80
C GLN A 175 52.02 -38.89 12.10
N PRO A 176 52.15 -38.96 10.76
CA PRO A 176 53.33 -38.46 10.06
C PRO A 176 53.62 -36.99 10.33
N GLU A 177 52.58 -36.19 10.61
CA GLU A 177 52.61 -34.71 10.82
C GLU A 177 52.99 -34.42 12.28
N VAL A 178 52.47 -35.18 13.24
CA VAL A 178 52.83 -35.02 14.67
C VAL A 178 54.30 -35.37 14.84
N ASP A 179 54.73 -36.41 14.14
CA ASP A 179 56.13 -36.90 14.15
C ASP A 179 57.03 -35.80 13.68
N LYS A 180 56.67 -35.08 12.61
CA LYS A 180 57.48 -33.95 12.09
C LYS A 180 57.69 -32.87 13.15
N LEU A 181 56.66 -32.63 13.99
CA LEU A 181 56.73 -31.60 15.04
C LEU A 181 57.89 -31.99 15.97
N LYS A 182 57.89 -33.24 16.46
CA LYS A 182 58.98 -33.75 17.33
C LYS A 182 60.30 -33.70 16.54
N THR A 183 60.29 -33.91 15.21
CA THR A 183 61.48 -33.80 14.31
C THR A 183 62.05 -32.38 14.40
N LEU A 184 61.21 -31.40 14.76
CA LEU A 184 61.58 -29.97 14.82
C LEU A 184 61.42 -29.45 16.25
N ASN A 185 61.85 -30.23 17.24
CA ASN A 185 61.92 -29.81 18.67
C ASN A 185 60.61 -29.06 19.03
N VAL A 186 59.46 -29.68 18.78
CA VAL A 186 58.13 -29.33 19.36
C VAL A 186 57.68 -30.56 20.14
N ASN A 187 57.66 -30.40 21.46
CA ASN A 187 57.39 -31.45 22.47
C ASN A 187 55.90 -31.41 22.82
N LYS A 188 55.37 -30.18 22.78
CA LYS A 188 54.01 -29.74 23.21
C LYS A 188 53.11 -29.61 21.99
N ILE A 189 52.22 -30.61 21.81
CA ILE A 189 51.44 -30.87 20.56
C ILE A 189 49.98 -31.03 20.96
N ILE A 190 49.13 -30.10 20.52
CA ILE A 190 47.65 -30.18 20.69
C ILE A 190 47.06 -30.75 19.39
N ALA A 191 46.13 -31.70 19.47
CA ALA A 191 45.23 -32.11 18.37
C ALA A 191 43.95 -31.28 18.46
N LEU A 192 43.46 -30.80 17.33
CA LEU A 192 42.28 -29.88 17.20
C LEU A 192 41.50 -30.23 15.93
N GLY A 193 40.20 -30.58 16.05
CA GLY A 193 39.43 -31.08 14.88
C GLY A 193 38.02 -31.61 15.18
N HIS A 194 37.30 -31.87 14.08
CA HIS A 194 35.85 -32.08 13.97
C HIS A 194 35.63 -33.45 13.36
N SER A 195 35.73 -34.50 14.18
CA SER A 195 35.42 -35.88 13.75
C SER A 195 34.39 -36.53 14.69
N GLY A 196 34.16 -35.96 15.88
CA GLY A 196 33.20 -36.49 16.85
C GLY A 196 33.91 -37.05 18.07
N PHE A 197 33.34 -36.82 19.25
CA PHE A 197 33.92 -37.21 20.55
C PHE A 197 34.54 -38.60 20.43
N GLU A 198 33.89 -39.49 19.68
CA GLU A 198 34.32 -40.90 19.55
C GLU A 198 35.74 -40.98 18.98
N MET A 199 35.97 -40.41 17.80
CA MET A 199 37.30 -40.44 17.09
C MET A 199 38.34 -39.66 17.91
N ASP A 200 37.94 -38.54 18.55
CA ASP A 200 38.83 -37.70 19.42
C ASP A 200 39.59 -38.62 20.39
N LYS A 201 38.88 -39.59 20.98
CA LYS A 201 39.40 -40.54 22.00
C LYS A 201 40.38 -41.52 21.37
N LEU A 202 40.09 -41.94 20.15
CA LEU A 202 40.91 -42.90 19.35
C LEU A 202 42.16 -42.19 18.84
N ILE A 203 42.14 -40.87 18.81
CA ILE A 203 43.33 -40.05 18.46
C ILE A 203 44.24 -40.07 19.68
N ALA A 204 43.70 -39.81 20.86
CA ALA A 204 44.43 -39.93 22.14
C ALA A 204 45.24 -41.23 22.10
N GLN A 205 44.52 -42.35 22.08
CA GLN A 205 45.09 -43.72 22.15
C GLN A 205 46.21 -43.91 21.12
N LYS A 206 45.89 -43.72 19.83
CA LYS A 206 46.65 -44.41 18.76
C LYS A 206 47.64 -43.48 18.06
N VAL A 207 47.79 -42.23 18.50
CA VAL A 207 48.73 -41.25 17.89
C VAL A 207 49.77 -40.82 18.93
N ARG A 208 51.01 -41.27 18.77
CA ARG A 208 52.14 -40.92 19.69
C ARG A 208 52.44 -39.43 19.49
N GLY A 209 52.97 -38.75 20.50
CA GLY A 209 53.37 -37.32 20.43
C GLY A 209 52.29 -36.42 20.98
N VAL A 210 51.04 -36.73 20.63
CA VAL A 210 49.79 -35.95 20.95
C VAL A 210 49.67 -35.87 22.46
N ASP A 211 49.55 -34.64 22.97
CA ASP A 211 49.56 -34.34 24.43
C ASP A 211 48.11 -34.07 24.87
N VAL A 212 47.38 -33.22 24.13
CA VAL A 212 45.97 -32.79 24.38
C VAL A 212 45.18 -33.00 23.10
N VAL A 213 43.89 -33.35 23.24
CA VAL A 213 42.91 -33.43 22.10
C VAL A 213 41.74 -32.49 22.43
N VAL A 214 41.45 -31.55 21.51
CA VAL A 214 40.25 -30.66 21.50
C VAL A 214 39.41 -31.02 20.26
N GLY A 215 38.16 -31.36 20.47
CA GLY A 215 37.31 -31.82 19.38
C GLY A 215 35.98 -31.17 19.49
N GLY A 216 35.09 -31.62 18.62
CA GLY A 216 33.65 -31.31 18.58
C GLY A 216 33.07 -32.18 17.50
N HIS A 217 31.94 -31.75 16.90
CA HIS A 217 31.10 -32.42 15.87
C HIS A 217 29.91 -33.09 16.53
N SER A 218 30.17 -33.77 17.65
CA SER A 218 29.21 -34.43 18.57
C SER A 218 28.88 -33.32 19.55
N ASN A 219 27.62 -33.05 19.81
CA ASN A 219 27.25 -31.87 20.63
C ASN A 219 27.58 -32.17 22.10
N THR A 220 28.32 -33.27 22.38
CA THR A 220 28.59 -33.82 23.74
C THR A 220 29.20 -32.76 24.65
N PHE A 221 28.80 -32.82 25.92
CA PHE A 221 29.10 -31.86 26.99
C PHE A 221 29.86 -32.58 28.10
N LEU A 222 31.05 -32.12 28.42
CA LEU A 222 31.82 -32.68 29.57
C LEU A 222 31.84 -31.65 30.70
N TYR A 223 31.47 -32.11 31.91
CA TYR A 223 31.54 -31.32 33.17
C TYR A 223 32.11 -32.22 34.25
N THR A 224 32.98 -31.61 35.07
CA THR A 224 33.38 -32.11 36.40
C THR A 224 32.53 -31.36 37.43
N GLY A 225 31.60 -32.06 38.09
CA GLY A 225 30.79 -31.48 39.19
C GLY A 225 29.37 -31.23 38.76
N ASN A 226 28.79 -30.13 39.26
CA ASN A 226 27.35 -29.80 39.11
C ASN A 226 27.10 -29.03 37.81
N PRO A 227 26.28 -29.59 36.89
CA PRO A 227 26.00 -28.93 35.62
C PRO A 227 25.28 -27.60 35.86
N PRO A 228 25.82 -26.50 35.30
CA PRO A 228 25.29 -25.16 35.55
C PRO A 228 24.06 -24.76 34.70
N SER A 229 23.48 -25.72 33.96
CA SER A 229 22.22 -25.53 33.20
C SER A 229 21.73 -26.91 32.74
N LYS A 230 20.66 -26.92 31.92
CA LYS A 230 19.96 -28.15 31.47
C LYS A 230 20.97 -29.14 30.88
N GLU A 231 22.17 -28.69 30.55
CA GLU A 231 23.18 -29.50 29.83
C GLU A 231 23.56 -30.70 30.72
N VAL A 232 23.21 -31.90 30.25
CA VAL A 232 23.50 -33.24 30.85
C VAL A 232 24.93 -33.62 30.48
N PRO A 233 25.87 -33.71 31.42
CA PRO A 233 27.24 -34.13 31.09
C PRO A 233 27.24 -35.64 30.77
N ALA A 234 28.29 -36.10 30.09
CA ALA A 234 28.47 -37.52 29.68
C ALA A 234 29.91 -37.95 29.94
N GLY A 235 30.56 -37.27 30.90
CA GLY A 235 31.96 -37.51 31.31
C GLY A 235 32.51 -36.31 32.07
N LYS A 236 33.59 -36.51 32.81
CA LYS A 236 34.29 -35.41 33.52
C LYS A 236 35.04 -34.57 32.48
N TYR A 237 35.28 -33.30 32.78
CA TYR A 237 36.10 -32.36 31.98
C TYR A 237 37.33 -31.98 32.79
N PRO A 238 38.56 -32.27 32.32
CA PRO A 238 38.78 -32.99 31.06
C PRO A 238 38.41 -34.45 31.19
N PHE A 239 38.30 -35.13 30.05
CA PHE A 239 38.13 -36.60 29.96
C PHE A 239 39.50 -37.23 29.74
N ILE A 240 40.03 -37.87 30.76
CA ILE A 240 41.36 -38.52 30.69
C ILE A 240 41.20 -39.77 29.81
N VAL A 241 42.21 -40.10 29.00
CA VAL A 241 42.19 -41.27 28.07
C VAL A 241 43.56 -41.92 28.08
N THR A 242 43.60 -43.21 28.38
CA THR A 242 44.86 -43.95 28.58
C THR A 242 45.43 -44.31 27.22
N SER A 243 46.52 -43.64 26.82
CA SER A 243 47.22 -43.89 25.54
C SER A 243 47.91 -45.25 25.60
N ASP A 244 48.31 -45.77 24.44
CA ASP A 244 48.95 -47.11 24.26
C ASP A 244 50.37 -47.07 24.86
N ASP A 245 51.12 -46.00 24.61
CA ASP A 245 52.48 -45.79 25.18
C ASP A 245 52.33 -45.54 26.69
N GLY A 246 51.11 -45.37 27.17
CA GLY A 246 50.74 -45.31 28.60
C GLY A 246 50.79 -43.89 29.13
N ARG A 247 50.21 -42.92 28.41
CA ARG A 247 50.09 -41.51 28.87
C ARG A 247 48.64 -41.24 29.29
N LYS A 248 48.42 -40.20 30.08
CA LYS A 248 47.08 -39.58 30.31
C LYS A 248 46.97 -38.44 29.28
N VAL A 249 45.96 -38.54 28.41
CA VAL A 249 45.68 -37.54 27.32
C VAL A 249 44.31 -36.96 27.59
N PRO A 250 44.21 -35.68 28.01
CA PRO A 250 42.91 -35.06 28.22
C PRO A 250 42.23 -34.64 26.91
N VAL A 251 41.01 -35.13 26.72
CA VAL A 251 40.11 -34.83 25.58
C VAL A 251 38.96 -33.92 26.07
N VAL A 252 38.73 -32.81 25.37
CA VAL A 252 37.76 -31.76 25.78
C VAL A 252 36.77 -31.46 24.64
N GLN A 253 35.81 -30.56 24.94
CA GLN A 253 34.62 -30.24 24.10
C GLN A 253 33.64 -29.37 24.92
N ALA A 254 33.34 -28.17 24.43
CA ALA A 254 32.16 -27.38 24.88
C ALA A 254 30.90 -27.96 24.22
N TYR A 255 29.76 -27.84 24.87
CA TYR A 255 28.44 -28.22 24.30
C TYR A 255 28.43 -27.94 22.80
N ALA A 256 28.33 -26.67 22.44
CA ALA A 256 27.84 -26.18 21.13
C ALA A 256 27.31 -24.75 21.27
N PHE A 257 26.65 -24.28 20.21
CA PHE A 257 25.80 -23.05 20.11
C PHE A 257 26.37 -21.87 20.89
N GLY A 258 27.69 -21.84 21.06
CA GLY A 258 28.40 -20.69 21.64
C GLY A 258 27.81 -20.32 22.98
N LYS A 259 27.37 -21.35 23.72
CA LYS A 259 26.75 -21.24 25.07
C LYS A 259 27.84 -21.30 26.14
N TYR A 260 28.71 -22.30 26.04
CA TYR A 260 29.84 -22.58 26.97
C TYR A 260 31.15 -22.28 26.25
N LEU A 261 32.01 -21.49 26.88
CA LEU A 261 33.45 -21.37 26.51
C LEU A 261 34.29 -22.40 27.27
N GLY A 262 35.04 -23.24 26.55
CA GLY A 262 35.97 -24.23 27.15
C GLY A 262 37.09 -23.52 27.90
N TYR A 263 37.50 -24.07 29.05
CA TYR A 263 38.51 -23.51 30.00
C TYR A 263 39.31 -24.66 30.63
N LEU A 264 40.60 -24.75 30.29
CA LEU A 264 41.48 -25.88 30.67
C LEU A 264 42.91 -25.42 30.93
N LYS A 265 43.32 -25.40 32.19
CA LYS A 265 44.72 -25.19 32.62
C LYS A 265 45.47 -26.51 32.47
N ILE A 266 46.45 -26.54 31.57
CA ILE A 266 47.37 -27.69 31.29
C ILE A 266 48.78 -27.29 31.72
N GLU A 267 49.37 -28.07 32.64
CA GLU A 267 50.75 -27.86 33.13
C GLU A 267 51.61 -28.94 32.49
N PHE A 268 52.75 -28.50 31.94
CA PHE A 268 53.70 -29.31 31.15
C PHE A 268 54.98 -29.45 31.96
N ASP A 269 55.80 -30.45 31.67
CA ASP A 269 57.19 -30.58 32.18
C ASP A 269 58.13 -29.85 31.21
N GLU A 270 59.44 -29.99 31.38
CA GLU A 270 60.48 -29.36 30.54
C GLU A 270 60.57 -29.99 29.14
N ARG A 271 59.98 -31.17 28.94
CA ARG A 271 60.11 -32.02 27.73
C ARG A 271 58.72 -32.27 27.07
N GLY A 272 57.67 -31.53 27.44
CA GLY A 272 56.41 -31.48 26.68
C GLY A 272 55.51 -32.65 27.00
N ASN A 273 55.36 -32.95 28.30
CA ASN A 273 54.51 -34.04 28.87
C ASN A 273 53.46 -33.43 29.83
N VAL A 274 52.22 -33.86 29.70
CA VAL A 274 51.08 -33.36 30.50
C VAL A 274 51.17 -33.96 31.90
N ILE A 275 51.23 -33.10 32.91
CA ILE A 275 51.44 -33.50 34.32
C ILE A 275 50.12 -33.19 35.05
N SER A 276 49.55 -32.00 34.87
CA SER A 276 48.27 -31.57 35.47
C SER A 276 47.34 -31.07 34.38
N SER A 277 46.04 -31.24 34.61
CA SER A 277 44.94 -30.91 33.68
C SER A 277 43.66 -30.78 34.48
N HIS A 278 43.24 -29.56 34.81
CA HIS A 278 42.07 -29.26 35.66
C HIS A 278 41.33 -28.08 35.03
N GLY A 279 40.02 -27.95 35.30
CA GLY A 279 39.16 -26.86 34.78
C GLY A 279 37.81 -27.36 34.33
N ASN A 280 36.92 -26.44 33.97
CA ASN A 280 35.50 -26.72 33.65
C ASN A 280 35.00 -25.70 32.64
N PRO A 281 34.16 -26.10 31.66
CA PRO A 281 33.70 -25.18 30.62
C PRO A 281 32.85 -24.04 31.20
N ILE A 282 33.37 -22.81 31.08
CA ILE A 282 32.72 -21.56 31.58
C ILE A 282 31.41 -21.37 30.82
N LEU A 283 30.26 -21.49 31.50
CA LEU A 283 28.93 -21.13 30.95
C LEU A 283 28.85 -19.60 30.90
N LEU A 284 28.23 -19.07 29.84
CA LEU A 284 28.07 -17.62 29.60
C LEU A 284 26.62 -17.25 29.96
N ASN A 285 26.35 -17.26 31.26
CA ASN A 285 25.04 -16.82 31.81
C ASN A 285 25.03 -15.27 31.83
N SER A 286 23.84 -14.71 31.99
CA SER A 286 23.59 -13.24 31.84
C SER A 286 24.46 -12.41 32.79
N SER A 287 25.15 -13.05 33.73
CA SER A 287 25.99 -12.38 34.75
C SER A 287 27.30 -11.89 34.13
N ILE A 288 27.68 -12.40 32.95
CA ILE A 288 28.77 -11.82 32.12
C ILE A 288 28.16 -10.74 31.24
N PRO A 289 28.56 -9.47 31.40
CA PRO A 289 28.03 -8.41 30.55
C PRO A 289 28.54 -8.59 29.11
N GLU A 290 27.69 -8.31 28.11
CA GLU A 290 28.06 -8.26 26.67
C GLU A 290 28.93 -7.02 26.41
N ASP A 291 30.09 -7.21 25.78
CA ASP A 291 31.05 -6.14 25.43
C ASP A 291 30.38 -5.11 24.52
N PRO A 292 30.49 -3.79 24.80
CA PRO A 292 29.76 -2.79 24.03
C PRO A 292 30.31 -2.57 22.62
N SER A 293 31.62 -2.41 22.49
CA SER A 293 32.31 -2.09 21.22
C SER A 293 32.02 -3.17 20.17
N ILE A 294 31.71 -4.40 20.59
CA ILE A 294 31.32 -5.53 19.67
C ILE A 294 29.81 -5.46 19.44
N LYS A 295 29.00 -5.27 20.49
CA LYS A 295 27.52 -5.18 20.37
C LYS A 295 27.19 -4.06 19.38
N ALA A 296 28.01 -3.02 19.31
CA ALA A 296 27.92 -1.98 18.26
C ALA A 296 28.11 -2.66 16.91
N ASP A 297 29.31 -3.21 16.62
CA ASP A 297 29.69 -3.81 15.31
C ASP A 297 28.65 -4.90 14.96
N ILE A 298 27.97 -5.50 15.95
CA ILE A 298 26.83 -6.46 15.71
C ILE A 298 25.67 -5.71 15.03
N ASN A 299 25.22 -4.61 15.64
CA ASN A 299 24.01 -3.86 15.20
C ASN A 299 24.28 -3.11 13.89
N LYS A 300 25.55 -2.77 13.60
CA LYS A 300 26.04 -2.21 12.30
C LYS A 300 25.65 -3.22 11.21
N TRP A 301 25.87 -4.51 11.46
CA TRP A 301 25.63 -5.61 10.48
C TRP A 301 24.18 -6.05 10.56
N ARG A 302 23.54 -5.84 11.70
CA ARG A 302 22.10 -6.16 11.92
C ARG A 302 21.31 -5.56 10.76
N ILE A 303 21.74 -4.43 10.22
CA ILE A 303 20.94 -3.61 9.27
C ILE A 303 20.73 -4.36 7.96
N LYS A 304 21.77 -5.06 7.48
CA LYS A 304 21.73 -5.79 6.17
C LYS A 304 20.88 -7.04 6.33
N LEU A 305 20.62 -7.49 7.57
CA LEU A 305 19.68 -8.61 7.85
C LEU A 305 18.26 -8.08 7.63
N ASP A 306 17.88 -7.00 8.33
CA ASP A 306 16.57 -6.34 8.20
C ASP A 306 16.25 -6.14 6.71
N ASN A 307 17.24 -5.70 5.93
CA ASN A 307 17.10 -5.47 4.47
C ASN A 307 16.64 -6.77 3.78
N TYR A 308 17.15 -7.94 4.19
CA TYR A 308 16.88 -9.27 3.58
C TYR A 308 15.47 -9.76 3.93
N SER A 309 14.84 -9.19 4.97
CA SER A 309 13.53 -9.64 5.48
C SER A 309 12.44 -9.38 4.44
N THR A 310 12.61 -8.35 3.63
CA THR A 310 11.59 -7.84 2.68
C THR A 310 11.92 -8.28 1.26
N GLN A 311 13.09 -8.91 1.06
CA GLN A 311 13.54 -9.31 -0.29
C GLN A 311 12.77 -10.58 -0.65
N GLU A 312 12.37 -10.73 -1.93
CA GLU A 312 11.68 -11.95 -2.46
C GLU A 312 12.67 -13.11 -2.37
N LEU A 313 12.28 -14.19 -1.69
CA LEU A 313 13.10 -15.42 -1.50
C LEU A 313 12.85 -16.37 -2.69
N GLY A 314 11.57 -16.65 -2.96
CA GLY A 314 11.09 -17.28 -4.20
C GLY A 314 9.59 -17.11 -4.29
N LYS A 315 8.91 -17.91 -5.10
CA LYS A 315 7.47 -17.71 -5.36
C LYS A 315 6.72 -19.01 -5.13
N THR A 316 5.48 -18.88 -4.66
CA THR A 316 4.43 -19.95 -4.66
C THR A 316 3.57 -19.77 -5.91
N ILE A 317 2.97 -20.85 -6.40
CA ILE A 317 1.90 -20.82 -7.43
C ILE A 317 0.63 -21.41 -6.81
N VAL A 318 0.56 -21.46 -5.49
CA VAL A 318 -0.61 -22.02 -4.76
C VAL A 318 -0.78 -21.26 -3.45
N TYR A 319 -1.99 -21.28 -2.92
CA TYR A 319 -2.26 -20.71 -1.59
C TYR A 319 -1.56 -21.60 -0.57
N LEU A 320 -0.80 -21.02 0.36
CA LEU A 320 -0.21 -21.72 1.53
C LEU A 320 -1.15 -21.57 2.72
N ASP A 321 -2.08 -22.51 2.86
CA ASP A 321 -3.15 -22.49 3.88
C ASP A 321 -2.52 -22.76 5.24
N GLY A 322 -2.46 -21.75 6.09
CA GLY A 322 -1.84 -21.77 7.43
C GLY A 322 -2.78 -21.26 8.52
N SER A 323 -4.06 -21.04 8.16
CA SER A 323 -5.09 -20.50 9.09
C SER A 323 -5.38 -21.55 10.17
N SER A 324 -5.78 -21.08 11.35
CA SER A 324 -6.25 -21.95 12.48
C SER A 324 -7.21 -23.03 11.96
N GLN A 325 -8.24 -22.60 11.24
CA GLN A 325 -9.40 -23.45 10.86
C GLN A 325 -8.99 -24.50 9.82
N SER A 326 -7.71 -24.53 9.45
CA SER A 326 -7.15 -25.49 8.45
C SER A 326 -6.16 -26.44 9.14
N CYS A 327 -5.03 -25.89 9.64
CA CYS A 327 -3.83 -26.67 10.07
C CYS A 327 -4.08 -27.32 11.43
N ARG A 328 -5.07 -26.84 12.19
CA ARG A 328 -5.40 -27.30 13.57
C ARG A 328 -6.42 -28.45 13.52
N PHE A 329 -6.97 -28.78 12.33
CA PHE A 329 -8.10 -29.73 12.17
C PHE A 329 -7.75 -30.88 11.21
N ARG A 330 -7.30 -30.55 10.01
CA ARG A 330 -7.05 -31.52 8.89
C ARG A 330 -5.67 -31.24 8.29
N GLU A 331 -5.29 -32.01 7.27
CA GLU A 331 -3.95 -31.94 6.60
C GLU A 331 -3.87 -30.68 5.73
N CYS A 332 -3.11 -29.64 6.12
CA CYS A 332 -2.92 -28.36 5.37
C CYS A 332 -1.58 -28.37 4.66
N ASN A 333 -1.53 -27.75 3.48
CA ASN A 333 -0.37 -27.83 2.56
C ASN A 333 0.82 -27.11 3.19
N MET A 334 0.58 -26.06 3.98
CA MET A 334 1.65 -25.33 4.71
C MET A 334 2.48 -26.34 5.51
N GLY A 335 1.82 -27.13 6.36
CA GLY A 335 2.47 -28.18 7.16
C GLY A 335 3.34 -29.05 6.27
N ASN A 336 2.68 -29.69 5.31
CA ASN A 336 3.33 -30.54 4.29
C ASN A 336 4.57 -29.81 3.74
N LEU A 337 4.47 -28.50 3.47
CA LEU A 337 5.59 -27.67 2.97
C LEU A 337 6.70 -27.68 4.01
N ILE A 338 6.40 -27.13 5.19
CA ILE A 338 7.40 -26.96 6.28
C ILE A 338 8.08 -28.31 6.47
N CYS A 339 7.34 -29.35 6.90
CA CYS A 339 7.91 -30.71 7.16
C CYS A 339 8.90 -31.07 6.05
N ASP A 340 8.53 -30.84 4.78
CA ASP A 340 9.38 -31.20 3.63
C ASP A 340 10.67 -30.38 3.68
N ALA A 341 10.56 -29.08 3.95
CA ALA A 341 11.72 -28.17 4.11
C ALA A 341 12.59 -28.63 5.28
N MET A 342 11.98 -29.10 6.37
CA MET A 342 12.68 -29.55 7.61
C MET A 342 13.57 -30.74 7.25
N ILE A 343 12.98 -31.73 6.57
CA ILE A 343 13.66 -33.00 6.18
C ILE A 343 14.71 -32.68 5.14
N ASN A 344 14.30 -32.09 3.99
CA ASN A 344 15.22 -31.69 2.89
C ASN A 344 16.43 -30.93 3.48
N ASN A 345 16.19 -29.87 4.27
CA ASN A 345 17.29 -29.05 4.85
C ASN A 345 18.27 -29.95 5.58
N ASN A 346 17.76 -31.01 6.21
CA ASN A 346 18.53 -31.94 7.07
C ASN A 346 19.43 -32.86 6.25
N LEU A 347 19.00 -33.26 5.05
CA LEU A 347 19.71 -34.30 4.27
C LEU A 347 20.79 -33.67 3.39
N ARG A 348 20.83 -32.34 3.26
CA ARG A 348 22.03 -31.64 2.72
C ARG A 348 23.00 -31.44 3.89
N HIS A 349 22.61 -30.59 4.84
CA HIS A 349 23.44 -30.17 5.99
C HIS A 349 23.05 -31.07 7.19
N ALA A 350 23.38 -32.37 7.15
CA ALA A 350 23.16 -33.28 8.30
C ALA A 350 24.23 -33.00 9.38
N ASP A 351 23.83 -33.01 10.66
CA ASP A 351 24.67 -32.63 11.82
C ASP A 351 25.72 -33.70 12.05
N GLU A 352 25.27 -34.96 12.17
CA GLU A 352 26.10 -36.20 12.17
C GLU A 352 25.50 -37.24 11.22
N MET A 353 26.27 -38.28 10.91
CA MET A 353 25.89 -39.37 9.99
C MET A 353 24.72 -40.15 10.59
N PHE A 354 24.45 -40.00 11.89
CA PHE A 354 23.31 -40.73 12.53
C PHE A 354 21.95 -40.22 11.99
N TRP A 355 21.92 -39.01 11.41
CA TRP A 355 20.66 -38.37 10.96
C TRP A 355 20.59 -38.18 9.44
N ASN A 356 21.49 -38.76 8.66
CA ASN A 356 21.67 -38.37 7.23
C ASN A 356 20.58 -39.02 6.36
N HIS A 357 19.73 -39.87 6.96
CA HIS A 357 18.71 -40.68 6.25
C HIS A 357 17.33 -40.38 6.82
N VAL A 358 17.19 -39.41 7.75
CA VAL A 358 15.93 -39.01 8.46
C VAL A 358 14.88 -38.54 7.46
N SER A 359 13.78 -39.30 7.38
CA SER A 359 12.70 -39.11 6.38
C SER A 359 11.34 -38.85 7.05
N MET A 360 11.32 -38.71 8.39
CA MET A 360 10.08 -38.55 9.18
C MET A 360 10.08 -37.18 9.85
N CYS A 361 8.95 -36.50 9.85
CA CYS A 361 8.74 -35.17 10.47
C CYS A 361 7.34 -35.13 11.07
N ILE A 362 7.17 -34.41 12.17
CA ILE A 362 5.82 -34.03 12.72
C ILE A 362 5.85 -32.58 13.20
N LEU A 363 4.69 -31.93 13.17
CA LEU A 363 4.51 -30.48 13.41
C LEU A 363 3.09 -30.21 13.92
N ASN A 364 2.97 -29.62 15.10
CA ASN A 364 1.68 -29.23 15.73
C ASN A 364 1.13 -28.06 14.92
N GLY A 365 -0.20 -27.98 14.76
CA GLY A 365 -0.89 -26.80 14.20
C GLY A 365 -0.55 -25.53 14.97
N GLY A 366 -0.32 -25.66 16.28
CA GLY A 366 -0.08 -24.54 17.21
C GLY A 366 1.33 -23.97 17.07
N GLY A 367 2.00 -24.29 15.96
CA GLY A 367 3.25 -23.65 15.51
C GLY A 367 3.05 -22.99 14.16
N ILE A 368 1.88 -23.19 13.52
CA ILE A 368 1.53 -22.61 12.19
C ILE A 368 0.49 -21.52 12.43
N ARG A 369 0.94 -20.28 12.45
CA ARG A 369 0.15 -19.15 13.00
C ARG A 369 -0.19 -18.16 11.88
N SER A 370 -0.10 -18.55 10.60
CA SER A 370 -0.46 -17.67 9.45
C SER A 370 -0.40 -18.41 8.12
N PRO A 371 -1.28 -18.06 7.17
CA PRO A 371 -1.14 -18.47 5.78
C PRO A 371 -0.31 -17.45 5.00
N ILE A 372 -0.03 -17.74 3.73
CA ILE A 372 0.70 -16.84 2.79
C ILE A 372 -0.07 -16.79 1.47
N ASP A 373 -0.42 -15.58 1.00
CA ASP A 373 -1.32 -15.35 -0.16
C ASP A 373 -0.48 -15.28 -1.44
N GLU A 374 -0.98 -15.83 -2.53
CA GLU A 374 -0.27 -15.87 -3.84
C GLU A 374 -0.75 -14.67 -4.67
N ARG A 375 -2.03 -14.31 -4.52
CA ARG A 375 -2.78 -13.39 -5.42
C ARG A 375 -1.88 -12.19 -5.79
N ASN A 376 -1.09 -11.68 -4.83
CA ASN A 376 -0.32 -10.43 -5.00
C ASN A 376 0.55 -10.52 -6.26
N ASN A 377 1.67 -11.22 -6.19
CA ASN A 377 2.66 -11.42 -7.27
C ASN A 377 3.27 -12.83 -7.10
N GLY A 378 2.62 -13.70 -6.30
CA GLY A 378 3.16 -15.01 -5.86
C GLY A 378 4.37 -14.89 -4.95
N THR A 379 4.79 -13.67 -4.61
CA THR A 379 6.08 -13.35 -3.92
C THR A 379 6.07 -13.84 -2.47
N ILE A 380 7.16 -14.41 -1.97
CA ILE A 380 7.31 -14.88 -0.56
C ILE A 380 8.59 -14.29 0.01
N THR A 381 8.48 -13.40 1.00
CA THR A 381 9.63 -12.83 1.73
C THR A 381 9.77 -13.49 3.10
N TRP A 382 10.89 -13.24 3.77
CA TRP A 382 11.18 -13.71 5.14
C TRP A 382 10.07 -13.28 6.10
N GLU A 383 9.72 -12.00 6.08
CA GLU A 383 8.69 -11.40 6.97
C GLU A 383 7.43 -12.26 6.88
N ASN A 384 7.10 -12.76 5.70
CA ASN A 384 5.92 -13.63 5.48
C ASN A 384 6.01 -14.78 6.47
N LEU A 385 7.17 -15.41 6.54
CA LEU A 385 7.39 -16.67 7.30
C LEU A 385 7.36 -16.33 8.80
N ALA A 386 7.88 -15.16 9.19
CA ALA A 386 7.90 -14.68 10.59
C ALA A 386 6.49 -14.72 11.16
N ALA A 387 5.50 -14.44 10.33
CA ALA A 387 4.07 -14.51 10.68
C ALA A 387 3.66 -15.97 10.90
N VAL A 388 4.21 -16.89 10.11
CA VAL A 388 3.91 -18.35 10.18
C VAL A 388 4.59 -18.95 11.42
N LEU A 389 5.85 -18.59 11.65
CA LEU A 389 6.73 -19.24 12.67
C LEU A 389 7.31 -18.18 13.61
N PRO A 390 6.44 -17.45 14.34
CA PRO A 390 6.88 -16.29 15.11
C PRO A 390 7.60 -16.65 16.42
N PHE A 391 7.58 -17.93 16.79
CA PHE A 391 8.13 -18.45 18.06
C PHE A 391 9.66 -18.46 18.02
N GLY A 392 10.28 -18.30 16.85
CA GLY A 392 11.75 -18.41 16.68
C GLY A 392 12.30 -19.62 17.42
N GLY A 393 11.67 -20.77 17.17
CA GLY A 393 12.15 -22.07 17.65
C GLY A 393 13.22 -22.63 16.73
N THR A 394 13.46 -23.93 16.86
CA THR A 394 14.40 -24.70 16.03
C THR A 394 13.68 -25.94 15.55
N PHE A 395 14.29 -26.65 14.62
CA PHE A 395 13.86 -28.00 14.22
C PHE A 395 14.92 -28.96 14.73
N ASP A 396 14.52 -29.77 15.72
CA ASP A 396 15.42 -30.70 16.44
C ASP A 396 15.15 -32.11 15.94
N LEU A 397 16.14 -32.98 16.18
CA LEU A 397 16.17 -34.42 15.80
C LEU A 397 15.98 -35.23 17.08
N VAL A 398 14.99 -36.11 17.07
CA VAL A 398 14.72 -37.01 18.21
C VAL A 398 14.58 -38.45 17.68
N GLN A 399 15.17 -39.39 18.42
CA GLN A 399 15.03 -40.86 18.24
C GLN A 399 13.94 -41.35 19.17
N LEU A 400 12.96 -42.09 18.66
CA LEU A 400 11.73 -42.40 19.41
C LEU A 400 11.24 -43.81 19.17
N LYS A 401 10.82 -44.48 20.24
CA LYS A 401 10.18 -45.81 20.17
C LYS A 401 8.84 -45.61 19.46
N GLY A 402 8.42 -46.59 18.67
CA GLY A 402 7.10 -46.56 17.99
C GLY A 402 5.98 -46.44 19.00
N SER A 403 6.07 -47.19 20.10
CA SER A 403 5.14 -47.11 21.26
C SER A 403 4.90 -45.64 21.59
N THR A 404 5.99 -44.89 21.82
CA THR A 404 5.95 -43.45 22.19
C THR A 404 5.27 -42.65 21.08
N LEU A 405 5.60 -42.94 19.83
CA LEU A 405 5.11 -42.20 18.65
C LEU A 405 3.59 -42.39 18.55
N LYS A 406 3.11 -43.64 18.54
CA LYS A 406 1.68 -43.98 18.63
C LYS A 406 1.02 -43.12 19.72
N LYS A 407 1.57 -43.12 20.95
CA LYS A 407 0.98 -42.40 22.13
C LYS A 407 0.67 -40.96 21.71
N ALA A 408 1.70 -40.24 21.24
CA ALA A 408 1.63 -38.81 20.86
C ALA A 408 0.56 -38.59 19.77
N PHE A 409 0.43 -39.50 18.81
CA PHE A 409 -0.56 -39.41 17.69
C PHE A 409 -2.00 -39.58 18.21
N GLU A 410 -2.19 -40.29 19.32
CA GLU A 410 -3.53 -40.44 19.94
C GLU A 410 -3.84 -39.15 20.69
N HIS A 411 -2.81 -38.53 21.29
CA HIS A 411 -2.88 -37.21 21.98
C HIS A 411 -3.00 -36.10 20.95
N SER A 412 -2.92 -36.41 19.65
CA SER A 412 -3.20 -35.49 18.53
C SER A 412 -4.71 -35.23 18.44
N VAL A 413 -5.55 -36.17 18.89
CA VAL A 413 -7.03 -36.05 18.76
C VAL A 413 -7.77 -36.45 20.05
N HIS A 414 -7.08 -36.83 21.13
CA HIS A 414 -7.77 -37.34 22.36
C HIS A 414 -8.81 -36.28 22.80
N ARG A 415 -8.50 -34.98 22.70
CA ARG A 415 -9.43 -33.88 23.09
C ARG A 415 -9.68 -32.97 21.88
N TYR A 416 -10.11 -33.56 20.75
CA TYR A 416 -10.31 -32.93 19.42
C TYR A 416 -11.06 -31.59 19.50
N GLY A 417 -12.39 -31.58 19.35
CA GLY A 417 -13.22 -30.41 19.74
C GLY A 417 -12.65 -29.12 19.18
N GLN A 418 -12.39 -28.11 20.04
CA GLN A 418 -12.06 -26.73 19.59
C GLN A 418 -10.55 -26.63 19.35
N SER A 419 -10.01 -25.40 19.27
CA SER A 419 -8.78 -25.02 18.53
C SER A 419 -7.60 -25.92 18.91
N THR A 420 -7.31 -26.04 20.19
CA THR A 420 -6.33 -27.01 20.79
C THR A 420 -5.36 -27.52 19.70
N GLY A 421 -4.29 -26.74 19.45
CA GLY A 421 -3.35 -26.88 18.31
C GLY A 421 -2.34 -28.02 18.46
N GLU A 422 -2.76 -29.12 19.07
CA GLU A 422 -1.89 -30.32 19.20
C GLU A 422 -2.04 -31.22 17.98
N PHE A 423 -2.90 -30.90 17.01
CA PHE A 423 -3.10 -31.76 15.82
C PHE A 423 -1.80 -31.76 15.01
N LEU A 424 -1.35 -32.94 14.61
CA LEU A 424 -0.02 -33.10 13.97
C LEU A 424 -0.18 -33.14 12.45
N GLN A 425 0.44 -32.17 11.78
CA GLN A 425 0.76 -32.16 10.33
C GLN A 425 2.03 -32.97 10.10
N VAL A 426 1.93 -34.04 9.33
CA VAL A 426 3.04 -35.04 9.23
C VAL A 426 3.74 -34.88 7.90
N GLY A 427 4.97 -35.39 7.86
CA GLY A 427 5.81 -35.61 6.67
C GLY A 427 6.58 -36.92 6.79
N GLY A 428 6.61 -37.72 5.72
CA GLY A 428 7.16 -39.09 5.71
C GLY A 428 6.33 -40.03 6.56
N ILE A 429 5.04 -39.77 6.71
CA ILE A 429 4.08 -40.58 7.50
C ILE A 429 2.72 -40.58 6.79
N HIS A 430 2.07 -41.74 6.72
CA HIS A 430 0.63 -41.89 6.37
C HIS A 430 -0.14 -42.27 7.65
N VAL A 431 -1.12 -41.47 8.04
CA VAL A 431 -1.98 -41.75 9.22
C VAL A 431 -3.44 -41.71 8.79
N VAL A 432 -4.29 -42.44 9.50
CA VAL A 432 -5.77 -42.46 9.34
C VAL A 432 -6.39 -42.54 10.74
N TYR A 433 -7.29 -41.63 11.04
CA TYR A 433 -8.09 -41.67 12.28
C TYR A 433 -9.49 -42.20 11.95
N ASP A 434 -10.08 -42.88 12.93
CA ASP A 434 -11.54 -43.18 13.01
C ASP A 434 -12.03 -42.51 14.30
N LEU A 435 -12.80 -41.44 14.15
CA LEU A 435 -13.19 -40.55 15.27
C LEU A 435 -14.28 -41.22 16.12
N SER A 436 -15.00 -42.20 15.57
CA SER A 436 -16.08 -42.95 16.26
C SER A 436 -15.54 -43.67 17.51
N ARG A 437 -14.26 -44.04 17.50
CA ARG A 437 -13.64 -44.94 18.52
C ARG A 437 -13.30 -44.13 19.77
N LYS A 438 -12.80 -44.83 20.79
CA LYS A 438 -12.46 -44.24 22.11
C LYS A 438 -11.21 -43.37 21.96
N PRO A 439 -11.21 -42.16 22.54
CA PRO A 439 -10.02 -41.30 22.54
C PRO A 439 -8.80 -42.03 23.13
N GLY A 440 -7.79 -42.28 22.30
CA GLY A 440 -6.64 -43.11 22.69
C GLY A 440 -6.79 -44.53 22.17
N ASP A 441 -7.71 -44.73 21.21
CA ASP A 441 -7.74 -45.93 20.32
C ASP A 441 -8.43 -45.52 19.02
N ARG A 442 -7.87 -44.51 18.34
CA ARG A 442 -8.43 -43.84 17.13
C ARG A 442 -7.50 -44.01 15.92
N VAL A 443 -6.21 -44.25 16.13
CA VAL A 443 -5.26 -44.43 14.98
C VAL A 443 -5.46 -45.84 14.41
N VAL A 444 -6.13 -45.93 13.26
CA VAL A 444 -6.51 -47.22 12.62
C VAL A 444 -5.43 -47.67 11.62
N LYS A 445 -4.75 -46.73 10.97
CA LYS A 445 -3.54 -47.00 10.12
C LYS A 445 -2.45 -45.96 10.44
N LEU A 446 -1.21 -46.41 10.57
CA LEU A 446 0.01 -45.57 10.79
C LEU A 446 1.19 -46.28 10.10
N ASP A 447 1.40 -45.97 8.83
CA ASP A 447 2.56 -46.40 8.03
C ASP A 447 3.60 -45.27 8.05
N VAL A 448 4.87 -45.61 8.26
CA VAL A 448 6.00 -44.64 8.33
C VAL A 448 7.08 -45.11 7.37
N LEU A 449 8.00 -44.22 7.01
CA LEU A 449 9.06 -44.51 6.02
C LEU A 449 10.19 -45.21 6.78
N CYS A 450 10.59 -46.43 6.37
CA CYS A 450 11.73 -47.15 6.97
C CYS A 450 12.85 -47.04 5.93
N THR A 451 13.73 -46.05 6.10
CA THR A 451 14.86 -45.73 5.17
C THR A 451 15.97 -46.75 5.36
N LYS A 452 16.23 -47.13 6.61
CA LYS A 452 17.09 -48.31 6.94
C LYS A 452 16.34 -49.58 6.47
N CYS A 453 15.89 -49.53 5.22
CA CYS A 453 15.25 -50.60 4.40
C CYS A 453 15.51 -50.32 2.91
N ARG A 454 15.99 -51.31 2.13
CA ARG A 454 16.77 -51.16 0.88
C ARG A 454 16.22 -50.06 -0.04
N VAL A 455 14.98 -50.21 -0.51
CA VAL A 455 14.21 -49.18 -1.27
C VAL A 455 13.05 -48.72 -0.39
N PRO A 456 13.02 -47.45 0.05
CA PRO A 456 12.18 -47.05 1.17
C PRO A 456 10.73 -46.92 0.72
N SER A 457 9.84 -47.53 1.50
CA SER A 457 8.38 -47.48 1.31
C SER A 457 7.78 -47.06 2.64
N TYR A 458 6.46 -46.92 2.68
CA TYR A 458 5.68 -46.75 3.92
C TYR A 458 5.23 -48.14 4.40
N ASP A 459 5.91 -48.67 5.43
CA ASP A 459 5.60 -49.94 6.13
C ASP A 459 4.98 -49.59 7.47
N PRO A 460 3.98 -50.34 7.98
CA PRO A 460 3.28 -49.97 9.20
C PRO A 460 4.28 -49.88 10.35
N LEU A 461 4.01 -48.93 11.26
CA LEU A 461 4.86 -48.64 12.44
C LEU A 461 4.75 -49.83 13.38
N LYS A 462 5.89 -50.34 13.86
CA LYS A 462 6.00 -51.39 14.91
C LYS A 462 6.23 -50.66 16.25
N MET A 463 5.59 -51.08 17.34
CA MET A 463 5.60 -50.34 18.63
C MET A 463 6.92 -50.59 19.38
N ASP A 464 7.66 -51.61 18.96
CA ASP A 464 8.97 -52.01 19.51
C ASP A 464 10.05 -51.13 18.87
N GLU A 465 9.98 -50.97 17.54
CA GLU A 465 11.02 -50.36 16.66
C GLU A 465 11.33 -48.93 17.14
N VAL A 466 12.57 -48.52 16.92
CA VAL A 466 13.10 -47.15 17.20
C VAL A 466 13.08 -46.33 15.92
N TYR A 467 12.72 -45.05 15.99
CA TYR A 467 12.44 -44.21 14.81
C TYR A 467 13.14 -42.86 14.97
N LYS A 468 14.03 -42.51 14.04
CA LYS A 468 14.78 -41.22 14.02
C LYS A 468 13.89 -40.19 13.28
N VAL A 469 13.40 -39.16 13.99
CA VAL A 469 12.39 -38.19 13.47
C VAL A 469 12.79 -36.75 13.82
N ILE A 470 12.51 -35.82 12.91
CA ILE A 470 12.70 -34.36 13.12
C ILE A 470 11.35 -33.73 13.49
N LEU A 471 11.39 -32.69 14.32
CA LEU A 471 10.19 -32.00 14.85
C LEU A 471 10.63 -30.68 15.49
N PRO A 472 9.69 -29.75 15.77
CA PRO A 472 10.05 -28.49 16.44
C PRO A 472 10.53 -28.74 17.89
N ASN A 473 11.33 -27.81 18.45
CA ASN A 473 11.80 -27.88 19.87
C ASN A 473 10.61 -27.70 20.82
N PHE A 474 9.62 -26.89 20.42
CA PHE A 474 8.30 -26.74 21.07
C PHE A 474 7.78 -28.14 21.48
N LEU A 475 7.96 -29.15 20.65
CA LEU A 475 7.38 -30.52 20.85
C LEU A 475 8.39 -31.45 21.55
N ALA A 476 9.69 -31.31 21.29
CA ALA A 476 10.74 -32.11 21.94
C ALA A 476 10.74 -31.83 23.44
N ASN A 477 10.19 -30.66 23.83
CA ASN A 477 10.15 -30.23 25.24
C ASN A 477 8.72 -30.35 25.77
N GLY A 478 7.85 -31.10 25.07
CA GLY A 478 6.48 -31.48 25.52
C GLY A 478 5.48 -30.31 25.55
N GLY A 479 5.49 -29.46 24.51
CA GLY A 479 4.49 -28.41 24.25
C GLY A 479 3.13 -29.05 24.13
N ASP A 480 2.06 -28.27 24.22
CA ASP A 480 0.64 -28.71 24.01
C ASP A 480 0.43 -30.13 24.60
N GLY A 481 0.97 -30.46 25.78
CA GLY A 481 0.61 -31.66 26.56
C GLY A 481 1.35 -32.91 26.11
N PHE A 482 2.45 -32.75 25.38
CA PHE A 482 3.22 -33.88 24.80
C PHE A 482 4.30 -34.33 25.79
N GLN A 483 3.91 -34.62 27.03
CA GLN A 483 4.90 -34.97 28.09
C GLN A 483 5.55 -36.29 27.65
N MET A 484 4.81 -37.12 26.90
CA MET A 484 5.22 -38.50 26.52
C MET A 484 6.46 -38.46 25.61
N ILE A 485 6.66 -37.36 24.89
CA ILE A 485 7.91 -37.20 24.10
C ILE A 485 9.05 -36.82 25.03
N LYS A 486 8.95 -35.68 25.71
CA LYS A 486 10.06 -35.17 26.55
C LYS A 486 10.60 -36.30 27.42
N ASP A 487 9.75 -37.23 27.86
CA ASP A 487 10.09 -38.29 28.84
C ASP A 487 10.72 -39.51 28.12
N GLU A 488 10.04 -40.05 27.11
CA GLU A 488 10.31 -41.39 26.52
C GLU A 488 11.18 -41.28 25.26
N LEU A 489 11.71 -40.09 24.99
CA LEU A 489 12.67 -39.87 23.86
C LEU A 489 14.00 -40.52 24.26
N LEU A 490 14.77 -40.94 23.26
CA LEU A 490 16.00 -41.74 23.41
C LEU A 490 17.20 -40.85 23.10
N ARG A 491 17.13 -40.01 22.06
CA ARG A 491 18.18 -39.00 21.76
C ARG A 491 17.51 -37.68 21.36
N HIS A 492 18.14 -36.55 21.66
CA HIS A 492 17.67 -35.18 21.38
C HIS A 492 18.87 -34.29 21.06
N ASP A 493 18.98 -33.85 19.80
CA ASP A 493 19.99 -32.86 19.33
C ASP A 493 19.28 -31.63 18.78
N SER A 494 19.63 -30.44 19.27
CA SER A 494 19.09 -29.15 18.79
C SER A 494 19.62 -28.91 17.37
N GLY A 495 18.74 -28.44 16.48
CA GLY A 495 19.03 -28.19 15.05
C GLY A 495 19.16 -26.71 14.76
N ASP A 496 18.81 -26.32 13.54
CA ASP A 496 18.99 -24.93 13.03
C ASP A 496 17.72 -24.16 13.39
N GLN A 497 17.71 -22.84 13.14
CA GLN A 497 16.60 -21.89 13.42
C GLN A 497 15.45 -22.14 12.43
N ASP A 498 14.21 -22.20 12.94
CA ASP A 498 12.99 -22.65 12.21
C ASP A 498 12.83 -21.86 10.91
N ILE A 499 12.75 -20.53 11.01
CA ILE A 499 12.42 -19.64 9.85
C ILE A 499 13.53 -19.81 8.81
N ASN A 500 14.77 -19.78 9.28
CA ASN A 500 15.98 -19.89 8.43
C ASN A 500 15.88 -21.14 7.56
N VAL A 501 15.27 -22.23 8.07
CA VAL A 501 15.19 -23.55 7.38
C VAL A 501 14.26 -23.44 6.17
N VAL A 502 13.13 -22.79 6.36
CA VAL A 502 12.15 -22.62 5.27
C VAL A 502 12.78 -21.68 4.22
N SER A 503 13.18 -20.49 4.64
CA SER A 503 13.72 -19.42 3.77
C SER A 503 14.80 -19.99 2.85
N THR A 504 15.60 -20.94 3.33
CA THR A 504 16.61 -21.65 2.49
C THR A 504 15.84 -22.54 1.49
N TYR A 505 14.98 -23.44 1.99
CA TYR A 505 14.25 -24.41 1.13
C TYR A 505 13.65 -23.63 -0.04
N ILE A 506 13.00 -22.52 0.28
CA ILE A 506 12.24 -21.71 -0.71
C ILE A 506 13.27 -21.12 -1.68
N SER A 507 14.36 -20.52 -1.19
CA SER A 507 15.40 -19.93 -2.05
C SER A 507 15.86 -20.99 -3.05
N LYS A 508 16.21 -22.21 -2.58
CA LYS A 508 16.87 -23.23 -3.43
C LYS A 508 15.86 -23.95 -4.32
N MET A 509 14.58 -23.99 -3.92
CA MET A 509 13.49 -24.55 -4.76
C MET A 509 13.01 -23.51 -5.80
N LYS A 510 12.87 -22.22 -5.42
CA LYS A 510 12.56 -21.04 -6.29
CA LYS A 510 12.57 -21.04 -6.29
C LYS A 510 11.06 -20.95 -6.66
N VAL A 511 10.39 -22.10 -6.76
CA VAL A 511 8.95 -22.26 -7.12
C VAL A 511 8.41 -23.39 -6.24
N ILE A 512 7.38 -23.14 -5.46
CA ILE A 512 6.83 -24.19 -4.56
C ILE A 512 5.43 -24.55 -5.04
N TYR A 513 4.99 -25.78 -4.78
CA TYR A 513 3.69 -26.32 -5.25
C TYR A 513 3.15 -27.27 -4.17
N PRO A 514 3.25 -26.86 -2.89
CA PRO A 514 2.86 -27.71 -1.77
C PRO A 514 1.37 -28.03 -1.80
N ALA A 515 1.05 -29.30 -2.05
CA ALA A 515 -0.30 -29.87 -2.19
C ALA A 515 -0.74 -30.62 -0.92
N VAL A 516 -2.05 -30.75 -0.71
CA VAL A 516 -2.65 -31.71 0.27
C VAL A 516 -2.86 -33.02 -0.47
N GLU A 517 -2.20 -34.09 -0.03
CA GLU A 517 -1.96 -35.31 -0.85
C GLU A 517 -2.34 -36.57 -0.06
N GLY A 518 -3.12 -36.44 1.00
CA GLY A 518 -3.73 -37.58 1.69
C GLY A 518 -2.76 -38.31 2.61
N ARG A 519 -1.93 -37.55 3.33
CA ARG A 519 -1.05 -38.07 4.41
C ARG A 519 -1.94 -38.43 5.60
N ILE A 520 -3.01 -37.67 5.80
CA ILE A 520 -3.97 -37.79 6.94
C ILE A 520 -5.38 -37.96 6.38
N LYS A 521 -6.11 -38.99 6.81
CA LYS A 521 -7.50 -39.31 6.34
C LYS A 521 -8.46 -39.56 7.54
N PHE A 522 -9.74 -39.86 7.28
CA PHE A 522 -10.77 -40.25 8.29
C PHE A 522 -11.59 -41.45 7.75
N SER A 523 -12.89 -41.61 8.09
CA SER A 523 -13.75 -42.69 7.53
C SER A 523 -15.19 -42.62 8.07
N TRP B 1 13.25 -0.69 -52.45
CA TRP B 1 14.41 -1.08 -51.63
C TRP B 1 14.14 -2.43 -50.95
N GLU B 2 14.51 -3.54 -51.59
CA GLU B 2 14.16 -4.93 -51.17
C GLU B 2 15.09 -5.31 -50.02
N LEU B 3 14.53 -5.93 -48.99
CA LEU B 3 15.23 -6.29 -47.73
C LEU B 3 14.82 -7.70 -47.31
N THR B 4 15.73 -8.65 -47.52
CA THR B 4 15.59 -10.05 -47.06
C THR B 4 15.85 -10.08 -45.56
N ILE B 5 14.90 -10.63 -44.80
CA ILE B 5 14.96 -10.81 -43.31
C ILE B 5 14.99 -12.31 -42.99
N LEU B 6 16.16 -12.83 -42.64
CA LEU B 6 16.31 -14.19 -42.04
C LEU B 6 16.08 -14.09 -40.53
N HIS B 7 15.12 -14.82 -40.00
CA HIS B 7 14.78 -14.77 -38.56
C HIS B 7 14.63 -16.19 -38.04
N THR B 8 15.02 -16.40 -36.76
CA THR B 8 14.89 -17.64 -35.94
C THR B 8 14.22 -17.26 -34.62
N ASN B 9 13.80 -18.24 -33.82
CA ASN B 9 13.34 -18.00 -32.43
C ASN B 9 13.23 -19.34 -31.72
N ASP B 10 13.06 -19.30 -30.39
CA ASP B 10 12.90 -20.49 -29.53
C ASP B 10 13.79 -21.62 -30.04
N VAL B 11 15.07 -21.35 -30.29
CA VAL B 11 16.00 -22.38 -30.84
C VAL B 11 16.29 -23.45 -29.76
N HIS B 12 16.12 -23.11 -28.47
CA HIS B 12 16.22 -24.02 -27.29
C HIS B 12 17.52 -24.84 -27.39
N SER B 13 18.66 -24.17 -27.59
CA SER B 13 20.03 -24.75 -27.59
C SER B 13 19.99 -26.18 -28.15
N ARG B 14 19.40 -26.34 -29.35
CA ARG B 14 19.50 -27.56 -30.19
C ARG B 14 20.63 -27.32 -31.20
N LEU B 15 21.88 -27.33 -30.74
CA LEU B 15 23.03 -26.82 -31.53
C LEU B 15 23.31 -27.81 -32.63
N GLU B 16 23.39 -29.09 -32.30
CA GLU B 16 23.55 -30.17 -33.32
C GLU B 16 22.14 -30.54 -33.77
N GLN B 17 22.04 -30.92 -35.04
CA GLN B 17 20.80 -31.34 -35.77
C GLN B 17 20.01 -32.38 -34.96
N THR B 18 18.68 -32.38 -35.07
CA THR B 18 17.76 -33.29 -34.33
C THR B 18 16.95 -34.11 -35.35
N SER B 19 15.89 -34.79 -34.90
CA SER B 19 14.86 -35.44 -35.76
C SER B 19 13.58 -34.58 -35.78
N GLU B 20 12.63 -34.91 -36.65
CA GLU B 20 11.43 -34.06 -36.92
C GLU B 20 10.73 -33.66 -35.61
N ASP B 21 10.71 -34.50 -34.56
CA ASP B 21 9.98 -34.25 -33.29
C ASP B 21 10.91 -33.57 -32.26
N SER B 22 12.13 -33.22 -32.69
CA SER B 22 13.10 -32.33 -31.98
C SER B 22 13.85 -33.11 -30.89
N SER B 23 14.02 -34.43 -31.08
CA SER B 23 14.69 -35.38 -30.17
C SER B 23 16.12 -35.61 -30.66
N LYS B 24 16.76 -36.69 -30.18
CA LYS B 24 18.09 -37.16 -30.63
C LYS B 24 18.01 -37.56 -32.10
N CYS B 25 18.97 -37.12 -32.92
CA CYS B 25 19.11 -37.50 -34.34
C CYS B 25 19.35 -39.01 -34.44
N VAL B 26 18.57 -39.74 -35.25
CA VAL B 26 18.58 -41.24 -35.35
C VAL B 26 19.06 -41.60 -36.77
N ASN B 27 18.16 -41.48 -37.77
CA ASN B 27 18.40 -41.67 -39.22
C ASN B 27 19.27 -40.51 -39.75
N ALA B 28 20.59 -40.72 -39.76
CA ALA B 28 21.59 -39.77 -40.29
C ALA B 28 21.02 -39.08 -41.55
N SER B 29 20.47 -39.87 -42.48
CA SER B 29 20.02 -39.43 -43.83
C SER B 29 18.83 -38.46 -43.75
N ARG B 30 18.03 -38.48 -42.69
CA ARG B 30 16.68 -37.84 -42.67
C ARG B 30 16.61 -36.74 -41.60
N CYS B 31 17.72 -36.41 -40.93
CA CYS B 31 17.72 -35.49 -39.75
C CYS B 31 17.55 -34.04 -40.23
N MET B 32 17.08 -33.17 -39.34
CA MET B 32 16.82 -31.72 -39.63
C MET B 32 17.46 -30.87 -38.53
N GLY B 33 17.43 -29.55 -38.68
CA GLY B 33 18.02 -28.59 -37.71
C GLY B 33 19.52 -28.48 -37.86
N GLY B 34 20.19 -27.97 -36.84
CA GLY B 34 21.66 -27.83 -36.79
C GLY B 34 22.11 -26.43 -37.11
N VAL B 35 23.17 -25.96 -36.46
CA VAL B 35 23.80 -24.63 -36.71
C VAL B 35 24.83 -24.80 -37.82
N ALA B 36 25.37 -26.00 -37.92
CA ALA B 36 26.15 -26.46 -39.10
C ALA B 36 25.29 -26.26 -40.34
N ARG B 37 24.10 -26.89 -40.37
CA ARG B 37 23.13 -26.85 -41.51
C ARG B 37 22.76 -25.38 -41.80
N LEU B 38 22.31 -24.67 -40.77
CA LEU B 38 21.82 -23.28 -40.85
C LEU B 38 22.86 -22.40 -41.53
N PHE B 39 24.13 -22.47 -41.09
CA PHE B 39 25.23 -21.67 -41.65
C PHE B 39 25.21 -21.78 -43.18
N THR B 40 25.20 -23.02 -43.69
CA THR B 40 25.22 -23.32 -45.14
C THR B 40 24.20 -22.39 -45.81
N LYS B 41 22.93 -22.52 -45.44
CA LYS B 41 21.77 -21.90 -46.16
C LYS B 41 21.84 -20.37 -46.04
N VAL B 42 22.34 -19.85 -44.92
CA VAL B 42 22.45 -18.39 -44.72
C VAL B 42 23.56 -17.85 -45.62
N GLN B 43 24.67 -18.55 -45.72
CA GLN B 43 25.82 -18.15 -46.58
C GLN B 43 25.35 -18.14 -48.04
N GLN B 44 24.56 -19.13 -48.45
CA GLN B 44 23.97 -19.20 -49.81
C GLN B 44 23.20 -17.91 -50.11
N ILE B 45 22.38 -17.46 -49.15
CA ILE B 45 21.47 -16.30 -49.31
C ILE B 45 22.30 -15.01 -49.33
N ARG B 46 23.23 -14.83 -48.41
CA ARG B 46 24.11 -13.63 -48.35
C ARG B 46 24.91 -13.47 -49.65
N ARG B 47 25.30 -14.59 -50.28
CA ARG B 47 26.05 -14.59 -51.57
C ARG B 47 25.08 -14.30 -52.73
N ALA B 48 23.77 -14.28 -52.49
CA ALA B 48 22.71 -13.97 -53.49
C ALA B 48 22.14 -12.54 -53.31
N GLU B 49 21.53 -12.26 -52.16
CA GLU B 49 20.87 -10.96 -51.89
C GLU B 49 21.90 -9.93 -51.43
N PRO B 50 21.65 -8.63 -51.68
CA PRO B 50 22.53 -7.56 -51.21
C PRO B 50 22.15 -6.99 -49.85
N ASN B 51 20.88 -7.10 -49.48
CA ASN B 51 20.26 -6.52 -48.25
C ASN B 51 19.71 -7.66 -47.38
N VAL B 52 20.49 -8.16 -46.43
CA VAL B 52 20.14 -9.31 -45.54
C VAL B 52 20.33 -8.92 -44.08
N LEU B 53 19.40 -9.33 -43.22
CA LEU B 53 19.48 -9.23 -41.73
C LEU B 53 19.13 -10.59 -41.12
N LEU B 54 19.96 -11.07 -40.19
CA LEU B 54 19.76 -12.37 -39.47
C LEU B 54 19.46 -12.09 -38.00
N LEU B 55 18.19 -12.27 -37.62
CA LEU B 55 17.67 -11.89 -36.28
C LEU B 55 17.31 -13.17 -35.51
N ASP B 56 17.32 -13.09 -34.17
CA ASP B 56 16.73 -14.10 -33.24
C ASP B 56 15.89 -13.33 -32.23
N ALA B 57 14.87 -13.99 -31.65
CA ALA B 57 13.88 -13.44 -30.71
C ALA B 57 13.87 -14.25 -29.40
N GLY B 58 15.00 -14.84 -29.03
CA GLY B 58 15.25 -15.42 -27.69
C GLY B 58 15.02 -16.92 -27.59
N ASP B 59 14.55 -17.34 -26.40
CA ASP B 59 14.49 -18.74 -25.89
C ASP B 59 15.64 -19.56 -26.54
N GLN B 60 16.84 -18.96 -26.70
CA GLN B 60 18.04 -19.63 -27.29
C GLN B 60 18.73 -20.47 -26.19
N TYR B 61 18.28 -20.35 -24.94
CA TYR B 61 19.11 -20.60 -23.75
C TYR B 61 18.90 -22.03 -23.29
N GLN B 62 17.67 -22.44 -23.00
CA GLN B 62 17.40 -23.73 -22.32
C GLN B 62 17.25 -24.81 -23.38
N GLY B 63 17.57 -26.08 -23.08
CA GLY B 63 17.35 -27.20 -24.03
C GLY B 63 18.13 -28.48 -23.76
N THR B 64 19.31 -28.62 -24.35
CA THR B 64 20.13 -29.86 -24.42
C THR B 64 21.17 -29.81 -23.31
N ILE B 65 22.04 -30.82 -23.26
CA ILE B 65 23.26 -30.85 -22.40
C ILE B 65 24.13 -29.65 -22.74
N TRP B 66 24.25 -29.35 -24.04
CA TRP B 66 25.03 -28.23 -24.61
C TRP B 66 24.99 -27.03 -23.67
N PHE B 67 23.79 -26.61 -23.31
CA PHE B 67 23.58 -25.49 -22.38
C PHE B 67 23.93 -25.94 -20.97
N THR B 68 23.36 -27.07 -20.53
CA THR B 68 23.58 -27.62 -19.18
C THR B 68 25.08 -27.58 -18.86
N VAL B 69 25.94 -27.65 -19.88
CA VAL B 69 27.42 -27.69 -19.73
C VAL B 69 28.03 -26.31 -19.95
N TYR B 70 27.79 -25.65 -21.08
CA TYR B 70 28.48 -24.39 -21.45
C TYR B 70 27.68 -23.16 -20.96
N LYS B 71 26.40 -23.34 -20.63
CA LYS B 71 25.56 -22.38 -19.85
C LYS B 71 25.45 -21.01 -20.52
N GLY B 72 25.54 -20.98 -21.84
CA GLY B 72 25.30 -19.76 -22.63
C GLY B 72 26.51 -19.37 -23.44
N ALA B 73 27.69 -19.89 -23.09
CA ALA B 73 28.94 -19.55 -23.79
C ALA B 73 28.94 -20.25 -25.14
N GLU B 74 28.32 -21.43 -25.26
CA GLU B 74 28.19 -22.15 -26.55
C GLU B 74 27.39 -21.28 -27.51
N VAL B 75 26.35 -20.62 -26.98
CA VAL B 75 25.42 -19.72 -27.74
C VAL B 75 26.30 -18.64 -28.37
N ALA B 76 26.85 -17.75 -27.57
CA ALA B 76 27.69 -16.62 -28.02
C ALA B 76 28.65 -17.07 -29.13
N HIS B 77 29.64 -17.91 -28.81
CA HIS B 77 30.78 -18.24 -29.69
C HIS B 77 30.32 -19.02 -30.94
N PHE B 78 29.03 -19.28 -31.10
CA PHE B 78 28.43 -19.86 -32.35
C PHE B 78 27.58 -18.82 -33.08
N MET B 79 26.66 -18.14 -32.40
CA MET B 79 25.85 -17.05 -33.00
C MET B 79 26.81 -16.02 -33.59
N ASN B 80 27.99 -15.85 -32.96
CA ASN B 80 29.06 -14.93 -33.42
C ASN B 80 29.73 -15.48 -34.68
N ALA B 81 29.76 -16.81 -34.82
CA ALA B 81 30.29 -17.52 -35.99
C ALA B 81 29.26 -17.56 -37.13
N LEU B 82 27.97 -17.56 -36.81
CA LEU B 82 26.85 -17.47 -37.80
C LEU B 82 26.75 -16.02 -38.28
N ARG B 83 27.24 -15.09 -37.47
CA ARG B 83 27.36 -13.65 -37.73
C ARG B 83 25.96 -13.04 -37.75
N TYR B 84 25.13 -13.39 -36.78
CA TYR B 84 23.84 -12.71 -36.45
C TYR B 84 24.07 -11.19 -36.39
N ASP B 85 22.96 -10.46 -36.58
CA ASP B 85 22.95 -8.99 -36.79
C ASP B 85 22.27 -8.34 -35.58
N ALA B 86 21.25 -9.01 -35.03
CA ALA B 86 20.57 -8.65 -33.76
C ALA B 86 19.91 -9.88 -33.14
N MET B 87 19.51 -9.75 -31.87
CA MET B 87 18.89 -10.78 -31.01
C MET B 87 18.08 -10.08 -29.90
N ALA B 88 17.02 -10.70 -29.45
CA ALA B 88 16.18 -10.23 -28.33
C ALA B 88 16.29 -11.24 -27.20
N LEU B 89 15.80 -10.85 -26.01
CA LEU B 89 15.91 -11.65 -24.77
C LEU B 89 14.63 -12.43 -24.56
N GLY B 90 14.73 -13.57 -23.86
CA GLY B 90 13.69 -14.62 -23.83
C GLY B 90 13.17 -14.94 -22.43
N ASN B 91 12.00 -15.59 -22.39
CA ASN B 91 11.44 -16.26 -21.19
C ASN B 91 12.64 -16.98 -20.53
N HIS B 92 13.40 -17.78 -21.31
CA HIS B 92 14.43 -18.75 -20.83
C HIS B 92 15.85 -18.16 -20.69
N GLU B 93 16.07 -16.88 -20.97
CA GLU B 93 17.45 -16.33 -20.98
C GLU B 93 17.90 -16.08 -19.54
N PHE B 94 16.93 -15.92 -18.63
CA PHE B 94 17.17 -15.63 -17.18
C PHE B 94 17.02 -16.92 -16.34
N ASP B 95 17.11 -18.09 -16.97
CA ASP B 95 16.92 -19.38 -16.25
C ASP B 95 18.14 -19.61 -15.35
N ASN B 96 19.28 -19.06 -15.74
CA ASN B 96 20.54 -19.13 -14.97
C ASN B 96 20.68 -17.84 -14.16
N GLY B 97 19.60 -17.09 -13.95
CA GLY B 97 19.66 -15.77 -13.30
C GLY B 97 20.47 -14.79 -14.13
N VAL B 98 20.56 -13.54 -13.67
CA VAL B 98 21.19 -12.43 -14.46
C VAL B 98 22.63 -12.79 -14.81
N GLU B 99 23.42 -13.23 -13.84
CA GLU B 99 24.87 -13.49 -14.03
C GLU B 99 25.08 -14.66 -15.03
N GLY B 100 24.09 -15.55 -15.15
CA GLY B 100 24.15 -16.71 -16.07
C GLY B 100 23.74 -16.31 -17.46
N LEU B 101 23.35 -15.02 -17.61
CA LEU B 101 23.14 -14.26 -18.88
C LEU B 101 24.30 -13.25 -19.09
N ILE B 102 24.66 -12.47 -18.05
CA ILE B 102 25.59 -11.30 -18.19
C ILE B 102 27.02 -11.82 -18.39
N GLU B 103 27.41 -12.85 -17.64
CA GLU B 103 28.76 -13.44 -17.77
C GLU B 103 28.85 -14.17 -19.10
N PRO B 104 28.18 -15.31 -19.30
CA PRO B 104 28.44 -16.15 -20.46
C PRO B 104 28.18 -15.42 -21.79
N LEU B 105 27.00 -14.78 -21.91
CA LEU B 105 26.45 -14.23 -23.19
C LEU B 105 26.82 -12.75 -23.36
N LEU B 106 26.19 -11.84 -22.59
CA LEU B 106 26.21 -10.36 -22.85
C LEU B 106 27.64 -9.81 -22.91
N LYS B 107 28.61 -10.48 -22.28
CA LYS B 107 30.03 -10.09 -22.35
C LYS B 107 30.66 -10.72 -23.62
N GLU B 108 30.55 -12.04 -23.78
CA GLU B 108 31.15 -12.82 -24.89
C GLU B 108 30.45 -12.53 -26.23
N ALA B 109 29.20 -12.03 -26.23
CA ALA B 109 28.37 -11.88 -27.45
C ALA B 109 28.84 -10.65 -28.25
N LYS B 110 29.04 -10.83 -29.56
CA LYS B 110 29.76 -9.89 -30.47
C LYS B 110 28.73 -9.13 -31.33
N PHE B 111 27.44 -9.17 -30.98
CA PHE B 111 26.33 -8.55 -31.75
C PHE B 111 25.31 -7.95 -30.79
N PRO B 112 24.56 -6.92 -31.21
CA PRO B 112 23.70 -6.18 -30.30
C PRO B 112 22.54 -7.06 -29.84
N ILE B 113 22.18 -6.98 -28.56
CA ILE B 113 21.13 -7.79 -27.89
C ILE B 113 20.16 -6.88 -27.15
N LEU B 114 18.90 -6.91 -27.54
CA LEU B 114 17.93 -5.83 -27.29
C LEU B 114 16.79 -6.34 -26.41
N SER B 115 16.29 -5.47 -25.56
CA SER B 115 14.92 -5.47 -24.97
C SER B 115 14.68 -4.11 -24.32
N ALA B 116 13.59 -3.43 -24.67
CA ALA B 116 13.37 -2.02 -24.27
C ALA B 116 12.45 -1.98 -23.05
N ASN B 117 11.70 -3.05 -22.78
CA ASN B 117 10.66 -3.05 -21.72
C ASN B 117 11.24 -3.55 -20.39
N ILE B 118 12.51 -3.99 -20.42
CA ILE B 118 13.27 -4.46 -19.22
C ILE B 118 14.12 -3.30 -18.72
N LYS B 119 13.82 -2.82 -17.51
CA LYS B 119 14.49 -1.71 -16.81
C LYS B 119 15.12 -2.27 -15.52
N ALA B 120 16.41 -2.01 -15.28
CA ALA B 120 17.17 -2.51 -14.11
C ALA B 120 17.37 -1.36 -13.14
N LYS B 121 17.32 -1.66 -11.85
CA LYS B 121 17.51 -0.65 -10.79
C LYS B 121 18.57 -1.17 -9.83
N GLY B 122 18.94 -0.33 -8.85
CA GLY B 122 19.96 -0.64 -7.83
C GLY B 122 21.36 -0.81 -8.43
N PRO B 123 22.12 -1.80 -7.93
CA PRO B 123 23.53 -1.95 -8.32
C PRO B 123 23.69 -2.74 -9.61
N LEU B 124 22.76 -3.67 -9.89
CA LEU B 124 22.77 -4.45 -11.14
C LEU B 124 22.77 -3.48 -12.30
N ALA B 125 21.99 -2.40 -12.17
CA ALA B 125 21.84 -1.33 -13.15
C ALA B 125 23.20 -0.92 -13.70
N SER B 126 24.18 -0.63 -12.83
CA SER B 126 25.56 -0.19 -13.23
C SER B 126 26.29 -1.33 -13.93
N GLN B 127 26.29 -2.54 -13.34
CA GLN B 127 27.00 -3.74 -13.87
C GLN B 127 26.57 -3.97 -15.32
N ILE B 128 25.26 -3.99 -15.54
CA ILE B 128 24.63 -4.46 -16.80
C ILE B 128 24.57 -3.31 -17.82
N SER B 129 24.64 -2.07 -17.37
CA SER B 129 24.68 -0.84 -18.20
C SER B 129 25.13 -1.12 -19.63
N GLY B 130 24.23 -1.02 -20.62
CA GLY B 130 24.58 -1.07 -22.05
C GLY B 130 25.28 -2.36 -22.50
N LEU B 131 25.04 -3.53 -21.89
CA LEU B 131 25.37 -4.87 -22.48
C LEU B 131 24.11 -5.47 -23.15
N TYR B 132 22.92 -5.05 -22.68
CA TYR B 132 21.57 -5.27 -23.25
C TYR B 132 20.99 -3.89 -23.56
N LEU B 133 20.64 -3.60 -24.81
CA LEU B 133 20.18 -2.26 -25.29
C LEU B 133 18.68 -2.30 -25.59
N PRO B 134 17.98 -1.15 -25.62
CA PRO B 134 16.54 -1.12 -25.94
C PRO B 134 16.32 -1.21 -27.46
N TYR B 135 17.09 -0.45 -28.24
CA TYR B 135 16.99 -0.33 -29.71
C TYR B 135 18.38 -0.31 -30.29
N LYS B 136 18.42 -0.51 -31.60
CA LYS B 136 19.65 -0.59 -32.38
C LYS B 136 19.37 -0.10 -33.79
N VAL B 137 20.27 0.72 -34.27
CA VAL B 137 20.25 1.34 -35.62
C VAL B 137 21.28 0.57 -36.44
N LEU B 138 20.79 -0.34 -37.30
CA LEU B 138 21.63 -1.25 -38.10
C LEU B 138 21.68 -0.77 -39.53
N PRO B 139 22.82 -0.24 -40.04
CA PRO B 139 22.87 0.26 -41.40
C PRO B 139 22.98 -0.94 -42.36
N VAL B 140 22.13 -0.93 -43.38
CA VAL B 140 22.11 -1.94 -44.47
C VAL B 140 22.28 -1.15 -45.75
N GLY B 141 23.12 -1.64 -46.65
CA GLY B 141 23.47 -0.89 -47.87
C GLY B 141 23.59 0.60 -47.56
N ASP B 142 22.97 1.47 -48.37
CA ASP B 142 23.08 2.95 -48.30
C ASP B 142 22.01 3.50 -47.37
N GLU B 143 21.14 2.63 -46.88
CA GLU B 143 20.02 3.01 -45.99
C GLU B 143 20.37 2.52 -44.60
N VAL B 144 19.49 2.80 -43.66
CA VAL B 144 19.62 2.48 -42.21
C VAL B 144 18.31 1.83 -41.78
N VAL B 145 18.39 0.81 -40.92
CA VAL B 145 17.21 0.06 -40.39
C VAL B 145 17.24 0.06 -38.86
N GLY B 146 16.17 0.58 -38.24
CA GLY B 146 15.95 0.55 -36.79
C GLY B 146 15.36 -0.77 -36.35
N ILE B 147 15.87 -1.34 -35.25
CA ILE B 147 15.35 -2.60 -34.63
C ILE B 147 15.13 -2.39 -33.14
N VAL B 148 13.93 -2.69 -32.70
CA VAL B 148 13.41 -2.44 -31.33
C VAL B 148 13.23 -3.80 -30.72
N GLY B 149 13.56 -3.92 -29.45
CA GLY B 149 13.47 -5.20 -28.72
C GLY B 149 12.33 -5.17 -27.71
N TYR B 150 11.82 -6.34 -27.36
CA TYR B 150 10.85 -6.49 -26.25
C TYR B 150 10.94 -7.92 -25.75
N THR B 151 10.41 -8.15 -24.56
CA THR B 151 10.48 -9.42 -23.81
C THR B 151 9.24 -9.50 -22.94
N SER B 152 8.69 -10.69 -22.78
CA SER B 152 7.37 -10.85 -22.10
C SER B 152 7.45 -10.36 -20.65
N LYS B 153 6.46 -9.57 -20.24
CA LYS B 153 6.23 -9.15 -18.84
C LYS B 153 5.94 -10.37 -17.98
N GLU B 154 5.62 -11.51 -18.57
CA GLU B 154 5.35 -12.77 -17.83
C GLU B 154 6.70 -13.47 -17.50
N THR B 155 7.85 -12.90 -17.91
CA THR B 155 9.22 -13.53 -17.75
C THR B 155 9.49 -13.88 -16.29
N PRO B 156 9.27 -12.98 -15.29
CA PRO B 156 9.47 -13.34 -13.88
C PRO B 156 8.68 -14.54 -13.37
N PHE B 157 7.63 -14.95 -14.07
CA PHE B 157 6.86 -16.14 -13.70
C PHE B 157 7.44 -17.41 -14.36
N LEU B 158 8.24 -17.29 -15.42
CA LEU B 158 8.79 -18.42 -16.22
C LEU B 158 10.32 -18.47 -16.15
N SER B 159 10.94 -17.70 -15.25
CA SER B 159 12.40 -17.62 -15.10
C SER B 159 12.81 -17.14 -13.70
N ASN B 160 14.10 -16.80 -13.51
CA ASN B 160 14.70 -16.34 -12.22
C ASN B 160 15.51 -15.07 -12.47
N PRO B 161 14.86 -13.93 -12.81
CA PRO B 161 15.57 -12.75 -13.30
C PRO B 161 16.18 -11.86 -12.21
N GLY B 162 16.17 -12.31 -10.96
CA GLY B 162 16.47 -11.44 -9.81
C GLY B 162 15.31 -10.49 -9.58
N THR B 163 15.37 -9.70 -8.49
CA THR B 163 14.33 -8.70 -8.13
C THR B 163 14.79 -7.29 -8.54
N ASN B 164 15.92 -7.16 -9.23
CA ASN B 164 16.51 -5.84 -9.63
C ASN B 164 16.15 -5.50 -11.08
N LEU B 165 15.58 -6.45 -11.83
CA LEU B 165 15.01 -6.22 -13.18
C LEU B 165 13.49 -6.07 -13.08
N VAL B 166 12.97 -5.01 -13.71
CA VAL B 166 11.51 -4.76 -13.87
C VAL B 166 11.14 -5.05 -15.32
N PHE B 167 9.91 -5.48 -15.55
CA PHE B 167 9.41 -5.80 -16.89
C PHE B 167 8.19 -4.95 -17.20
N GLU B 168 8.40 -3.82 -17.91
CA GLU B 168 7.32 -2.87 -18.31
C GLU B 168 6.43 -3.51 -19.38
N ASP B 169 5.23 -2.98 -19.57
CA ASP B 169 4.29 -3.47 -20.62
C ASP B 169 4.93 -3.17 -21.96
N GLU B 170 5.07 -4.20 -22.80
CA GLU B 170 5.80 -4.15 -24.11
C GLU B 170 5.38 -2.85 -24.82
N ILE B 171 4.11 -2.74 -25.16
CA ILE B 171 3.54 -1.64 -25.98
C ILE B 171 3.97 -0.32 -25.34
N THR B 172 3.66 -0.12 -24.06
CA THR B 172 3.96 1.12 -23.29
C THR B 172 5.39 1.57 -23.58
N ALA B 173 6.35 0.64 -23.49
CA ALA B 173 7.80 0.94 -23.44
C ALA B 173 8.34 1.10 -24.85
N LEU B 174 7.73 0.44 -25.83
CA LEU B 174 8.16 0.48 -27.25
C LEU B 174 7.86 1.85 -27.86
N GLN B 175 6.61 2.31 -27.68
CA GLN B 175 6.05 3.49 -28.37
C GLN B 175 7.00 4.66 -28.20
N PRO B 176 7.36 5.09 -26.96
CA PRO B 176 8.21 6.26 -26.75
C PRO B 176 9.57 6.15 -27.44
N GLU B 177 10.07 4.92 -27.59
CA GLU B 177 11.42 4.61 -28.15
C GLU B 177 11.35 4.51 -29.69
N VAL B 178 10.27 3.99 -30.25
CA VAL B 178 10.06 3.97 -31.73
C VAL B 178 10.00 5.41 -32.24
N ASP B 179 9.37 6.28 -31.48
CA ASP B 179 9.21 7.71 -31.79
C ASP B 179 10.59 8.34 -31.95
N LYS B 180 11.51 8.01 -31.06
CA LYS B 180 12.90 8.55 -31.09
C LYS B 180 13.60 8.15 -32.38
N LEU B 181 13.32 6.95 -32.89
CA LEU B 181 13.91 6.53 -34.18
C LEU B 181 13.50 7.50 -35.29
N LYS B 182 12.20 7.79 -35.40
CA LYS B 182 11.68 8.78 -36.38
C LYS B 182 12.30 10.15 -36.04
N THR B 183 12.57 10.47 -34.76
CA THR B 183 13.27 11.72 -34.31
C THR B 183 14.66 11.77 -34.93
N LEU B 184 15.22 10.62 -35.31
CA LEU B 184 16.59 10.50 -35.87
C LEU B 184 16.52 9.97 -37.31
N ASN B 185 15.57 10.41 -38.13
CA ASN B 185 15.45 10.01 -39.55
C ASN B 185 15.74 8.50 -39.69
N VAL B 186 15.00 7.67 -38.94
CA VAL B 186 14.86 6.20 -39.17
C VAL B 186 13.37 5.95 -39.44
N ASN B 187 13.08 5.61 -40.70
CA ASN B 187 11.73 5.49 -41.31
C ASN B 187 11.30 4.01 -41.25
N LYS B 188 12.31 3.15 -41.40
CA LYS B 188 12.26 1.67 -41.50
C LYS B 188 12.60 1.05 -40.15
N ILE B 189 11.58 0.57 -39.44
CA ILE B 189 11.62 0.18 -37.99
C ILE B 189 11.09 -1.25 -37.87
N ILE B 190 11.93 -2.19 -37.48
CA ILE B 190 11.55 -3.60 -37.17
C ILE B 190 11.32 -3.71 -35.66
N ALA B 191 10.21 -4.32 -35.22
CA ALA B 191 10.04 -4.81 -33.82
C ALA B 191 10.48 -6.26 -33.77
N LEU B 192 11.20 -6.65 -32.71
CA LEU B 192 11.88 -7.99 -32.55
C LEU B 192 11.85 -8.37 -31.06
N GLY B 193 11.25 -9.51 -30.72
CA GLY B 193 10.99 -9.82 -29.31
C GLY B 193 10.13 -11.06 -29.05
N HIS B 194 10.15 -11.44 -27.78
CA HIS B 194 9.70 -12.71 -27.19
C HIS B 194 8.59 -12.38 -26.18
N SER B 195 7.37 -12.18 -26.68
CA SER B 195 6.18 -11.95 -25.82
C SER B 195 5.04 -12.92 -26.20
N GLY B 196 5.13 -13.58 -27.36
CA GLY B 196 4.14 -14.58 -27.81
C GLY B 196 3.35 -14.03 -28.96
N PHE B 197 3.03 -14.88 -29.94
CA PHE B 197 2.36 -14.52 -31.19
C PHE B 197 1.23 -13.53 -30.88
N GLU B 198 0.55 -13.74 -29.75
CA GLU B 198 -0.61 -12.92 -29.35
C GLU B 198 -0.22 -11.44 -29.23
N MET B 199 0.76 -11.12 -28.39
CA MET B 199 1.24 -9.72 -28.16
C MET B 199 1.86 -9.14 -29.44
N ASP B 200 2.58 -9.95 -30.22
CA ASP B 200 3.23 -9.55 -31.50
C ASP B 200 2.18 -8.81 -32.36
N LYS B 201 0.95 -9.33 -32.40
CA LYS B 201 -0.19 -8.81 -33.23
C LYS B 201 -0.69 -7.48 -32.66
N LEU B 202 -0.71 -7.39 -31.32
CA LEU B 202 -1.14 -6.19 -30.56
C LEU B 202 -0.06 -5.10 -30.65
N ILE B 203 1.16 -5.49 -31.01
CA ILE B 203 2.27 -4.53 -31.25
C ILE B 203 2.04 -3.95 -32.63
N ALA B 204 1.78 -4.79 -33.63
CA ALA B 204 1.41 -4.36 -34.99
C ALA B 204 0.37 -3.26 -34.88
N GLN B 205 -0.79 -3.65 -34.34
CA GLN B 205 -2.00 -2.82 -34.18
C GLN B 205 -1.64 -1.48 -33.55
N LYS B 206 -1.11 -1.51 -32.34
CA LYS B 206 -1.26 -0.41 -31.36
C LYS B 206 -0.01 0.48 -31.30
N VAL B 207 1.07 0.17 -32.04
CA VAL B 207 2.37 0.91 -31.94
C VAL B 207 2.71 1.56 -33.29
N ARG B 208 2.55 2.89 -33.38
CA ARG B 208 2.75 3.65 -34.65
C ARG B 208 4.26 3.64 -34.95
N GLY B 209 4.65 3.76 -36.23
CA GLY B 209 6.06 3.84 -36.66
C GLY B 209 6.59 2.49 -37.12
N VAL B 210 6.24 1.45 -36.34
CA VAL B 210 6.64 0.03 -36.52
C VAL B 210 6.14 -0.43 -37.88
N ASP B 211 7.05 -0.99 -38.67
CA ASP B 211 6.82 -1.40 -40.08
C ASP B 211 6.63 -2.94 -40.13
N VAL B 212 7.52 -3.70 -39.48
CA VAL B 212 7.55 -5.20 -39.45
C VAL B 212 7.64 -5.66 -37.98
N VAL B 213 6.99 -6.79 -37.67
CA VAL B 213 7.05 -7.43 -36.32
C VAL B 213 7.57 -8.85 -36.48
N VAL B 214 8.68 -9.15 -35.78
CA VAL B 214 9.30 -10.51 -35.65
C VAL B 214 9.21 -10.94 -34.20
N GLY B 215 8.59 -12.07 -33.94
CA GLY B 215 8.40 -12.52 -32.57
C GLY B 215 8.74 -13.96 -32.45
N GLY B 216 8.46 -14.49 -31.24
CA GLY B 216 8.48 -15.92 -30.89
C GLY B 216 7.83 -16.05 -29.54
N HIS B 217 8.20 -17.09 -28.79
CA HIS B 217 7.79 -17.43 -27.40
C HIS B 217 6.74 -18.53 -27.46
N SER B 218 5.80 -18.41 -28.41
CA SER B 218 4.62 -19.28 -28.65
C SER B 218 4.94 -20.50 -29.52
N ASN B 219 6.09 -20.52 -30.19
CA ASN B 219 6.55 -21.65 -31.04
C ASN B 219 5.66 -21.74 -32.29
N THR B 220 4.60 -20.93 -32.38
CA THR B 220 3.60 -20.80 -33.49
C THR B 220 4.29 -20.82 -34.84
N PHE B 221 3.64 -21.50 -35.80
CA PHE B 221 4.14 -21.73 -37.18
C PHE B 221 3.23 -21.04 -38.19
N LEU B 222 3.78 -20.12 -38.97
CA LEU B 222 3.03 -19.47 -40.08
C LEU B 222 3.61 -19.97 -41.39
N TYR B 223 2.73 -20.45 -42.28
CA TYR B 223 3.04 -20.86 -43.67
C TYR B 223 1.96 -20.29 -44.57
N THR B 224 2.39 -19.81 -45.73
CA THR B 224 1.54 -19.55 -46.92
C THR B 224 1.67 -20.78 -47.83
N GLY B 225 0.59 -21.57 -47.95
CA GLY B 225 0.52 -22.70 -48.91
C GLY B 225 0.63 -24.04 -48.21
N ASN B 226 1.36 -24.98 -48.83
CA ASN B 226 1.43 -26.40 -48.39
C ASN B 226 2.59 -26.56 -47.41
N PRO B 227 2.33 -26.94 -46.14
CA PRO B 227 3.39 -27.13 -45.16
C PRO B 227 4.30 -28.27 -45.59
N PRO B 228 5.63 -28.03 -45.65
CA PRO B 228 6.58 -29.05 -46.07
C PRO B 228 6.96 -30.06 -44.98
N SER B 229 6.26 -30.09 -43.85
CA SER B 229 6.41 -31.15 -42.82
C SER B 229 5.21 -31.11 -41.86
N LYS B 230 5.24 -31.96 -40.83
CA LYS B 230 4.12 -32.20 -39.89
C LYS B 230 3.64 -30.88 -39.30
N GLU B 231 4.44 -29.82 -39.44
CA GLU B 231 4.15 -28.51 -38.81
C GLU B 231 2.83 -27.97 -39.35
N VAL B 232 1.84 -27.86 -38.46
CA VAL B 232 0.47 -27.33 -38.73
C VAL B 232 0.53 -25.82 -38.66
N PRO B 233 0.33 -25.08 -39.78
CA PRO B 233 0.31 -23.62 -39.71
C PRO B 233 -0.98 -23.15 -39.03
N ALA B 234 -0.97 -21.89 -38.59
CA ALA B 234 -2.08 -21.25 -37.86
C ALA B 234 -2.35 -19.87 -38.45
N GLY B 235 -1.89 -19.63 -39.69
CA GLY B 235 -1.97 -18.36 -40.42
C GLY B 235 -0.98 -18.32 -41.58
N LYS B 236 -1.18 -17.41 -42.52
CA LYS B 236 -0.26 -17.23 -43.65
C LYS B 236 1.01 -16.55 -43.14
N TYR B 237 2.12 -16.74 -43.85
CA TYR B 237 3.42 -16.05 -43.62
C TYR B 237 3.75 -15.18 -44.83
N PRO B 238 3.89 -13.85 -44.69
CA PRO B 238 3.67 -13.17 -43.41
C PRO B 238 2.18 -13.13 -43.04
N PHE B 239 1.87 -12.80 -41.79
CA PHE B 239 0.49 -12.55 -41.29
C PHE B 239 0.30 -11.05 -41.29
N ILE B 240 -0.47 -10.55 -42.24
CA ILE B 240 -0.82 -9.10 -42.32
C ILE B 240 -1.74 -8.78 -41.13
N VAL B 241 -1.58 -7.60 -40.55
CA VAL B 241 -2.35 -7.14 -39.36
C VAL B 241 -2.67 -5.67 -39.58
N THR B 242 -3.96 -5.35 -39.53
CA THR B 242 -4.49 -3.99 -39.74
C THR B 242 -4.20 -3.17 -38.49
N SER B 243 -3.27 -2.22 -38.62
CA SER B 243 -2.91 -1.26 -37.55
C SER B 243 -4.11 -0.36 -37.29
N ASP B 244 -4.09 0.38 -36.17
CA ASP B 244 -5.15 1.35 -35.79
C ASP B 244 -5.08 2.56 -36.73
N ASP B 245 -3.87 3.06 -37.07
CA ASP B 245 -3.70 4.18 -38.03
C ASP B 245 -4.05 3.67 -39.44
N GLY B 246 -4.22 2.35 -39.59
CA GLY B 246 -4.76 1.71 -40.81
C GLY B 246 -3.66 1.37 -41.81
N ARG B 247 -2.56 0.78 -41.34
CA ARG B 247 -1.46 0.27 -42.21
C ARG B 247 -1.50 -1.26 -42.21
N LYS B 248 -0.86 -1.88 -43.20
CA LYS B 248 -0.63 -3.35 -43.25
C LYS B 248 0.75 -3.64 -42.64
N VAL B 249 0.79 -4.39 -41.54
CA VAL B 249 2.01 -4.69 -40.73
C VAL B 249 2.23 -6.20 -40.75
N PRO B 250 3.25 -6.73 -41.47
CA PRO B 250 3.53 -8.16 -41.46
C PRO B 250 4.21 -8.66 -40.16
N VAL B 251 3.57 -9.64 -39.54
CA VAL B 251 4.03 -10.33 -38.29
C VAL B 251 4.47 -11.76 -38.64
N VAL B 252 5.66 -12.16 -38.20
CA VAL B 252 6.31 -13.44 -38.59
C VAL B 252 6.76 -14.20 -37.33
N GLN B 253 7.35 -15.39 -37.55
CA GLN B 253 7.70 -16.41 -36.52
C GLN B 253 8.00 -17.75 -37.22
N ALA B 254 9.22 -18.26 -37.06
CA ALA B 254 9.58 -19.64 -37.42
C ALA B 254 9.09 -20.58 -36.31
N TYR B 255 8.74 -21.81 -36.65
CA TYR B 255 8.53 -22.85 -35.64
C TYR B 255 9.78 -22.79 -34.82
N ALA B 256 9.65 -22.93 -33.51
CA ALA B 256 10.75 -23.28 -32.58
C ALA B 256 12.01 -23.98 -33.20
N PHE B 257 12.35 -25.17 -32.72
CA PHE B 257 13.68 -25.66 -32.31
C PHE B 257 14.69 -25.63 -33.44
N GLY B 258 14.91 -24.46 -34.01
CA GLY B 258 16.00 -24.28 -35.01
C GLY B 258 15.81 -25.28 -36.15
N LYS B 259 14.53 -25.59 -36.44
CA LYS B 259 14.05 -26.51 -37.51
C LYS B 259 13.87 -25.69 -38.79
N TYR B 260 13.13 -24.59 -38.65
CA TYR B 260 12.82 -23.65 -39.75
C TYR B 260 13.58 -22.35 -39.57
N LEU B 261 14.25 -21.90 -40.63
CA LEU B 261 14.79 -20.52 -40.77
C LEU B 261 13.76 -19.62 -41.45
N GLY B 262 13.39 -18.52 -40.79
CA GLY B 262 12.47 -17.50 -41.34
C GLY B 262 13.09 -16.82 -42.55
N TYR B 263 12.27 -16.51 -43.56
CA TYR B 263 12.68 -15.93 -44.87
C TYR B 263 11.59 -14.98 -45.38
N LEU B 264 11.86 -13.68 -45.42
CA LEU B 264 10.86 -12.64 -45.76
C LEU B 264 11.49 -11.49 -46.55
N LYS B 265 11.19 -11.39 -47.85
CA LYS B 265 11.53 -10.23 -48.70
C LYS B 265 10.49 -9.13 -48.45
N ILE B 266 10.96 -8.01 -47.89
CA ILE B 266 10.19 -6.76 -47.64
C ILE B 266 10.72 -5.67 -48.59
N GLU B 267 9.85 -5.10 -49.43
CA GLU B 267 10.18 -3.95 -50.31
C GLU B 267 9.56 -2.70 -49.69
N PHE B 268 10.40 -1.66 -49.58
CA PHE B 268 10.15 -0.39 -48.89
C PHE B 268 10.09 0.69 -49.97
N ASP B 269 9.49 1.85 -49.70
CA ASP B 269 9.60 3.06 -50.56
C ASP B 269 10.79 3.87 -50.05
N GLU B 270 11.02 5.08 -50.58
CA GLU B 270 12.18 5.92 -50.14
C GLU B 270 11.88 6.59 -48.79
N ARG B 271 10.69 6.46 -48.16
CA ARG B 271 10.41 7.04 -46.80
C ARG B 271 9.92 5.98 -45.79
N GLY B 272 10.22 4.70 -45.98
CA GLY B 272 10.10 3.69 -44.89
C GLY B 272 8.67 3.20 -44.70
N ASN B 273 8.02 2.86 -45.84
CA ASN B 273 6.69 2.22 -45.93
C ASN B 273 6.79 0.85 -46.64
N VAL B 274 6.22 -0.17 -46.02
CA VAL B 274 6.12 -1.55 -46.57
C VAL B 274 5.09 -1.57 -47.68
N ILE B 275 5.54 -1.93 -48.87
CA ILE B 275 4.71 -1.94 -50.10
C ILE B 275 4.50 -3.41 -50.47
N SER B 276 5.57 -4.24 -50.49
CA SER B 276 5.49 -5.70 -50.78
C SER B 276 6.09 -6.50 -49.63
N SER B 277 5.58 -7.72 -49.42
CA SER B 277 5.94 -8.59 -48.28
C SER B 277 5.52 -10.01 -48.64
N HIS B 278 6.47 -10.80 -49.15
CA HIS B 278 6.22 -12.18 -49.66
C HIS B 278 7.37 -13.05 -49.19
N GLY B 279 7.13 -14.35 -49.04
CA GLY B 279 8.14 -15.32 -48.56
C GLY B 279 7.55 -16.37 -47.64
N ASN B 280 8.33 -17.40 -47.31
CA ASN B 280 7.87 -18.57 -46.53
C ASN B 280 9.06 -19.12 -45.74
N PRO B 281 8.84 -19.58 -44.49
CA PRO B 281 9.92 -20.08 -43.66
C PRO B 281 10.62 -21.33 -44.23
N ILE B 282 11.89 -21.17 -44.60
CA ILE B 282 12.75 -22.25 -45.18
C ILE B 282 12.93 -23.36 -44.13
N LEU B 283 12.39 -24.55 -44.39
CA LEU B 283 12.66 -25.79 -43.60
C LEU B 283 14.07 -26.27 -43.92
N LEU B 284 14.82 -26.60 -42.87
CA LEU B 284 16.23 -27.06 -42.96
C LEU B 284 16.26 -28.58 -42.94
N ASN B 285 15.96 -29.22 -44.08
CA ASN B 285 15.98 -30.70 -44.17
C ASN B 285 17.39 -31.16 -44.56
N SER B 286 17.60 -32.48 -44.66
CA SER B 286 18.94 -33.03 -44.93
C SER B 286 19.43 -32.73 -46.35
N SER B 287 18.59 -32.15 -47.22
CA SER B 287 19.09 -31.87 -48.60
C SER B 287 20.03 -30.66 -48.58
N ILE B 288 19.99 -29.88 -47.50
CA ILE B 288 21.00 -28.83 -47.21
C ILE B 288 22.15 -29.50 -46.47
N PRO B 289 23.36 -29.52 -47.06
CA PRO B 289 24.50 -30.14 -46.40
C PRO B 289 24.86 -29.29 -45.15
N GLU B 290 25.30 -29.96 -44.09
CA GLU B 290 25.97 -29.31 -42.92
C GLU B 290 27.36 -28.82 -43.33
N ASP B 291 27.65 -27.54 -43.09
CA ASP B 291 28.96 -26.88 -43.38
C ASP B 291 30.08 -27.60 -42.62
N PRO B 292 31.23 -27.92 -43.25
CA PRO B 292 32.29 -28.69 -42.60
C PRO B 292 33.03 -27.93 -41.49
N SER B 293 33.46 -26.70 -41.79
CA SER B 293 34.29 -25.85 -40.89
C SER B 293 33.55 -25.61 -39.57
N ILE B 294 32.21 -25.65 -39.55
CA ILE B 294 31.39 -25.52 -38.31
C ILE B 294 31.26 -26.91 -37.65
N LYS B 295 30.95 -27.94 -38.43
CA LYS B 295 30.80 -29.33 -37.89
C LYS B 295 32.10 -29.72 -37.18
N ALA B 296 33.24 -29.21 -37.65
CA ALA B 296 34.54 -29.34 -36.96
C ALA B 296 34.40 -28.67 -35.59
N ASP B 297 34.20 -27.35 -35.56
CA ASP B 297 34.17 -26.53 -34.31
C ASP B 297 33.10 -27.09 -33.37
N ILE B 298 32.09 -27.82 -33.90
CA ILE B 298 31.08 -28.56 -33.06
C ILE B 298 31.79 -29.69 -32.29
N ASN B 299 32.55 -30.53 -33.00
CA ASN B 299 33.18 -31.76 -32.44
C ASN B 299 34.37 -31.39 -31.54
N LYS B 300 35.00 -30.22 -31.76
CA LYS B 300 36.02 -29.61 -30.86
C LYS B 300 35.37 -29.44 -29.47
N TRP B 301 34.12 -28.95 -29.43
CA TRP B 301 33.37 -28.64 -28.19
C TRP B 301 32.67 -29.90 -27.67
N ARG B 302 32.39 -30.85 -28.56
CA ARG B 302 31.79 -32.16 -28.21
C ARG B 302 32.54 -32.75 -27.00
N ILE B 303 33.85 -32.52 -26.97
CA ILE B 303 34.77 -33.24 -26.05
C ILE B 303 34.46 -32.87 -24.59
N LYS B 304 34.16 -31.59 -24.33
CA LYS B 304 33.94 -31.08 -22.94
C LYS B 304 32.57 -31.54 -22.44
N LEU B 305 31.69 -31.97 -23.36
CA LEU B 305 30.40 -32.61 -22.98
C LEU B 305 30.73 -33.99 -22.41
N ASP B 306 31.39 -34.84 -23.20
CA ASP B 306 31.83 -36.20 -22.80
C ASP B 306 32.48 -36.13 -21.40
N ASN B 307 33.35 -35.14 -21.17
CA ASN B 307 34.05 -34.94 -19.87
C ASN B 307 33.02 -34.84 -18.74
N TYR B 308 31.90 -34.13 -18.95
CA TYR B 308 30.86 -33.86 -17.91
C TYR B 308 29.99 -35.10 -17.64
N SER B 309 30.03 -36.10 -18.53
CA SER B 309 29.18 -37.32 -18.45
C SER B 309 29.54 -38.15 -17.21
N THR B 310 30.81 -38.10 -16.79
CA THR B 310 31.39 -38.97 -15.74
C THR B 310 31.49 -38.20 -14.44
N GLN B 311 31.23 -36.89 -14.46
CA GLN B 311 31.34 -36.05 -13.24
C GLN B 311 30.10 -36.34 -12.40
N GLU B 312 30.25 -36.37 -11.06
CA GLU B 312 29.16 -36.60 -10.08
C GLU B 312 28.20 -35.41 -10.18
N LEU B 313 26.91 -35.65 -10.44
CA LEU B 313 25.84 -34.60 -10.57
C LEU B 313 25.25 -34.33 -9.18
N GLY B 314 24.85 -35.39 -8.49
CA GLY B 314 24.49 -35.40 -7.07
C GLY B 314 24.43 -36.82 -6.56
N LYS B 315 23.80 -37.04 -5.42
CA LYS B 315 23.83 -38.35 -4.75
C LYS B 315 22.40 -38.75 -4.41
N THR B 316 22.14 -40.06 -4.47
CA THR B 316 20.95 -40.72 -3.87
C THR B 316 21.36 -41.28 -2.50
N ILE B 317 20.37 -41.43 -1.62
CA ILE B 317 20.51 -42.18 -0.34
C ILE B 317 19.51 -43.34 -0.37
N VAL B 318 19.05 -43.73 -1.55
CA VAL B 318 18.12 -44.88 -1.72
C VAL B 318 18.43 -45.55 -3.04
N TYR B 319 18.12 -46.83 -3.14
CA TYR B 319 18.20 -47.58 -4.41
C TYR B 319 17.15 -46.99 -5.35
N LEU B 320 17.57 -46.66 -6.59
CA LEU B 320 16.65 -46.25 -7.68
C LEU B 320 16.28 -47.49 -8.49
N ASP B 321 15.18 -48.14 -8.08
CA ASP B 321 14.66 -49.39 -8.70
C ASP B 321 14.16 -49.05 -10.10
N GLY B 322 14.89 -49.51 -11.12
CA GLY B 322 14.59 -49.25 -12.55
C GLY B 322 14.58 -50.51 -13.38
N SER B 323 14.67 -51.68 -12.74
CA SER B 323 14.69 -52.99 -13.43
C SER B 323 13.34 -53.21 -14.08
N SER B 324 13.34 -53.91 -15.22
CA SER B 324 12.12 -54.23 -16.00
C SER B 324 11.07 -54.82 -15.05
N GLN B 325 11.44 -55.80 -14.23
CA GLN B 325 10.50 -56.62 -13.42
C GLN B 325 9.95 -55.82 -12.25
N SER B 326 10.25 -54.53 -12.18
CA SER B 326 9.75 -53.60 -11.14
C SER B 326 8.85 -52.52 -11.76
N CYS B 327 9.41 -51.70 -12.67
CA CYS B 327 8.77 -50.47 -13.22
C CYS B 327 7.69 -50.83 -14.24
N ARG B 328 7.72 -52.05 -14.79
CA ARG B 328 6.75 -52.54 -15.81
C ARG B 328 5.54 -53.21 -15.14
N PHE B 329 5.54 -53.36 -13.81
CA PHE B 329 4.52 -54.17 -13.06
C PHE B 329 3.82 -53.35 -11.95
N ARG B 330 4.58 -52.67 -11.10
CA ARG B 330 4.08 -51.92 -9.91
C ARG B 330 4.75 -50.55 -9.86
N GLU B 331 4.34 -49.71 -8.89
CA GLU B 331 4.85 -48.31 -8.70
C GLU B 331 6.32 -48.32 -8.22
N CYS B 332 7.29 -47.96 -9.07
CA CYS B 332 8.75 -47.94 -8.76
C CYS B 332 9.22 -46.51 -8.54
N ASN B 333 10.17 -46.33 -7.63
CA ASN B 333 10.60 -45.00 -7.12
C ASN B 333 11.28 -44.24 -8.25
N MET B 334 11.98 -44.94 -9.16
CA MET B 334 12.63 -44.32 -10.35
C MET B 334 11.59 -43.47 -11.08
N GLY B 335 10.46 -44.09 -11.46
CA GLY B 335 9.34 -43.42 -12.16
C GLY B 335 8.95 -42.17 -11.39
N ASN B 336 8.53 -42.37 -10.13
CA ASN B 336 8.15 -41.30 -9.19
C ASN B 336 9.22 -40.20 -9.25
N LEU B 337 10.51 -40.55 -9.30
CA LEU B 337 11.64 -39.59 -9.39
C LEU B 337 11.50 -38.81 -10.69
N ILE B 338 11.60 -39.53 -11.80
CA ILE B 338 11.57 -38.92 -13.17
C ILE B 338 10.36 -37.99 -13.24
N CYS B 339 9.13 -38.52 -13.15
CA CYS B 339 7.87 -37.72 -13.20
C CYS B 339 8.05 -36.43 -12.40
N ASP B 340 8.59 -36.53 -11.19
CA ASP B 340 8.75 -35.35 -10.30
C ASP B 340 9.73 -34.36 -10.95
N ALA B 341 10.85 -34.85 -11.49
CA ALA B 341 11.86 -34.03 -12.22
C ALA B 341 11.20 -33.42 -13.46
N MET B 342 10.33 -34.13 -14.15
CA MET B 342 9.63 -33.66 -15.38
C MET B 342 8.77 -32.46 -15.03
N ILE B 343 7.95 -32.58 -13.99
CA ILE B 343 7.01 -31.53 -13.51
C ILE B 343 7.81 -30.36 -12.96
N ASN B 344 8.64 -30.62 -11.94
CA ASN B 344 9.52 -29.60 -11.31
C ASN B 344 10.28 -28.83 -12.39
N ASN B 345 10.97 -29.51 -13.31
CA ASN B 345 11.79 -28.86 -14.38
C ASN B 345 10.90 -27.88 -15.13
N ASN B 346 9.62 -28.21 -15.28
CA ASN B 346 8.63 -27.44 -16.09
C ASN B 346 8.20 -26.15 -15.37
N LEU B 347 8.11 -26.16 -14.04
CA LEU B 347 7.52 -25.05 -13.27
C LEU B 347 8.59 -24.02 -12.93
N ARG B 348 9.87 -24.30 -13.15
CA ARG B 348 10.92 -23.25 -13.17
C ARG B 348 10.94 -22.67 -14.58
N HIS B 349 11.37 -23.46 -15.55
CA HIS B 349 11.55 -23.06 -16.96
C HIS B 349 10.26 -23.43 -17.73
N ALA B 350 9.15 -22.76 -17.45
CA ALA B 350 7.87 -22.95 -18.18
C ALA B 350 7.96 -22.24 -19.54
N ASP B 351 7.47 -22.88 -20.61
CA ASP B 351 7.66 -22.38 -22.01
C ASP B 351 6.72 -21.20 -22.25
N GLU B 352 5.44 -21.34 -21.88
CA GLU B 352 4.44 -20.25 -21.76
C GLU B 352 3.68 -20.35 -20.43
N MET B 353 2.94 -19.29 -20.11
CA MET B 353 2.15 -19.15 -18.86
C MET B 353 1.05 -20.21 -18.85
N PHE B 354 0.73 -20.83 -19.98
CA PHE B 354 -0.32 -21.89 -20.02
C PHE B 354 0.10 -23.14 -19.23
N TRP B 355 1.42 -23.32 -18.99
CA TRP B 355 1.97 -24.56 -18.39
C TRP B 355 2.63 -24.30 -17.02
N ASN B 356 2.46 -23.13 -16.42
CA ASN B 356 3.04 -22.82 -15.09
C ASN B 356 2.28 -23.53 -13.96
N HIS B 357 1.18 -24.23 -14.28
CA HIS B 357 0.28 -24.89 -13.29
C HIS B 357 0.29 -26.41 -13.47
N VAL B 358 1.15 -26.94 -14.34
CA VAL B 358 1.27 -28.40 -14.66
C VAL B 358 1.74 -29.18 -13.44
N SER B 359 0.89 -30.06 -12.90
CA SER B 359 1.14 -30.88 -11.69
C SER B 359 0.99 -32.38 -12.00
N MET B 360 0.75 -32.75 -13.25
CA MET B 360 0.37 -34.13 -13.64
C MET B 360 1.38 -34.66 -14.64
N CYS B 361 1.78 -35.91 -14.48
CA CYS B 361 2.81 -36.61 -15.31
C CYS B 361 2.41 -38.07 -15.47
N ILE B 362 2.74 -38.68 -16.62
CA ILE B 362 2.72 -40.16 -16.81
C ILE B 362 3.95 -40.59 -17.61
N LEU B 363 4.38 -41.83 -17.38
CA LEU B 363 5.64 -42.41 -17.92
C LEU B 363 5.47 -43.92 -18.04
N ASN B 364 5.67 -44.46 -19.24
CA ASN B 364 5.65 -45.91 -19.54
C ASN B 364 6.88 -46.54 -18.89
N GLY B 365 6.77 -47.76 -18.36
CA GLY B 365 7.94 -48.53 -17.84
C GLY B 365 8.97 -48.74 -18.94
N GLY B 366 8.51 -48.81 -20.18
CA GLY B 366 9.33 -49.12 -21.37
C GLY B 366 10.14 -47.93 -21.81
N GLY B 367 10.29 -46.94 -20.91
CA GLY B 367 11.24 -45.82 -21.00
C GLY B 367 12.26 -45.88 -19.87
N ILE B 368 12.06 -46.78 -18.89
CA ILE B 368 12.95 -46.96 -17.71
C ILE B 368 13.69 -48.28 -17.88
N ARG B 369 14.92 -48.21 -18.36
CA ARG B 369 15.64 -49.40 -18.91
C ARG B 369 16.88 -49.72 -18.07
N SER B 370 16.95 -49.23 -16.83
CA SER B 370 18.06 -49.52 -15.88
C SER B 370 17.78 -48.92 -14.50
N PRO B 371 18.25 -49.59 -13.43
CA PRO B 371 18.29 -49.00 -12.09
C PRO B 371 19.61 -48.27 -11.87
N ILE B 372 19.75 -47.60 -10.72
CA ILE B 372 21.01 -46.91 -10.32
C ILE B 372 21.35 -47.32 -8.88
N ASP B 373 22.55 -47.89 -8.69
CA ASP B 373 23.01 -48.47 -7.41
C ASP B 373 23.75 -47.39 -6.64
N GLU B 374 23.54 -47.32 -5.33
CA GLU B 374 24.18 -46.30 -4.46
C GLU B 374 25.32 -47.00 -3.73
N ARG B 375 25.53 -46.67 -2.45
CA ARG B 375 26.44 -47.39 -1.55
C ARG B 375 27.84 -47.26 -2.15
N ASN B 376 27.92 -46.72 -3.38
CA ASN B 376 29.19 -46.47 -4.10
C ASN B 376 29.40 -44.96 -4.04
N ASN B 377 29.64 -44.47 -2.81
CA ASN B 377 29.72 -43.03 -2.44
C ASN B 377 28.38 -42.37 -2.83
N GLY B 378 27.32 -43.16 -3.12
CA GLY B 378 25.96 -42.71 -3.48
C GLY B 378 25.88 -41.95 -4.82
N THR B 379 26.96 -41.96 -5.59
CA THR B 379 27.24 -41.07 -6.77
C THR B 379 26.26 -41.35 -7.91
N ILE B 380 25.77 -40.31 -8.58
CA ILE B 380 24.93 -40.40 -9.81
C ILE B 380 25.56 -39.49 -10.87
N THR B 381 26.09 -40.04 -11.95
CA THR B 381 26.63 -39.28 -13.11
C THR B 381 25.62 -39.32 -14.26
N TRP B 382 25.85 -38.51 -15.29
CA TRP B 382 25.05 -38.46 -16.53
C TRP B 382 24.99 -39.87 -17.15
N GLU B 383 26.15 -40.49 -17.33
CA GLU B 383 26.26 -41.82 -17.98
C GLU B 383 25.27 -42.77 -17.31
N ASN B 384 25.11 -42.68 -15.98
CA ASN B 384 24.15 -43.50 -15.21
C ASN B 384 22.78 -43.40 -15.89
N LEU B 385 22.36 -42.17 -16.15
CA LEU B 385 21.00 -41.84 -16.63
C LEU B 385 20.83 -42.32 -18.07
N ALA B 386 21.89 -42.21 -18.89
CA ALA B 386 21.91 -42.65 -20.31
C ALA B 386 21.46 -44.12 -20.39
N ALA B 387 21.81 -44.91 -19.37
CA ALA B 387 21.41 -46.33 -19.24
C ALA B 387 19.92 -46.40 -18.93
N VAL B 388 19.40 -45.46 -18.15
CA VAL B 388 17.97 -45.41 -17.73
C VAL B 388 17.14 -44.92 -18.92
N LEU B 389 17.59 -43.88 -19.62
CA LEU B 389 16.79 -43.13 -20.63
C LEU B 389 17.56 -43.05 -21.94
N PRO B 390 17.88 -44.20 -22.57
CA PRO B 390 18.78 -44.24 -23.72
C PRO B 390 18.14 -43.79 -25.04
N PHE B 391 16.83 -43.56 -25.04
CA PHE B 391 16.04 -43.22 -26.24
C PHE B 391 16.33 -41.79 -26.72
N GLY B 392 16.95 -40.94 -25.89
CA GLY B 392 17.11 -39.50 -26.18
C GLY B 392 15.81 -38.89 -26.73
N GLY B 393 14.69 -39.16 -26.04
CA GLY B 393 13.40 -38.49 -26.31
C GLY B 393 13.35 -37.13 -25.63
N THR B 394 12.14 -36.59 -25.46
CA THR B 394 11.84 -35.33 -24.78
C THR B 394 10.69 -35.59 -23.82
N PHE B 395 10.41 -34.61 -22.96
CA PHE B 395 9.20 -34.59 -22.12
C PHE B 395 8.34 -33.46 -22.65
N ASP B 396 7.20 -33.83 -23.23
CA ASP B 396 6.28 -32.91 -23.95
C ASP B 396 5.07 -32.64 -23.06
N LEU B 397 4.38 -31.52 -23.35
CA LEU B 397 3.19 -31.03 -22.63
C LEU B 397 1.98 -31.22 -23.54
N VAL B 398 0.98 -31.90 -22.99
CA VAL B 398 -0.26 -32.18 -23.75
C VAL B 398 -1.45 -31.80 -22.87
N GLN B 399 -2.44 -31.17 -23.49
CA GLN B 399 -3.78 -30.90 -22.91
C GLN B 399 -4.74 -32.02 -23.31
N LEU B 400 -5.44 -32.62 -22.36
CA LEU B 400 -6.19 -33.87 -22.62
C LEU B 400 -7.51 -33.92 -21.87
N LYS B 401 -8.54 -34.41 -22.54
CA LYS B 401 -9.87 -34.64 -21.93
C LYS B 401 -9.70 -35.76 -20.92
N GLY B 402 -10.47 -35.71 -19.83
CA GLY B 402 -10.54 -36.77 -18.82
C GLY B 402 -10.85 -38.13 -19.43
N SER B 403 -11.86 -38.13 -20.30
CA SER B 403 -12.29 -39.31 -21.08
C SER B 403 -11.05 -39.97 -21.67
N THR B 404 -10.22 -39.20 -22.39
CA THR B 404 -9.00 -39.68 -23.08
C THR B 404 -8.01 -40.23 -22.05
N LEU B 405 -7.85 -39.55 -20.93
CA LEU B 405 -6.88 -39.94 -19.86
C LEU B 405 -7.30 -41.31 -19.31
N LYS B 406 -8.55 -41.45 -18.86
CA LYS B 406 -9.15 -42.76 -18.47
C LYS B 406 -8.79 -43.85 -19.49
N LYS B 407 -9.05 -43.62 -20.77
CA LYS B 407 -8.83 -44.62 -21.87
C LYS B 407 -7.40 -45.16 -21.77
N ALA B 408 -6.42 -44.26 -21.80
CA ALA B 408 -4.98 -44.59 -21.77
C ALA B 408 -4.61 -45.40 -20.50
N PHE B 409 -5.21 -45.09 -19.35
CA PHE B 409 -4.94 -45.80 -18.06
C PHE B 409 -5.50 -47.22 -18.08
N GLU B 410 -6.52 -47.48 -18.90
CA GLU B 410 -7.07 -48.84 -19.06
C GLU B 410 -6.14 -49.62 -19.98
N HIS B 411 -5.54 -48.94 -20.97
CA HIS B 411 -4.50 -49.46 -21.89
C HIS B 411 -3.18 -49.66 -21.14
N SER B 412 -3.10 -49.20 -19.89
CA SER B 412 -1.97 -49.49 -18.96
C SER B 412 -1.99 -50.96 -18.52
N VAL B 413 -3.17 -51.58 -18.50
CA VAL B 413 -3.36 -52.96 -17.95
C VAL B 413 -4.26 -53.83 -18.84
N HIS B 414 -4.72 -53.35 -19.99
CA HIS B 414 -5.70 -54.08 -20.86
C HIS B 414 -5.33 -55.55 -20.99
N ARG B 415 -4.08 -55.85 -21.35
CA ARG B 415 -3.52 -57.23 -21.51
C ARG B 415 -2.23 -57.25 -20.69
N TYR B 416 -2.39 -57.05 -19.39
CA TYR B 416 -1.33 -56.99 -18.36
C TYR B 416 -0.72 -58.38 -18.14
N GLY B 417 0.46 -58.40 -17.53
CA GLY B 417 1.16 -59.61 -17.10
C GLY B 417 2.41 -59.76 -17.94
N GLN B 418 2.30 -59.54 -19.25
CA GLN B 418 3.49 -59.47 -20.16
C GLN B 418 4.01 -58.03 -20.15
N SER B 419 3.07 -57.08 -20.31
CA SER B 419 3.24 -55.60 -20.21
C SER B 419 4.49 -55.12 -20.94
N THR B 420 4.66 -55.50 -22.22
CA THR B 420 5.71 -54.90 -23.10
C THR B 420 5.57 -53.37 -22.94
N GLY B 421 5.78 -52.93 -21.69
CA GLY B 421 6.17 -51.57 -21.29
C GLY B 421 5.00 -50.58 -21.25
N GLU B 422 3.76 -51.07 -21.27
CA GLU B 422 2.56 -50.21 -21.34
C GLU B 422 2.26 -49.59 -19.95
N PHE B 423 2.77 -50.20 -18.89
CA PHE B 423 2.34 -49.83 -17.52
C PHE B 423 2.86 -48.42 -17.21
N LEU B 424 1.95 -47.59 -16.67
CA LEU B 424 2.22 -46.17 -16.39
C LEU B 424 2.65 -45.99 -14.95
N GLN B 425 3.87 -45.46 -14.77
CA GLN B 425 4.36 -44.80 -13.53
C GLN B 425 3.85 -43.36 -13.51
N VAL B 426 3.07 -42.99 -12.49
CA VAL B 426 2.34 -41.69 -12.51
C VAL B 426 3.03 -40.72 -11.54
N GLY B 427 2.75 -39.43 -11.74
CA GLY B 427 3.05 -38.29 -10.87
C GLY B 427 1.90 -37.29 -10.88
N GLY B 428 1.50 -36.80 -9.72
CA GLY B 428 0.34 -35.90 -9.53
C GLY B 428 -0.97 -36.60 -9.85
N ILE B 429 -1.03 -37.92 -9.62
CA ILE B 429 -2.23 -38.78 -9.83
C ILE B 429 -2.27 -39.84 -8.72
N HIS B 430 -3.46 -40.15 -8.21
CA HIS B 430 -3.73 -41.41 -7.46
C HIS B 430 -4.57 -42.34 -8.35
N VAL B 431 -4.07 -43.53 -8.64
CA VAL B 431 -4.82 -44.53 -9.45
C VAL B 431 -4.92 -45.83 -8.64
N VAL B 432 -5.99 -46.57 -8.88
CA VAL B 432 -6.26 -47.89 -8.23
C VAL B 432 -6.87 -48.81 -9.28
N TYR B 433 -6.23 -49.96 -9.50
CA TYR B 433 -6.76 -51.01 -10.39
C TYR B 433 -7.36 -52.13 -9.52
N ASP B 434 -8.39 -52.75 -10.09
CA ASP B 434 -8.91 -54.08 -9.67
C ASP B 434 -8.74 -55.00 -10.89
N LEU B 435 -7.81 -55.95 -10.81
CA LEU B 435 -7.39 -56.74 -11.99
C LEU B 435 -8.44 -57.82 -12.32
N SER B 436 -9.32 -58.14 -11.36
CA SER B 436 -10.40 -59.16 -11.50
C SER B 436 -11.36 -58.77 -12.64
N ARG B 437 -11.52 -57.47 -12.90
CA ARG B 437 -12.56 -56.92 -13.80
C ARG B 437 -12.12 -57.07 -15.26
N LYS B 438 -13.01 -56.66 -16.18
CA LYS B 438 -12.82 -56.75 -17.65
C LYS B 438 -11.74 -55.77 -18.07
N PRO B 439 -10.78 -56.19 -18.93
CA PRO B 439 -9.79 -55.27 -19.50
C PRO B 439 -10.45 -54.07 -20.19
N GLY B 440 -10.25 -52.87 -19.64
CA GLY B 440 -10.97 -51.67 -20.09
C GLY B 440 -12.16 -51.36 -19.20
N ASP B 441 -12.20 -51.98 -18.02
CA ASP B 441 -13.06 -51.53 -16.88
C ASP B 441 -12.41 -51.98 -15.57
N ARG B 442 -11.16 -51.54 -15.35
CA ARG B 442 -10.25 -51.96 -14.25
C ARG B 442 -9.89 -50.78 -13.34
N VAL B 443 -9.93 -49.56 -13.86
CA VAL B 443 -9.64 -48.34 -13.05
C VAL B 443 -10.87 -48.06 -12.17
N VAL B 444 -10.76 -48.37 -10.90
CA VAL B 444 -11.87 -48.25 -9.90
C VAL B 444 -11.83 -46.87 -9.24
N LYS B 445 -10.64 -46.29 -9.04
CA LYS B 445 -10.46 -44.91 -8.54
C LYS B 445 -9.36 -44.20 -9.34
N LEU B 446 -9.63 -42.96 -9.74
CA LEU B 446 -8.67 -42.06 -10.43
C LEU B 446 -8.93 -40.63 -9.94
N ASP B 447 -8.20 -40.24 -8.89
CA ASP B 447 -8.16 -38.85 -8.38
C ASP B 447 -6.91 -38.17 -8.95
N VAL B 448 -7.02 -36.92 -9.39
CA VAL B 448 -5.92 -36.16 -10.04
C VAL B 448 -5.80 -34.83 -9.30
N LEU B 449 -4.66 -34.16 -9.42
CA LEU B 449 -4.39 -32.86 -8.78
C LEU B 449 -5.04 -31.77 -9.64
N CYS B 450 -5.91 -30.94 -9.06
CA CYS B 450 -6.69 -29.91 -9.80
C CYS B 450 -5.86 -28.62 -9.97
N THR B 451 -5.92 -28.05 -11.18
CA THR B 451 -4.96 -27.05 -11.74
C THR B 451 -5.03 -25.73 -10.98
N LYS B 452 -6.24 -25.26 -10.63
CA LYS B 452 -6.40 -24.04 -9.78
C LYS B 452 -7.75 -24.10 -9.05
N CYS B 453 -7.91 -25.17 -8.28
CA CYS B 453 -9.00 -25.41 -7.30
C CYS B 453 -8.70 -24.63 -6.00
N ARG B 454 -7.93 -23.53 -6.10
CA ARG B 454 -7.50 -22.62 -4.99
C ARG B 454 -6.22 -23.17 -4.31
N VAL B 455 -6.39 -24.29 -3.60
CA VAL B 455 -5.31 -25.05 -2.86
C VAL B 455 -5.30 -26.44 -3.50
N PRO B 456 -4.17 -26.89 -4.07
CA PRO B 456 -4.15 -28.10 -4.90
C PRO B 456 -4.33 -29.36 -4.04
N SER B 457 -5.33 -30.14 -4.40
CA SER B 457 -5.81 -31.34 -3.70
C SER B 457 -6.00 -32.39 -4.78
N TYR B 458 -6.27 -33.63 -4.37
CA TYR B 458 -6.64 -34.74 -5.28
C TYR B 458 -8.16 -34.84 -5.33
N ASP B 459 -8.77 -34.36 -6.41
CA ASP B 459 -10.24 -34.45 -6.68
C ASP B 459 -10.44 -35.54 -7.74
N PRO B 460 -11.55 -36.33 -7.69
CA PRO B 460 -11.78 -37.38 -8.68
C PRO B 460 -11.85 -36.79 -10.08
N LEU B 461 -11.35 -37.55 -11.07
CA LEU B 461 -11.28 -37.13 -12.48
C LEU B 461 -12.70 -37.06 -13.03
N LYS B 462 -13.08 -35.93 -13.65
CA LYS B 462 -14.33 -35.78 -14.44
C LYS B 462 -13.98 -35.93 -15.92
N MET B 463 -14.77 -36.65 -16.72
CA MET B 463 -14.35 -36.96 -18.13
C MET B 463 -14.66 -35.79 -19.08
N ASP B 464 -15.37 -34.79 -18.56
CA ASP B 464 -15.73 -33.52 -19.21
C ASP B 464 -14.55 -32.56 -19.09
N GLU B 465 -13.96 -32.45 -17.88
CA GLU B 465 -12.81 -31.55 -17.57
C GLU B 465 -11.65 -31.84 -18.53
N VAL B 466 -10.88 -30.79 -18.84
CA VAL B 466 -9.65 -30.81 -19.67
C VAL B 466 -8.46 -30.80 -18.71
N TYR B 467 -7.39 -31.52 -19.02
CA TYR B 467 -6.28 -31.74 -18.07
C TYR B 467 -4.93 -31.49 -18.76
N LYS B 468 -4.13 -30.55 -18.25
CA LYS B 468 -2.80 -30.17 -18.80
C LYS B 468 -1.76 -31.10 -18.15
N VAL B 469 -1.14 -31.99 -18.93
CA VAL B 469 -0.26 -33.09 -18.41
C VAL B 469 1.03 -33.19 -19.22
N ILE B 470 2.13 -33.50 -18.54
CA ILE B 470 3.45 -33.77 -19.17
C ILE B 470 3.65 -35.28 -19.28
N LEU B 471 4.36 -35.69 -20.32
CA LEU B 471 4.64 -37.12 -20.62
C LEU B 471 5.74 -37.18 -21.66
N PRO B 472 6.38 -38.36 -21.86
CA PRO B 472 7.41 -38.52 -22.89
C PRO B 472 6.82 -38.40 -24.31
N ASN B 473 7.65 -38.02 -25.30
CA ASN B 473 7.21 -37.83 -26.72
C ASN B 473 6.86 -39.20 -27.32
N PHE B 474 7.58 -40.24 -26.90
CA PHE B 474 7.29 -41.66 -27.22
C PHE B 474 5.78 -41.92 -27.04
N LEU B 475 5.14 -41.31 -26.02
CA LEU B 475 3.72 -41.55 -25.67
C LEU B 475 2.79 -40.53 -26.34
N ALA B 476 3.21 -39.29 -26.53
CA ALA B 476 2.42 -38.28 -27.26
C ALA B 476 2.23 -38.72 -28.72
N ASN B 477 3.08 -39.62 -29.19
CA ASN B 477 3.08 -40.20 -30.55
C ASN B 477 2.38 -41.56 -30.59
N GLY B 478 1.80 -42.01 -29.45
CA GLY B 478 1.11 -43.31 -29.30
C GLY B 478 2.02 -44.54 -29.41
N GLY B 479 3.17 -44.51 -28.72
CA GLY B 479 4.22 -45.54 -28.74
C GLY B 479 3.70 -46.94 -28.43
N ASP B 480 3.70 -47.36 -27.15
CA ASP B 480 3.22 -48.70 -26.72
C ASP B 480 1.69 -48.67 -26.72
N GLY B 481 1.12 -48.43 -27.89
CA GLY B 481 -0.29 -48.71 -28.25
C GLY B 481 -1.23 -47.59 -27.85
N PHE B 482 -0.72 -46.42 -27.51
CA PHE B 482 -1.52 -45.30 -26.96
C PHE B 482 -2.04 -44.44 -28.11
N GLN B 483 -2.73 -45.04 -29.08
CA GLN B 483 -3.29 -44.30 -30.23
C GLN B 483 -4.25 -43.25 -29.68
N MET B 484 -4.84 -43.52 -28.50
CA MET B 484 -5.89 -42.71 -27.83
C MET B 484 -5.35 -41.32 -27.50
N ILE B 485 -4.05 -41.21 -27.24
CA ILE B 485 -3.42 -39.90 -26.98
C ILE B 485 -3.20 -39.21 -28.33
N LYS B 486 -2.40 -39.80 -29.22
CA LYS B 486 -1.99 -39.12 -30.48
C LYS B 486 -3.23 -38.52 -31.15
N ASP B 487 -4.39 -39.17 -31.04
CA ASP B 487 -5.62 -38.79 -31.78
C ASP B 487 -6.42 -37.72 -31.01
N GLU B 488 -6.71 -37.95 -29.72
CA GLU B 488 -7.72 -37.18 -28.94
C GLU B 488 -7.06 -36.08 -28.10
N LEU B 489 -5.75 -35.84 -28.32
CA LEU B 489 -5.00 -34.75 -27.65
C LEU B 489 -5.49 -33.43 -28.25
N LEU B 490 -5.42 -32.35 -27.47
CA LEU B 490 -5.97 -31.02 -27.83
C LEU B 490 -4.82 -30.07 -28.16
N ARG B 491 -3.77 -30.08 -27.35
CA ARG B 491 -2.54 -29.30 -27.61
C ARG B 491 -1.32 -30.19 -27.36
N HIS B 492 -0.26 -29.99 -28.16
CA HIS B 492 1.01 -30.76 -28.09
C HIS B 492 2.18 -29.82 -28.42
N ASP B 493 3.02 -29.54 -27.43
CA ASP B 493 4.27 -28.75 -27.57
C ASP B 493 5.45 -29.64 -27.13
N SER B 494 6.51 -29.70 -27.94
CA SER B 494 7.78 -30.39 -27.58
C SER B 494 8.41 -29.63 -26.41
N GLY B 495 8.97 -30.37 -25.45
CA GLY B 495 9.70 -29.85 -24.28
C GLY B 495 11.21 -30.02 -24.42
N ASP B 496 11.91 -30.14 -23.29
CA ASP B 496 13.38 -30.26 -23.29
C ASP B 496 13.74 -31.75 -23.42
N GLN B 497 15.05 -32.03 -23.55
CA GLN B 497 15.63 -33.39 -23.73
C GLN B 497 15.54 -34.19 -22.42
N ASP B 498 15.10 -35.45 -22.52
CA ASP B 498 14.70 -36.30 -21.37
C ASP B 498 15.83 -36.36 -20.33
N ILE B 499 17.02 -36.82 -20.74
CA ILE B 499 18.16 -37.09 -19.81
C ILE B 499 18.53 -35.77 -19.14
N ASN B 500 18.63 -34.73 -19.96
CA ASN B 500 19.01 -33.36 -19.53
C ASN B 500 18.11 -32.89 -18.37
N VAL B 501 16.83 -33.31 -18.38
CA VAL B 501 15.80 -32.86 -17.38
C VAL B 501 16.12 -33.46 -16.01
N VAL B 502 16.46 -34.73 -16.00
CA VAL B 502 16.78 -35.40 -14.73
C VAL B 502 18.09 -34.82 -14.22
N SER B 503 19.14 -34.88 -15.04
CA SER B 503 20.51 -34.46 -14.68
C SER B 503 20.48 -33.07 -14.02
N THR B 504 19.59 -32.18 -14.48
CA THR B 504 19.39 -30.84 -13.85
C THR B 504 18.73 -31.07 -12.48
N TYR B 505 17.55 -31.73 -12.44
CA TYR B 505 16.78 -31.90 -11.17
C TYR B 505 17.75 -32.41 -10.09
N ILE B 506 18.55 -33.41 -10.45
CA ILE B 506 19.48 -34.05 -9.50
C ILE B 506 20.51 -33.01 -9.10
N SER B 507 21.12 -32.30 -10.04
CA SER B 507 22.14 -31.27 -9.75
C SER B 507 21.56 -30.29 -8.73
N LYS B 508 20.34 -29.77 -8.98
CA LYS B 508 19.77 -28.64 -8.19
C LYS B 508 19.23 -29.13 -6.85
N MET B 509 18.82 -30.40 -6.78
CA MET B 509 18.37 -31.02 -5.51
C MET B 509 19.58 -31.52 -4.67
N LYS B 510 20.62 -32.10 -5.31
CA LYS B 510 21.94 -32.48 -4.70
C LYS B 510 21.86 -33.80 -3.91
N VAL B 511 20.71 -34.07 -3.26
CA VAL B 511 20.41 -35.30 -2.48
C VAL B 511 18.98 -35.70 -2.78
N ILE B 512 18.76 -36.91 -3.26
CA ILE B 512 17.41 -37.35 -3.67
C ILE B 512 16.97 -38.45 -2.70
N TYR B 513 15.66 -38.63 -2.54
CA TYR B 513 15.05 -39.57 -1.56
C TYR B 513 13.77 -40.12 -2.16
N PRO B 514 13.80 -40.48 -3.47
CA PRO B 514 12.60 -40.90 -4.18
C PRO B 514 12.02 -42.19 -3.60
N ALA B 515 10.85 -42.08 -2.97
CA ALA B 515 10.12 -43.17 -2.29
C ALA B 515 8.96 -43.70 -3.14
N VAL B 516 8.52 -44.94 -2.90
CA VAL B 516 7.22 -45.49 -3.38
C VAL B 516 6.18 -45.16 -2.31
N GLU B 517 5.16 -44.39 -2.65
CA GLU B 517 4.30 -43.67 -1.68
C GLU B 517 2.80 -43.89 -1.96
N GLY B 518 2.46 -44.90 -2.74
CA GLY B 518 1.06 -45.34 -2.92
C GLY B 518 0.28 -44.45 -3.89
N ARG B 519 0.92 -44.07 -4.99
CA ARG B 519 0.24 -43.41 -6.13
C ARG B 519 -0.61 -44.44 -6.88
N ILE B 520 -0.13 -45.67 -6.90
CA ILE B 520 -0.74 -46.84 -7.62
C ILE B 520 -0.97 -47.96 -6.61
N LYS B 521 -2.20 -48.47 -6.52
CA LYS B 521 -2.63 -49.53 -5.57
C LYS B 521 -3.41 -50.63 -6.32
N PHE B 522 -3.75 -51.74 -5.65
CA PHE B 522 -4.49 -52.91 -6.23
C PHE B 522 -5.59 -53.39 -5.26
N SER B 523 -5.92 -54.69 -5.23
CA SER B 523 -6.84 -55.31 -4.23
C SER B 523 -6.96 -56.82 -4.44
N TRP C 1 -82.07 -17.77 -1.43
CA TRP C 1 -81.02 -17.24 -2.35
C TRP C 1 -79.63 -17.69 -1.87
N GLU C 2 -79.22 -18.90 -2.28
CA GLU C 2 -78.00 -19.59 -1.80
C GLU C 2 -76.80 -18.94 -2.49
N LEU C 3 -75.74 -18.70 -1.71
CA LEU C 3 -74.53 -17.95 -2.15
C LEU C 3 -73.29 -18.73 -1.69
N THR C 4 -72.63 -19.37 -2.64
CA THR C 4 -71.38 -20.11 -2.42
C THR C 4 -70.26 -19.08 -2.33
N ILE C 5 -69.48 -19.10 -1.22
CA ILE C 5 -68.28 -18.23 -1.02
C ILE C 5 -67.01 -19.12 -0.99
N LEU C 6 -66.24 -19.11 -2.08
CA LEU C 6 -64.87 -19.68 -2.13
C LEU C 6 -63.89 -18.64 -1.57
N HIS C 7 -63.16 -18.98 -0.51
CA HIS C 7 -62.21 -18.04 0.12
C HIS C 7 -60.88 -18.76 0.35
N THR C 8 -59.79 -17.99 0.22
CA THR C 8 -58.37 -18.37 0.47
C THR C 8 -57.78 -17.30 1.40
N ASN C 9 -56.58 -17.54 1.95
CA ASN C 9 -55.80 -16.50 2.69
C ASN C 9 -54.39 -17.03 2.91
N ASP C 10 -53.48 -16.16 3.36
CA ASP C 10 -52.06 -16.50 3.65
C ASP C 10 -51.56 -17.50 2.59
N VAL C 11 -51.78 -17.22 1.31
CA VAL C 11 -51.38 -18.14 0.20
C VAL C 11 -49.86 -18.20 0.11
N HIS C 12 -49.16 -17.13 0.56
CA HIS C 12 -47.67 -16.98 0.58
C HIS C 12 -47.10 -17.38 -0.78
N SER C 13 -47.59 -16.79 -1.87
CA SER C 13 -47.09 -16.97 -3.26
C SER C 13 -46.55 -18.38 -3.47
N ARG C 14 -47.35 -19.41 -3.14
CA ARG C 14 -47.07 -20.83 -3.44
C ARG C 14 -47.74 -21.20 -4.76
N LEU C 15 -47.15 -20.78 -5.88
CA LEU C 15 -47.81 -20.87 -7.20
C LEU C 15 -47.81 -22.33 -7.64
N GLU C 16 -46.66 -22.99 -7.54
CA GLU C 16 -46.55 -24.46 -7.79
C GLU C 16 -46.96 -25.18 -6.50
N GLN C 17 -47.60 -26.35 -6.67
CA GLN C 17 -48.07 -27.32 -5.63
C GLN C 17 -46.99 -27.56 -4.54
N THR C 18 -47.40 -27.73 -3.27
CA THR C 18 -46.48 -27.82 -2.08
C THR C 18 -46.78 -29.14 -1.35
N SER C 19 -46.24 -29.38 -0.15
CA SER C 19 -46.68 -30.44 0.83
C SER C 19 -47.18 -29.73 2.08
N GLU C 20 -47.61 -30.44 3.15
CA GLU C 20 -48.03 -29.87 4.47
C GLU C 20 -47.14 -28.67 4.88
N ASP C 21 -45.82 -28.84 4.79
CA ASP C 21 -44.83 -27.87 5.34
C ASP C 21 -44.36 -26.95 4.21
N SER C 22 -44.95 -27.08 3.00
CA SER C 22 -44.78 -26.19 1.82
C SER C 22 -43.42 -26.43 1.11
N SER C 23 -42.95 -27.68 1.13
CA SER C 23 -41.71 -28.19 0.47
C SER C 23 -42.01 -28.77 -0.92
N LYS C 24 -41.01 -29.40 -1.55
CA LYS C 24 -41.20 -30.20 -2.79
C LYS C 24 -41.71 -31.56 -2.35
N CYS C 25 -43.01 -31.76 -2.24
CA CYS C 25 -43.64 -33.01 -1.76
C CYS C 25 -43.29 -34.16 -2.72
N VAL C 26 -42.83 -35.31 -2.21
CA VAL C 26 -42.79 -36.60 -2.99
C VAL C 26 -43.49 -36.34 -4.32
N ASN C 27 -42.69 -35.99 -5.34
CA ASN C 27 -43.17 -35.45 -6.65
C ASN C 27 -43.73 -36.61 -7.48
N ALA C 28 -43.85 -37.81 -6.92
CA ALA C 28 -44.69 -38.93 -7.41
C ALA C 28 -46.19 -38.62 -7.16
N SER C 29 -46.64 -37.46 -7.62
CA SER C 29 -48.06 -37.00 -7.71
C SER C 29 -48.80 -37.03 -6.37
N ARG C 30 -48.09 -36.78 -5.27
CA ARG C 30 -48.68 -36.76 -3.90
C ARG C 30 -48.60 -35.37 -3.27
N CYS C 31 -48.29 -34.33 -4.06
CA CYS C 31 -48.33 -32.92 -3.60
C CYS C 31 -49.79 -32.47 -3.35
N MET C 32 -49.95 -31.43 -2.53
CA MET C 32 -51.22 -30.93 -1.98
C MET C 32 -52.01 -30.18 -3.04
N GLY C 33 -51.60 -28.96 -3.46
CA GLY C 33 -52.14 -28.37 -4.69
C GLY C 33 -51.70 -26.94 -4.93
N GLY C 34 -51.50 -26.55 -6.19
CA GLY C 34 -51.02 -25.22 -6.60
C GLY C 34 -52.17 -24.34 -7.05
N VAL C 35 -51.88 -23.39 -7.94
CA VAL C 35 -52.89 -22.47 -8.54
C VAL C 35 -53.43 -23.15 -9.79
N ALA C 36 -52.63 -24.03 -10.39
CA ALA C 36 -53.09 -24.97 -11.42
C ALA C 36 -54.24 -25.80 -10.83
N ARG C 37 -54.00 -26.48 -9.70
CA ARG C 37 -55.01 -27.36 -9.02
C ARG C 37 -56.25 -26.53 -8.66
N LEU C 38 -56.03 -25.41 -7.97
CA LEU C 38 -57.10 -24.51 -7.46
C LEU C 38 -58.04 -24.13 -8.61
N PHE C 39 -57.50 -23.68 -9.75
CA PHE C 39 -58.29 -23.26 -10.93
C PHE C 39 -59.31 -24.34 -11.24
N THR C 40 -58.85 -25.59 -11.40
CA THR C 40 -59.69 -26.76 -11.73
C THR C 40 -60.94 -26.68 -10.87
N LYS C 41 -60.78 -26.76 -9.54
CA LYS C 41 -61.87 -26.97 -8.56
C LYS C 41 -62.82 -25.76 -8.55
N VAL C 42 -62.29 -24.56 -8.78
CA VAL C 42 -63.11 -23.32 -8.80
C VAL C 42 -63.99 -23.34 -10.06
N GLN C 43 -63.40 -23.70 -11.21
CA GLN C 43 -64.13 -23.78 -12.51
C GLN C 43 -65.25 -24.82 -12.39
N GLN C 44 -64.99 -25.96 -11.75
CA GLN C 44 -66.00 -27.02 -11.50
C GLN C 44 -67.20 -26.41 -10.79
N ILE C 45 -66.96 -25.61 -9.74
CA ILE C 45 -68.02 -25.04 -8.86
C ILE C 45 -68.81 -23.98 -9.63
N ARG C 46 -68.11 -23.05 -10.29
CA ARG C 46 -68.73 -21.92 -11.07
C ARG C 46 -69.63 -22.50 -12.17
N ARG C 47 -69.23 -23.63 -12.77
CA ARG C 47 -69.98 -24.29 -13.88
C ARG C 47 -71.16 -25.07 -13.30
N ALA C 48 -71.26 -25.20 -11.96
CA ALA C 48 -72.36 -25.92 -11.25
C ALA C 48 -73.34 -24.93 -10.60
N GLU C 49 -72.87 -24.17 -9.61
CA GLU C 49 -73.71 -23.27 -8.80
C GLU C 49 -73.93 -21.96 -9.57
N PRO C 50 -75.09 -21.30 -9.37
CA PRO C 50 -75.16 -19.84 -9.48
C PRO C 50 -74.79 -19.26 -8.11
N ASN C 51 -74.35 -17.99 -8.12
CA ASN C 51 -73.95 -17.19 -6.93
C ASN C 51 -72.64 -17.76 -6.39
N VAL C 52 -71.52 -17.33 -6.98
CA VAL C 52 -70.13 -17.68 -6.59
C VAL C 52 -69.38 -16.36 -6.34
N LEU C 53 -68.58 -16.35 -5.27
CA LEU C 53 -67.57 -15.31 -4.98
C LEU C 53 -66.26 -16.00 -4.63
N LEU C 54 -65.16 -15.56 -5.25
CA LEU C 54 -63.79 -16.06 -4.94
C LEU C 54 -62.98 -14.93 -4.32
N LEU C 55 -62.76 -15.00 -3.01
CA LEU C 55 -62.11 -13.91 -2.22
C LEU C 55 -60.73 -14.39 -1.74
N ASP C 56 -59.84 -13.43 -1.47
CA ASP C 56 -58.59 -13.65 -0.69
C ASP C 56 -58.53 -12.58 0.41
N ALA C 57 -57.80 -12.85 1.50
CA ALA C 57 -57.63 -11.97 2.68
C ALA C 57 -56.15 -11.65 2.91
N GLY C 58 -55.32 -11.63 1.85
CA GLY C 58 -53.95 -11.11 1.84
C GLY C 58 -52.87 -12.17 2.05
N ASP C 59 -51.78 -11.78 2.73
CA ASP C 59 -50.47 -12.49 2.85
C ASP C 59 -50.23 -13.30 1.55
N GLN C 60 -50.61 -12.75 0.38
CA GLN C 60 -50.41 -13.39 -0.96
C GLN C 60 -48.99 -13.13 -1.44
N TYR C 61 -48.22 -12.30 -0.72
CA TYR C 61 -47.06 -11.57 -1.30
C TYR C 61 -45.78 -12.41 -1.12
N GLN C 62 -45.44 -12.78 0.11
CA GLN C 62 -44.11 -13.33 0.45
C GLN C 62 -44.15 -14.85 0.30
N GLY C 63 -43.02 -15.48 -0.03
CA GLY C 63 -42.81 -16.93 0.21
C GLY C 63 -41.75 -17.60 -0.66
N THR C 64 -42.04 -17.78 -1.97
CA THR C 64 -41.27 -18.66 -2.89
C THR C 64 -40.26 -17.81 -3.67
N ILE C 65 -39.48 -18.42 -4.57
CA ILE C 65 -38.63 -17.67 -5.54
C ILE C 65 -39.53 -16.88 -6.46
N TRP C 66 -40.65 -17.50 -6.87
CA TRP C 66 -41.70 -16.91 -7.74
C TRP C 66 -41.86 -15.43 -7.42
N PHE C 67 -42.04 -15.08 -6.16
CA PHE C 67 -42.17 -13.68 -5.70
C PHE C 67 -40.79 -13.03 -5.75
N THR C 68 -39.77 -13.67 -5.14
CA THR C 68 -38.37 -13.16 -5.11
C THR C 68 -37.99 -12.67 -6.51
N VAL C 69 -38.57 -13.26 -7.56
CA VAL C 69 -38.25 -12.96 -8.99
C VAL C 69 -39.27 -11.97 -9.58
N TYR C 70 -40.57 -12.27 -9.54
CA TYR C 70 -41.61 -11.49 -10.27
C TYR C 70 -42.18 -10.38 -9.36
N LYS C 71 -41.98 -10.49 -8.04
CA LYS C 71 -42.20 -9.41 -7.03
C LYS C 71 -43.64 -8.86 -7.04
N GLY C 72 -44.61 -9.70 -7.39
CA GLY C 72 -46.05 -9.34 -7.32
C GLY C 72 -46.71 -9.41 -8.67
N ALA C 73 -45.95 -9.38 -9.76
CA ALA C 73 -46.50 -9.43 -11.14
C ALA C 73 -47.05 -10.84 -11.40
N GLU C 74 -46.41 -11.87 -10.83
CA GLU C 74 -46.87 -13.28 -10.97
C GLU C 74 -48.25 -13.38 -10.34
N VAL C 75 -48.44 -12.71 -9.20
CA VAL C 75 -49.71 -12.68 -8.41
C VAL C 75 -50.80 -12.19 -9.36
N ALA C 76 -50.78 -10.91 -9.73
CA ALA C 76 -51.79 -10.26 -10.61
C ALA C 76 -52.18 -11.19 -11.78
N HIS C 77 -51.24 -11.43 -12.71
CA HIS C 77 -51.52 -12.07 -14.02
C HIS C 77 -51.93 -13.54 -13.84
N PHE C 78 -52.00 -14.06 -12.61
CA PHE C 78 -52.53 -15.41 -12.29
C PHE C 78 -53.85 -15.30 -11.55
N MET C 79 -53.94 -14.50 -10.50
CA MET C 79 -55.21 -14.22 -9.78
C MET C 79 -56.24 -13.76 -10.81
N ASN C 80 -55.79 -13.02 -11.85
CA ASN C 80 -56.63 -12.53 -12.98
C ASN C 80 -57.07 -13.70 -13.86
N ALA C 81 -56.24 -14.75 -13.93
CA ALA C 81 -56.50 -15.99 -14.69
C ALA C 81 -57.41 -16.93 -13.87
N LEU C 82 -57.34 -16.89 -12.56
CA LEU C 82 -58.25 -17.65 -11.64
C LEU C 82 -59.60 -16.95 -11.59
N ARG C 83 -59.60 -15.65 -11.91
CA ARG C 83 -60.78 -14.78 -12.05
C ARG C 83 -61.38 -14.55 -10.65
N TYR C 84 -60.52 -14.25 -9.68
CA TYR C 84 -60.90 -13.71 -8.35
C TYR C 84 -61.85 -12.54 -8.53
N ASP C 85 -62.60 -12.25 -7.46
CA ASP C 85 -63.73 -11.29 -7.44
C ASP C 85 -63.36 -10.10 -6.55
N ALA C 86 -62.65 -10.36 -5.45
CA ALA C 86 -62.17 -9.37 -4.47
C ALA C 86 -60.98 -9.92 -3.70
N MET C 87 -60.29 -9.05 -2.95
CA MET C 87 -59.07 -9.35 -2.14
C MET C 87 -58.89 -8.24 -1.10
N ALA C 88 -58.26 -8.58 0.02
CA ALA C 88 -57.86 -7.62 1.08
C ALA C 88 -56.33 -7.57 1.15
N LEU C 89 -55.80 -6.60 1.89
CA LEU C 89 -54.33 -6.33 1.99
C LEU C 89 -53.77 -6.97 3.26
N GLY C 90 -52.46 -7.31 3.26
CA GLY C 90 -51.86 -8.24 4.24
C GLY C 90 -50.67 -7.67 5.02
N ASN C 91 -50.34 -8.33 6.13
CA ASN C 91 -49.08 -8.12 6.90
C ASN C 91 -47.96 -8.02 5.85
N HIS C 92 -47.88 -8.96 4.90
CA HIS C 92 -46.74 -9.16 3.96
C HIS C 92 -46.85 -8.39 2.65
N GLU C 93 -47.90 -7.59 2.43
CA GLU C 93 -48.10 -6.95 1.11
C GLU C 93 -47.16 -5.75 0.99
N PHE C 94 -46.72 -5.19 2.13
CA PHE C 94 -45.83 -4.00 2.20
C PHE C 94 -44.37 -4.41 2.45
N ASP C 95 -44.03 -5.68 2.20
CA ASP C 95 -42.67 -6.22 2.43
C ASP C 95 -41.74 -5.63 1.36
N ASN C 96 -42.30 -5.34 0.18
CA ASN C 96 -41.54 -4.71 -0.93
C ASN C 96 -41.78 -3.19 -0.88
N GLY C 97 -42.23 -2.65 0.26
CA GLY C 97 -42.65 -1.25 0.36
C GLY C 97 -43.85 -1.00 -0.53
N VAL C 98 -44.38 0.22 -0.45
CA VAL C 98 -45.63 0.61 -1.16
C VAL C 98 -45.45 0.36 -2.65
N GLU C 99 -44.36 0.83 -3.25
CA GLU C 99 -44.04 0.72 -4.69
C GLU C 99 -44.05 -0.74 -5.18
N GLY C 100 -43.65 -1.65 -4.30
CA GLY C 100 -43.54 -3.08 -4.59
C GLY C 100 -44.88 -3.77 -4.47
N LEU C 101 -45.89 -2.98 -4.06
CA LEU C 101 -47.35 -3.30 -4.06
C LEU C 101 -48.08 -2.51 -5.16
N ILE C 102 -47.84 -1.20 -5.24
CA ILE C 102 -48.61 -0.24 -6.10
C ILE C 102 -48.25 -0.49 -7.57
N GLU C 103 -46.96 -0.68 -7.86
CA GLU C 103 -46.47 -0.88 -9.24
C GLU C 103 -46.91 -2.25 -9.70
N PRO C 104 -46.36 -3.37 -9.16
CA PRO C 104 -46.57 -4.67 -9.77
C PRO C 104 -48.05 -5.06 -9.89
N LEU C 105 -48.80 -4.93 -8.79
CA LEU C 105 -50.16 -5.51 -8.57
C LEU C 105 -51.28 -4.59 -9.13
N LEU C 106 -51.47 -3.45 -8.47
CA LEU C 106 -52.66 -2.58 -8.63
C LEU C 106 -52.83 -2.12 -10.09
N LYS C 107 -51.78 -2.17 -10.89
CA LYS C 107 -51.83 -1.88 -12.35
C LYS C 107 -52.28 -3.13 -13.11
N GLU C 108 -51.62 -4.28 -12.96
CA GLU C 108 -52.00 -5.48 -13.75
C GLU C 108 -53.22 -6.16 -13.11
N ALA C 109 -53.67 -5.77 -11.90
CA ALA C 109 -54.82 -6.37 -11.20
C ALA C 109 -56.14 -5.94 -11.86
N LYS C 110 -57.01 -6.91 -12.21
CA LYS C 110 -58.21 -6.69 -13.07
C LYS C 110 -59.48 -6.61 -12.20
N PHE C 111 -59.34 -6.60 -10.88
CA PHE C 111 -60.46 -6.79 -9.91
C PHE C 111 -60.20 -5.96 -8.66
N PRO C 112 -61.26 -5.47 -7.99
CA PRO C 112 -61.10 -4.49 -6.93
C PRO C 112 -60.47 -5.17 -5.71
N ILE C 113 -59.52 -4.51 -5.04
CA ILE C 113 -58.65 -5.03 -3.93
C ILE C 113 -58.53 -3.96 -2.85
N LEU C 114 -58.91 -4.24 -1.60
CA LEU C 114 -59.26 -3.14 -0.65
C LEU C 114 -58.90 -3.36 0.81
N SER C 115 -59.05 -2.27 1.58
CA SER C 115 -58.88 -2.13 3.05
C SER C 115 -59.37 -0.73 3.45
N ALA C 116 -60.19 -0.63 4.50
CA ALA C 116 -60.87 0.63 4.87
C ALA C 116 -60.11 1.32 6.01
N ASN C 117 -59.28 0.57 6.75
CA ASN C 117 -58.67 1.10 8.00
C ASN C 117 -57.30 1.71 7.71
N ILE C 118 -56.84 1.58 6.46
CA ILE C 118 -55.54 2.15 5.95
C ILE C 118 -55.82 3.49 5.28
N LYS C 119 -55.31 4.58 5.87
CA LYS C 119 -55.44 5.97 5.39
C LYS C 119 -54.03 6.50 5.09
N ALA C 120 -53.82 7.08 3.90
CA ALA C 120 -52.54 7.69 3.46
C ALA C 120 -52.64 9.20 3.57
N LYS C 121 -51.58 9.87 3.98
CA LYS C 121 -51.58 11.34 4.12
C LYS C 121 -50.40 11.91 3.34
N GLY C 122 -50.34 13.24 3.24
CA GLY C 122 -49.26 13.97 2.56
C GLY C 122 -49.23 13.71 1.06
N PRO C 123 -48.04 13.53 0.46
CA PRO C 123 -47.90 13.44 -0.99
C PRO C 123 -48.15 12.03 -1.52
N LEU C 124 -47.86 11.00 -0.73
CA LEU C 124 -48.11 9.61 -1.15
C LEU C 124 -49.60 9.47 -1.43
N ALA C 125 -50.41 10.12 -0.60
CA ALA C 125 -51.89 10.17 -0.71
C ALA C 125 -52.32 10.40 -2.17
N SER C 126 -51.76 11.39 -2.86
CA SER C 126 -52.10 11.73 -4.28
C SER C 126 -51.65 10.59 -5.20
N GLN C 127 -50.40 10.14 -5.08
CA GLN C 127 -49.83 9.05 -5.94
C GLN C 127 -50.74 7.81 -5.88
N ILE C 128 -51.04 7.39 -4.66
CA ILE C 128 -51.91 6.22 -4.32
C ILE C 128 -53.32 6.48 -4.86
N SER C 129 -53.70 7.75 -5.04
CA SER C 129 -54.70 8.13 -6.06
C SER C 129 -55.94 7.24 -5.94
N GLY C 130 -56.35 6.88 -4.70
CA GLY C 130 -57.58 6.12 -4.38
C GLY C 130 -57.74 4.82 -5.17
N LEU C 131 -56.64 4.08 -5.42
CA LEU C 131 -56.58 2.89 -6.33
C LEU C 131 -56.48 1.59 -5.49
N TYR C 132 -56.72 1.72 -4.17
CA TYR C 132 -56.66 0.69 -3.11
C TYR C 132 -58.00 0.58 -2.38
N LEU C 133 -58.98 1.45 -2.63
CA LEU C 133 -60.46 1.24 -2.38
C LEU C 133 -60.78 0.85 -0.93
N PRO C 134 -61.75 1.54 -0.27
CA PRO C 134 -62.11 1.22 1.11
C PRO C 134 -63.05 0.02 1.17
N TYR C 135 -64.06 -0.03 0.29
CA TYR C 135 -65.10 -1.12 0.18
C TYR C 135 -65.45 -1.35 -1.30
N LYS C 136 -66.24 -2.37 -1.62
CA LYS C 136 -66.69 -2.66 -3.01
C LYS C 136 -68.04 -3.38 -2.98
N VAL C 137 -68.96 -2.93 -3.81
CA VAL C 137 -70.31 -3.54 -3.97
C VAL C 137 -70.28 -4.34 -5.28
N LEU C 138 -70.12 -5.67 -5.18
CA LEU C 138 -70.09 -6.55 -6.38
C LEU C 138 -71.40 -7.31 -6.50
N PRO C 139 -72.26 -7.03 -7.49
CA PRO C 139 -73.47 -7.82 -7.68
C PRO C 139 -73.11 -9.16 -8.33
N VAL C 140 -73.65 -10.25 -7.79
CA VAL C 140 -73.45 -11.61 -8.41
C VAL C 140 -74.65 -12.02 -9.27
N GLY C 141 -75.78 -12.39 -8.66
CA GLY C 141 -76.99 -12.77 -9.42
C GLY C 141 -77.69 -11.53 -9.92
N ASP C 142 -79.02 -11.46 -9.70
CA ASP C 142 -79.86 -10.24 -9.88
C ASP C 142 -79.85 -9.43 -8.57
N GLU C 143 -79.15 -9.91 -7.54
CA GLU C 143 -78.99 -9.20 -6.27
C GLU C 143 -77.58 -8.60 -6.20
N VAL C 144 -77.34 -7.90 -5.10
CA VAL C 144 -76.21 -6.94 -4.90
C VAL C 144 -75.48 -7.34 -3.62
N VAL C 145 -74.14 -7.44 -3.66
CA VAL C 145 -73.35 -7.93 -2.50
C VAL C 145 -72.24 -6.93 -2.14
N GLY C 146 -72.30 -6.38 -0.92
CA GLY C 146 -71.28 -5.48 -0.37
C GLY C 146 -70.13 -6.25 0.25
N ILE C 147 -68.89 -5.84 -0.01
CA ILE C 147 -67.66 -6.40 0.62
C ILE C 147 -66.82 -5.26 1.21
N VAL C 148 -66.52 -5.31 2.52
CA VAL C 148 -65.67 -4.29 3.20
C VAL C 148 -64.35 -4.96 3.56
N GLY C 149 -63.27 -4.20 3.49
CA GLY C 149 -61.91 -4.67 3.76
C GLY C 149 -61.37 -4.15 5.09
N TYR C 150 -60.38 -4.84 5.63
CA TYR C 150 -59.60 -4.37 6.80
C TYR C 150 -58.23 -5.05 6.76
N THR C 151 -57.27 -4.51 7.52
CA THR C 151 -55.86 -4.95 7.56
C THR C 151 -55.30 -4.65 8.94
N SER C 152 -54.43 -5.52 9.45
CA SER C 152 -53.97 -5.48 10.85
C SER C 152 -53.26 -4.17 11.15
N LYS C 153 -53.60 -3.55 12.27
CA LYS C 153 -52.87 -2.38 12.81
C LYS C 153 -51.46 -2.79 13.22
N GLU C 154 -51.16 -4.08 13.30
CA GLU C 154 -49.79 -4.58 13.62
C GLU C 154 -48.90 -4.52 12.35
N THR C 155 -49.44 -4.15 11.18
CA THR C 155 -48.74 -4.19 9.86
C THR C 155 -47.42 -3.41 9.90
N PRO C 156 -47.38 -2.14 10.37
CA PRO C 156 -46.13 -1.38 10.48
C PRO C 156 -45.01 -2.05 11.29
N PHE C 157 -45.36 -3.01 12.15
CA PHE C 157 -44.37 -3.74 12.97
C PHE C 157 -43.89 -5.01 12.24
N LEU C 158 -44.60 -5.51 11.20
CA LEU C 158 -44.26 -6.76 10.46
C LEU C 158 -43.96 -6.49 8.99
N SER C 159 -43.80 -5.23 8.60
CA SER C 159 -43.59 -4.83 7.18
C SER C 159 -42.96 -3.42 7.11
N ASN C 160 -42.92 -2.83 5.91
CA ASN C 160 -42.27 -1.53 5.61
C ASN C 160 -43.23 -0.66 4.81
N PRO C 161 -44.31 -0.14 5.44
CA PRO C 161 -45.33 0.63 4.70
C PRO C 161 -44.93 2.09 4.43
N GLY C 162 -43.70 2.50 4.75
CA GLY C 162 -43.33 3.92 4.81
C GLY C 162 -44.03 4.61 5.96
N THR C 163 -43.85 5.92 6.12
CA THR C 163 -44.35 6.72 7.27
C THR C 163 -45.56 7.55 6.84
N ASN C 164 -46.08 7.36 5.61
CA ASN C 164 -47.21 8.16 5.07
C ASN C 164 -48.52 7.40 5.22
N LEU C 165 -48.46 6.10 5.56
CA LEU C 165 -49.63 5.22 5.76
C LEU C 165 -49.96 5.08 7.25
N VAL C 166 -51.23 5.32 7.59
CA VAL C 166 -51.78 5.11 8.95
C VAL C 166 -52.65 3.87 8.91
N PHE C 167 -52.75 3.16 10.03
CA PHE C 167 -53.58 1.95 10.18
C PHE C 167 -54.56 2.19 11.33
N GLU C 168 -55.77 2.68 11.01
CA GLU C 168 -56.82 3.02 12.01
C GLU C 168 -57.40 1.73 12.61
N ASP C 169 -58.07 1.83 13.77
CA ASP C 169 -58.63 0.64 14.46
C ASP C 169 -59.73 0.08 13.60
N GLU C 170 -59.64 -1.22 13.29
CA GLU C 170 -60.53 -1.93 12.33
C GLU C 170 -61.98 -1.52 12.63
N ILE C 171 -62.43 -1.85 13.84
CA ILE C 171 -63.84 -1.65 14.31
C ILE C 171 -64.24 -0.21 14.00
N THR C 172 -63.47 0.75 14.54
CA THR C 172 -63.75 2.21 14.44
C THR C 172 -64.12 2.56 12.99
N ALA C 173 -63.30 2.10 12.04
CA ALA C 173 -63.29 2.60 10.64
C ALA C 173 -64.36 1.84 9.84
N LEU C 174 -64.66 0.61 10.23
CA LEU C 174 -65.60 -0.26 9.48
C LEU C 174 -67.04 0.22 9.69
N GLN C 175 -67.41 0.44 10.96
CA GLN C 175 -68.81 0.67 11.40
C GLN C 175 -69.43 1.77 10.54
N PRO C 176 -68.85 2.99 10.52
CA PRO C 176 -69.48 4.11 9.79
C PRO C 176 -69.62 3.82 8.28
N GLU C 177 -68.75 2.97 7.72
CA GLU C 177 -68.69 2.61 6.26
C GLU C 177 -69.71 1.49 5.95
N VAL C 178 -69.86 0.52 6.84
CA VAL C 178 -70.88 -0.55 6.67
C VAL C 178 -72.28 0.09 6.66
N ASP C 179 -72.48 1.09 7.49
CA ASP C 179 -73.76 1.84 7.60
C ASP C 179 -74.12 2.44 6.25
N LYS C 180 -73.14 3.01 5.56
CA LYS C 180 -73.32 3.63 4.22
C LYS C 180 -73.81 2.59 3.21
N LEU C 181 -73.37 1.34 3.33
CA LEU C 181 -73.82 0.26 2.42
C LEU C 181 -75.35 0.13 2.56
N LYS C 182 -75.86 0.01 3.79
CA LYS C 182 -77.31 -0.04 4.07
C LYS C 182 -77.95 1.26 3.56
N THR C 183 -77.26 2.40 3.65
CA THR C 183 -77.70 3.73 3.10
C THR C 183 -77.91 3.62 1.59
N LEU C 184 -77.25 2.66 0.93
CA LEU C 184 -77.36 2.47 -0.54
C LEU C 184 -77.93 1.08 -0.86
N ASN C 185 -79.00 0.68 -0.18
CA ASN C 185 -79.73 -0.57 -0.48
C ASN C 185 -78.73 -1.71 -0.73
N VAL C 186 -77.80 -1.92 0.21
CA VAL C 186 -76.99 -3.17 0.33
C VAL C 186 -77.31 -3.74 1.71
N ASN C 187 -78.02 -4.86 1.74
CA ASN C 187 -78.52 -5.58 2.95
C ASN C 187 -77.50 -6.65 3.33
N LYS C 188 -76.88 -7.23 2.29
CA LYS C 188 -75.94 -8.38 2.27
C LYS C 188 -74.50 -7.86 2.19
N ILE C 189 -73.80 -7.88 3.33
CA ILE C 189 -72.49 -7.19 3.58
C ILE C 189 -71.50 -8.24 4.11
N ILE C 190 -70.44 -8.52 3.35
CA ILE C 190 -69.33 -9.44 3.76
C ILE C 190 -68.18 -8.57 4.29
N ALA C 191 -67.61 -8.92 5.45
CA ALA C 191 -66.32 -8.36 5.92
C ALA C 191 -65.22 -9.32 5.48
N LEU C 192 -64.09 -8.76 5.02
CA LEU C 192 -62.95 -9.50 4.40
C LEU C 192 -61.64 -8.79 4.77
N GLY C 193 -60.70 -9.49 5.42
CA GLY C 193 -59.48 -8.83 5.93
C GLY C 193 -58.55 -9.69 6.77
N HIS C 194 -57.37 -9.11 7.00
CA HIS C 194 -56.13 -9.74 7.52
C HIS C 194 -55.75 -9.03 8.83
N SER C 195 -56.40 -9.41 9.92
CA SER C 195 -56.06 -8.90 11.27
C SER C 195 -55.81 -10.04 12.25
N GLY C 196 -56.19 -11.27 11.90
CA GLY C 196 -55.96 -12.46 12.75
C GLY C 196 -57.28 -12.96 13.30
N PHE C 197 -57.44 -14.28 13.37
CA PHE C 197 -58.67 -14.97 13.79
C PHE C 197 -59.26 -14.23 14.99
N GLU C 198 -58.40 -13.71 15.87
CA GLU C 198 -58.84 -13.04 17.13
C GLU C 198 -59.74 -11.84 16.79
N MET C 199 -59.24 -10.88 16.00
CA MET C 199 -59.98 -9.64 15.64
C MET C 199 -61.23 -9.98 14.79
N ASP C 200 -61.11 -10.97 13.91
CA ASP C 200 -62.21 -11.45 13.02
C ASP C 200 -63.48 -11.67 13.89
N LYS C 201 -63.31 -12.28 15.07
CA LYS C 201 -64.40 -12.66 16.02
C LYS C 201 -64.99 -11.40 16.65
N LEU C 202 -64.12 -10.43 16.96
CA LEU C 202 -64.47 -9.14 17.60
C LEU C 202 -65.16 -8.23 16.58
N ILE C 203 -65.03 -8.54 15.29
CA ILE C 203 -65.80 -7.86 14.21
C ILE C 203 -67.28 -8.26 14.34
N ALA C 204 -67.55 -9.57 14.46
CA ALA C 204 -68.90 -10.10 14.68
C ALA C 204 -69.64 -9.22 15.67
N GLN C 205 -69.19 -9.23 16.92
CA GLN C 205 -69.97 -8.63 18.04
C GLN C 205 -70.11 -7.13 17.81
N LYS C 206 -69.05 -6.37 17.45
CA LYS C 206 -69.04 -4.90 17.63
C LYS C 206 -69.46 -4.13 16.35
N VAL C 207 -69.67 -4.82 15.22
CA VAL C 207 -69.96 -4.16 13.91
C VAL C 207 -71.32 -4.62 13.38
N ARG C 208 -72.35 -3.80 13.55
CA ARG C 208 -73.72 -4.07 13.05
C ARG C 208 -73.69 -3.92 11.52
N GLY C 209 -74.60 -4.60 10.82
CA GLY C 209 -74.73 -4.62 9.36
C GLY C 209 -74.04 -5.83 8.77
N VAL C 210 -72.84 -6.13 9.29
CA VAL C 210 -71.93 -7.24 8.88
C VAL C 210 -72.67 -8.55 9.04
N ASP C 211 -72.73 -9.33 7.94
CA ASP C 211 -73.52 -10.58 7.84
C ASP C 211 -72.55 -11.77 7.95
N VAL C 212 -71.43 -11.76 7.20
CA VAL C 212 -70.36 -12.81 7.19
C VAL C 212 -69.00 -12.13 7.43
N VAL C 213 -68.09 -12.82 8.13
CA VAL C 213 -66.67 -12.38 8.29
C VAL C 213 -65.77 -13.48 7.71
N VAL C 214 -64.90 -13.09 6.75
CA VAL C 214 -63.78 -13.91 6.18
C VAL C 214 -62.46 -13.25 6.59
N GLY C 215 -61.57 -13.99 7.25
CA GLY C 215 -60.30 -13.43 7.68
C GLY C 215 -59.17 -14.35 7.35
N GLY C 216 -58.00 -13.99 7.85
CA GLY C 216 -56.75 -14.79 7.88
C GLY C 216 -55.76 -14.06 8.75
N HIS C 217 -54.46 -14.25 8.48
CA HIS C 217 -53.27 -13.67 9.16
C HIS C 217 -52.70 -14.68 10.15
N SER C 218 -53.60 -15.38 10.87
CA SER C 218 -53.33 -16.32 11.99
C SER C 218 -53.06 -17.76 11.52
N ASN C 219 -53.36 -18.10 10.26
CA ASN C 219 -53.11 -19.43 9.69
C ASN C 219 -54.06 -20.46 10.33
N THR C 220 -54.88 -20.06 11.31
CA THR C 220 -55.87 -20.93 12.01
C THR C 220 -56.75 -21.67 11.02
N PHE C 221 -57.10 -22.91 11.39
CA PHE C 221 -57.88 -23.89 10.59
C PHE C 221 -59.19 -24.21 11.30
N LEU C 222 -60.33 -24.00 10.64
CA LEU C 222 -61.65 -24.41 11.18
C LEU C 222 -62.17 -25.58 10.35
N TYR C 223 -62.58 -26.66 11.02
CA TYR C 223 -63.27 -27.83 10.42
C TYR C 223 -64.46 -28.20 11.31
N THR C 224 -65.57 -28.58 10.66
CA THR C 224 -66.69 -29.32 11.26
C THR C 224 -66.50 -30.80 10.91
N GLY C 225 -66.18 -31.63 11.93
CA GLY C 225 -66.01 -33.08 11.80
C GLY C 225 -64.54 -33.45 11.88
N ASN C 226 -64.17 -34.48 11.11
CA ASN C 226 -62.81 -35.09 11.13
C ASN C 226 -61.92 -34.38 10.11
N PRO C 227 -60.82 -33.74 10.55
CA PRO C 227 -59.90 -33.07 9.64
C PRO C 227 -59.28 -34.08 8.68
N PRO C 228 -59.36 -33.83 7.35
CA PRO C 228 -58.86 -34.77 6.35
C PRO C 228 -57.34 -34.73 6.10
N SER C 229 -56.59 -34.06 6.98
CA SER C 229 -55.11 -34.14 7.02
C SER C 229 -54.60 -33.66 8.38
N LYS C 230 -53.27 -33.59 8.54
CA LYS C 230 -52.60 -33.32 9.84
C LYS C 230 -53.17 -32.04 10.48
N GLU C 231 -53.91 -31.24 9.71
CA GLU C 231 -54.39 -29.91 10.14
C GLU C 231 -55.31 -30.08 11.35
N VAL C 232 -54.86 -29.55 12.49
CA VAL C 232 -55.56 -29.52 13.81
C VAL C 232 -56.57 -28.39 13.78
N PRO C 233 -57.89 -28.65 13.81
CA PRO C 233 -58.86 -27.56 13.84
C PRO C 233 -58.86 -26.91 15.25
N ALA C 234 -59.43 -25.71 15.35
CA ALA C 234 -59.51 -24.92 16.59
C ALA C 234 -60.95 -24.37 16.76
N GLY C 235 -61.92 -25.01 16.09
CA GLY C 235 -63.33 -24.59 16.04
C GLY C 235 -64.04 -25.21 14.86
N LYS C 236 -65.37 -25.20 14.89
CA LYS C 236 -66.18 -25.71 13.76
C LYS C 236 -66.12 -24.68 12.62
N TYR C 237 -66.36 -25.12 11.38
CA TYR C 237 -66.47 -24.28 10.16
C TYR C 237 -67.89 -24.41 9.62
N PRO C 238 -68.67 -23.31 9.51
CA PRO C 238 -68.26 -22.00 10.02
C PRO C 238 -68.23 -21.97 11.54
N PHE C 239 -67.59 -20.94 12.10
CA PHE C 239 -67.58 -20.65 13.54
C PHE C 239 -68.64 -19.59 13.81
N ILE C 240 -69.75 -20.01 14.41
CA ILE C 240 -70.88 -19.12 14.78
C ILE C 240 -70.35 -18.23 15.92
N VAL C 241 -70.74 -16.95 15.91
CA VAL C 241 -70.23 -15.96 16.90
C VAL C 241 -71.39 -15.10 17.37
N THR C 242 -71.61 -15.15 18.68
CA THR C 242 -72.77 -14.54 19.38
C THR C 242 -72.59 -13.02 19.36
N SER C 243 -73.24 -12.34 18.42
CA SER C 243 -73.11 -10.86 18.25
C SER C 243 -73.82 -10.20 19.42
N ASP C 244 -73.60 -8.89 19.62
CA ASP C 244 -74.27 -8.08 20.67
C ASP C 244 -75.75 -7.87 20.28
N ASP C 245 -76.04 -7.61 19.00
CA ASP C 245 -77.43 -7.49 18.47
C ASP C 245 -78.10 -8.88 18.52
N GLY C 246 -77.31 -9.94 18.73
CA GLY C 246 -77.77 -11.33 18.90
C GLY C 246 -77.97 -12.05 17.57
N ARG C 247 -77.02 -11.92 16.64
CA ARG C 247 -77.06 -12.57 15.30
C ARG C 247 -76.00 -13.69 15.30
N LYS C 248 -76.06 -14.60 14.33
CA LYS C 248 -75.12 -15.75 14.16
C LYS C 248 -73.69 -15.25 13.91
N VAL C 249 -73.50 -14.55 12.79
CA VAL C 249 -72.20 -14.18 12.20
C VAL C 249 -71.31 -15.41 12.08
N PRO C 250 -71.30 -16.08 10.90
CA PRO C 250 -70.30 -17.11 10.62
C PRO C 250 -68.95 -16.49 10.23
N VAL C 251 -67.90 -16.86 10.97
CA VAL C 251 -66.51 -16.41 10.76
C VAL C 251 -65.69 -17.59 10.23
N VAL C 252 -64.96 -17.40 9.14
CA VAL C 252 -64.27 -18.50 8.39
C VAL C 252 -62.78 -18.15 8.19
N GLN C 253 -62.03 -19.07 7.57
CA GLN C 253 -60.56 -19.04 7.41
C GLN C 253 -60.08 -20.42 6.90
N ALA C 254 -59.47 -20.46 5.72
CA ALA C 254 -58.72 -21.63 5.21
C ALA C 254 -57.35 -21.65 5.90
N TYR C 255 -56.77 -22.83 6.05
CA TYR C 255 -55.45 -22.99 6.70
C TYR C 255 -54.50 -21.90 6.21
N ALA C 256 -54.04 -21.99 4.96
CA ALA C 256 -52.82 -21.33 4.45
C ALA C 256 -52.30 -22.08 3.24
N PHE C 257 -51.11 -21.68 2.78
CA PHE C 257 -50.27 -22.23 1.68
C PHE C 257 -51.08 -22.76 0.51
N GLY C 258 -52.31 -22.29 0.29
CA GLY C 258 -53.12 -22.70 -0.86
C GLY C 258 -53.27 -24.21 -0.88
N LYS C 259 -53.40 -24.77 0.34
CA LYS C 259 -53.66 -26.20 0.63
C LYS C 259 -55.17 -26.44 0.62
N TYR C 260 -55.90 -25.64 1.40
CA TYR C 260 -57.38 -25.74 1.55
C TYR C 260 -58.03 -24.54 0.87
N LEU C 261 -59.00 -24.80 -0.01
CA LEU C 261 -59.95 -23.79 -0.54
C LEU C 261 -61.18 -23.72 0.37
N GLY C 262 -61.49 -22.52 0.89
CA GLY C 262 -62.70 -22.28 1.71
C GLY C 262 -63.95 -22.48 0.88
N TYR C 263 -65.01 -23.06 1.47
CA TYR C 263 -66.29 -23.43 0.81
C TYR C 263 -67.44 -23.26 1.82
N LEU C 264 -68.31 -22.27 1.58
CA LEU C 264 -69.38 -21.87 2.53
C LEU C 264 -70.65 -21.47 1.76
N LYS C 265 -71.68 -22.31 1.84
CA LYS C 265 -73.05 -22.03 1.35
C LYS C 265 -73.76 -21.15 2.38
N ILE C 266 -74.09 -19.91 2.00
CA ILE C 266 -74.87 -18.91 2.79
C ILE C 266 -76.21 -18.68 2.09
N GLU C 267 -77.35 -18.90 2.75
CA GLU C 267 -78.69 -18.54 2.20
C GLU C 267 -79.18 -17.33 3.00
N PHE C 268 -79.53 -16.22 2.32
CA PHE C 268 -79.93 -14.94 2.96
C PHE C 268 -81.26 -15.17 3.68
N ASP C 269 -81.55 -14.43 4.74
CA ASP C 269 -82.82 -14.65 5.50
C ASP C 269 -83.87 -13.70 4.95
N GLU C 270 -85.12 -13.89 5.37
CA GLU C 270 -86.26 -12.97 5.13
C GLU C 270 -86.05 -11.67 5.92
N ARG C 271 -85.61 -11.82 7.19
CA ARG C 271 -85.79 -10.79 8.26
C ARG C 271 -84.46 -10.47 8.95
N GLY C 272 -83.69 -11.49 9.30
CA GLY C 272 -82.45 -11.38 10.10
C GLY C 272 -81.25 -11.99 9.40
N ASN C 273 -80.46 -11.16 8.72
CA ASN C 273 -79.10 -11.44 8.13
C ASN C 273 -79.11 -12.67 7.21
N VAL C 274 -78.92 -13.86 7.78
CA VAL C 274 -78.59 -15.11 7.03
C VAL C 274 -78.93 -16.32 7.90
N ILE C 275 -79.72 -17.24 7.33
CA ILE C 275 -80.12 -18.49 8.03
C ILE C 275 -78.98 -19.52 7.90
N SER C 276 -78.71 -19.95 6.66
CA SER C 276 -77.77 -21.09 6.44
C SER C 276 -76.35 -20.59 6.70
N SER C 277 -75.57 -21.48 7.32
CA SER C 277 -74.12 -21.37 7.53
C SER C 277 -73.65 -22.81 7.68
N HIS C 278 -73.45 -23.47 6.55
CA HIS C 278 -72.99 -24.86 6.48
C HIS C 278 -71.95 -24.95 5.36
N GLY C 279 -71.03 -25.91 5.49
CA GLY C 279 -69.91 -26.16 4.56
C GLY C 279 -68.64 -26.52 5.31
N ASN C 280 -67.61 -26.95 4.60
CA ASN C 280 -66.29 -27.37 5.16
C ASN C 280 -65.21 -27.04 4.15
N PRO C 281 -64.02 -26.58 4.60
CA PRO C 281 -62.95 -26.18 3.68
C PRO C 281 -62.43 -27.35 2.84
N ILE C 282 -62.65 -27.25 1.51
CA ILE C 282 -62.24 -28.29 0.53
C ILE C 282 -60.70 -28.37 0.52
N LEU C 283 -60.14 -29.49 0.98
CA LEU C 283 -58.71 -29.84 0.85
C LEU C 283 -58.43 -30.24 -0.61
N LEU C 284 -57.27 -29.88 -1.14
CA LEU C 284 -56.89 -30.12 -2.55
C LEU C 284 -55.92 -31.31 -2.63
N ASN C 285 -56.43 -32.52 -2.37
CA ASN C 285 -55.77 -33.82 -2.66
C ASN C 285 -55.19 -33.83 -4.08
N SER C 286 -54.34 -34.82 -4.40
CA SER C 286 -53.82 -35.11 -5.77
C SER C 286 -54.92 -35.62 -6.71
N SER C 287 -56.10 -35.93 -6.16
CA SER C 287 -57.28 -36.50 -6.82
C SER C 287 -57.94 -35.45 -7.71
N ILE C 288 -57.66 -34.16 -7.47
CA ILE C 288 -58.07 -33.05 -8.37
C ILE C 288 -57.01 -32.92 -9.45
N PRO C 289 -57.36 -33.13 -10.73
CA PRO C 289 -56.38 -32.96 -11.81
C PRO C 289 -56.01 -31.48 -11.94
N GLU C 290 -54.74 -31.17 -12.22
CA GLU C 290 -54.32 -29.77 -12.52
C GLU C 290 -54.67 -29.47 -13.98
N ASP C 291 -55.39 -28.37 -14.20
CA ASP C 291 -55.88 -27.92 -15.53
C ASP C 291 -54.67 -27.66 -16.45
N PRO C 292 -54.70 -28.10 -17.73
CA PRO C 292 -53.56 -27.96 -18.63
C PRO C 292 -53.22 -26.50 -19.04
N SER C 293 -54.24 -25.75 -19.48
CA SER C 293 -54.07 -24.42 -20.11
C SER C 293 -53.37 -23.44 -19.14
N ILE C 294 -53.51 -23.62 -17.82
CA ILE C 294 -52.80 -22.77 -16.81
C ILE C 294 -51.44 -23.39 -16.50
N LYS C 295 -51.37 -24.72 -16.35
CA LYS C 295 -50.08 -25.41 -16.10
C LYS C 295 -49.09 -25.09 -17.23
N ALA C 296 -49.60 -24.87 -18.44
CA ALA C 296 -48.82 -24.32 -19.58
C ALA C 296 -48.29 -22.95 -19.17
N ASP C 297 -49.18 -21.95 -18.95
CA ASP C 297 -48.81 -20.54 -18.64
C ASP C 297 -47.88 -20.53 -17.42
N ILE C 298 -47.93 -21.55 -16.54
CA ILE C 298 -46.95 -21.70 -15.41
C ILE C 298 -45.54 -21.95 -15.99
N ASN C 299 -45.41 -22.95 -16.87
CA ASN C 299 -44.10 -23.40 -17.41
C ASN C 299 -43.51 -22.37 -18.39
N LYS C 300 -44.36 -21.54 -19.03
CA LYS C 300 -43.97 -20.35 -19.84
C LYS C 300 -43.15 -19.43 -18.93
N TRP C 301 -43.59 -19.21 -17.68
CA TRP C 301 -42.98 -18.29 -16.69
C TRP C 301 -41.86 -19.02 -15.95
N ARG C 302 -41.93 -20.35 -15.87
CA ARG C 302 -40.88 -21.20 -15.26
C ARG C 302 -39.52 -20.76 -15.83
N ILE C 303 -39.48 -20.35 -17.08
CA ILE C 303 -38.21 -20.15 -17.86
C ILE C 303 -37.42 -18.98 -17.27
N LYS C 304 -38.11 -17.91 -16.87
CA LYS C 304 -37.49 -16.66 -16.35
C LYS C 304 -36.94 -16.94 -14.93
N LEU C 305 -37.43 -17.99 -14.27
CA LEU C 305 -36.88 -18.45 -12.96
C LEU C 305 -35.53 -19.11 -13.22
N ASP C 306 -35.49 -20.12 -14.07
CA ASP C 306 -34.24 -20.82 -14.48
C ASP C 306 -33.15 -19.78 -14.79
N ASN C 307 -33.51 -18.74 -15.53
CA ASN C 307 -32.58 -17.64 -15.90
C ASN C 307 -31.96 -17.03 -14.64
N TYR C 308 -32.74 -16.84 -13.56
CA TYR C 308 -32.32 -16.17 -12.29
C TYR C 308 -31.42 -17.10 -11.45
N SER C 309 -31.42 -18.40 -11.73
CA SER C 309 -30.69 -19.41 -10.91
C SER C 309 -29.17 -19.20 -11.04
N THR C 310 -28.73 -18.71 -12.20
CA THR C 310 -27.30 -18.60 -12.58
C THR C 310 -26.85 -17.14 -12.47
N GLN C 311 -27.78 -16.24 -12.17
CA GLN C 311 -27.52 -14.79 -12.07
C GLN C 311 -26.84 -14.58 -10.72
N GLU C 312 -25.91 -13.62 -10.66
CA GLU C 312 -25.14 -13.27 -9.42
C GLU C 312 -26.10 -12.68 -8.41
N LEU C 313 -26.17 -13.25 -7.19
CA LEU C 313 -27.03 -12.78 -6.07
C LEU C 313 -26.25 -11.74 -5.26
N GLY C 314 -25.07 -12.13 -4.80
CA GLY C 314 -24.13 -11.29 -4.03
C GLY C 314 -22.77 -11.92 -4.06
N LYS C 315 -21.85 -11.40 -3.26
CA LYS C 315 -20.46 -11.88 -3.30
C LYS C 315 -20.01 -12.22 -1.88
N THR C 316 -19.21 -13.29 -1.74
CA THR C 316 -18.46 -13.65 -0.52
C THR C 316 -17.05 -13.09 -0.62
N ILE C 317 -16.40 -12.82 0.52
CA ILE C 317 -14.95 -12.53 0.61
C ILE C 317 -14.28 -13.62 1.45
N VAL C 318 -14.97 -14.74 1.67
CA VAL C 318 -14.48 -15.83 2.55
C VAL C 318 -14.97 -17.16 2.00
N TYR C 319 -14.23 -18.21 2.30
CA TYR C 319 -14.65 -19.60 2.06
C TYR C 319 -15.84 -19.86 2.98
N LEU C 320 -16.94 -20.39 2.43
CA LEU C 320 -18.10 -20.91 3.19
C LEU C 320 -17.89 -22.41 3.38
N ASP C 321 -17.27 -22.76 4.53
CA ASP C 321 -16.96 -24.15 4.93
C ASP C 321 -18.27 -24.87 5.21
N GLY C 322 -18.63 -25.80 4.31
CA GLY C 322 -19.88 -26.58 4.34
C GLY C 322 -19.62 -28.07 4.20
N SER C 323 -18.36 -28.49 4.29
CA SER C 323 -17.96 -29.92 4.19
C SER C 323 -18.49 -30.65 5.42
N SER C 324 -18.83 -31.92 5.25
CA SER C 324 -19.30 -32.81 6.34
C SER C 324 -18.33 -32.71 7.53
N GLN C 325 -17.02 -32.85 7.30
CA GLN C 325 -16.01 -32.98 8.39
C GLN C 325 -15.83 -31.65 9.13
N SER C 326 -16.60 -30.63 8.78
CA SER C 326 -16.56 -29.29 9.44
C SER C 326 -17.85 -29.03 10.21
N CYS C 327 -18.99 -29.02 9.50
CA CYS C 327 -20.31 -28.58 10.05
C CYS C 327 -20.89 -29.67 10.95
N ARG C 328 -20.42 -30.92 10.83
CA ARG C 328 -20.91 -32.10 11.62
C ARG C 328 -20.07 -32.26 12.90
N PHE C 329 -19.02 -31.47 13.11
CA PHE C 329 -18.05 -31.65 14.23
C PHE C 329 -17.89 -30.41 15.11
N ARG C 330 -17.63 -29.25 14.50
CA ARG C 330 -17.44 -27.97 15.20
C ARG C 330 -18.36 -26.90 14.59
N GLU C 331 -18.27 -25.68 15.12
CA GLU C 331 -18.96 -24.46 14.62
C GLU C 331 -18.37 -24.02 13.26
N CYS C 332 -19.08 -24.21 12.14
CA CYS C 332 -18.65 -23.81 10.76
C CYS C 332 -19.37 -22.54 10.33
N ASN C 333 -18.70 -21.71 9.56
CA ASN C 333 -19.16 -20.33 9.23
C ASN C 333 -20.42 -20.41 8.38
N MET C 334 -20.54 -21.43 7.52
CA MET C 334 -21.76 -21.65 6.67
C MET C 334 -23.00 -21.64 7.59
N GLY C 335 -22.99 -22.50 8.62
CA GLY C 335 -24.09 -22.58 9.60
C GLY C 335 -24.41 -21.21 10.14
N ASN C 336 -23.40 -20.59 10.76
CA ASN C 336 -23.47 -19.22 11.32
C ASN C 336 -24.15 -18.31 10.28
N LEU C 337 -23.78 -18.45 9.00
CA LEU C 337 -24.37 -17.65 7.89
C LEU C 337 -25.86 -17.94 7.84
N ILE C 338 -26.20 -19.18 7.54
CA ILE C 338 -27.60 -19.62 7.33
C ILE C 338 -28.43 -19.13 8.52
N CYS C 339 -28.14 -19.62 9.73
CA CYS C 339 -28.88 -19.23 10.96
C CYS C 339 -29.14 -17.71 10.95
N ASP C 340 -28.13 -16.92 10.64
CA ASP C 340 -28.25 -15.44 10.65
C ASP C 340 -29.28 -15.01 9.59
N ALA C 341 -29.21 -15.59 8.39
CA ALA C 341 -30.18 -15.35 7.29
C ALA C 341 -31.59 -15.76 7.73
N MET C 342 -31.71 -16.87 8.46
CA MET C 342 -33.00 -17.41 8.93
C MET C 342 -33.66 -16.39 9.86
N ILE C 343 -32.90 -15.89 10.84
CA ILE C 343 -33.36 -14.93 11.87
C ILE C 343 -33.67 -13.60 11.20
N ASN C 344 -32.66 -13.01 10.55
CA ASN C 344 -32.79 -11.71 9.82
C ASN C 344 -34.03 -11.75 8.90
N ASN C 345 -34.16 -12.78 8.05
CA ASN C 345 -35.30 -12.88 7.09
C ASN C 345 -36.61 -12.78 7.88
N ASN C 346 -36.62 -13.32 9.10
CA ASN C 346 -37.83 -13.44 9.97
C ASN C 346 -38.23 -12.08 10.57
N LEU C 347 -37.26 -11.20 10.86
CA LEU C 347 -37.53 -9.95 11.60
C LEU C 347 -37.93 -8.85 10.63
N ARG C 348 -37.75 -9.02 9.32
CA ARG C 348 -38.39 -8.13 8.32
C ARG C 348 -39.82 -8.63 8.11
N HIS C 349 -39.94 -9.83 7.55
CA HIS C 349 -41.24 -10.45 7.18
C HIS C 349 -41.69 -11.36 8.32
N ALA C 350 -42.04 -10.82 9.49
CA ALA C 350 -42.61 -11.62 10.61
C ALA C 350 -44.08 -11.95 10.31
N ASP C 351 -44.52 -13.20 10.55
CA ASP C 351 -45.87 -13.68 10.13
C ASP C 351 -46.93 -13.09 11.06
N GLU C 352 -46.70 -13.21 12.39
CA GLU C 352 -47.48 -12.50 13.45
C GLU C 352 -46.51 -11.84 14.43
N MET C 353 -47.07 -10.96 15.28
CA MET C 353 -46.33 -10.16 16.27
C MET C 353 -45.67 -11.10 17.29
N PHE C 354 -46.11 -12.35 17.37
CA PHE C 354 -45.55 -13.34 18.35
C PHE C 354 -44.10 -13.69 18.00
N TRP C 355 -43.67 -13.47 16.76
CA TRP C 355 -42.33 -13.89 16.28
C TRP C 355 -41.43 -12.71 15.90
N ASN C 356 -41.80 -11.47 16.21
CA ASN C 356 -41.12 -10.28 15.65
C ASN C 356 -39.81 -10.03 16.40
N HIS C 357 -39.53 -10.77 17.49
CA HIS C 357 -38.35 -10.56 18.37
C HIS C 357 -37.46 -11.82 18.39
N VAL C 358 -37.75 -12.82 17.55
CA VAL C 358 -37.05 -14.14 17.48
C VAL C 358 -35.57 -13.96 17.14
N SER C 359 -34.69 -14.32 18.07
CA SER C 359 -33.22 -14.12 17.97
C SER C 359 -32.47 -15.44 18.11
N MET C 360 -33.18 -16.57 18.15
CA MET C 360 -32.57 -17.91 18.34
C MET C 360 -32.82 -18.78 17.12
N CYS C 361 -31.80 -19.53 16.71
CA CYS C 361 -31.82 -20.45 15.57
C CYS C 361 -31.00 -21.69 15.89
N ILE C 362 -31.38 -22.86 15.36
CA ILE C 362 -30.54 -24.09 15.32
C ILE C 362 -30.70 -24.79 13.97
N LEU C 363 -29.66 -25.52 13.56
CA LEU C 363 -29.51 -26.14 12.23
C LEU C 363 -28.58 -27.35 12.34
N ASN C 364 -29.06 -28.52 11.93
CA ASN C 364 -28.30 -29.79 11.91
C ASN C 364 -27.25 -29.68 10.79
N GLY C 365 -26.05 -30.25 10.99
CA GLY C 365 -25.02 -30.41 9.95
C GLY C 365 -25.56 -31.18 8.76
N GLY C 366 -26.48 -32.11 9.01
CA GLY C 366 -27.04 -33.03 8.00
C GLY C 366 -28.06 -32.35 7.11
N GLY C 367 -28.05 -31.02 7.12
CA GLY C 367 -28.75 -30.15 6.14
C GLY C 367 -27.76 -29.32 5.35
N ILE C 368 -26.47 -29.36 5.71
CA ILE C 368 -25.38 -28.59 5.07
C ILE C 368 -24.52 -29.58 4.27
N ARG C 369 -24.77 -29.66 2.97
CA ARG C 369 -24.31 -30.77 2.11
C ARG C 369 -23.34 -30.26 1.03
N SER C 370 -22.74 -29.07 1.22
CA SER C 370 -21.71 -28.51 0.30
C SER C 370 -21.11 -27.22 0.84
N PRO C 371 -19.81 -26.96 0.57
CA PRO C 371 -19.23 -25.64 0.76
C PRO C 371 -19.39 -24.79 -0.49
N ILE C 372 -19.00 -23.52 -0.41
CA ILE C 372 -19.07 -22.55 -1.55
C ILE C 372 -17.73 -21.82 -1.65
N ASP C 373 -17.08 -21.88 -2.82
CA ASP C 373 -15.70 -21.42 -3.10
C ASP C 373 -15.75 -19.96 -3.56
N GLU C 374 -14.75 -19.16 -3.21
CA GLU C 374 -14.71 -17.72 -3.58
C GLU C 374 -13.80 -17.49 -4.79
N ARG C 375 -13.49 -18.52 -5.58
CA ARG C 375 -12.91 -18.38 -6.94
C ARG C 375 -13.79 -17.43 -7.79
N ASN C 376 -13.25 -16.93 -8.92
CA ASN C 376 -13.90 -15.96 -9.84
C ASN C 376 -14.48 -14.80 -9.05
N ASN C 377 -13.61 -14.07 -8.36
CA ASN C 377 -13.86 -12.74 -7.75
C ASN C 377 -15.08 -12.87 -6.80
N GLY C 378 -15.41 -14.09 -6.38
CA GLY C 378 -16.25 -14.33 -5.18
C GLY C 378 -17.72 -14.48 -5.49
N THR C 379 -18.02 -15.05 -6.66
CA THR C 379 -19.35 -15.29 -7.28
C THR C 379 -20.27 -16.13 -6.36
N ILE C 380 -21.56 -15.76 -6.21
CA ILE C 380 -22.56 -16.62 -5.51
C ILE C 380 -23.89 -16.57 -6.26
N THR C 381 -24.28 -17.67 -6.91
CA THR C 381 -25.61 -17.82 -7.56
C THR C 381 -26.51 -18.72 -6.72
N TRP C 382 -27.79 -18.76 -7.07
CA TRP C 382 -28.82 -19.63 -6.47
C TRP C 382 -28.35 -21.08 -6.50
N GLU C 383 -27.96 -21.55 -7.68
CA GLU C 383 -27.55 -22.96 -7.91
C GLU C 383 -26.50 -23.34 -6.85
N ASN C 384 -25.62 -22.41 -6.49
CA ASN C 384 -24.59 -22.62 -5.45
C ASN C 384 -25.27 -23.12 -4.19
N LEU C 385 -26.35 -22.45 -3.79
CA LEU C 385 -27.06 -22.69 -2.50
C LEU C 385 -27.78 -24.05 -2.58
N ALA C 386 -28.36 -24.36 -3.73
CA ALA C 386 -29.09 -25.62 -3.99
C ALA C 386 -28.20 -26.82 -3.66
N ALA C 387 -26.89 -26.68 -3.87
CA ALA C 387 -25.88 -27.69 -3.53
C ALA C 387 -25.75 -27.79 -2.01
N VAL C 388 -25.86 -26.66 -1.31
CA VAL C 388 -25.75 -26.58 0.17
C VAL C 388 -27.03 -27.14 0.80
N LEU C 389 -28.19 -26.75 0.27
CA LEU C 389 -29.51 -27.01 0.89
C LEU C 389 -30.44 -27.72 -0.10
N PRO C 390 -30.07 -28.92 -0.58
CA PRO C 390 -30.76 -29.57 -1.69
C PRO C 390 -32.09 -30.21 -1.30
N PHE C 391 -32.38 -30.29 0.00
CA PHE C 391 -33.61 -30.92 0.54
C PHE C 391 -34.85 -30.07 0.26
N GLY C 392 -34.70 -28.81 -0.14
CA GLY C 392 -35.83 -27.90 -0.43
C GLY C 392 -36.86 -27.94 0.69
N GLY C 393 -36.38 -27.81 1.93
CA GLY C 393 -37.21 -27.68 3.14
C GLY C 393 -37.67 -26.25 3.34
N THR C 394 -38.05 -25.93 4.58
CA THR C 394 -38.48 -24.58 5.01
C THR C 394 -37.74 -24.27 6.30
N PHE C 395 -37.83 -23.03 6.74
CA PHE C 395 -37.41 -22.60 8.10
C PHE C 395 -38.67 -22.27 8.86
N ASP C 396 -38.97 -23.08 9.87
CA ASP C 396 -40.22 -23.01 10.68
C ASP C 396 -39.89 -22.37 12.04
N LEU C 397 -40.94 -21.85 12.69
CA LEU C 397 -40.89 -21.19 14.01
C LEU C 397 -41.53 -22.11 15.04
N VAL C 398 -40.81 -22.38 16.11
CA VAL C 398 -41.32 -23.24 17.22
C VAL C 398 -41.05 -22.54 18.55
N GLN C 399 -42.05 -22.59 19.44
CA GLN C 399 -41.98 -22.14 20.85
C GLN C 399 -41.64 -23.34 21.71
N LEU C 400 -40.63 -23.24 22.57
CA LEU C 400 -40.09 -24.44 23.26
C LEU C 400 -39.68 -24.15 24.69
N LYS C 401 -39.98 -25.08 25.58
CA LYS C 401 -39.50 -25.03 26.99
C LYS C 401 -37.98 -25.18 26.97
N GLY C 402 -37.29 -24.52 27.90
CA GLY C 402 -35.82 -24.66 28.06
C GLY C 402 -35.43 -26.09 28.32
N SER C 403 -36.19 -26.78 29.19
CA SER C 403 -36.02 -28.22 29.46
C SER C 403 -35.90 -28.95 28.13
N THR C 404 -36.86 -28.75 27.20
CA THR C 404 -36.90 -29.40 25.87
C THR C 404 -35.65 -29.02 25.07
N LEU C 405 -35.27 -27.75 25.12
CA LEU C 405 -34.12 -27.22 24.34
C LEU C 405 -32.83 -27.91 24.83
N LYS C 406 -32.56 -27.88 26.14
CA LYS C 406 -31.46 -28.65 26.78
C LYS C 406 -31.43 -30.08 26.23
N LYS C 407 -32.56 -30.81 26.26
CA LYS C 407 -32.65 -32.23 25.84
C LYS C 407 -32.04 -32.37 24.44
N ALA C 408 -32.54 -31.59 23.49
CA ALA C 408 -32.14 -31.61 22.06
C ALA C 408 -30.64 -31.35 21.91
N PHE C 409 -30.07 -30.43 22.72
CA PHE C 409 -28.64 -30.04 22.68
C PHE C 409 -27.76 -31.18 23.19
N GLU C 410 -28.29 -32.04 24.06
CA GLU C 410 -27.55 -33.22 24.54
C GLU C 410 -27.56 -34.28 23.45
N HIS C 411 -28.68 -34.37 22.72
CA HIS C 411 -28.84 -35.26 21.54
C HIS C 411 -28.01 -34.73 20.36
N SER C 412 -27.44 -33.52 20.48
CA SER C 412 -26.49 -32.94 19.50
C SER C 412 -25.14 -33.66 19.57
N VAL C 413 -24.79 -34.22 20.74
CA VAL C 413 -23.42 -34.73 21.01
C VAL C 413 -23.48 -36.07 21.77
N HIS C 414 -24.67 -36.64 21.99
CA HIS C 414 -24.81 -37.97 22.64
C HIS C 414 -23.90 -38.97 21.91
N ARG C 415 -23.79 -38.93 20.57
CA ARG C 415 -22.89 -39.83 19.79
C ARG C 415 -21.96 -38.98 18.93
N TYR C 416 -21.26 -38.02 19.54
CA TYR C 416 -20.19 -37.23 18.89
C TYR C 416 -18.98 -38.15 18.68
N GLY C 417 -18.24 -37.96 17.59
CA GLY C 417 -17.19 -38.88 17.14
C GLY C 417 -17.68 -39.80 16.02
N GLN C 418 -18.98 -39.96 15.89
CA GLN C 418 -19.60 -40.87 14.89
C GLN C 418 -19.74 -40.16 13.54
N SER C 419 -19.35 -38.88 13.45
CA SER C 419 -19.59 -37.96 12.31
C SER C 419 -21.05 -38.06 11.80
N THR C 420 -22.02 -37.99 12.71
CA THR C 420 -23.48 -38.06 12.42
C THR C 420 -24.00 -36.64 12.21
N GLY C 421 -25.12 -36.48 11.49
CA GLY C 421 -25.63 -35.18 11.03
C GLY C 421 -26.45 -34.41 12.04
N GLU C 422 -26.59 -34.86 13.29
CA GLU C 422 -27.47 -34.20 14.28
C GLU C 422 -26.73 -33.08 15.01
N PHE C 423 -25.45 -32.82 14.76
CA PHE C 423 -24.71 -31.71 15.42
C PHE C 423 -25.35 -30.39 15.02
N LEU C 424 -25.65 -29.54 15.99
CA LEU C 424 -26.36 -28.26 15.79
C LEU C 424 -25.35 -27.14 15.64
N GLN C 425 -25.40 -26.49 14.48
CA GLN C 425 -24.86 -25.13 14.20
C GLN C 425 -25.87 -24.11 14.71
N VAL C 426 -25.45 -23.26 15.66
CA VAL C 426 -26.42 -22.40 16.40
C VAL C 426 -26.29 -20.96 15.91
N GLY C 427 -27.33 -20.18 16.18
CA GLY C 427 -27.43 -18.71 16.08
C GLY C 427 -28.23 -18.16 17.26
N GLY C 428 -27.72 -17.07 17.85
CA GLY C 428 -28.30 -16.40 19.02
C GLY C 428 -28.16 -17.22 20.29
N ILE C 429 -27.17 -18.12 20.34
CA ILE C 429 -26.91 -19.03 21.50
C ILE C 429 -25.39 -19.17 21.68
N HIS C 430 -24.93 -19.20 22.93
CA HIS C 430 -23.58 -19.68 23.32
C HIS C 430 -23.70 -21.04 23.99
N VAL C 431 -23.03 -22.06 23.46
CA VAL C 431 -23.05 -23.42 24.05
C VAL C 431 -21.61 -23.87 24.29
N VAL C 432 -21.41 -24.73 25.28
CA VAL C 432 -20.10 -25.32 25.65
C VAL C 432 -20.33 -26.77 26.04
N TYR C 433 -19.61 -27.68 25.39
CA TYR C 433 -19.62 -29.13 25.74
C TYR C 433 -18.35 -29.47 26.53
N ASP C 434 -18.49 -30.44 27.43
CA ASP C 434 -17.38 -31.24 28.03
C ASP C 434 -17.65 -32.70 27.64
N LEU C 435 -16.80 -33.24 26.77
CA LEU C 435 -17.00 -34.53 26.09
C LEU C 435 -16.79 -35.69 27.10
N SER C 436 -16.01 -35.44 28.15
CA SER C 436 -15.59 -36.44 29.17
C SER C 436 -16.82 -36.99 29.89
N ARG C 437 -17.89 -36.21 29.99
CA ARG C 437 -19.06 -36.50 30.85
C ARG C 437 -19.99 -37.51 30.15
N LYS C 438 -21.06 -37.90 30.83
CA LYS C 438 -22.05 -38.91 30.36
C LYS C 438 -22.86 -38.30 29.23
N PRO C 439 -23.08 -39.03 28.11
CA PRO C 439 -23.98 -38.59 27.05
C PRO C 439 -25.36 -38.24 27.60
N GLY C 440 -25.75 -36.97 27.53
CA GLY C 440 -26.96 -36.48 28.21
C GLY C 440 -26.63 -35.81 29.53
N ASP C 441 -25.37 -35.49 29.77
CA ASP C 441 -24.93 -34.49 30.79
C ASP C 441 -23.58 -33.91 30.37
N ARG C 442 -23.54 -33.30 29.18
CA ARG C 442 -22.34 -32.77 28.48
C ARG C 442 -22.42 -31.26 28.29
N VAL C 443 -23.62 -30.69 28.24
CA VAL C 443 -23.79 -29.21 28.11
C VAL C 443 -23.50 -28.59 29.48
N VAL C 444 -22.32 -27.98 29.58
CA VAL C 444 -21.80 -27.40 30.86
C VAL C 444 -22.20 -25.92 30.95
N LYS C 445 -22.28 -25.20 29.83
CA LYS C 445 -22.80 -23.81 29.76
C LYS C 445 -23.71 -23.64 28.54
N LEU C 446 -24.87 -23.01 28.74
CA LEU C 446 -25.88 -22.72 27.69
C LEU C 446 -26.53 -21.38 28.02
N ASP C 447 -25.94 -20.32 27.49
CA ASP C 447 -26.46 -18.94 27.58
C ASP C 447 -27.20 -18.64 26.27
N VAL C 448 -28.36 -17.98 26.36
CA VAL C 448 -29.21 -17.65 25.19
C VAL C 448 -29.53 -16.16 25.26
N LEU C 449 -29.94 -15.59 24.13
CA LEU C 449 -30.44 -14.20 24.05
C LEU C 449 -31.92 -14.21 24.43
N CYS C 450 -32.30 -13.37 25.39
CA CYS C 450 -33.66 -13.26 25.97
C CYS C 450 -34.68 -12.59 25.06
N THR C 451 -34.28 -11.51 24.37
CA THR C 451 -35.14 -10.69 23.47
C THR C 451 -36.21 -9.95 24.25
N LYS C 452 -36.76 -10.59 25.27
CA LYS C 452 -37.78 -10.03 26.18
C LYS C 452 -37.12 -8.99 27.11
N CYS C 453 -36.10 -8.25 26.66
CA CYS C 453 -35.37 -7.22 27.47
C CYS C 453 -34.85 -6.06 26.61
N ARG C 454 -35.02 -4.81 27.07
CA ARG C 454 -34.51 -3.53 26.46
C ARG C 454 -33.13 -3.74 25.81
N VAL C 455 -32.13 -4.25 26.56
CA VAL C 455 -30.77 -4.58 26.05
C VAL C 455 -30.59 -6.09 26.01
N PRO C 456 -30.41 -6.70 24.81
CA PRO C 456 -30.23 -8.15 24.70
C PRO C 456 -28.82 -8.54 25.19
N SER C 457 -28.78 -9.49 26.11
CA SER C 457 -27.56 -9.90 26.82
C SER C 457 -27.47 -11.42 26.73
N TYR C 458 -26.38 -12.01 27.21
CA TYR C 458 -26.25 -13.47 27.41
C TYR C 458 -26.67 -13.82 28.84
N ASP C 459 -27.87 -14.37 29.00
CA ASP C 459 -28.38 -14.91 30.27
C ASP C 459 -28.41 -16.43 30.11
N PRO C 460 -28.06 -17.21 31.17
CA PRO C 460 -28.14 -18.67 31.08
C PRO C 460 -29.60 -19.09 30.85
N LEU C 461 -29.77 -20.18 30.12
CA LEU C 461 -31.08 -20.81 29.83
C LEU C 461 -31.65 -21.36 31.13
N LYS C 462 -32.91 -21.02 31.45
CA LYS C 462 -33.70 -21.59 32.57
C LYS C 462 -34.59 -22.70 32.01
N MET C 463 -34.72 -23.82 32.71
CA MET C 463 -35.34 -25.05 32.13
C MET C 463 -36.88 -24.94 32.18
N ASP C 464 -37.40 -23.98 32.95
CA ASP C 464 -38.85 -23.69 33.05
C ASP C 464 -39.27 -22.77 31.89
N GLU C 465 -38.45 -21.74 31.62
CA GLU C 465 -38.73 -20.63 30.67
C GLU C 465 -39.11 -21.18 29.29
N VAL C 466 -39.97 -20.44 28.60
CA VAL C 466 -40.43 -20.73 27.21
C VAL C 466 -39.58 -19.90 26.24
N TYR C 467 -39.20 -20.48 25.10
CA TYR C 467 -38.22 -19.87 24.18
C TYR C 467 -38.72 -20.00 22.73
N LYS C 468 -38.90 -18.86 22.03
CA LYS C 468 -39.37 -18.77 20.62
C LYS C 468 -38.14 -18.91 19.71
N VAL C 469 -38.05 -19.99 18.94
CA VAL C 469 -36.83 -20.33 18.13
C VAL C 469 -37.21 -20.75 16.71
N ILE C 470 -36.38 -20.36 15.73
CA ILE C 470 -36.50 -20.79 14.31
C ILE C 470 -35.53 -21.95 14.05
N LEU C 471 -35.93 -22.86 13.15
CA LEU C 471 -35.15 -24.06 12.81
C LEU C 471 -35.73 -24.67 11.54
N PRO C 472 -34.99 -25.59 10.86
CA PRO C 472 -35.48 -26.24 9.65
C PRO C 472 -36.67 -27.18 9.98
N ASN C 473 -37.52 -27.46 8.99
CA ASN C 473 -38.71 -28.35 9.14
C ASN C 473 -38.23 -29.80 9.37
N PHE C 474 -37.11 -30.18 8.75
CA PHE C 474 -36.41 -31.47 8.99
C PHE C 474 -36.34 -31.74 10.50
N LEU C 475 -36.12 -30.70 11.32
CA LEU C 475 -35.90 -30.81 12.79
C LEU C 475 -37.21 -30.61 13.57
N ALA C 476 -38.13 -29.78 13.10
CA ALA C 476 -39.47 -29.60 13.73
C ALA C 476 -40.26 -30.90 13.66
N ASN C 477 -39.86 -31.79 12.75
CA ASN C 477 -40.44 -33.14 12.52
C ASN C 477 -39.62 -34.23 13.20
N GLY C 478 -38.63 -33.84 14.02
CA GLY C 478 -37.80 -34.76 14.82
C GLY C 478 -36.74 -35.50 14.02
N GLY C 479 -36.06 -34.82 13.09
CA GLY C 479 -34.90 -35.29 12.28
C GLY C 479 -33.94 -36.28 12.93
N ASP C 480 -33.59 -37.32 12.15
CA ASP C 480 -33.04 -38.62 12.63
C ASP C 480 -33.47 -38.86 14.07
N GLY C 481 -32.58 -38.58 15.03
CA GLY C 481 -32.73 -39.08 16.42
C GLY C 481 -33.58 -38.17 17.29
N PHE C 482 -33.86 -36.94 16.85
CA PHE C 482 -34.67 -35.95 17.60
C PHE C 482 -36.18 -36.25 17.56
N GLN C 483 -36.79 -36.63 18.66
CA GLN C 483 -38.26 -36.80 18.78
C GLN C 483 -38.76 -35.72 19.76
N MET C 484 -37.85 -35.24 20.62
CA MET C 484 -38.15 -34.41 21.81
C MET C 484 -38.69 -33.05 21.35
N ILE C 485 -38.36 -32.62 20.14
CA ILE C 485 -38.93 -31.36 19.59
C ILE C 485 -40.35 -31.65 19.12
N LYS C 486 -40.51 -32.54 18.14
CA LYS C 486 -41.83 -32.81 17.52
C LYS C 486 -42.87 -33.02 18.63
N ASP C 487 -42.49 -33.58 19.77
CA ASP C 487 -43.43 -33.98 20.87
C ASP C 487 -43.71 -32.79 21.80
N GLU C 488 -42.65 -32.17 22.34
CA GLU C 488 -42.72 -31.26 23.52
C GLU C 488 -42.77 -29.78 23.08
N LEU C 489 -42.91 -29.55 21.77
CA LEU C 489 -43.09 -28.19 21.20
C LEU C 489 -44.47 -27.67 21.61
N LEU C 490 -44.59 -26.34 21.69
CA LEU C 490 -45.79 -25.63 22.18
C LEU C 490 -46.54 -25.03 20.99
N ARG C 491 -45.84 -24.39 20.06
CA ARG C 491 -46.42 -23.98 18.76
C ARG C 491 -45.45 -24.30 17.63
N HIS C 492 -45.99 -24.65 16.47
CA HIS C 492 -45.25 -24.91 15.20
C HIS C 492 -46.00 -24.28 14.04
N ASP C 493 -45.38 -23.29 13.39
CA ASP C 493 -45.86 -22.63 12.13
C ASP C 493 -44.82 -22.87 11.03
N SER C 494 -45.25 -23.39 9.88
CA SER C 494 -44.39 -23.56 8.68
C SER C 494 -44.04 -22.17 8.14
N GLY C 495 -42.77 -21.97 7.75
CA GLY C 495 -42.23 -20.67 7.30
C GLY C 495 -42.00 -20.64 5.79
N ASP C 496 -41.03 -19.85 5.34
CA ASP C 496 -40.73 -19.66 3.90
C ASP C 496 -39.78 -20.77 3.48
N GLN C 497 -39.52 -20.86 2.16
CA GLN C 497 -38.66 -21.90 1.51
C GLN C 497 -37.19 -21.63 1.82
N ASP C 498 -36.45 -22.68 2.20
CA ASP C 498 -35.09 -22.57 2.82
C ASP C 498 -34.16 -21.78 1.88
N ILE C 499 -34.00 -22.21 0.63
CA ILE C 499 -32.99 -21.63 -0.31
C ILE C 499 -33.40 -20.17 -0.55
N ASN C 500 -34.69 -19.94 -0.76
CA ASN C 500 -35.25 -18.58 -1.03
C ASN C 500 -34.81 -17.62 0.09
N VAL C 501 -34.69 -18.11 1.33
CA VAL C 501 -34.37 -17.28 2.53
C VAL C 501 -32.93 -16.81 2.46
N VAL C 502 -32.02 -17.69 2.09
CA VAL C 502 -30.60 -17.33 1.97
C VAL C 502 -30.46 -16.38 0.78
N SER C 503 -30.91 -16.79 -0.40
CA SER C 503 -30.78 -16.02 -1.67
C SER C 503 -31.22 -14.57 -1.46
N THR C 504 -32.24 -14.35 -0.63
CA THR C 504 -32.68 -12.98 -0.24
C THR C 504 -31.58 -12.38 0.64
N TYR C 505 -31.23 -13.03 1.77
CA TYR C 505 -30.24 -12.47 2.74
C TYR C 505 -29.02 -12.01 1.95
N ILE C 506 -28.54 -12.86 1.05
CA ILE C 506 -27.32 -12.59 0.26
C ILE C 506 -27.59 -11.37 -0.64
N SER C 507 -28.71 -11.36 -1.37
CA SER C 507 -29.08 -10.20 -2.24
C SER C 507 -29.08 -8.92 -1.40
N LYS C 508 -29.75 -8.92 -0.25
CA LYS C 508 -30.02 -7.71 0.58
C LYS C 508 -28.79 -7.40 1.43
N MET C 509 -27.94 -8.38 1.73
CA MET C 509 -26.66 -8.16 2.44
C MET C 509 -25.57 -7.68 1.46
N LYS C 510 -25.52 -8.20 0.21
CA LYS C 510 -24.65 -7.76 -0.95
C LYS C 510 -23.24 -8.37 -0.83
N VAL C 511 -22.74 -8.49 0.40
CA VAL C 511 -21.34 -8.84 0.77
C VAL C 511 -21.46 -9.68 2.04
N ILE C 512 -20.96 -10.91 2.01
CA ILE C 512 -21.04 -11.77 3.21
C ILE C 512 -19.62 -11.97 3.74
N TYR C 513 -19.49 -12.11 5.05
CA TYR C 513 -18.20 -12.20 5.78
C TYR C 513 -18.42 -13.13 6.98
N PRO C 514 -19.12 -14.27 6.75
CA PRO C 514 -19.47 -15.19 7.82
C PRO C 514 -18.22 -15.79 8.46
N ALA C 515 -17.97 -15.43 9.71
CA ALA C 515 -16.83 -15.88 10.53
C ALA C 515 -17.29 -16.93 11.55
N VAL C 516 -16.36 -17.76 12.02
CA VAL C 516 -16.51 -18.64 13.21
C VAL C 516 -16.05 -17.82 14.42
N GLU C 517 -16.94 -17.58 15.38
CA GLU C 517 -16.80 -16.50 16.39
C GLU C 517 -17.05 -17.05 17.81
N GLY C 518 -16.99 -18.37 17.99
CA GLY C 518 -17.00 -18.98 19.33
C GLY C 518 -18.39 -19.06 19.95
N ARG C 519 -19.39 -19.43 19.16
CA ARG C 519 -20.75 -19.78 19.64
C ARG C 519 -20.67 -21.14 20.38
N ILE C 520 -19.81 -22.02 19.89
CA ILE C 520 -19.64 -23.43 20.36
C ILE C 520 -18.18 -23.66 20.72
N LYS C 521 -17.91 -24.13 21.95
CA LYS C 521 -16.52 -24.36 22.49
C LYS C 521 -16.45 -25.72 23.23
N PHE C 522 -15.30 -26.10 23.81
CA PHE C 522 -15.06 -27.37 24.56
C PHE C 522 -14.25 -27.09 25.86
N SER C 523 -13.38 -27.99 26.34
CA SER C 523 -12.53 -27.75 27.54
C SER C 523 -11.63 -28.96 27.86
N TRP D 1 -25.08 32.67 58.34
CA TRP D 1 -25.37 33.30 57.02
C TRP D 1 -25.56 32.19 55.97
N GLU D 2 -26.80 31.71 55.81
CA GLU D 2 -27.15 30.54 54.98
C GLU D 2 -27.11 30.96 53.51
N LEU D 3 -26.54 30.11 52.66
CA LEU D 3 -26.20 30.43 51.24
C LEU D 3 -26.56 29.22 50.36
N THR D 4 -27.66 29.33 49.65
CA THR D 4 -28.17 28.31 48.71
C THR D 4 -27.33 28.41 47.43
N ILE D 5 -26.73 27.27 47.01
CA ILE D 5 -25.99 27.12 45.73
C ILE D 5 -26.75 26.16 44.80
N LEU D 6 -27.41 26.70 43.76
CA LEU D 6 -27.93 25.92 42.60
C LEU D 6 -26.80 25.71 41.60
N HIS D 7 -26.46 24.47 41.29
CA HIS D 7 -25.34 24.15 40.36
C HIS D 7 -25.82 23.11 39.34
N THR D 8 -25.28 23.21 38.12
CA THR D 8 -25.44 22.28 36.96
C THR D 8 -24.05 21.91 36.44
N ASN D 9 -23.94 20.93 35.54
CA ASN D 9 -22.68 20.61 34.81
C ASN D 9 -23.00 19.64 33.67
N ASP D 10 -22.05 19.43 32.78
CA ASP D 10 -22.15 18.49 31.64
C ASP D 10 -23.57 18.53 31.07
N VAL D 11 -24.13 19.70 30.82
CA VAL D 11 -25.53 19.83 30.28
C VAL D 11 -25.58 19.31 28.83
N HIS D 12 -24.44 19.36 28.13
CA HIS D 12 -24.18 18.91 26.72
C HIS D 12 -25.30 19.38 25.82
N SER D 13 -25.57 20.69 25.81
CA SER D 13 -26.56 21.39 24.97
C SER D 13 -27.76 20.47 24.68
N ARG D 14 -28.38 19.90 25.72
CA ARG D 14 -29.69 19.21 25.65
C ARG D 14 -30.78 20.22 26.05
N LEU D 15 -31.07 21.18 25.18
CA LEU D 15 -31.78 22.42 25.57
C LEU D 15 -33.24 22.10 25.86
N GLU D 16 -33.86 21.35 24.95
CA GLU D 16 -35.23 20.82 25.09
C GLU D 16 -35.21 19.64 26.07
N GLN D 17 -36.29 19.49 26.86
CA GLN D 17 -36.57 18.36 27.79
C GLN D 17 -36.35 17.00 27.09
N THR D 18 -35.86 16.00 27.84
CA THR D 18 -35.48 14.67 27.32
C THR D 18 -36.30 13.60 28.03
N SER D 19 -35.99 12.33 27.76
CA SER D 19 -36.57 11.15 28.46
C SER D 19 -35.56 10.58 29.46
N GLU D 20 -36.02 9.64 30.30
CA GLU D 20 -35.30 8.94 31.40
C GLU D 20 -33.83 8.68 31.02
N ASP D 21 -33.60 8.16 29.81
CA ASP D 21 -32.31 7.62 29.34
C ASP D 21 -31.53 8.72 28.58
N SER D 22 -32.05 9.95 28.60
CA SER D 22 -31.36 11.19 28.17
CA SER D 22 -31.30 11.16 28.16
C SER D 22 -31.40 11.37 26.65
N SER D 23 -32.42 10.79 25.99
CA SER D 23 -32.65 10.80 24.51
C SER D 23 -33.67 11.88 24.15
N LYS D 24 -34.25 11.79 22.95
CA LYS D 24 -35.37 12.64 22.48
C LYS D 24 -36.61 12.36 23.33
N CYS D 25 -37.27 13.43 23.79
CA CYS D 25 -38.56 13.39 24.53
C CYS D 25 -39.63 12.74 23.65
N VAL D 26 -40.39 11.76 24.18
CA VAL D 26 -41.52 11.06 23.48
C VAL D 26 -42.84 11.45 24.18
N ASN D 27 -43.22 10.77 25.28
CA ASN D 27 -44.39 11.15 26.13
C ASN D 27 -44.06 12.42 26.93
N ALA D 28 -44.45 13.57 26.39
CA ALA D 28 -44.41 14.88 27.07
C ALA D 28 -44.69 14.71 28.58
N SER D 29 -45.74 13.95 28.92
CA SER D 29 -46.30 13.72 30.28
C SER D 29 -45.27 13.13 31.25
N ARG D 30 -44.28 12.38 30.76
CA ARG D 30 -43.29 11.66 31.61
C ARG D 30 -41.88 12.25 31.42
N CYS D 31 -41.74 13.29 30.59
CA CYS D 31 -40.41 13.83 30.19
C CYS D 31 -39.81 14.62 31.35
N MET D 32 -38.48 14.72 31.36
CA MET D 32 -37.70 15.42 32.41
C MET D 32 -36.73 16.37 31.70
N GLY D 33 -36.04 17.22 32.48
CA GLY D 33 -35.06 18.18 31.96
C GLY D 33 -35.70 19.37 31.29
N GLY D 34 -34.94 20.10 30.45
CA GLY D 34 -35.39 21.32 29.76
C GLY D 34 -34.87 22.56 30.48
N VAL D 35 -34.61 23.64 29.74
CA VAL D 35 -34.24 24.96 30.33
C VAL D 35 -35.52 25.71 30.65
N ALA D 36 -36.58 25.40 29.91
CA ALA D 36 -37.97 25.78 30.24
C ALA D 36 -38.28 25.32 31.66
N ARG D 37 -38.17 24.00 31.90
CA ARG D 37 -38.50 23.37 33.21
C ARG D 37 -37.59 23.95 34.29
N LEU D 38 -36.28 23.95 34.04
CA LEU D 38 -35.24 24.41 35.00
C LEU D 38 -35.57 25.82 35.50
N PHE D 39 -35.89 26.74 34.58
CA PHE D 39 -36.21 28.15 34.93
C PHE D 39 -37.26 28.17 36.04
N THR D 40 -38.38 27.47 35.82
CA THR D 40 -39.50 27.35 36.80
C THR D 40 -38.88 27.15 38.19
N LYS D 41 -38.16 26.05 38.39
CA LYS D 41 -37.75 25.56 39.72
C LYS D 41 -36.69 26.49 40.32
N VAL D 42 -35.88 27.14 39.50
CA VAL D 42 -34.87 28.13 39.97
C VAL D 42 -35.60 29.37 40.50
N GLN D 43 -36.60 29.86 39.78
CA GLN D 43 -37.41 31.05 40.17
C GLN D 43 -38.12 30.75 41.50
N GLN D 44 -38.65 29.55 41.64
CA GLN D 44 -39.31 29.08 42.90
C GLN D 44 -38.33 29.26 44.08
N ILE D 45 -37.08 28.83 43.90
CA ILE D 45 -36.03 28.82 44.97
C ILE D 45 -35.60 30.26 45.28
N ARG D 46 -35.32 31.07 44.26
CA ARG D 46 -34.93 32.49 44.42
C ARG D 46 -36.01 33.28 45.17
N ARG D 47 -37.28 32.94 44.95
CA ARG D 47 -38.45 33.57 45.61
C ARG D 47 -38.58 33.07 47.06
N ALA D 48 -37.82 32.04 47.46
CA ALA D 48 -37.84 31.41 48.81
C ALA D 48 -36.61 31.86 49.63
N GLU D 49 -35.40 31.58 49.15
CA GLU D 49 -34.15 31.91 49.89
C GLU D 49 -33.75 33.36 49.64
N PRO D 50 -33.01 34.00 50.56
CA PRO D 50 -32.50 35.36 50.34
C PRO D 50 -31.13 35.39 49.64
N ASN D 51 -30.35 34.31 49.78
CA ASN D 51 -28.96 34.15 49.27
C ASN D 51 -28.92 32.97 48.29
N VAL D 52 -29.07 33.20 46.97
CA VAL D 52 -29.07 32.15 45.90
C VAL D 52 -28.00 32.47 44.85
N LEU D 53 -27.29 31.45 44.38
CA LEU D 53 -26.25 31.50 43.32
C LEU D 53 -26.48 30.34 42.34
N LEU D 54 -26.48 30.61 41.03
CA LEU D 54 -26.73 29.60 39.97
C LEU D 54 -25.46 29.44 39.13
N LEU D 55 -24.72 28.34 39.32
CA LEU D 55 -23.38 28.12 38.68
C LEU D 55 -23.49 26.97 37.66
N ASP D 56 -22.59 26.94 36.67
CA ASP D 56 -22.33 25.78 35.78
C ASP D 56 -20.82 25.53 35.76
N ALA D 57 -20.41 24.29 35.47
CA ALA D 57 -19.02 23.79 35.47
C ALA D 57 -18.65 23.20 34.11
N GLY D 58 -19.28 23.68 33.02
CA GLY D 58 -18.87 23.42 31.62
C GLY D 58 -19.62 22.29 30.95
N ASP D 59 -18.92 21.53 30.08
CA ASP D 59 -19.43 20.56 29.07
C ASP D 59 -20.83 21.04 28.61
N GLN D 60 -21.10 22.35 28.49
CA GLN D 60 -22.40 22.93 28.04
C GLN D 60 -22.45 22.95 26.52
N TYR D 61 -21.32 22.66 25.86
CA TYR D 61 -21.09 23.14 24.47
C TYR D 61 -21.64 22.12 23.48
N GLN D 62 -21.14 20.88 23.54
CA GLN D 62 -21.37 19.90 22.47
C GLN D 62 -22.62 19.10 22.82
N GLY D 63 -23.32 18.55 21.81
CA GLY D 63 -24.13 17.35 22.05
C GLY D 63 -25.18 17.10 21.00
N THR D 64 -26.17 18.00 20.91
CA THR D 64 -27.40 17.86 20.09
C THR D 64 -27.18 18.58 18.75
N ILE D 65 -28.19 18.56 17.89
CA ILE D 65 -28.21 19.40 16.65
C ILE D 65 -28.20 20.87 17.07
N TRP D 66 -28.96 21.22 18.11
CA TRP D 66 -29.05 22.58 18.72
C TRP D 66 -27.71 23.30 18.60
N PHE D 67 -26.65 22.67 19.08
CA PHE D 67 -25.29 23.23 19.01
C PHE D 67 -24.78 23.11 17.57
N THR D 68 -24.88 21.92 16.96
CA THR D 68 -24.42 21.67 15.57
C THR D 68 -24.92 22.79 14.67
N VAL D 69 -26.04 23.43 15.03
CA VAL D 69 -26.71 24.52 14.24
C VAL D 69 -26.31 25.89 14.77
N TYR D 70 -26.53 26.19 16.04
CA TYR D 70 -26.37 27.56 16.62
C TYR D 70 -24.94 27.76 17.17
N LYS D 71 -24.21 26.68 17.40
CA LYS D 71 -22.73 26.64 17.63
C LYS D 71 -22.30 27.48 18.84
N GLY D 72 -23.17 27.63 19.84
CA GLY D 72 -22.83 28.26 21.13
C GLY D 72 -23.68 29.49 21.40
N ALA D 73 -24.32 30.05 20.36
CA ALA D 73 -25.16 31.25 20.50
C ALA D 73 -26.45 30.87 21.24
N GLU D 74 -26.94 29.64 21.04
CA GLU D 74 -28.15 29.14 21.74
C GLU D 74 -27.86 29.13 23.24
N VAL D 75 -26.65 28.72 23.60
CA VAL D 75 -26.16 28.63 25.01
C VAL D 75 -26.32 30.02 25.64
N ALA D 76 -25.51 30.99 25.22
CA ALA D 76 -25.48 32.36 25.76
C ALA D 76 -26.92 32.89 25.98
N HIS D 77 -27.68 33.09 24.90
CA HIS D 77 -28.99 33.79 24.90
C HIS D 77 -30.05 33.02 25.69
N PHE D 78 -29.74 31.84 26.26
CA PHE D 78 -30.62 31.08 27.18
C PHE D 78 -30.08 31.11 28.62
N MET D 79 -28.79 30.80 28.81
CA MET D 79 -28.12 30.93 30.13
C MET D 79 -28.38 32.35 30.67
N ASN D 80 -28.43 33.34 29.76
CA ASN D 80 -28.68 34.77 30.07
C ASN D 80 -30.14 34.96 30.45
N ALA D 81 -31.03 34.12 29.92
CA ALA D 81 -32.48 34.11 30.23
C ALA D 81 -32.75 33.40 31.56
N LEU D 82 -31.93 32.41 31.91
CA LEU D 82 -32.00 31.72 33.23
C LEU D 82 -31.37 32.61 34.30
N ARG D 83 -30.50 33.52 33.85
CA ARG D 83 -29.82 34.56 34.67
C ARG D 83 -28.80 33.87 35.59
N TYR D 84 -28.03 32.93 35.05
CA TYR D 84 -26.83 32.35 35.71
C TYR D 84 -25.95 33.46 36.26
N ASP D 85 -25.10 33.09 37.22
CA ASP D 85 -24.29 34.01 38.07
C ASP D 85 -22.81 33.84 37.73
N ALA D 86 -22.40 32.60 37.41
CA ALA D 86 -21.04 32.24 36.94
C ALA D 86 -21.08 30.91 36.20
N MET D 87 -19.97 30.59 35.52
CA MET D 87 -19.75 29.38 34.68
C MET D 87 -18.24 29.16 34.53
N ALA D 88 -17.86 27.90 34.39
CA ALA D 88 -16.47 27.47 34.11
C ALA D 88 -16.43 26.81 32.74
N LEU D 89 -15.24 26.54 32.21
CA LEU D 89 -15.02 26.04 30.82
C LEU D 89 -14.77 24.52 30.87
N GLY D 90 -15.03 23.79 29.77
CA GLY D 90 -15.20 22.33 29.74
C GLY D 90 -14.32 21.57 28.75
N ASN D 91 -14.23 20.25 28.94
CA ASN D 91 -13.61 19.29 28.00
C ASN D 91 -14.13 19.72 26.61
N HIS D 92 -15.46 19.87 26.45
CA HIS D 92 -16.18 19.96 25.13
C HIS D 92 -16.38 21.42 24.67
N GLU D 93 -15.86 22.44 25.39
CA GLU D 93 -16.12 23.86 25.03
C GLU D 93 -15.29 24.26 23.81
N PHE D 94 -14.17 23.57 23.60
CA PHE D 94 -13.20 23.87 22.52
C PHE D 94 -13.39 22.89 21.34
N ASP D 95 -14.56 22.25 21.25
CA ASP D 95 -14.86 21.28 20.16
C ASP D 95 -15.01 22.08 18.85
N ASN D 96 -15.39 23.35 18.94
CA ASN D 96 -15.46 24.26 17.77
C ASN D 96 -14.16 25.08 17.67
N GLY D 97 -13.10 24.67 18.35
CA GLY D 97 -11.85 25.45 18.41
C GLY D 97 -12.07 26.79 19.06
N VAL D 98 -11.00 27.56 19.24
CA VAL D 98 -11.01 28.84 20.02
C VAL D 98 -12.13 29.75 19.53
N GLU D 99 -12.16 30.09 18.24
CA GLU D 99 -13.07 31.14 17.71
C GLU D 99 -14.53 30.67 17.83
N GLY D 100 -14.74 29.34 17.82
CA GLY D 100 -16.08 28.72 17.92
C GLY D 100 -16.61 28.77 19.33
N LEU D 101 -15.71 29.16 20.26
CA LEU D 101 -15.90 29.35 21.72
C LEU D 101 -15.83 30.84 22.10
N ILE D 102 -14.85 31.57 21.56
CA ILE D 102 -14.59 33.01 21.85
C ILE D 102 -15.71 33.86 21.26
N GLU D 103 -16.18 33.53 20.06
CA GLU D 103 -17.18 34.34 19.33
C GLU D 103 -18.51 34.25 20.07
N PRO D 104 -19.24 33.10 20.06
CA PRO D 104 -20.61 33.11 20.58
C PRO D 104 -20.66 33.44 22.08
N LEU D 105 -19.81 32.78 22.87
CA LEU D 105 -20.02 32.45 24.32
C LEU D 105 -19.38 33.48 25.22
N LEU D 106 -18.59 34.42 24.67
CA LEU D 106 -17.95 35.53 25.45
C LEU D 106 -18.65 36.87 25.15
N LYS D 107 -19.30 36.99 24.00
CA LYS D 107 -19.83 38.29 23.53
C LYS D 107 -21.29 38.39 23.97
N GLU D 108 -22.13 37.40 23.62
CA GLU D 108 -23.57 37.46 24.02
C GLU D 108 -23.72 37.04 25.49
N ALA D 109 -22.68 36.52 26.16
CA ALA D 109 -22.73 36.09 27.57
C ALA D 109 -22.77 37.30 28.51
N LYS D 110 -23.73 37.33 29.45
CA LYS D 110 -24.04 38.49 30.32
C LYS D 110 -23.45 38.28 31.73
N PHE D 111 -22.62 37.25 31.91
CA PHE D 111 -22.15 36.78 33.24
C PHE D 111 -20.71 36.32 33.16
N PRO D 112 -19.95 36.41 34.26
CA PRO D 112 -18.53 36.15 34.21
C PRO D 112 -18.30 34.65 33.95
N ILE D 113 -17.26 34.35 33.16
CA ILE D 113 -16.83 32.96 32.81
C ILE D 113 -15.36 32.78 33.16
N LEU D 114 -15.11 31.78 34.02
CA LEU D 114 -13.85 31.65 34.75
C LEU D 114 -13.12 30.38 34.32
N SER D 115 -11.79 30.49 34.32
CA SER D 115 -10.80 29.39 34.47
C SER D 115 -9.44 30.01 34.75
N ALA D 116 -8.75 29.57 35.80
CA ALA D 116 -7.50 30.20 36.28
C ALA D 116 -6.28 29.49 35.69
N ASN D 117 -6.44 28.25 35.27
CA ASN D 117 -5.32 27.37 34.88
C ASN D 117 -5.07 27.46 33.38
N ILE D 118 -5.91 28.20 32.66
CA ILE D 118 -5.81 28.47 31.20
C ILE D 118 -5.06 29.79 30.98
N LYS D 119 -3.89 29.72 30.37
CA LYS D 119 -3.01 30.87 30.01
C LYS D 119 -2.85 30.88 28.48
N ALA D 120 -2.97 32.05 27.84
CA ALA D 120 -2.80 32.26 26.39
C ALA D 120 -1.44 32.89 26.14
N LYS D 121 -0.83 32.58 25.00
CA LYS D 121 0.46 33.17 24.58
C LYS D 121 0.26 33.86 23.23
N GLY D 122 1.27 34.64 22.85
CA GLY D 122 1.36 35.31 21.54
C GLY D 122 0.29 36.39 21.38
N PRO D 123 -0.30 36.51 20.17
CA PRO D 123 -1.21 37.59 19.85
C PRO D 123 -2.64 37.30 20.30
N LEU D 124 -3.05 36.03 20.33
CA LEU D 124 -4.41 35.66 20.80
C LEU D 124 -4.57 36.19 22.23
N ALA D 125 -3.49 36.08 23.00
CA ALA D 125 -3.39 36.55 24.41
C ALA D 125 -4.02 37.95 24.55
N SER D 126 -3.64 38.90 23.70
CA SER D 126 -4.13 40.30 23.74
C SER D 126 -5.62 40.35 23.36
N GLN D 127 -6.01 39.71 22.25
CA GLN D 127 -7.40 39.69 21.74
C GLN D 127 -8.34 39.22 22.85
N ILE D 128 -7.99 38.12 23.50
CA ILE D 128 -8.88 37.39 24.45
C ILE D 128 -8.83 38.03 25.84
N SER D 129 -7.75 38.76 26.18
CA SER D 129 -7.52 39.20 27.58
C SER D 129 -8.84 39.64 28.22
N GLY D 130 -9.11 39.06 29.39
CA GLY D 130 -10.22 39.49 30.26
C GLY D 130 -11.61 39.27 29.64
N LEU D 131 -11.81 38.28 28.75
CA LEU D 131 -13.16 37.65 28.50
C LEU D 131 -13.31 36.35 29.31
N TYR D 132 -12.16 35.75 29.67
CA TYR D 132 -12.00 34.56 30.55
C TYR D 132 -11.17 35.00 31.76
N LEU D 133 -11.73 34.93 32.96
CA LEU D 133 -11.08 35.45 34.21
C LEU D 133 -10.72 34.28 35.12
N PRO D 134 -9.68 34.41 35.97
CA PRO D 134 -9.27 33.33 36.86
C PRO D 134 -10.20 33.24 38.08
N TYR D 135 -10.56 34.38 38.71
CA TYR D 135 -11.54 34.43 39.82
C TYR D 135 -12.53 35.59 39.64
N LYS D 136 -13.57 35.60 40.46
CA LYS D 136 -14.70 36.57 40.44
C LYS D 136 -15.21 36.78 41.87
N VAL D 137 -15.50 38.04 42.18
CA VAL D 137 -16.02 38.49 43.50
C VAL D 137 -17.49 38.80 43.29
N LEU D 138 -18.40 37.89 43.66
CA LEU D 138 -19.87 38.04 43.46
C LEU D 138 -20.51 38.45 44.79
N PRO D 139 -21.05 39.69 44.92
CA PRO D 139 -21.81 40.05 46.11
C PRO D 139 -23.19 39.39 46.06
N VAL D 140 -23.57 38.74 47.17
CA VAL D 140 -24.90 38.14 47.41
C VAL D 140 -25.43 38.78 48.69
N GLY D 141 -26.74 38.98 48.80
CA GLY D 141 -27.35 39.46 50.05
C GLY D 141 -26.49 40.54 50.67
N ASP D 142 -26.17 40.42 51.97
CA ASP D 142 -25.45 41.47 52.77
C ASP D 142 -23.93 41.32 52.53
N GLU D 143 -23.51 40.14 52.08
CA GLU D 143 -22.09 39.73 52.12
C GLU D 143 -21.57 39.64 50.68
N VAL D 144 -20.32 39.22 50.54
CA VAL D 144 -19.50 39.16 49.30
C VAL D 144 -18.92 37.75 49.21
N VAL D 145 -18.87 37.14 48.03
CA VAL D 145 -18.54 35.69 47.82
C VAL D 145 -17.52 35.56 46.67
N GLY D 146 -16.36 34.94 46.93
CA GLY D 146 -15.36 34.65 45.89
C GLY D 146 -15.66 33.36 45.16
N ILE D 147 -15.53 33.33 43.83
CA ILE D 147 -15.62 32.10 42.98
C ILE D 147 -14.36 31.98 42.10
N VAL D 148 -13.64 30.85 42.19
CA VAL D 148 -12.43 30.58 41.37
C VAL D 148 -12.78 29.48 40.39
N GLY D 149 -12.22 29.56 39.19
CA GLY D 149 -12.47 28.63 38.08
C GLY D 149 -11.28 27.71 37.84
N TYR D 150 -11.53 26.57 37.21
CA TYR D 150 -10.47 25.68 36.70
C TYR D 150 -11.08 24.85 35.57
N THR D 151 -10.21 24.23 34.77
CA THR D 151 -10.57 23.42 33.58
C THR D 151 -9.53 22.33 33.42
N SER D 152 -9.92 21.16 32.94
CA SER D 152 -9.01 19.98 32.91
C SER D 152 -7.82 20.27 32.00
N LYS D 153 -6.61 20.00 32.47
CA LYS D 153 -5.39 20.10 31.65
C LYS D 153 -5.41 18.98 30.61
N GLU D 154 -6.33 18.01 30.73
CA GLU D 154 -6.55 16.97 29.71
C GLU D 154 -7.37 17.55 28.53
N THR D 155 -7.80 18.82 28.53
CA THR D 155 -8.70 19.44 27.49
C THR D 155 -8.08 19.28 26.10
N PRO D 156 -6.79 19.61 25.87
CA PRO D 156 -6.14 19.36 24.57
C PRO D 156 -6.17 17.94 24.04
N PHE D 157 -6.43 16.96 24.88
CA PHE D 157 -6.54 15.54 24.48
C PHE D 157 -8.00 15.19 24.14
N LEU D 158 -9.01 15.98 24.59
CA LEU D 158 -10.45 15.68 24.37
C LEU D 158 -11.13 16.76 23.53
N SER D 159 -10.35 17.69 22.95
CA SER D 159 -10.88 18.85 22.19
C SER D 159 -9.81 19.42 21.25
N ASN D 160 -10.09 20.60 20.66
CA ASN D 160 -9.27 21.25 19.60
CA ASN D 160 -9.22 21.25 19.64
C ASN D 160 -9.02 22.70 20.02
N PRO D 161 -8.20 22.95 21.06
CA PRO D 161 -8.07 24.28 21.65
C PRO D 161 -7.15 25.25 20.89
N GLY D 162 -6.66 24.86 19.71
CA GLY D 162 -5.59 25.61 19.03
C GLY D 162 -4.28 25.48 19.81
N THR D 163 -3.22 26.14 19.33
CA THR D 163 -1.84 25.96 19.84
C THR D 163 -1.44 27.16 20.71
N ASN D 164 -2.35 28.13 20.94
CA ASN D 164 -1.99 29.38 21.66
C ASN D 164 -2.42 29.30 23.13
N LEU D 165 -3.23 28.30 23.49
CA LEU D 165 -3.80 28.11 24.85
C LEU D 165 -3.01 27.03 25.58
N VAL D 166 -2.54 27.34 26.79
CA VAL D 166 -1.86 26.39 27.72
C VAL D 166 -2.85 26.04 28.83
N PHE D 167 -2.74 24.84 29.37
CA PHE D 167 -3.59 24.37 30.47
C PHE D 167 -2.68 23.94 31.62
N GLU D 168 -2.43 24.86 32.57
CA GLU D 168 -1.57 24.62 33.76
C GLU D 168 -2.26 23.64 34.72
N ASP D 169 -1.51 23.06 35.66
CA ASP D 169 -2.08 22.12 36.66
C ASP D 169 -3.03 22.92 37.56
N GLU D 170 -4.26 22.44 37.67
CA GLU D 170 -5.38 23.12 38.35
C GLU D 170 -4.86 23.65 39.70
N ILE D 171 -4.43 22.73 40.56
CA ILE D 171 -3.99 23.04 41.95
C ILE D 171 -2.95 24.16 41.89
N THR D 172 -1.88 24.00 41.12
CA THR D 172 -0.76 24.97 40.98
C THR D 172 -1.32 26.39 40.82
N ALA D 173 -2.28 26.54 39.90
CA ALA D 173 -2.74 27.86 39.40
C ALA D 173 -3.79 28.44 40.34
N LEU D 174 -4.53 27.59 41.04
CA LEU D 174 -5.61 28.02 41.97
C LEU D 174 -5.00 28.66 43.22
N GLN D 175 -4.03 27.97 43.83
CA GLN D 175 -3.47 28.29 45.17
C GLN D 175 -3.10 29.77 45.22
N PRO D 176 -2.19 30.26 44.34
CA PRO D 176 -1.72 31.65 44.43
C PRO D 176 -2.86 32.67 44.28
N GLU D 177 -3.93 32.29 43.56
CA GLU D 177 -5.12 33.16 43.27
C GLU D 177 -6.12 33.13 44.43
N VAL D 178 -6.32 31.97 45.06
CA VAL D 178 -7.19 31.86 46.26
C VAL D 178 -6.61 32.73 47.38
N ASP D 179 -5.28 32.75 47.50
CA ASP D 179 -4.54 33.55 48.51
C ASP D 179 -4.92 35.02 48.35
N LYS D 180 -4.96 35.52 47.11
CA LYS D 180 -5.29 36.93 46.79
C LYS D 180 -6.70 37.26 47.29
N LEU D 181 -7.64 36.31 47.24
CA LEU D 181 -9.02 36.54 47.74
C LEU D 181 -8.95 36.91 49.23
N LYS D 182 -8.26 36.10 50.03
CA LYS D 182 -8.06 36.39 51.47
C LYS D 182 -7.29 37.73 51.60
N THR D 183 -6.37 38.05 50.66
CA THR D 183 -5.64 39.36 50.59
C THR D 183 -6.64 40.51 50.46
N LEU D 184 -7.83 40.23 49.94
CA LEU D 184 -8.88 41.25 49.68
C LEU D 184 -10.14 40.94 50.51
N ASN D 185 -9.99 40.58 51.79
CA ASN D 185 -11.14 40.37 52.71
C ASN D 185 -12.25 39.58 51.98
N VAL D 186 -11.91 38.42 51.39
CA VAL D 186 -12.89 37.39 50.94
C VAL D 186 -12.58 36.11 51.72
N ASN D 187 -13.50 35.76 52.62
CA ASN D 187 -13.41 34.66 53.62
C ASN D 187 -14.03 33.38 53.03
N LYS D 188 -15.08 33.59 52.22
CA LYS D 188 -15.97 32.61 51.56
C LYS D 188 -15.54 32.48 50.11
N ILE D 189 -14.87 31.36 49.78
CA ILE D 189 -14.21 31.09 48.47
C ILE D 189 -14.78 29.78 47.92
N ILE D 190 -15.53 29.85 46.82
CA ILE D 190 -16.08 28.64 46.13
C ILE D 190 -15.14 28.30 44.96
N ALA D 191 -14.74 27.04 44.81
CA ALA D 191 -14.05 26.52 43.61
C ALA D 191 -15.11 25.94 42.68
N LEU D 192 -14.97 26.20 41.37
CA LEU D 192 -15.94 25.84 40.31
C LEU D 192 -15.17 25.47 39.03
N GLY D 193 -15.36 24.26 38.49
CA GLY D 193 -14.55 23.79 37.35
C GLY D 193 -14.75 22.34 36.92
N HIS D 194 -14.15 22.05 35.76
CA HIS D 194 -14.37 20.82 34.95
C HIS D 194 -13.05 20.08 34.81
N SER D 195 -12.69 19.30 35.83
CA SER D 195 -11.49 18.43 35.77
C SER D 195 -11.83 16.98 36.12
N GLY D 196 -13.03 16.72 36.68
CA GLY D 196 -13.50 15.38 37.03
C GLY D 196 -13.55 15.17 38.52
N PHE D 197 -14.58 14.48 39.02
CA PHE D 197 -14.83 14.24 40.46
C PHE D 197 -13.51 13.97 41.17
N GLU D 198 -12.60 13.26 40.51
CA GLU D 198 -11.33 12.82 41.14
C GLU D 198 -10.50 14.04 41.54
N MET D 199 -10.20 14.93 40.59
CA MET D 199 -9.38 16.15 40.83
C MET D 199 -10.11 17.10 41.79
N ASP D 200 -11.43 17.20 41.69
CA ASP D 200 -12.29 18.06 42.56
C ASP D 200 -11.90 17.81 44.03
N LYS D 201 -11.74 16.52 44.39
CA LYS D 201 -11.45 16.05 45.77
C LYS D 201 -10.01 16.42 46.16
N LEU D 202 -9.08 16.36 45.21
CA LEU D 202 -7.64 16.70 45.43
C LEU D 202 -7.48 18.21 45.49
N ILE D 203 -8.46 18.95 45.00
CA ILE D 203 -8.51 20.43 45.15
C ILE D 203 -8.93 20.71 46.59
N ALA D 204 -10.00 20.08 47.06
CA ALA D 204 -10.47 20.16 48.46
C ALA D 204 -9.25 20.01 49.36
N GLN D 205 -8.63 18.81 49.31
CA GLN D 205 -7.50 18.39 50.16
C GLN D 205 -6.41 19.45 50.15
N LYS D 206 -5.83 19.74 48.97
CA LYS D 206 -4.43 20.23 48.89
C LYS D 206 -4.39 21.74 48.55
N VAL D 207 -5.53 22.43 48.50
CA VAL D 207 -5.59 23.91 48.21
C VAL D 207 -6.21 24.64 49.41
N ARG D 208 -5.38 25.35 50.18
CA ARG D 208 -5.85 26.07 51.40
C ARG D 208 -6.70 27.27 50.95
N GLY D 209 -7.63 27.71 51.80
CA GLY D 209 -8.54 28.85 51.57
C GLY D 209 -9.89 28.39 51.04
N VAL D 210 -9.86 27.42 50.13
CA VAL D 210 -11.05 26.85 49.41
C VAL D 210 -12.02 26.28 50.43
N ASP D 211 -13.28 26.72 50.37
CA ASP D 211 -14.33 26.40 51.38
C ASP D 211 -15.27 25.32 50.78
N VAL D 212 -15.74 25.50 49.54
CA VAL D 212 -16.67 24.57 48.80
C VAL D 212 -16.07 24.27 47.43
N VAL D 213 -16.27 23.05 46.90
CA VAL D 213 -15.85 22.66 45.52
C VAL D 213 -17.09 22.18 44.76
N VAL D 214 -17.37 22.80 43.60
CA VAL D 214 -18.39 22.37 42.60
C VAL D 214 -17.65 21.95 41.32
N GLY D 215 -17.89 20.73 40.86
CA GLY D 215 -17.18 20.22 39.69
C GLY D 215 -18.15 19.52 38.78
N GLY D 216 -17.58 18.84 37.77
CA GLY D 216 -18.32 17.91 36.92
C GLY D 216 -17.88 17.80 35.49
N HIS D 217 -16.92 16.93 35.27
CA HIS D 217 -16.53 16.35 33.96
C HIS D 217 -16.89 14.87 33.91
N SER D 218 -16.94 14.23 35.09
CA SER D 218 -17.04 12.77 35.34
C SER D 218 -18.48 12.24 35.25
N ASN D 219 -19.47 13.13 35.22
CA ASN D 219 -20.90 12.78 35.01
C ASN D 219 -21.41 12.05 36.26
N THR D 220 -20.54 11.80 37.26
CA THR D 220 -20.89 11.10 38.53
C THR D 220 -22.07 11.79 39.21
N PHE D 221 -22.90 10.99 39.88
CA PHE D 221 -24.16 11.38 40.56
C PHE D 221 -24.01 11.16 42.06
N LEU D 222 -24.16 12.21 42.86
CA LEU D 222 -24.12 12.10 44.33
C LEU D 222 -25.54 12.33 44.87
N TYR D 223 -26.02 11.39 45.69
CA TYR D 223 -27.30 11.49 46.43
C TYR D 223 -27.06 11.05 47.86
N THR D 224 -27.70 11.77 48.79
CA THR D 224 -27.95 11.33 50.19
C THR D 224 -29.38 10.77 50.23
N GLY D 225 -29.55 9.46 50.42
CA GLY D 225 -30.87 8.81 50.54
C GLY D 225 -31.22 8.00 49.31
N ASN D 226 -32.50 7.93 48.95
CA ASN D 226 -32.97 7.11 47.79
C ASN D 226 -33.05 7.98 46.55
N PRO D 227 -32.26 7.71 45.49
CA PRO D 227 -32.42 8.42 44.22
C PRO D 227 -33.80 8.17 43.64
N PRO D 228 -34.55 9.24 43.30
CA PRO D 228 -35.90 9.09 42.74
C PRO D 228 -35.94 8.78 41.23
N SER D 229 -34.81 8.36 40.65
CA SER D 229 -34.81 7.77 39.28
C SER D 229 -33.63 6.82 39.10
N LYS D 230 -33.54 6.23 37.91
CA LYS D 230 -32.61 5.13 37.54
C LYS D 230 -31.18 5.52 37.94
N GLU D 231 -30.93 6.79 38.22
CA GLU D 231 -29.56 7.32 38.47
C GLU D 231 -28.97 6.62 39.68
N VAL D 232 -27.89 5.85 39.43
CA VAL D 232 -27.08 5.10 40.43
C VAL D 232 -26.12 6.07 41.11
N PRO D 233 -26.28 6.36 42.43
CA PRO D 233 -25.35 7.26 43.11
C PRO D 233 -24.01 6.53 43.35
N ALA D 234 -22.97 7.28 43.71
CA ALA D 234 -21.62 6.76 43.99
C ALA D 234 -21.04 7.45 45.23
N GLY D 235 -21.89 8.07 46.04
CA GLY D 235 -21.47 8.83 47.24
C GLY D 235 -22.58 9.73 47.74
N LYS D 236 -22.49 10.20 48.98
CA LYS D 236 -23.51 11.10 49.56
C LYS D 236 -23.30 12.49 48.96
N TYR D 237 -24.37 13.29 48.94
CA TYR D 237 -24.36 14.71 48.50
C TYR D 237 -24.73 15.58 49.71
N PRO D 238 -23.86 16.51 50.15
CA PRO D 238 -22.51 16.65 49.60
C PRO D 238 -21.61 15.49 50.04
N PHE D 239 -20.45 15.37 49.38
CA PHE D 239 -19.34 14.46 49.76
C PHE D 239 -18.31 15.27 50.54
N ILE D 240 -18.22 15.03 51.84
CA ILE D 240 -17.22 15.69 52.73
C ILE D 240 -15.81 15.19 52.36
N VAL D 241 -14.81 16.05 52.43
CA VAL D 241 -13.38 15.73 52.13
C VAL D 241 -12.48 16.47 53.12
N THR D 242 -11.62 15.75 53.83
CA THR D 242 -10.74 16.33 54.88
C THR D 242 -9.57 17.04 54.22
N SER D 243 -9.54 18.36 54.31
CA SER D 243 -8.40 19.21 53.87
C SER D 243 -7.15 18.90 54.69
N ASP D 244 -5.98 19.35 54.21
CA ASP D 244 -4.66 19.23 54.92
C ASP D 244 -4.65 20.17 56.14
N ASP D 245 -5.18 21.40 56.03
CA ASP D 245 -5.28 22.33 57.19
C ASP D 245 -6.36 21.80 58.15
N GLY D 246 -7.11 20.78 57.72
CA GLY D 246 -8.04 20.00 58.57
C GLY D 246 -9.43 20.62 58.60
N ARG D 247 -9.96 21.02 57.45
CA ARG D 247 -11.35 21.53 57.30
C ARG D 247 -12.19 20.43 56.62
N LYS D 248 -13.51 20.51 56.78
CA LYS D 248 -14.49 19.71 56.00
C LYS D 248 -14.87 20.56 54.78
N VAL D 249 -14.61 20.03 53.58
CA VAL D 249 -14.83 20.71 52.28
C VAL D 249 -15.87 19.89 51.51
N PRO D 250 -17.12 20.36 51.37
CA PRO D 250 -18.13 19.62 50.61
C PRO D 250 -17.95 19.76 49.09
N VAL D 251 -17.84 18.61 48.41
CA VAL D 251 -17.65 18.50 46.94
C VAL D 251 -18.96 17.96 46.33
N VAL D 252 -19.47 18.66 45.31
CA VAL D 252 -20.81 18.38 44.72
C VAL D 252 -20.69 18.18 43.21
N GLN D 253 -21.84 17.87 42.57
CA GLN D 253 -21.95 17.44 41.16
C GLN D 253 -23.38 16.92 40.91
N ALA D 254 -24.12 17.53 39.99
CA ALA D 254 -25.36 16.95 39.40
C ALA D 254 -24.97 15.89 38.37
N TYR D 255 -25.80 14.87 38.21
CA TYR D 255 -25.63 13.82 37.17
C TYR D 255 -25.04 14.51 35.97
N ALA D 256 -25.71 15.62 35.63
CA ALA D 256 -25.16 16.76 34.87
C ALA D 256 -26.11 17.06 33.72
N PHE D 257 -26.58 15.96 33.14
CA PHE D 257 -27.18 15.85 31.78
C PHE D 257 -28.23 16.94 31.51
N GLY D 258 -28.66 17.75 32.48
CA GLY D 258 -29.80 18.66 32.34
C GLY D 258 -31.05 18.07 32.96
N LYS D 259 -30.88 16.92 33.64
CA LYS D 259 -31.93 16.13 34.33
C LYS D 259 -32.07 16.60 35.78
N TYR D 260 -30.95 16.75 36.48
CA TYR D 260 -30.90 17.16 37.92
C TYR D 260 -30.31 18.56 38.05
N LEU D 261 -31.01 19.46 38.76
CA LEU D 261 -30.42 20.73 39.29
C LEU D 261 -29.80 20.53 40.69
N GLY D 262 -28.52 20.88 40.87
CA GLY D 262 -27.83 20.83 42.19
C GLY D 262 -28.45 21.80 43.17
N TYR D 263 -28.56 21.41 44.46
CA TYR D 263 -29.21 22.18 45.57
C TYR D 263 -28.44 21.94 46.89
N LEU D 264 -27.78 22.98 47.40
CA LEU D 264 -26.87 22.89 48.58
C LEU D 264 -26.93 24.17 49.44
N LYS D 265 -27.57 24.09 50.61
CA LYS D 265 -27.56 25.14 51.67
C LYS D 265 -26.24 25.03 52.45
N ILE D 266 -25.40 26.05 52.33
CA ILE D 266 -24.10 26.23 53.05
C ILE D 266 -24.24 27.38 54.06
N GLU D 267 -23.99 27.11 55.34
CA GLU D 267 -24.00 28.14 56.40
C GLU D 267 -22.52 28.42 56.75
N PHE D 268 -22.16 29.70 56.79
CA PHE D 268 -20.79 30.19 57.09
C PHE D 268 -20.82 30.84 58.47
N ASP D 269 -19.66 30.91 59.14
CA ASP D 269 -19.51 31.74 60.37
C ASP D 269 -19.09 33.16 59.94
N GLU D 270 -18.85 34.03 60.91
CA GLU D 270 -18.71 35.48 60.71
C GLU D 270 -17.22 35.73 60.39
N ARG D 271 -16.81 35.48 59.14
CA ARG D 271 -15.44 35.72 58.61
C ARG D 271 -14.47 34.62 59.08
N GLY D 272 -14.89 33.37 58.91
CA GLY D 272 -14.06 32.17 59.13
C GLY D 272 -14.18 31.18 57.98
N ASN D 273 -14.98 30.12 58.17
CA ASN D 273 -15.11 28.94 57.25
C ASN D 273 -16.47 28.21 57.40
N VAL D 274 -16.59 27.03 56.78
CA VAL D 274 -17.89 26.32 56.57
C VAL D 274 -18.30 25.63 57.86
N ILE D 275 -19.53 25.86 58.31
CA ILE D 275 -20.04 25.22 59.55
C ILE D 275 -21.05 24.12 59.19
N SER D 276 -22.05 24.39 58.35
CA SER D 276 -23.12 23.42 57.98
C SER D 276 -23.22 23.32 56.47
N SER D 277 -23.66 22.17 55.98
CA SER D 277 -23.78 21.81 54.55
C SER D 277 -24.75 20.63 54.42
N HIS D 278 -25.98 20.89 53.99
CA HIS D 278 -27.06 19.87 53.84
C HIS D 278 -27.80 20.14 52.53
N GLY D 279 -28.39 19.11 51.92
CA GLY D 279 -29.15 19.24 50.66
C GLY D 279 -28.95 18.06 49.71
N ASN D 280 -29.74 18.03 48.62
CA ASN D 280 -29.78 16.91 47.65
C ASN D 280 -30.12 17.45 46.26
N PRO D 281 -29.51 16.93 45.17
CA PRO D 281 -29.77 17.43 43.83
C PRO D 281 -31.22 17.22 43.38
N ILE D 282 -31.94 18.32 43.18
CA ILE D 282 -33.39 18.35 42.78
C ILE D 282 -33.51 17.74 41.36
N LEU D 283 -34.16 16.57 41.26
CA LEU D 283 -34.58 15.96 39.97
C LEU D 283 -35.74 16.76 39.40
N LEU D 284 -35.79 16.90 38.07
CA LEU D 284 -36.78 17.77 37.36
C LEU D 284 -37.90 16.91 36.75
N ASN D 285 -38.68 16.25 37.62
CA ASN D 285 -40.01 15.62 37.37
C ASN D 285 -40.89 16.52 36.48
N SER D 286 -41.95 15.95 35.89
CA SER D 286 -42.95 16.70 35.06
C SER D 286 -43.91 17.51 35.96
N SER D 287 -43.79 17.40 37.27
CA SER D 287 -44.72 18.02 38.24
C SER D 287 -44.40 19.51 38.39
N ILE D 288 -43.20 19.95 38.00
CA ILE D 288 -42.94 21.42 37.80
C ILE D 288 -43.29 21.70 36.35
N PRO D 289 -44.30 22.55 36.07
CA PRO D 289 -44.60 22.91 34.69
C PRO D 289 -43.40 23.64 34.09
N GLU D 290 -43.17 23.45 32.78
CA GLU D 290 -42.20 24.22 31.96
C GLU D 290 -42.72 25.66 31.83
N ASP D 291 -41.86 26.64 32.17
CA ASP D 291 -42.17 28.09 32.15
C ASP D 291 -42.59 28.50 30.75
N PRO D 292 -43.69 29.27 30.56
CA PRO D 292 -44.20 29.56 29.21
C PRO D 292 -43.33 30.53 28.42
N SER D 293 -42.91 31.64 29.03
CA SER D 293 -42.13 32.73 28.36
C SER D 293 -40.82 32.17 27.79
N ILE D 294 -40.26 31.10 28.36
CA ILE D 294 -39.03 30.43 27.84
C ILE D 294 -39.44 29.40 26.78
N LYS D 295 -40.47 28.58 27.05
CA LYS D 295 -40.97 27.55 26.11
C LYS D 295 -41.34 28.23 24.79
N ALA D 296 -41.81 29.47 24.85
CA ALA D 296 -42.03 30.30 23.65
C ALA D 296 -40.69 30.47 22.95
N ASP D 297 -39.71 31.16 23.58
CA ASP D 297 -38.39 31.52 23.00
C ASP D 297 -37.71 30.23 22.52
N ILE D 298 -38.04 29.06 23.11
CA ILE D 298 -37.54 27.73 22.63
C ILE D 298 -38.10 27.45 21.23
N ASN D 299 -39.43 27.54 21.07
CA ASN D 299 -40.14 27.16 19.82
C ASN D 299 -39.85 28.18 18.70
N LYS D 300 -39.54 29.45 19.05
CA LYS D 300 -39.07 30.52 18.12
C LYS D 300 -37.80 29.99 17.43
N TRP D 301 -36.88 29.38 18.20
CA TRP D 301 -35.56 28.88 17.72
C TRP D 301 -35.72 27.47 17.14
N ARG D 302 -36.73 26.74 17.61
CA ARG D 302 -37.08 25.39 17.12
C ARG D 302 -37.11 25.43 15.59
N ILE D 303 -37.50 26.55 15.00
CA ILE D 303 -37.81 26.64 13.54
C ILE D 303 -36.56 26.36 12.70
N LYS D 304 -35.39 26.85 13.14
CA LYS D 304 -34.10 26.67 12.41
C LYS D 304 -33.64 25.21 12.46
N LEU D 305 -34.12 24.46 13.46
CA LEU D 305 -33.85 23.00 13.57
C LEU D 305 -34.67 22.28 12.51
N ASP D 306 -36.00 22.47 12.51
CA ASP D 306 -36.91 21.65 11.66
C ASP D 306 -36.76 22.14 10.21
N ASN D 307 -35.97 23.19 9.91
CA ASN D 307 -35.44 23.39 8.53
C ASN D 307 -34.64 22.16 8.11
N TYR D 308 -33.87 21.53 9.03
CA TYR D 308 -33.08 20.28 8.79
C TYR D 308 -33.88 19.04 9.20
N SER D 309 -35.19 19.07 8.94
CA SER D 309 -36.09 17.91 9.16
C SER D 309 -35.69 16.78 8.21
N THR D 310 -35.47 15.61 8.80
CA THR D 310 -35.28 14.33 8.08
C THR D 310 -36.61 13.58 8.17
N GLN D 311 -36.86 12.66 7.24
CA GLN D 311 -37.92 11.65 7.41
C GLN D 311 -37.44 10.64 8.48
N GLU D 312 -36.80 9.55 8.06
CA GLU D 312 -36.67 8.30 8.86
C GLU D 312 -35.67 7.38 8.17
N LEU D 313 -34.67 6.89 8.91
CA LEU D 313 -33.51 6.13 8.36
C LEU D 313 -33.82 4.63 8.33
N GLY D 314 -34.17 4.08 9.48
CA GLY D 314 -34.55 2.67 9.69
C GLY D 314 -35.14 2.48 11.08
N LYS D 315 -35.34 1.25 11.52
CA LYS D 315 -35.94 0.99 12.85
CA LYS D 315 -35.97 0.97 12.83
C LYS D 315 -35.06 0.02 13.61
N THR D 316 -34.98 0.21 14.93
CA THR D 316 -34.39 -0.73 15.92
C THR D 316 -35.51 -1.60 16.49
N ILE D 317 -35.19 -2.78 17.01
CA ILE D 317 -36.11 -3.61 17.83
C ILE D 317 -35.48 -3.76 19.23
N VAL D 318 -34.51 -2.91 19.58
CA VAL D 318 -33.76 -3.00 20.86
C VAL D 318 -33.34 -1.59 21.27
N TYR D 319 -33.14 -1.38 22.56
CA TYR D 319 -32.50 -0.16 23.11
C TYR D 319 -31.05 -0.18 22.60
N LEU D 320 -30.62 0.96 22.04
CA LEU D 320 -29.22 1.25 21.64
C LEU D 320 -28.56 1.99 22.82
N ASP D 321 -27.97 1.23 23.74
CA ASP D 321 -27.34 1.74 24.99
C ASP D 321 -26.09 2.51 24.63
N GLY D 322 -26.14 3.85 24.77
CA GLY D 322 -25.08 4.81 24.42
C GLY D 322 -24.74 5.74 25.57
N SER D 323 -25.26 5.44 26.77
CA SER D 323 -25.04 6.27 27.99
C SER D 323 -23.58 6.12 28.43
N SER D 324 -23.02 7.17 29.05
CA SER D 324 -21.67 7.16 29.65
C SER D 324 -21.47 5.92 30.51
N GLN D 325 -22.40 5.63 31.41
CA GLN D 325 -22.23 4.57 32.46
C GLN D 325 -22.29 3.18 31.82
N SER D 326 -22.43 3.10 30.50
CA SER D 326 -22.48 1.82 29.74
C SER D 326 -21.25 1.71 28.84
N CYS D 327 -21.08 2.62 27.88
CA CYS D 327 -20.08 2.51 26.78
C CYS D 327 -18.69 2.88 27.30
N ARG D 328 -18.60 3.60 28.43
CA ARG D 328 -17.33 4.08 29.05
C ARG D 328 -16.84 3.04 30.07
N PHE D 329 -17.58 1.96 30.32
CA PHE D 329 -17.27 0.95 31.37
C PHE D 329 -17.12 -0.47 30.81
N ARG D 330 -18.11 -0.94 30.06
CA ARG D 330 -18.16 -2.34 29.53
C ARG D 330 -18.59 -2.31 28.07
N GLU D 331 -18.73 -3.49 27.45
CA GLU D 331 -19.18 -3.67 26.04
C GLU D 331 -20.65 -3.29 25.88
N CYS D 332 -20.95 -2.15 25.23
CA CYS D 332 -22.34 -1.66 24.95
C CYS D 332 -22.70 -1.93 23.49
N ASN D 333 -23.98 -2.21 23.23
CA ASN D 333 -24.46 -2.69 21.91
C ASN D 333 -24.27 -1.59 20.87
N MET D 334 -24.43 -0.33 21.27
CA MET D 334 -24.22 0.84 20.37
C MET D 334 -22.86 0.72 19.69
N GLY D 335 -21.80 0.58 20.50
CA GLY D 335 -20.42 0.42 20.00
C GLY D 335 -20.36 -0.69 18.98
N ASN D 336 -20.72 -1.89 19.41
CA ASN D 336 -20.80 -3.10 18.56
C ASN D 336 -21.52 -2.74 17.25
N LEU D 337 -22.61 -1.96 17.33
CA LEU D 337 -23.38 -1.53 16.13
C LEU D 337 -22.46 -0.70 15.25
N ILE D 338 -22.02 0.44 15.77
CA ILE D 338 -21.18 1.40 15.02
C ILE D 338 -20.02 0.63 14.39
N CYS D 339 -19.12 0.04 15.18
CA CYS D 339 -17.95 -0.72 14.67
C CYS D 339 -18.38 -1.59 13.48
N ASP D 340 -19.51 -2.30 13.60
CA ASP D 340 -20.01 -3.20 12.53
C ASP D 340 -20.33 -2.36 11.28
N ALA D 341 -21.02 -1.23 11.45
CA ALA D 341 -21.32 -0.29 10.36
C ALA D 341 -20.03 0.25 9.74
N MET D 342 -19.01 0.53 10.55
CA MET D 342 -17.71 1.08 10.10
C MET D 342 -17.06 0.09 9.14
N ILE D 343 -16.97 -1.17 9.57
CA ILE D 343 -16.32 -2.27 8.82
C ILE D 343 -17.16 -2.57 7.58
N ASN D 344 -18.44 -2.94 7.77
CA ASN D 344 -19.40 -3.25 6.67
C ASN D 344 -19.35 -2.13 5.61
N ASN D 345 -19.50 -0.86 6.01
CA ASN D 345 -19.52 0.29 5.06
C ASN D 345 -18.25 0.22 4.20
N ASN D 346 -17.14 -0.23 4.79
CA ASN D 346 -15.79 -0.25 4.17
C ASN D 346 -15.67 -1.37 3.11
N LEU D 347 -16.35 -2.50 3.32
CA LEU D 347 -16.15 -3.70 2.48
C LEU D 347 -17.09 -3.67 1.28
N ARG D 348 -18.06 -2.75 1.21
CA ARG D 348 -18.86 -2.53 -0.02
C ARG D 348 -18.06 -1.65 -0.97
N HIS D 349 -17.71 -0.44 -0.54
CA HIS D 349 -17.01 0.59 -1.35
C HIS D 349 -15.50 0.42 -1.18
N ALA D 350 -14.94 -0.63 -1.80
CA ALA D 350 -13.50 -0.98 -1.79
C ALA D 350 -12.71 -0.02 -2.69
N ASP D 351 -12.65 1.26 -2.31
CA ASP D 351 -11.82 2.33 -2.95
C ASP D 351 -10.35 2.04 -2.67
N GLU D 352 -10.02 1.88 -1.38
CA GLU D 352 -8.79 1.26 -0.82
C GLU D 352 -8.00 0.46 -1.86
N MET D 353 -8.66 -0.49 -2.53
CA MET D 353 -8.06 -1.51 -3.40
C MET D 353 -7.36 -2.58 -2.56
N PHE D 354 -6.71 -2.27 -1.42
CA PHE D 354 -5.96 -3.25 -0.58
C PHE D 354 -6.71 -3.53 0.74
N TRP D 355 -7.62 -2.66 1.14
CA TRP D 355 -8.32 -2.76 2.45
C TRP D 355 -9.67 -3.48 2.33
N ASN D 356 -9.95 -4.17 1.22
CA ASN D 356 -11.01 -5.22 1.20
C ASN D 356 -10.44 -6.41 2.01
N HIS D 357 -11.21 -6.87 3.00
CA HIS D 357 -10.95 -7.98 3.97
C HIS D 357 -10.68 -7.42 5.38
N VAL D 358 -10.61 -6.08 5.57
CA VAL D 358 -10.39 -5.44 6.91
C VAL D 358 -11.62 -5.68 7.79
N SER D 359 -11.44 -6.41 8.89
CA SER D 359 -12.52 -6.91 9.79
C SER D 359 -12.29 -6.45 11.24
N MET D 360 -11.39 -5.50 11.49
CA MET D 360 -11.05 -5.02 12.86
C MET D 360 -11.42 -3.54 12.99
N CYS D 361 -12.02 -3.17 14.12
CA CYS D 361 -12.48 -1.79 14.46
C CYS D 361 -12.25 -1.54 15.95
N ILE D 362 -11.96 -0.29 16.35
CA ILE D 362 -12.01 0.18 17.77
C ILE D 362 -12.63 1.58 17.81
N LEU D 363 -13.26 1.90 18.93
CA LEU D 363 -14.08 3.13 19.13
C LEU D 363 -14.08 3.50 20.61
N ASN D 364 -13.63 4.72 20.94
CA ASN D 364 -13.64 5.25 22.32
C ASN D 364 -15.10 5.52 22.71
N GLY D 365 -15.45 5.29 23.98
CA GLY D 365 -16.76 5.68 24.53
C GLY D 365 -16.98 7.17 24.38
N GLY D 366 -15.90 7.96 24.43
CA GLY D 366 -15.93 9.44 24.42
C GLY D 366 -16.21 10.00 23.05
N GLY D 367 -16.71 9.14 22.16
CA GLY D 367 -17.32 9.53 20.87
C GLY D 367 -18.78 9.12 20.81
N ILE D 368 -19.26 8.39 21.82
CA ILE D 368 -20.66 7.89 21.91
C ILE D 368 -21.35 8.69 23.01
N ARG D 369 -22.12 9.69 22.60
CA ARG D 369 -22.57 10.75 23.52
C ARG D 369 -24.10 10.71 23.70
N SER D 370 -24.76 9.59 23.37
CA SER D 370 -26.22 9.41 23.54
C SER D 370 -26.67 7.99 23.22
N PRO D 371 -27.72 7.49 23.90
CA PRO D 371 -28.42 6.30 23.48
C PRO D 371 -29.59 6.65 22.54
N ILE D 372 -30.29 5.64 22.05
CA ILE D 372 -31.56 5.79 21.27
C ILE D 372 -32.60 4.82 21.83
N ASP D 373 -33.77 5.32 22.22
CA ASP D 373 -34.88 4.52 22.84
C ASP D 373 -35.78 4.03 21.71
N GLU D 374 -36.32 2.82 21.83
CA GLU D 374 -37.20 2.20 20.81
C GLU D 374 -38.66 2.63 21.08
N ARG D 375 -39.01 2.78 22.36
CA ARG D 375 -40.40 2.98 22.87
C ARG D 375 -41.37 2.33 21.88
N ASN D 376 -42.32 3.09 21.31
CA ASN D 376 -43.15 2.62 20.19
C ASN D 376 -42.69 3.24 18.89
N ASN D 377 -43.20 2.63 17.81
CA ASN D 377 -43.01 2.97 16.38
C ASN D 377 -41.55 2.62 16.03
N GLY D 378 -40.62 2.58 17.01
CA GLY D 378 -39.24 2.07 16.87
C GLY D 378 -38.36 2.89 15.94
N THR D 379 -38.85 4.07 15.53
CA THR D 379 -38.31 4.96 14.47
C THR D 379 -36.96 5.54 14.89
N ILE D 380 -36.00 5.65 13.97
CA ILE D 380 -34.67 6.30 14.18
C ILE D 380 -34.47 7.35 13.08
N THR D 381 -34.37 8.63 13.47
CA THR D 381 -34.13 9.75 12.52
C THR D 381 -32.68 10.20 12.59
N TRP D 382 -32.27 11.05 11.64
CA TRP D 382 -30.90 11.59 11.55
C TRP D 382 -30.57 12.31 12.87
N GLU D 383 -31.46 13.21 13.30
CA GLU D 383 -31.28 14.02 14.52
C GLU D 383 -30.84 13.11 15.67
N ASN D 384 -31.44 11.91 15.75
CA ASN D 384 -31.12 10.91 16.80
C ASN D 384 -29.61 10.71 16.82
N LEU D 385 -29.03 10.47 15.64
CA LEU D 385 -27.61 10.07 15.47
C LEU D 385 -26.71 11.26 15.81
N ALA D 386 -27.13 12.47 15.42
CA ALA D 386 -26.39 13.73 15.65
C ALA D 386 -26.07 13.86 17.13
N ALA D 387 -26.98 13.37 17.98
CA ALA D 387 -26.83 13.35 19.45
C ALA D 387 -25.75 12.34 19.83
N VAL D 388 -25.66 11.23 19.09
CA VAL D 388 -24.67 10.15 19.36
C VAL D 388 -23.29 10.61 18.86
N LEU D 389 -23.24 11.19 17.67
CA LEU D 389 -21.96 11.47 16.94
C LEU D 389 -21.91 12.93 16.52
N PRO D 390 -21.89 13.87 17.50
CA PRO D 390 -22.01 15.29 17.18
C PRO D 390 -20.69 15.90 16.66
N PHE D 391 -19.59 15.16 16.74
CA PHE D 391 -18.25 15.71 16.42
C PHE D 391 -18.04 15.81 14.90
N GLY D 392 -18.90 15.16 14.10
CA GLY D 392 -18.71 15.12 12.62
C GLY D 392 -17.27 14.82 12.24
N GLY D 393 -16.67 13.79 12.84
CA GLY D 393 -15.37 13.22 12.45
C GLY D 393 -15.51 12.26 11.27
N THR D 394 -14.53 11.39 11.07
CA THR D 394 -14.50 10.36 9.99
C THR D 394 -14.11 9.03 10.64
N PHE D 395 -14.24 7.97 9.86
CA PHE D 395 -13.68 6.65 10.21
C PHE D 395 -12.54 6.40 9.25
N ASP D 396 -11.32 6.38 9.81
CA ASP D 396 -10.05 6.27 9.06
C ASP D 396 -9.51 4.84 9.20
N LEU D 397 -8.65 4.46 8.26
CA LEU D 397 -7.98 3.14 8.17
C LEU D 397 -6.52 3.31 8.56
N VAL D 398 -6.07 2.55 9.53
CA VAL D 398 -4.68 2.61 10.01
C VAL D 398 -4.12 1.18 10.07
N GLN D 399 -2.87 1.06 9.61
CA GLN D 399 -2.03 -0.15 9.72
C GLN D 399 -1.20 -0.03 11.01
N LEU D 400 -1.29 -1.02 11.89
CA LEU D 400 -0.67 -0.92 13.22
C LEU D 400 -0.02 -2.22 13.62
N LYS D 401 1.17 -2.11 14.20
CA LYS D 401 1.87 -3.26 14.82
C LYS D 401 1.00 -3.73 15.99
N GLY D 402 0.98 -5.04 16.22
CA GLY D 402 0.29 -5.65 17.37
C GLY D 402 0.81 -5.07 18.69
N SER D 403 2.13 -4.92 18.81
CA SER D 403 2.79 -4.27 19.97
C SER D 403 2.06 -2.96 20.28
N THR D 404 1.92 -2.10 19.27
CA THR D 404 1.27 -0.76 19.39
C THR D 404 -0.19 -0.94 19.83
N LEU D 405 -0.88 -1.91 19.24
CA LEU D 405 -2.33 -2.16 19.49
C LEU D 405 -2.49 -2.56 20.98
N LYS D 406 -1.77 -3.57 21.43
CA LYS D 406 -1.69 -3.96 22.86
C LYS D 406 -1.54 -2.70 23.75
N LYS D 407 -0.54 -1.85 23.46
CA LYS D 407 -0.22 -0.64 24.27
C LYS D 407 -1.51 0.18 24.48
N ALA D 408 -2.17 0.54 23.39
CA ALA D 408 -3.39 1.38 23.36
C ALA D 408 -4.52 0.73 24.17
N PHE D 409 -4.66 -0.60 24.12
CA PHE D 409 -5.69 -1.37 24.87
C PHE D 409 -5.43 -1.34 26.37
N GLU D 410 -4.18 -1.17 26.79
CA GLU D 410 -3.82 -1.03 28.23
C GLU D 410 -4.20 0.38 28.68
N HIS D 411 -4.00 1.36 27.78
CA HIS D 411 -4.39 2.79 27.97
C HIS D 411 -5.91 2.93 27.89
N SER D 412 -6.63 1.85 27.53
CA SER D 412 -8.11 1.76 27.57
C SER D 412 -8.59 1.68 29.03
N VAL D 413 -7.77 1.14 29.94
CA VAL D 413 -8.21 0.77 31.31
C VAL D 413 -7.15 1.13 32.35
N HIS D 414 -6.02 1.76 31.98
CA HIS D 414 -4.98 2.16 32.95
C HIS D 414 -5.65 2.98 34.07
N ARG D 415 -6.64 3.84 33.78
CA ARG D 415 -7.37 4.64 34.80
C ARG D 415 -8.87 4.34 34.71
N TYR D 416 -9.24 3.06 34.81
CA TYR D 416 -10.66 2.59 34.88
C TYR D 416 -11.29 3.05 36.20
N GLY D 417 -12.59 3.34 36.17
CA GLY D 417 -13.41 3.61 37.36
C GLY D 417 -13.72 5.08 37.50
N GLN D 418 -12.98 5.92 36.78
CA GLN D 418 -13.12 7.39 36.78
C GLN D 418 -14.24 7.81 35.81
N SER D 419 -14.87 6.86 35.11
CA SER D 419 -15.80 7.06 33.96
C SER D 419 -15.19 8.05 32.93
N THR D 420 -13.94 7.84 32.51
CA THR D 420 -13.27 8.57 31.40
C THR D 420 -13.56 7.90 30.05
N GLY D 421 -13.47 8.65 28.97
CA GLY D 421 -13.97 8.25 27.64
C GLY D 421 -13.02 7.43 26.80
N GLU D 422 -11.88 6.98 27.34
CA GLU D 422 -10.86 6.28 26.51
C GLU D 422 -11.13 4.78 26.45
N PHE D 423 -12.19 4.27 27.09
CA PHE D 423 -12.53 2.83 27.02
C PHE D 423 -12.93 2.49 25.58
N LEU D 424 -12.36 1.41 25.04
CA LEU D 424 -12.53 1.02 23.62
C LEU D 424 -13.64 -0.04 23.53
N GLN D 425 -14.70 0.30 22.80
CA GLN D 425 -15.71 -0.62 22.24
C GLN D 425 -15.16 -1.23 20.95
N VAL D 426 -15.02 -2.55 20.92
CA VAL D 426 -14.27 -3.21 19.82
C VAL D 426 -15.26 -3.89 18.87
N GLY D 427 -14.75 -4.14 17.65
CA GLY D 427 -15.37 -4.96 16.59
C GLY D 427 -14.31 -5.75 15.87
N GLY D 428 -14.54 -7.06 15.68
CA GLY D 428 -13.56 -8.02 15.15
C GLY D 428 -12.36 -8.20 16.06
N ILE D 429 -12.56 -8.00 17.37
CA ILE D 429 -11.54 -8.23 18.44
C ILE D 429 -12.26 -8.86 19.64
N HIS D 430 -11.65 -9.89 20.23
CA HIS D 430 -12.06 -10.47 21.54
C HIS D 430 -11.00 -10.09 22.58
N VAL D 431 -11.41 -9.37 23.62
CA VAL D 431 -10.48 -8.88 24.67
C VAL D 431 -11.01 -9.32 26.03
N VAL D 432 -10.10 -9.52 26.97
CA VAL D 432 -10.41 -9.88 28.38
C VAL D 432 -9.48 -9.08 29.28
N TYR D 433 -10.08 -8.32 30.19
CA TYR D 433 -9.37 -7.56 31.23
C TYR D 433 -9.44 -8.33 32.57
N ASP D 434 -8.38 -8.21 33.35
CA ASP D 434 -8.35 -8.51 34.80
C ASP D 434 -7.95 -7.19 35.49
N LEU D 435 -8.89 -6.58 36.19
CA LEU D 435 -8.77 -5.20 36.70
C LEU D 435 -7.81 -5.18 37.90
N SER D 436 -7.65 -6.32 38.58
CA SER D 436 -6.83 -6.50 39.81
C SER D 436 -5.36 -6.16 39.52
N ARG D 437 -4.90 -6.35 38.29
CA ARG D 437 -3.45 -6.38 37.92
C ARG D 437 -2.87 -4.96 37.83
N LYS D 438 -1.58 -4.86 37.50
CA LYS D 438 -0.84 -3.58 37.35
C LYS D 438 -1.35 -2.87 36.10
N PRO D 439 -1.63 -1.55 36.19
CA PRO D 439 -2.02 -0.77 35.02
C PRO D 439 -0.94 -0.85 33.92
N GLY D 440 -1.28 -1.44 32.78
CA GLY D 440 -0.30 -1.75 31.73
C GLY D 440 0.13 -3.20 31.80
N ASP D 441 -0.61 -4.04 32.55
CA ASP D 441 -0.57 -5.52 32.42
C ASP D 441 -1.92 -6.09 32.87
N ARG D 442 -2.99 -5.65 32.19
CA ARG D 442 -4.42 -5.92 32.52
C ARG D 442 -5.12 -6.68 31.39
N VAL D 443 -4.65 -6.54 30.16
CA VAL D 443 -5.13 -7.36 29.01
C VAL D 443 -4.50 -8.74 29.16
N VAL D 444 -5.31 -9.70 29.58
CA VAL D 444 -4.87 -11.10 29.84
C VAL D 444 -5.05 -11.94 28.55
N LYS D 445 -6.08 -11.66 27.74
CA LYS D 445 -6.30 -12.32 26.43
C LYS D 445 -6.72 -11.28 25.39
N LEU D 446 -6.15 -11.38 24.18
CA LEU D 446 -6.41 -10.48 23.03
C LEU D 446 -6.28 -11.28 21.74
N ASP D 447 -7.40 -11.83 21.28
CA ASP D 447 -7.55 -12.58 20.01
C ASP D 447 -8.17 -11.61 18.99
N VAL D 448 -7.71 -11.66 17.74
CA VAL D 448 -8.20 -10.79 16.63
C VAL D 448 -8.61 -11.69 15.47
N LEU D 449 -9.42 -11.16 14.58
CA LEU D 449 -9.92 -11.90 13.39
C LEU D 449 -8.84 -11.89 12.31
N CYS D 450 -8.49 -13.08 11.83
CA CYS D 450 -7.43 -13.39 10.83
C CYS D 450 -7.89 -12.93 9.44
N THR D 451 -7.24 -11.88 8.91
CA THR D 451 -7.51 -11.26 7.58
C THR D 451 -7.08 -12.22 6.47
N LYS D 452 -5.91 -12.87 6.63
CA LYS D 452 -5.13 -13.42 5.49
C LYS D 452 -5.66 -14.82 5.13
N CYS D 453 -6.70 -15.37 5.79
CA CYS D 453 -7.03 -16.83 5.79
C CYS D 453 -8.41 -17.09 5.16
N ARG D 454 -8.50 -18.06 4.22
CA ARG D 454 -9.74 -18.44 3.47
C ARG D 454 -10.98 -18.40 4.37
N VAL D 455 -10.98 -19.11 5.50
CA VAL D 455 -12.08 -19.08 6.53
C VAL D 455 -11.57 -18.35 7.78
N PRO D 456 -12.19 -17.21 8.16
CA PRO D 456 -11.71 -16.39 9.28
C PRO D 456 -12.05 -17.00 10.64
N SER D 457 -11.15 -16.88 11.59
CA SER D 457 -11.34 -17.30 13.00
C SER D 457 -10.73 -16.22 13.86
N TYR D 458 -10.89 -16.31 15.18
CA TYR D 458 -10.19 -15.46 16.18
C TYR D 458 -8.91 -16.20 16.62
N ASP D 459 -7.75 -15.75 16.14
CA ASP D 459 -6.40 -16.24 16.53
C ASP D 459 -5.75 -15.20 17.45
N PRO D 460 -4.94 -15.56 18.47
CA PRO D 460 -4.30 -14.56 19.33
C PRO D 460 -3.37 -13.65 18.51
N LEU D 461 -3.30 -12.40 18.93
CA LEU D 461 -2.52 -11.31 18.28
C LEU D 461 -1.03 -11.59 18.47
N LYS D 462 -0.22 -11.42 17.43
CA LYS D 462 1.27 -11.44 17.46
C LYS D 462 1.78 -9.98 17.54
N MET D 463 2.78 -9.68 18.37
CA MET D 463 3.15 -8.29 18.71
C MET D 463 4.03 -7.70 17.59
N ASP D 464 4.58 -8.55 16.70
CA ASP D 464 5.35 -8.11 15.52
C ASP D 464 4.41 -7.76 14.37
N GLU D 465 3.38 -8.56 14.16
CA GLU D 465 2.46 -8.51 12.99
C GLU D 465 1.87 -7.10 12.84
N VAL D 466 1.61 -6.74 11.58
CA VAL D 466 0.89 -5.53 11.12
C VAL D 466 -0.60 -5.88 11.02
N TYR D 467 -1.43 -4.95 11.45
CA TYR D 467 -2.89 -5.15 11.52
C TYR D 467 -3.57 -3.94 10.87
N LYS D 468 -4.38 -4.23 9.84
CA LYS D 468 -5.18 -3.25 9.06
C LYS D 468 -6.48 -3.02 9.84
N VAL D 469 -6.66 -1.86 10.48
CA VAL D 469 -7.78 -1.61 11.43
C VAL D 469 -8.40 -0.24 11.15
N ILE D 470 -9.73 -0.19 11.25
CA ILE D 470 -10.51 1.06 11.11
C ILE D 470 -10.82 1.60 12.51
N LEU D 471 -10.87 2.93 12.61
CA LEU D 471 -11.11 3.64 13.90
C LEU D 471 -11.44 5.10 13.57
N PRO D 472 -12.00 5.86 14.54
CA PRO D 472 -12.28 7.28 14.33
C PRO D 472 -10.99 8.10 14.16
N ASN D 473 -11.06 9.25 13.48
CA ASN D 473 -9.91 10.16 13.22
C ASN D 473 -9.45 10.80 14.55
N PHE D 474 -10.39 11.06 15.43
CA PHE D 474 -10.18 11.49 16.84
C PHE D 474 -9.06 10.65 17.45
N LEU D 475 -9.01 9.34 17.17
CA LEU D 475 -8.06 8.37 17.79
C LEU D 475 -6.81 8.21 16.91
N ALA D 476 -6.92 8.29 15.58
CA ALA D 476 -5.76 8.23 14.66
C ALA D 476 -4.83 9.43 14.91
N ASN D 477 -5.37 10.47 15.55
CA ASN D 477 -4.67 11.72 15.91
C ASN D 477 -4.23 11.72 17.37
N GLY D 478 -4.39 10.58 18.08
CA GLY D 478 -4.00 10.38 19.50
C GLY D 478 -4.90 11.12 20.48
N GLY D 479 -6.24 11.08 20.26
CA GLY D 479 -7.27 11.56 21.21
C GLY D 479 -7.17 10.78 22.50
N ASP D 480 -7.82 11.22 23.57
CA ASP D 480 -7.88 10.52 24.89
C ASP D 480 -6.54 9.82 25.22
N GLY D 481 -5.39 10.49 24.99
CA GLY D 481 -4.08 10.08 25.54
C GLY D 481 -3.38 9.02 24.69
N PHE D 482 -3.84 8.80 23.46
CA PHE D 482 -3.39 7.70 22.59
C PHE D 482 -2.20 8.18 21.75
N GLN D 483 -1.15 8.70 22.40
CA GLN D 483 0.04 9.23 21.67
C GLN D 483 0.66 8.05 20.93
N MET D 484 0.54 6.84 21.48
CA MET D 484 1.22 5.62 20.97
C MET D 484 0.66 5.25 19.59
N ILE D 485 -0.56 5.65 19.26
CA ILE D 485 -1.09 5.44 17.89
C ILE D 485 -0.46 6.49 16.97
N LYS D 486 -0.71 7.77 17.22
CA LYS D 486 -0.27 8.85 16.32
C LYS D 486 1.21 8.63 15.94
N ASP D 487 2.02 8.09 16.85
CA ASP D 487 3.51 7.96 16.69
C ASP D 487 3.85 6.67 15.91
N GLU D 488 3.35 5.52 16.37
CA GLU D 488 3.84 4.17 15.97
C GLU D 488 2.96 3.57 14.86
N LEU D 489 2.03 4.37 14.32
CA LEU D 489 1.17 3.94 13.18
C LEU D 489 2.04 3.89 11.93
N LEU D 490 1.69 3.02 10.99
CA LEU D 490 2.49 2.75 9.76
C LEU D 490 1.82 3.39 8.55
N ARG D 491 0.50 3.28 8.43
CA ARG D 491 -0.27 3.92 7.33
C ARG D 491 -1.52 4.55 7.91
N HIS D 492 -1.96 5.66 7.32
CA HIS D 492 -3.16 6.45 7.74
C HIS D 492 -3.83 7.04 6.50
N ASP D 493 -5.04 6.57 6.19
CA ASP D 493 -5.90 7.06 5.06
C ASP D 493 -7.21 7.58 5.66
N SER D 494 -7.59 8.83 5.37
CA SER D 494 -8.87 9.44 5.83
C SER D 494 -10.01 8.74 5.08
N GLY D 495 -11.09 8.42 5.79
CA GLY D 495 -12.26 7.69 5.27
C GLY D 495 -13.46 8.59 5.10
N ASP D 496 -14.66 8.01 5.20
CA ASP D 496 -15.94 8.72 4.97
C ASP D 496 -16.36 9.38 6.28
N GLN D 497 -17.42 10.20 6.24
CA GLN D 497 -17.97 10.99 7.38
C GLN D 497 -18.71 10.06 8.35
N ASP D 498 -18.44 10.19 9.65
CA ASP D 498 -18.85 9.23 10.72
C ASP D 498 -20.36 8.99 10.67
N ILE D 499 -21.16 10.05 10.80
CA ILE D 499 -22.65 9.97 10.92
C ILE D 499 -23.18 9.32 9.64
N ASN D 500 -22.69 9.80 8.51
CA ASN D 500 -23.09 9.34 7.16
C ASN D 500 -22.92 7.82 7.06
N VAL D 501 -21.91 7.25 7.75
CA VAL D 501 -21.56 5.80 7.69
C VAL D 501 -22.64 4.98 8.38
N VAL D 502 -23.08 5.45 9.53
CA VAL D 502 -24.13 4.74 10.29
C VAL D 502 -25.42 4.83 9.48
N SER D 503 -25.85 6.06 9.18
CA SER D 503 -27.14 6.36 8.51
C SER D 503 -27.29 5.47 7.27
N THR D 504 -26.20 5.18 6.56
CA THR D 504 -26.21 4.24 5.41
C THR D 504 -26.43 2.83 5.97
N TYR D 505 -25.58 2.35 6.88
CA TYR D 505 -25.66 0.95 7.42
C TYR D 505 -27.12 0.69 7.81
N ILE D 506 -27.71 1.64 8.52
CA ILE D 506 -29.09 1.49 9.05
C ILE D 506 -30.03 1.41 7.85
N SER D 507 -29.93 2.33 6.90
CA SER D 507 -30.78 2.33 5.68
C SER D 507 -30.70 0.96 5.00
N LYS D 508 -29.50 0.43 4.78
CA LYS D 508 -29.26 -0.81 3.96
C LYS D 508 -29.65 -2.05 4.75
N MET D 509 -29.54 -2.02 6.08
CA MET D 509 -29.94 -3.14 6.96
C MET D 509 -31.46 -3.10 7.23
N LYS D 510 -32.05 -1.90 7.41
CA LYS D 510 -33.52 -1.61 7.49
C LYS D 510 -34.07 -1.89 8.89
N VAL D 511 -33.50 -2.89 9.57
CA VAL D 511 -33.90 -3.39 10.92
C VAL D 511 -32.60 -3.75 11.64
N ILE D 512 -32.36 -3.19 12.82
CA ILE D 512 -31.09 -3.49 13.54
C ILE D 512 -31.43 -4.30 14.79
N TYR D 513 -30.48 -5.11 15.24
CA TYR D 513 -30.64 -6.05 16.38
C TYR D 513 -29.31 -6.13 17.13
N PRO D 514 -28.67 -4.96 17.37
CA PRO D 514 -27.33 -4.91 17.94
C PRO D 514 -27.33 -5.45 19.37
N ALA D 515 -26.68 -6.61 19.57
CA ALA D 515 -26.57 -7.34 20.84
C ALA D 515 -25.19 -7.14 21.45
N VAL D 516 -25.09 -7.31 22.78
CA VAL D 516 -23.81 -7.48 23.51
C VAL D 516 -23.49 -8.98 23.53
N GLU D 517 -22.37 -9.36 22.95
CA GLU D 517 -22.10 -10.76 22.52
C GLU D 517 -20.71 -11.23 22.99
N GLY D 518 -20.15 -10.56 24.00
CA GLY D 518 -18.99 -11.06 24.75
C GLY D 518 -17.68 -10.84 24.03
N ARG D 519 -17.53 -9.67 23.39
CA ARG D 519 -16.27 -9.22 22.77
C ARG D 519 -15.31 -8.81 23.89
N ILE D 520 -15.86 -8.26 24.98
CA ILE D 520 -15.12 -7.73 26.16
C ILE D 520 -15.66 -8.42 27.41
N LYS D 521 -14.78 -9.02 28.22
CA LYS D 521 -15.14 -9.78 29.46
C LYS D 521 -14.18 -9.37 30.61
N PHE D 522 -14.36 -9.93 31.82
CA PHE D 522 -13.55 -9.64 33.04
C PHE D 522 -13.22 -10.94 33.80
N SER D 523 -13.07 -10.94 35.14
CA SER D 523 -12.82 -12.15 35.96
C SER D 523 -12.69 -11.80 37.45
N GLN E 1 12.23 23.94 -32.66
CA GLN E 1 13.13 22.77 -32.99
C GLN E 1 14.13 22.53 -31.85
N VAL E 2 14.80 21.37 -31.87
CA VAL E 2 15.40 20.71 -30.66
C VAL E 2 16.63 21.49 -30.19
N GLN E 3 16.73 21.83 -28.91
CA GLN E 3 17.77 22.79 -28.44
C GLN E 3 18.09 22.55 -26.95
N LEU E 4 19.37 22.76 -26.61
CA LEU E 4 19.92 22.77 -25.25
C LEU E 4 20.57 24.11 -24.95
N VAL E 5 20.15 24.68 -23.83
CA VAL E 5 20.61 25.96 -23.22
C VAL E 5 21.22 25.60 -21.87
N GLU E 6 22.44 26.05 -21.60
CA GLU E 6 23.08 25.93 -20.26
C GLU E 6 22.71 27.16 -19.44
N SER E 7 23.05 27.13 -18.14
CA SER E 7 22.77 28.20 -17.15
C SER E 7 24.09 28.68 -16.52
N GLY E 8 24.17 30.00 -16.34
CA GLY E 8 25.40 30.77 -16.12
C GLY E 8 26.14 30.40 -14.85
N GLY E 9 27.19 29.58 -14.97
CA GLY E 9 28.36 29.62 -14.08
C GLY E 9 29.21 30.83 -14.39
N GLY E 10 29.21 31.87 -13.54
CA GLY E 10 30.08 33.08 -13.65
C GLY E 10 31.49 32.77 -13.16
N VAL E 11 31.99 33.58 -12.21
CA VAL E 11 33.27 33.36 -11.45
C VAL E 11 32.93 33.13 -9.96
N VAL E 12 33.70 32.29 -9.27
CA VAL E 12 33.51 32.00 -7.82
C VAL E 12 34.85 31.62 -7.15
N GLN E 13 34.99 31.80 -5.83
CA GLN E 13 36.24 31.52 -5.06
C GLN E 13 36.21 30.08 -4.56
N PRO E 14 37.38 29.40 -4.45
CA PRO E 14 37.44 27.95 -4.16
C PRO E 14 36.70 27.54 -2.88
N GLY E 15 35.94 26.45 -2.97
CA GLY E 15 35.11 25.96 -1.86
C GLY E 15 33.63 26.19 -2.13
N ARG E 16 33.26 27.40 -2.56
CA ARG E 16 31.82 27.76 -2.66
C ARG E 16 31.06 26.65 -3.43
N SER E 17 29.79 26.43 -3.07
CA SER E 17 28.84 25.59 -3.82
C SER E 17 28.45 26.36 -5.09
N LEU E 18 28.06 25.66 -6.16
CA LEU E 18 27.49 26.29 -7.39
C LEU E 18 26.58 25.31 -8.15
N ARG E 19 25.35 25.73 -8.47
CA ARG E 19 24.34 24.92 -9.20
C ARG E 19 24.35 25.35 -10.67
N LEU E 20 24.25 24.37 -11.57
CA LEU E 20 24.27 24.56 -13.03
C LEU E 20 22.97 23.98 -13.60
N SER E 21 22.32 24.70 -14.51
CA SER E 21 21.04 24.29 -15.14
C SER E 21 21.23 24.15 -16.65
N CYS E 22 20.38 23.33 -17.29
CA CYS E 22 20.42 23.01 -18.75
C CYS E 22 18.98 22.86 -19.26
N ALA E 23 18.41 23.94 -19.79
CA ALA E 23 17.01 24.01 -20.30
C ALA E 23 16.94 23.34 -21.68
N ALA E 24 16.19 22.25 -21.78
CA ALA E 24 15.96 21.50 -23.03
C ALA E 24 14.58 21.86 -23.58
N SER E 25 14.40 21.74 -24.89
CA SER E 25 13.13 22.06 -25.59
C SER E 25 13.13 21.38 -26.96
N GLY E 26 11.95 20.93 -27.38
CA GLY E 26 11.73 20.32 -28.71
C GLY E 26 12.12 18.85 -28.78
N PHE E 27 11.81 18.08 -27.73
CA PHE E 27 11.81 16.58 -27.76
C PHE E 27 11.25 16.05 -26.43
N THR E 28 10.86 14.78 -26.45
CA THR E 28 10.44 13.98 -25.25
C THR E 28 11.62 13.90 -24.27
N PHE E 29 11.90 14.97 -23.52
CA PHE E 29 13.00 15.02 -22.52
C PHE E 29 12.97 13.73 -21.69
N SER E 30 11.73 13.37 -21.36
CA SER E 30 11.26 12.15 -20.64
C SER E 30 12.03 10.90 -21.06
N SER E 31 12.58 10.84 -22.29
CA SER E 31 13.06 9.59 -22.96
C SER E 31 14.59 9.49 -22.98
N TYR E 32 15.28 10.58 -23.29
CA TYR E 32 16.74 10.48 -23.59
C TYR E 32 17.55 10.51 -22.30
N GLY E 33 18.75 9.94 -22.33
CA GLY E 33 19.82 10.25 -21.36
C GLY E 33 20.18 11.74 -21.40
N MET E 34 20.94 12.20 -20.39
CA MET E 34 21.41 13.61 -20.25
C MET E 34 22.72 13.64 -19.39
N HIS E 35 23.80 14.16 -19.98
CA HIS E 35 25.17 14.17 -19.39
C HIS E 35 25.60 15.61 -19.07
N TRP E 36 26.72 15.74 -18.35
CA TRP E 36 27.60 16.94 -18.29
C TRP E 36 28.98 16.57 -18.82
N VAL E 37 29.51 17.39 -19.70
CA VAL E 37 30.92 17.32 -20.17
C VAL E 37 31.55 18.68 -19.90
N ARG E 38 32.79 18.69 -19.40
CA ARG E 38 33.58 19.93 -19.19
C ARG E 38 34.75 19.94 -20.19
N GLN E 39 35.26 21.13 -20.48
CA GLN E 39 36.45 21.34 -21.35
C GLN E 39 37.32 22.47 -20.78
N ALA E 40 38.44 22.14 -20.13
CA ALA E 40 39.42 23.14 -19.65
C ALA E 40 39.95 23.91 -20.85
N PRO E 41 39.86 25.26 -20.89
CA PRO E 41 40.17 26.00 -22.11
C PRO E 41 41.56 25.55 -22.61
N GLY E 42 41.66 25.19 -23.90
CA GLY E 42 42.91 24.75 -24.56
C GLY E 42 43.12 23.23 -24.44
N LYS E 43 42.69 22.65 -23.30
CA LYS E 43 42.77 21.19 -23.05
C LYS E 43 41.62 20.47 -23.75
N GLY E 44 41.62 19.14 -23.62
CA GLY E 44 40.66 18.26 -24.29
C GLY E 44 39.29 18.32 -23.65
N LEU E 45 38.45 17.32 -23.95
CA LEU E 45 37.11 17.10 -23.36
C LEU E 45 37.22 16.09 -22.24
N GLU E 46 36.48 16.34 -21.16
CA GLU E 46 36.41 15.41 -19.99
C GLU E 46 34.94 15.11 -19.68
N TRP E 47 34.65 13.83 -19.45
CA TRP E 47 33.31 13.39 -19.02
C TRP E 47 33.15 13.74 -17.56
N VAL E 48 32.01 14.33 -17.19
CA VAL E 48 31.69 14.70 -15.80
C VAL E 48 30.73 13.67 -15.21
N ALA E 49 29.46 13.75 -15.60
CA ALA E 49 28.35 13.04 -14.94
C ALA E 49 27.35 12.58 -16.00
N VAL E 50 26.30 11.89 -15.57
CA VAL E 50 25.22 11.35 -16.44
C VAL E 50 23.96 11.06 -15.62
N PHE E 51 22.81 11.35 -16.20
CA PHE E 51 21.50 10.89 -15.68
C PHE E 51 20.79 10.19 -16.84
N TRP E 52 20.33 8.96 -16.65
CA TRP E 52 19.63 8.24 -17.75
C TRP E 52 18.15 8.56 -17.62
N TYR E 53 17.32 7.85 -18.39
CA TYR E 53 15.91 8.25 -18.57
C TYR E 53 15.05 7.62 -17.45
N ASP E 54 15.21 6.31 -17.16
CA ASP E 54 14.26 5.56 -16.30
C ASP E 54 14.36 6.01 -14.83
N GLY E 55 15.46 6.69 -14.47
CA GLY E 55 15.59 7.47 -13.23
C GLY E 55 16.66 6.90 -12.29
N SER E 56 16.50 5.66 -11.86
CA SER E 56 17.35 5.04 -10.81
C SER E 56 18.81 5.51 -10.95
N ASN E 57 19.31 5.60 -12.19
CA ASN E 57 20.76 5.54 -12.48
C ASN E 57 21.35 6.92 -12.77
N LYS E 58 22.30 7.30 -11.94
CA LYS E 58 23.07 8.55 -12.05
C LYS E 58 24.50 8.14 -11.77
N TYR E 59 25.44 8.50 -12.63
CA TYR E 59 26.85 8.05 -12.52
C TYR E 59 27.81 9.23 -12.66
N TYR E 60 28.95 9.20 -11.95
CA TYR E 60 29.96 10.29 -11.98
C TYR E 60 31.35 9.73 -12.30
N ALA E 61 32.27 10.61 -12.74
CA ALA E 61 33.66 10.25 -13.04
C ALA E 61 34.45 10.24 -11.72
N ASP E 62 35.46 9.38 -11.62
CA ASP E 62 36.27 9.29 -10.38
C ASP E 62 36.81 10.67 -10.03
N SER E 63 36.97 11.59 -10.99
CA SER E 63 37.52 12.95 -10.77
C SER E 63 36.56 13.80 -9.94
N VAL E 64 35.24 13.60 -10.05
CA VAL E 64 34.23 14.41 -9.31
C VAL E 64 33.32 13.50 -8.48
N LYS E 65 33.82 12.33 -8.06
CA LYS E 65 33.06 11.36 -7.24
C LYS E 65 32.63 12.09 -5.95
N GLY E 66 31.32 12.13 -5.68
CA GLY E 66 30.73 12.63 -4.43
C GLY E 66 31.13 14.07 -4.09
N ARG E 67 31.97 14.70 -4.91
CA ARG E 67 32.19 16.16 -4.91
C ARG E 67 31.02 16.85 -5.61
N PHE E 68 30.49 16.19 -6.64
CA PHE E 68 29.40 16.66 -7.53
C PHE E 68 28.17 15.76 -7.42
N THR E 69 27.01 16.39 -7.61
CA THR E 69 25.65 15.81 -7.60
C THR E 69 24.91 16.25 -8.86
N ILE E 70 24.40 15.30 -9.65
CA ILE E 70 23.56 15.56 -10.86
C ILE E 70 22.10 15.25 -10.53
N SER E 71 21.17 16.03 -11.06
CA SER E 71 19.72 15.88 -10.80
C SER E 71 18.95 16.35 -12.02
N ARG E 72 18.05 15.51 -12.49
CA ARG E 72 17.13 15.74 -13.63
C ARG E 72 15.77 16.11 -13.01
N ASP E 73 15.06 17.06 -13.62
CA ASP E 73 13.63 17.39 -13.31
C ASP E 73 12.81 17.39 -14.60
N ASN E 74 12.20 16.26 -14.91
CA ASN E 74 11.32 16.03 -16.07
C ASN E 74 10.06 16.89 -15.96
N SER E 75 9.64 17.22 -14.73
CA SER E 75 8.49 18.14 -14.48
C SER E 75 8.75 19.45 -15.21
N LYS E 76 10.02 19.79 -15.42
CA LYS E 76 10.44 21.15 -15.84
C LYS E 76 11.43 21.07 -16.99
N ASN E 77 11.58 19.90 -17.62
CA ASN E 77 12.47 19.64 -18.80
C ASN E 77 13.81 20.35 -18.62
N THR E 78 14.42 20.24 -17.43
CA THR E 78 15.71 20.89 -17.09
C THR E 78 16.59 19.91 -16.33
N LEU E 79 17.87 19.89 -16.70
CA LEU E 79 18.93 19.10 -16.03
C LEU E 79 19.75 20.05 -15.14
N TYR E 80 20.20 19.55 -13.98
CA TYR E 80 20.91 20.32 -12.94
C TYR E 80 22.23 19.61 -12.59
N LEU E 81 23.24 20.38 -12.19
CA LEU E 81 24.51 19.89 -11.62
C LEU E 81 24.87 20.76 -10.42
N GLN E 82 24.83 20.14 -9.24
CA GLN E 82 25.27 20.71 -7.95
C GLN E 82 26.79 20.48 -7.79
N MET E 83 27.59 21.56 -7.83
CA MET E 83 29.07 21.52 -7.75
C MET E 83 29.55 22.11 -6.42
N ASN E 84 29.72 21.24 -5.42
CA ASN E 84 30.23 21.61 -4.08
C ASN E 84 31.74 21.36 -4.08
N SER E 85 32.48 22.13 -3.29
CA SER E 85 33.93 21.93 -3.04
C SER E 85 34.68 22.09 -4.36
N LEU E 86 34.61 23.28 -4.94
CA LEU E 86 35.25 23.67 -6.21
C LEU E 86 36.74 23.90 -5.97
N SER E 87 37.49 23.99 -7.06
CA SER E 87 38.96 24.17 -7.08
C SER E 87 39.34 24.78 -8.44
N ALA E 88 40.60 24.77 -8.83
CA ALA E 88 41.06 25.43 -10.08
C ALA E 88 40.97 24.45 -11.24
N GLU E 89 41.02 23.15 -10.98
CA GLU E 89 40.94 22.09 -12.04
C GLU E 89 39.49 21.93 -12.54
N ASP E 90 38.53 22.54 -11.83
CA ASP E 90 37.10 22.62 -12.22
C ASP E 90 36.90 23.80 -13.17
N THR E 91 37.83 24.77 -13.19
CA THR E 91 37.83 25.89 -14.16
C THR E 91 37.86 25.24 -15.54
N ALA E 92 36.79 25.46 -16.32
CA ALA E 92 36.54 24.82 -17.63
C ALA E 92 35.18 25.25 -18.18
N VAL E 93 34.91 24.90 -19.43
CA VAL E 93 33.59 25.08 -20.11
C VAL E 93 32.72 23.87 -19.80
N TYR E 94 31.48 24.07 -19.36
CA TYR E 94 30.55 23.01 -18.90
C TYR E 94 29.35 22.88 -19.82
N TYR E 95 29.38 21.88 -20.71
CA TYR E 95 28.32 21.58 -21.69
C TYR E 95 27.40 20.48 -21.13
N CYS E 96 26.10 20.57 -21.40
CA CYS E 96 25.13 19.46 -21.19
C CYS E 96 24.76 18.90 -22.55
N ALA E 97 24.80 17.59 -22.69
CA ALA E 97 24.61 16.90 -23.98
C ALA E 97 23.67 15.72 -23.76
N ARG E 98 22.75 15.54 -24.70
CA ARG E 98 21.75 14.45 -24.80
C ARG E 98 22.48 13.17 -25.27
N ALA E 99 21.97 12.01 -24.88
CA ALA E 99 22.31 10.72 -25.48
C ALA E 99 20.98 10.03 -25.84
N PRO E 100 20.84 9.53 -27.09
CA PRO E 100 19.86 8.48 -27.38
C PRO E 100 20.29 7.18 -26.67
N ASN E 101 19.30 6.39 -26.28
CA ASN E 101 19.52 5.17 -25.46
C ASN E 101 20.33 4.17 -26.32
N TRP E 102 20.16 4.09 -27.67
CA TRP E 102 20.61 2.93 -28.51
C TRP E 102 22.11 2.70 -28.37
N ASP E 103 22.89 3.01 -29.42
CA ASP E 103 24.33 2.67 -29.50
C ASP E 103 25.08 3.68 -28.63
N ASP E 104 24.36 4.19 -27.64
CA ASP E 104 25.01 5.01 -26.60
C ASP E 104 25.92 5.98 -27.36
N ALA E 105 25.24 6.83 -28.18
CA ALA E 105 25.66 8.11 -28.81
C ALA E 105 25.81 9.27 -27.73
N PHE E 106 26.27 10.46 -28.17
CA PHE E 106 26.13 11.80 -27.54
C PHE E 106 25.63 12.78 -28.61
N ASP E 107 24.32 12.89 -28.78
CA ASP E 107 23.67 13.39 -30.04
C ASP E 107 23.97 14.86 -30.26
N ILE E 108 23.26 15.58 -29.42
CA ILE E 108 23.03 17.02 -29.48
C ILE E 108 23.77 17.60 -28.27
N TRP E 109 24.40 18.78 -28.41
CA TRP E 109 25.29 19.44 -27.41
C TRP E 109 24.73 20.83 -27.13
N GLY E 110 25.03 21.38 -25.97
CA GLY E 110 24.69 22.79 -25.68
C GLY E 110 25.79 23.70 -26.21
N GLN E 111 25.53 25.01 -26.28
CA GLN E 111 26.58 26.04 -26.53
C GLN E 111 27.64 25.96 -25.41
N GLY E 112 27.21 25.60 -24.19
CA GLY E 112 28.08 25.39 -23.04
C GLY E 112 28.08 26.63 -22.19
N THR E 113 28.68 26.55 -21.01
CA THR E 113 28.77 27.66 -20.02
C THR E 113 30.13 27.59 -19.32
N MET E 114 30.61 28.74 -18.83
CA MET E 114 31.98 28.90 -18.29
C MET E 114 31.96 28.86 -16.76
N VAL E 115 32.84 28.06 -16.18
CA VAL E 115 33.06 27.96 -14.71
C VAL E 115 34.50 28.43 -14.45
N THR E 116 34.71 29.65 -13.97
CA THR E 116 36.05 30.17 -13.57
C THR E 116 36.10 30.29 -12.05
N VAL E 117 36.93 29.48 -11.40
CA VAL E 117 37.04 29.42 -9.92
C VAL E 117 38.51 29.61 -9.59
N SER E 118 38.83 30.77 -9.01
CA SER E 118 40.22 31.20 -8.66
C SER E 118 40.18 32.06 -7.41
N SER E 119 41.36 32.17 -6.80
CA SER E 119 41.82 33.29 -5.95
C SER E 119 42.02 34.54 -6.82
N ALA E 120 40.90 35.17 -7.17
CA ALA E 120 40.82 36.50 -7.80
C ALA E 120 41.45 37.53 -6.85
N SER E 121 42.42 38.33 -7.33
CA SER E 121 43.12 39.39 -6.53
C SER E 121 44.10 40.08 -7.45
N THR E 122 43.96 41.38 -7.74
CA THR E 122 44.42 41.97 -9.04
C THR E 122 45.85 42.50 -8.87
N LYS E 123 46.86 41.79 -9.38
CA LYS E 123 48.28 41.98 -9.00
C LYS E 123 48.97 42.74 -10.11
N GLY E 124 49.84 43.68 -9.73
CA GLY E 124 50.85 44.30 -10.60
C GLY E 124 51.88 43.26 -10.99
N PRO E 125 52.37 43.28 -12.25
CA PRO E 125 53.35 42.31 -12.72
C PRO E 125 54.75 42.53 -12.17
N SER E 126 55.42 41.45 -11.76
CA SER E 126 56.89 41.37 -11.63
C SER E 126 57.45 41.51 -13.07
N VAL E 127 58.32 42.48 -13.35
CA VAL E 127 58.99 42.64 -14.68
C VAL E 127 60.47 42.35 -14.47
N PHE E 128 61.06 41.62 -15.43
CA PHE E 128 62.51 41.26 -15.47
C PHE E 128 63.04 41.45 -16.89
N PRO E 129 64.36 41.69 -17.11
CA PRO E 129 64.91 41.82 -18.45
C PRO E 129 65.21 40.45 -19.07
N LEU E 130 65.64 40.42 -20.30
CA LEU E 130 66.02 39.15 -20.98
C LEU E 130 67.30 39.39 -21.78
N ALA E 131 68.35 38.61 -21.46
CA ALA E 131 69.77 38.82 -21.85
C ALA E 131 69.98 38.75 -23.37
N PRO E 132 70.20 39.89 -24.07
CA PRO E 132 70.52 39.86 -25.50
C PRO E 132 71.91 39.32 -25.88
N SER E 133 72.22 38.06 -25.59
CA SER E 133 73.46 37.38 -26.04
C SER E 133 73.23 36.85 -27.45
N SER E 134 74.07 37.26 -28.41
CA SER E 134 73.91 36.96 -29.85
C SER E 134 74.05 35.45 -30.08
N LYS E 135 72.92 34.70 -30.01
CA LYS E 135 72.83 33.23 -30.19
C LYS E 135 71.41 32.77 -30.56
N SER E 136 70.53 33.69 -31.02
CA SER E 136 69.14 33.40 -31.46
C SER E 136 68.88 33.86 -32.91
N THR E 137 69.42 35.02 -33.30
CA THR E 137 69.24 35.68 -34.62
C THR E 137 70.56 35.71 -35.39
N SER E 138 70.50 35.62 -36.72
CA SER E 138 71.68 35.47 -37.64
C SER E 138 72.77 36.52 -37.35
N GLY E 139 73.95 36.35 -37.97
CA GLY E 139 75.18 37.11 -37.71
C GLY E 139 74.98 38.62 -37.54
N GLY E 140 73.98 39.21 -38.21
CA GLY E 140 73.80 40.67 -38.32
C GLY E 140 73.03 41.28 -37.16
N THR E 141 72.08 40.55 -36.55
CA THR E 141 71.18 41.05 -35.47
C THR E 141 71.18 40.08 -34.28
N ALA E 142 70.55 40.51 -33.18
CA ALA E 142 70.38 39.76 -31.91
C ALA E 142 68.97 40.01 -31.37
N ALA E 143 68.47 39.06 -30.58
CA ALA E 143 67.11 39.09 -29.98
C ALA E 143 67.23 39.39 -28.49
N LEU E 144 66.44 40.34 -27.99
CA LEU E 144 66.33 40.71 -26.54
C LEU E 144 64.91 41.13 -26.23
N GLY E 145 64.46 40.93 -25.00
CA GLY E 145 63.09 41.24 -24.58
C GLY E 145 62.98 41.53 -23.11
N CYS E 146 61.75 41.55 -22.60
CA CYS E 146 61.46 41.66 -21.15
C CYS E 146 60.29 40.74 -20.78
N LEU E 147 60.45 40.04 -19.65
CA LEU E 147 59.52 39.05 -19.07
C LEU E 147 58.57 39.77 -18.13
N VAL E 148 57.26 39.64 -18.37
CA VAL E 148 56.19 40.12 -17.46
C VAL E 148 55.59 38.90 -16.78
N LYS E 149 55.96 38.65 -15.52
CA LYS E 149 55.59 37.47 -14.70
C LYS E 149 54.33 37.84 -13.85
N ASP E 150 53.56 36.83 -13.42
CA ASP E 150 52.57 36.87 -12.30
C ASP E 150 51.72 38.16 -12.30
N TYR E 151 50.64 38.23 -13.06
CA TYR E 151 49.70 39.39 -13.09
C TYR E 151 48.25 38.88 -13.24
N PHE E 152 47.22 39.63 -12.76
CA PHE E 152 45.76 39.25 -12.76
C PHE E 152 44.85 40.25 -13.49
N PRO E 153 45.37 41.13 -14.35
CA PRO E 153 44.61 41.50 -15.52
C PRO E 153 44.75 40.33 -16.52
N GLU E 154 43.79 40.03 -17.38
CA GLU E 154 44.14 39.37 -18.68
C GLU E 154 45.03 40.33 -19.46
N PRO E 155 44.67 41.66 -19.48
CA PRO E 155 45.31 42.67 -20.32
C PRO E 155 46.48 43.48 -19.72
N VAL E 156 47.47 43.81 -20.54
CA VAL E 156 48.72 44.52 -20.10
C VAL E 156 49.47 44.99 -21.36
N THR E 157 49.72 46.29 -21.48
CA THR E 157 50.35 46.93 -22.68
C THR E 157 51.87 46.81 -22.57
N VAL E 158 52.54 46.59 -23.70
CA VAL E 158 54.04 46.56 -23.75
C VAL E 158 54.49 47.40 -24.95
N SER E 159 55.21 48.49 -24.69
CA SER E 159 55.84 49.37 -25.70
C SER E 159 57.35 49.12 -25.71
N TRP E 160 58.11 49.89 -26.48
CA TRP E 160 59.61 49.84 -26.50
C TRP E 160 60.19 51.24 -26.76
N ASN E 161 60.94 51.78 -25.80
CA ASN E 161 61.50 53.16 -25.83
C ASN E 161 60.34 54.14 -25.92
N SER E 162 59.41 54.02 -24.98
CA SER E 162 58.14 54.80 -24.83
C SER E 162 57.21 54.61 -26.03
N GLY E 163 57.35 53.50 -26.78
CA GLY E 163 56.52 53.22 -27.99
C GLY E 163 57.13 53.82 -29.25
N ALA E 164 58.41 54.21 -29.17
CA ALA E 164 59.21 54.78 -30.28
C ALA E 164 59.94 53.66 -31.03
N LEU E 165 59.46 52.42 -30.91
CA LEU E 165 60.04 51.24 -31.61
C LEU E 165 58.95 50.18 -31.75
N THR E 166 58.38 50.07 -32.95
CA THR E 166 57.39 49.01 -33.30
C THR E 166 58.04 48.03 -34.27
N SER E 167 59.29 48.30 -34.68
CA SER E 167 60.00 47.53 -35.74
C SER E 167 60.84 46.40 -35.11
N GLY E 168 60.43 45.15 -35.30
CA GLY E 168 61.13 43.95 -34.78
C GLY E 168 60.47 43.36 -33.54
N VAL E 169 59.48 44.07 -32.97
CA VAL E 169 58.69 43.69 -31.76
C VAL E 169 57.82 42.45 -32.06
N HIS E 170 57.79 41.50 -31.14
CA HIS E 170 57.00 40.24 -31.22
C HIS E 170 56.58 39.87 -29.79
N THR E 171 55.59 40.58 -29.24
CA THR E 171 54.90 40.26 -27.96
C THR E 171 54.12 38.95 -28.15
N PHE E 172 54.03 38.09 -27.11
CA PHE E 172 53.52 36.69 -27.22
C PHE E 172 52.21 36.54 -26.44
N PRO E 173 51.53 35.36 -26.53
CA PRO E 173 50.35 35.13 -25.71
C PRO E 173 50.80 34.99 -24.24
N ALA E 174 49.96 35.50 -23.36
CA ALA E 174 49.96 35.24 -21.90
C ALA E 174 49.77 33.73 -21.68
N VAL E 175 50.50 33.15 -20.72
CA VAL E 175 50.22 31.78 -20.19
C VAL E 175 49.42 31.94 -18.91
N LEU E 176 48.52 31.00 -18.63
CA LEU E 176 47.76 30.92 -17.34
C LEU E 176 48.48 29.90 -16.44
N GLN E 177 49.47 30.36 -15.66
CA GLN E 177 50.25 29.54 -14.68
C GLN E 177 49.24 28.86 -13.74
N SER E 178 49.59 27.68 -13.21
CA SER E 178 48.72 26.80 -12.38
C SER E 178 48.17 27.55 -11.17
N SER E 179 48.73 28.73 -10.87
CA SER E 179 48.31 29.63 -9.76
C SER E 179 47.14 30.53 -10.22
N GLY E 180 46.68 30.41 -11.46
CA GLY E 180 45.61 31.28 -12.00
C GLY E 180 46.06 32.73 -12.21
N LEU E 181 47.37 32.95 -12.29
CA LEU E 181 48.01 34.27 -12.59
C LEU E 181 48.68 34.17 -13.96
N TYR E 182 48.42 35.16 -14.81
CA TYR E 182 49.05 35.29 -16.15
C TYR E 182 50.52 35.69 -16.02
N SER E 183 51.27 35.41 -17.10
CA SER E 183 52.71 35.70 -17.36
C SER E 183 52.88 35.73 -18.88
N LEU E 184 53.69 36.65 -19.43
CA LEU E 184 54.02 36.64 -20.87
C LEU E 184 55.43 37.16 -21.05
N SER E 185 55.92 37.09 -22.28
CA SER E 185 57.16 37.78 -22.70
C SER E 185 56.86 38.66 -23.92
N SER E 186 57.77 39.60 -24.20
CA SER E 186 57.77 40.48 -25.40
C SER E 186 59.21 40.60 -25.89
N VAL E 187 59.52 40.00 -27.03
CA VAL E 187 60.87 40.02 -27.66
C VAL E 187 60.90 41.14 -28.71
N VAL E 188 62.10 41.57 -29.09
CA VAL E 188 62.34 42.52 -30.22
C VAL E 188 63.70 42.16 -30.84
N THR E 189 63.75 42.03 -32.16
CA THR E 189 64.99 41.74 -32.93
C THR E 189 65.62 43.08 -33.33
N VAL E 190 66.89 43.29 -32.96
CA VAL E 190 67.68 44.53 -33.24
C VAL E 190 69.09 44.15 -33.72
N PRO E 191 69.82 45.04 -34.42
CA PRO E 191 71.21 44.77 -34.81
C PRO E 191 72.26 44.68 -33.68
N SER E 192 73.29 43.81 -33.85
CA SER E 192 74.46 43.60 -32.96
C SER E 192 75.19 44.93 -32.71
N SER E 193 75.21 45.78 -33.73
CA SER E 193 75.91 47.09 -33.79
C SER E 193 75.37 48.06 -32.72
N SER E 194 74.10 47.92 -32.33
CA SER E 194 73.40 48.91 -31.48
C SER E 194 73.37 48.44 -30.02
N LEU E 195 74.02 47.31 -29.70
CA LEU E 195 74.09 46.80 -28.31
C LEU E 195 74.84 47.84 -27.44
N GLY E 196 76.06 48.20 -27.80
CA GLY E 196 76.89 49.22 -27.11
C GLY E 196 76.51 50.65 -27.47
N THR E 197 75.73 50.85 -28.55
CA THR E 197 75.38 52.16 -29.16
C THR E 197 74.04 52.69 -28.64
N GLN E 198 72.97 51.89 -28.76
CA GLN E 198 71.56 52.32 -28.51
C GLN E 198 71.02 51.67 -27.24
N THR E 199 70.09 52.36 -26.57
CA THR E 199 69.40 51.95 -25.31
C THR E 199 67.99 51.45 -25.61
N TYR E 200 67.67 50.26 -25.10
CA TYR E 200 66.35 49.57 -25.25
C TYR E 200 65.67 49.43 -23.89
N ILE E 201 64.58 50.15 -23.66
CA ILE E 201 63.78 50.10 -22.41
C ILE E 201 62.37 49.66 -22.75
N CYS E 202 61.99 48.46 -22.31
CA CYS E 202 60.63 47.91 -22.44
C CYS E 202 59.74 48.55 -21.36
N ASN E 203 58.55 48.99 -21.73
CA ASN E 203 57.64 49.76 -20.85
C ASN E 203 56.32 49.02 -20.72
N VAL E 204 55.98 48.63 -19.49
CA VAL E 204 54.72 47.91 -19.17
C VAL E 204 53.74 48.87 -18.47
N ASN E 205 52.47 48.81 -18.87
CA ASN E 205 51.34 49.48 -18.19
C ASN E 205 50.31 48.38 -17.96
N HIS E 206 49.72 48.32 -16.77
CA HIS E 206 48.65 47.35 -16.45
C HIS E 206 47.54 48.09 -15.71
N LYS E 207 46.74 48.87 -16.44
CA LYS E 207 45.84 49.91 -15.86
C LYS E 207 44.91 49.29 -14.82
N PRO E 208 44.50 48.02 -14.94
CA PRO E 208 43.80 47.31 -13.87
C PRO E 208 44.46 47.22 -12.47
N SER E 209 45.71 47.65 -12.29
CA SER E 209 46.31 47.94 -10.97
C SER E 209 47.12 49.24 -11.01
N ASN E 210 47.16 49.90 -12.18
CA ASN E 210 47.83 51.19 -12.46
C ASN E 210 49.36 51.10 -12.30
N THR E 211 49.89 49.89 -12.12
CA THR E 211 51.35 49.58 -12.04
C THR E 211 51.98 49.80 -13.42
N LYS E 212 52.98 50.69 -13.51
CA LYS E 212 53.57 51.10 -14.82
C LYS E 212 55.10 51.06 -14.74
N VAL E 213 55.65 49.84 -14.77
CA VAL E 213 57.12 49.55 -14.67
C VAL E 213 57.81 49.90 -15.99
N ASP E 214 59.09 50.33 -15.94
CA ASP E 214 59.89 50.69 -17.15
C ASP E 214 61.33 50.19 -16.98
N LYS E 215 61.60 48.93 -17.32
CA LYS E 215 62.92 48.24 -17.13
C LYS E 215 63.79 48.32 -18.40
N LYS E 216 65.03 48.76 -18.22
CA LYS E 216 66.07 48.80 -19.27
C LYS E 216 66.62 47.40 -19.43
N VAL E 217 67.09 47.10 -20.64
CA VAL E 217 67.64 45.78 -21.02
C VAL E 217 69.03 46.01 -21.61
N GLU E 218 70.08 45.56 -20.90
CA GLU E 218 71.52 45.65 -21.30
C GLU E 218 72.14 44.25 -21.38
N PRO E 219 73.18 44.03 -22.22
CA PRO E 219 73.93 42.76 -22.22
C PRO E 219 74.86 42.59 -21.02
N LYS E 220 75.50 41.42 -20.84
CA LYS E 220 76.05 41.04 -19.50
C LYS E 220 77.57 40.80 -19.55
N GLN F 1 43.96 4.77 -13.36
CA GLN F 1 42.91 5.11 -14.38
C GLN F 1 43.43 4.82 -15.79
N THR F 2 42.50 4.66 -16.75
CA THR F 2 42.74 4.34 -18.18
C THR F 2 42.73 5.62 -19.02
N VAL F 3 43.77 5.78 -19.84
CA VAL F 3 43.93 6.90 -20.79
C VAL F 3 43.45 6.39 -22.14
N VAL F 4 42.52 7.11 -22.79
CA VAL F 4 42.22 6.91 -24.24
C VAL F 4 43.21 7.79 -25.00
N THR F 5 44.11 7.15 -25.76
CA THR F 5 45.25 7.80 -26.44
C THR F 5 44.90 7.89 -27.93
N GLN F 6 44.74 9.12 -28.46
CA GLN F 6 44.51 9.34 -29.91
C GLN F 6 45.51 10.37 -30.38
N GLU F 7 45.94 10.25 -31.63
CA GLU F 7 47.04 11.04 -32.22
C GLU F 7 46.88 12.49 -31.76
N PRO F 8 48.00 13.19 -31.43
CA PRO F 8 47.93 14.55 -30.88
C PRO F 8 47.56 15.62 -31.92
N SER F 9 48.00 15.46 -33.17
CA SER F 9 47.78 16.39 -34.29
C SER F 9 48.05 15.73 -35.64
N PHE F 10 47.33 16.13 -36.67
CA PHE F 10 47.45 15.58 -38.04
C PHE F 10 47.32 16.70 -39.07
N SER F 11 47.97 16.45 -40.22
CA SER F 11 48.02 17.35 -41.39
C SER F 11 47.58 16.56 -42.63
N VAL F 12 46.78 17.20 -43.50
CA VAL F 12 46.25 16.53 -44.74
C VAL F 12 46.23 17.52 -45.92
N SER F 13 46.54 17.02 -47.12
CA SER F 13 46.34 17.73 -48.42
C SER F 13 44.84 17.88 -48.60
N PRO F 14 44.33 19.02 -49.13
CA PRO F 14 42.91 19.12 -49.48
C PRO F 14 42.58 18.08 -50.56
N GLY F 15 41.40 17.47 -50.48
CA GLY F 15 40.96 16.36 -51.34
C GLY F 15 41.77 15.09 -51.12
N GLY F 16 42.54 15.02 -50.04
CA GLY F 16 43.34 13.84 -49.67
C GLY F 16 42.57 12.95 -48.73
N THR F 17 43.16 11.83 -48.32
CA THR F 17 42.63 10.87 -47.31
C THR F 17 43.54 10.92 -46.10
N VAL F 18 42.94 10.86 -44.90
CA VAL F 18 43.68 10.77 -43.60
C VAL F 18 42.86 9.89 -42.65
N THR F 19 43.54 9.12 -41.81
CA THR F 19 42.89 8.29 -40.76
C THR F 19 43.41 8.70 -39.37
N LEU F 20 42.48 9.09 -38.48
CA LEU F 20 42.71 9.29 -37.04
C LEU F 20 42.43 7.95 -36.38
N THR F 21 43.34 7.45 -35.55
CA THR F 21 43.12 6.26 -34.71
C THR F 21 42.81 6.74 -33.30
N CYS F 22 42.49 5.81 -32.41
CA CYS F 22 42.05 6.04 -31.01
C CYS F 22 42.12 4.72 -30.25
N GLY F 23 43.14 4.58 -29.41
CA GLY F 23 43.45 3.34 -28.68
C GLY F 23 43.30 3.47 -27.15
N LEU F 24 43.31 2.31 -26.51
CA LEU F 24 43.23 2.16 -25.03
C LEU F 24 44.62 1.77 -24.52
N SER F 25 45.09 2.46 -23.49
CA SER F 25 46.37 2.21 -22.78
C SER F 25 46.49 0.73 -22.43
N SER F 26 45.41 0.13 -21.90
CA SER F 26 45.40 -1.24 -21.33
C SER F 26 44.30 -2.08 -21.96
N GLY F 27 44.63 -2.87 -22.98
CA GLY F 27 43.69 -3.71 -23.77
C GLY F 27 43.45 -3.16 -25.16
N SER F 28 42.71 -3.91 -25.99
CA SER F 28 42.26 -3.54 -27.36
C SER F 28 40.94 -2.78 -27.28
N VAL F 29 40.59 -2.12 -28.39
CA VAL F 29 39.27 -1.49 -28.62
C VAL F 29 38.48 -2.42 -29.52
N SER F 30 37.30 -2.81 -29.08
CA SER F 30 36.30 -3.55 -29.87
C SER F 30 35.09 -2.65 -30.06
N THR F 31 34.14 -3.16 -30.83
CA THR F 31 32.82 -2.53 -31.06
C THR F 31 32.12 -2.38 -29.70
N SER F 32 32.26 -3.35 -28.80
CA SER F 32 31.53 -3.41 -27.50
C SER F 32 32.05 -2.33 -26.54
N TYR F 33 32.85 -1.35 -27.00
CA TYR F 33 33.19 -0.11 -26.24
C TYR F 33 32.37 1.07 -26.78
N TYR F 34 31.59 0.82 -27.84
CA TYR F 34 30.74 1.78 -28.62
C TYR F 34 31.51 3.08 -28.97
N PRO F 35 32.58 2.96 -29.80
CA PRO F 35 33.31 4.11 -30.36
C PRO F 35 32.36 5.13 -30.96
N ASN F 36 32.92 6.31 -31.12
CA ASN F 36 32.14 7.57 -31.16
C ASN F 36 33.12 8.74 -31.36
N TRP F 37 32.92 9.49 -32.45
CA TRP F 37 33.84 10.53 -32.97
C TRP F 37 33.09 11.86 -33.03
N TYR F 38 33.78 12.98 -32.75
CA TYR F 38 33.15 14.34 -32.73
C TYR F 38 34.09 15.32 -33.44
N GLN F 39 33.48 16.29 -34.12
CA GLN F 39 34.18 17.47 -34.68
C GLN F 39 33.93 18.61 -33.71
N GLN F 40 34.99 19.24 -33.23
CA GLN F 40 34.87 20.50 -32.47
C GLN F 40 35.63 21.54 -33.24
N THR F 41 35.03 22.62 -33.73
CA THR F 41 35.80 23.85 -34.03
C THR F 41 36.20 24.43 -32.69
N PRO F 42 37.51 24.59 -32.39
CA PRO F 42 37.92 24.86 -31.02
C PRO F 42 37.10 26.06 -30.54
N GLY F 43 36.33 25.92 -29.45
CA GLY F 43 35.54 27.01 -28.82
C GLY F 43 34.12 27.13 -29.37
N GLN F 44 33.69 26.23 -30.28
CA GLN F 44 32.24 26.00 -30.56
C GLN F 44 31.82 24.62 -29.99
N ALA F 45 30.53 24.45 -29.68
CA ALA F 45 29.88 23.22 -29.21
C ALA F 45 30.14 22.11 -30.20
N PRO F 46 30.82 21.02 -29.79
CA PRO F 46 31.21 19.95 -30.70
C PRO F 46 30.03 19.24 -31.35
N ARG F 47 29.97 19.28 -32.70
CA ARG F 47 29.01 18.56 -33.60
C ARG F 47 29.33 17.06 -33.53
N THR F 48 28.28 16.24 -33.39
CA THR F 48 28.40 14.77 -33.38
C THR F 48 28.77 14.39 -34.80
N LEU F 49 29.48 13.29 -34.96
CA LEU F 49 29.90 12.82 -36.28
C LEU F 49 29.39 11.39 -36.44
N ILE F 50 30.00 10.42 -35.76
CA ILE F 50 29.85 8.95 -35.96
C ILE F 50 29.58 8.28 -34.61
N TYR F 51 28.44 7.58 -34.37
CA TYR F 51 28.29 6.67 -33.21
C TYR F 51 28.33 5.21 -33.68
N SER F 52 28.41 4.21 -32.78
CA SER F 52 28.50 2.75 -33.12
C SER F 52 29.85 2.35 -33.75
N THR F 53 30.65 3.31 -34.24
CA THR F 53 31.98 3.09 -34.92
C THR F 53 31.87 3.33 -36.42
N ASN F 54 30.71 2.99 -36.96
CA ASN F 54 30.43 2.88 -38.41
C ASN F 54 29.26 3.83 -38.75
N THR F 55 28.17 3.84 -37.98
CA THR F 55 26.95 4.68 -38.21
C THR F 55 27.33 6.15 -38.34
N ARG F 56 26.92 6.82 -39.43
CA ARG F 56 26.95 8.30 -39.59
C ARG F 56 25.68 8.87 -38.95
N SER F 57 25.74 10.09 -38.44
CA SER F 57 24.57 10.79 -37.85
C SER F 57 23.81 11.50 -38.99
N SER F 58 22.56 11.93 -38.77
CA SER F 58 21.75 12.74 -39.75
C SER F 58 22.60 13.91 -40.26
N GLY F 59 22.72 14.07 -41.58
CA GLY F 59 23.37 15.25 -42.20
C GLY F 59 24.87 15.32 -41.91
N VAL F 60 25.52 14.18 -41.68
CA VAL F 60 27.00 14.06 -41.64
C VAL F 60 27.43 13.75 -43.06
N PRO F 61 28.36 14.53 -43.64
CA PRO F 61 28.99 14.15 -44.91
C PRO F 61 29.51 12.71 -44.99
N ASP F 62 29.46 12.13 -46.20
CA ASP F 62 29.72 10.68 -46.49
C ASP F 62 31.23 10.43 -46.53
N ARG F 63 32.01 11.49 -46.74
CA ARG F 63 33.50 11.45 -46.77
C ARG F 63 34.04 10.96 -45.42
N PHE F 64 33.38 11.30 -44.30
CA PHE F 64 33.69 10.79 -42.92
C PHE F 64 33.15 9.38 -42.72
N SER F 65 33.99 8.45 -42.26
CA SER F 65 33.67 7.00 -42.26
C SER F 65 34.48 6.28 -41.18
N GLY F 66 33.80 5.84 -40.14
CA GLY F 66 34.45 5.26 -38.95
C GLY F 66 34.66 3.79 -39.13
N SER F 67 35.65 3.23 -38.45
CA SER F 67 36.02 1.80 -38.55
C SER F 67 36.78 1.40 -37.30
N ILE F 68 37.39 0.23 -37.35
CA ILE F 68 38.33 -0.31 -36.31
C ILE F 68 39.55 -0.91 -37.00
N LEU F 69 40.76 -0.41 -36.68
CA LEU F 69 42.06 -0.97 -37.14
C LEU F 69 42.77 -1.69 -35.98
N GLY F 70 42.74 -3.03 -35.99
CA GLY F 70 43.43 -3.88 -35.01
C GLY F 70 43.07 -3.48 -33.59
N ASN F 71 44.00 -2.84 -32.89
CA ASN F 71 43.87 -2.58 -31.44
C ASN F 71 43.01 -1.33 -31.22
N LYS F 72 42.92 -0.45 -32.22
CA LYS F 72 42.41 0.93 -32.07
C LYS F 72 41.11 1.08 -32.88
N ALA F 73 40.19 1.89 -32.39
CA ALA F 73 39.05 2.44 -33.17
C ALA F 73 39.64 3.48 -34.12
N ALA F 74 39.00 3.70 -35.26
CA ALA F 74 39.51 4.60 -36.32
C ALA F 74 38.40 5.46 -36.94
N LEU F 75 38.82 6.56 -37.55
CA LEU F 75 38.02 7.53 -38.34
C LEU F 75 38.80 7.91 -39.60
N THR F 76 38.30 7.46 -40.75
CA THR F 76 38.86 7.73 -42.08
C THR F 76 38.11 8.94 -42.67
N ILE F 77 38.83 10.02 -42.98
CA ILE F 77 38.25 11.21 -43.71
C ILE F 77 38.73 11.15 -45.17
N THR F 78 37.97 10.46 -46.02
CA THR F 78 38.26 10.25 -47.46
C THR F 78 37.78 11.49 -48.21
N GLY F 79 38.70 12.32 -48.68
CA GLY F 79 38.40 13.53 -49.47
C GLY F 79 38.19 14.73 -48.56
N ALA F 80 39.27 15.24 -47.99
CA ALA F 80 39.29 16.39 -47.07
C ALA F 80 38.86 17.66 -47.83
N GLN F 81 37.95 18.42 -47.21
CA GLN F 81 37.61 19.81 -47.59
C GLN F 81 38.34 20.76 -46.63
N ALA F 82 38.32 22.06 -46.92
CA ALA F 82 38.79 23.14 -46.02
C ALA F 82 37.87 23.21 -44.81
N ASP F 83 36.67 22.67 -44.97
CA ASP F 83 35.59 22.56 -43.96
C ASP F 83 36.04 21.64 -42.82
N ASP F 84 37.09 20.82 -43.01
CA ASP F 84 37.45 19.69 -42.11
C ASP F 84 38.60 20.07 -41.17
N GLU F 85 39.20 21.24 -41.33
CA GLU F 85 40.21 21.77 -40.37
C GLU F 85 39.47 21.99 -39.05
N SER F 86 39.49 20.99 -38.15
CA SER F 86 38.87 21.02 -36.80
C SER F 86 39.67 20.10 -35.85
N ASP F 87 39.25 20.06 -34.59
CA ASP F 87 39.76 19.16 -33.52
C ASP F 87 38.75 18.02 -33.40
N TYR F 88 39.24 16.78 -33.36
CA TYR F 88 38.43 15.52 -33.48
C TYR F 88 38.67 14.66 -32.25
N TYR F 89 37.58 14.41 -31.52
CA TYR F 89 37.56 13.68 -30.25
C TYR F 89 36.92 12.31 -30.52
N CYS F 90 37.63 11.26 -30.10
CA CYS F 90 37.15 9.88 -29.97
C CYS F 90 36.69 9.67 -28.55
N VAL F 91 35.83 8.68 -28.28
CA VAL F 91 35.37 8.39 -26.87
C VAL F 91 34.66 7.01 -26.77
N LEU F 92 35.02 6.20 -25.75
CA LEU F 92 34.55 4.79 -25.54
C LEU F 92 33.83 4.64 -24.16
N PHE F 93 32.80 3.78 -24.01
CA PHE F 93 31.95 3.59 -22.77
C PHE F 93 32.19 2.20 -22.13
N MET F 94 33.04 2.13 -21.07
CA MET F 94 33.44 0.90 -20.33
C MET F 94 32.42 0.60 -19.25
N GLY F 95 31.16 0.99 -19.49
CA GLY F 95 30.00 0.62 -18.67
C GLY F 95 30.19 0.94 -17.19
N SER F 96 29.12 0.75 -16.43
CA SER F 96 28.94 1.18 -15.01
C SER F 96 28.64 2.68 -14.94
N GLY F 97 28.58 3.36 -16.09
CA GLY F 97 28.38 4.82 -16.24
C GLY F 97 29.60 5.47 -16.84
N ILE F 98 30.72 4.76 -16.73
CA ILE F 98 32.10 5.26 -16.98
C ILE F 98 32.20 5.57 -18.49
N TRP F 99 32.23 6.86 -18.85
CA TRP F 99 32.61 7.31 -20.21
C TRP F 99 33.95 8.06 -20.14
N VAL F 100 34.90 7.80 -21.05
CA VAL F 100 36.22 8.49 -21.13
C VAL F 100 36.52 8.97 -22.56
N PHE F 101 36.86 10.25 -22.70
CA PHE F 101 37.21 10.91 -23.98
C PHE F 101 38.68 10.65 -24.34
N GLY F 102 39.04 10.99 -25.59
CA GLY F 102 40.42 11.07 -26.08
C GLY F 102 41.03 12.43 -25.84
N GLY F 103 42.35 12.52 -26.02
CA GLY F 103 43.12 13.76 -25.86
C GLY F 103 42.71 14.77 -26.92
N GLY F 104 42.21 14.28 -28.03
CA GLY F 104 41.83 15.13 -29.17
C GLY F 104 42.96 15.19 -30.17
N THR F 105 42.59 14.99 -31.44
CA THR F 105 43.47 15.10 -32.62
C THR F 105 43.15 16.41 -33.35
N LYS F 106 44.11 17.34 -33.49
CA LYS F 106 43.92 18.64 -34.22
C LYS F 106 44.30 18.37 -35.69
N LEU F 107 43.32 18.47 -36.59
CA LEU F 107 43.48 18.19 -38.04
C LEU F 107 43.66 19.53 -38.78
N THR F 108 44.82 19.67 -39.43
CA THR F 108 45.17 20.83 -40.27
C THR F 108 45.11 20.38 -41.72
N VAL F 109 44.46 21.18 -42.56
CA VAL F 109 44.34 20.98 -44.04
C VAL F 109 45.10 22.14 -44.71
N LEU F 110 45.98 21.93 -45.71
CA LEU F 110 46.38 23.06 -46.61
C LEU F 110 45.85 24.36 -46.02
N GLY F 111 46.70 25.38 -45.96
CA GLY F 111 46.35 26.80 -46.09
C GLY F 111 47.53 27.48 -46.75
N GLN F 112 48.67 27.33 -46.05
CA GLN F 112 50.02 27.86 -46.37
C GLN F 112 50.82 26.72 -46.99
N PRO F 113 52.12 26.96 -47.27
CA PRO F 113 53.11 25.89 -47.31
C PRO F 113 53.74 25.67 -45.93
N LYS F 114 54.24 24.44 -45.73
CA LYS F 114 54.68 23.85 -44.43
C LYS F 114 55.98 24.49 -43.94
N ALA F 115 55.88 25.53 -43.10
CA ALA F 115 57.02 26.30 -42.57
C ALA F 115 57.44 25.73 -41.21
N ALA F 116 58.73 25.40 -41.04
CA ALA F 116 59.27 24.81 -39.80
C ALA F 116 59.46 25.94 -38.78
N PRO F 117 59.59 25.61 -37.47
CA PRO F 117 59.57 26.62 -36.39
C PRO F 117 60.87 27.38 -36.10
N SER F 118 60.78 28.54 -35.45
CA SER F 118 61.93 29.40 -35.09
C SER F 118 61.99 29.62 -33.57
N VAL F 119 62.88 28.92 -32.87
CA VAL F 119 62.98 28.87 -31.39
C VAL F 119 64.06 29.84 -30.87
N THR F 120 63.66 30.76 -29.99
CA THR F 120 64.55 31.73 -29.27
C THR F 120 64.52 31.46 -27.76
N LEU F 121 65.55 30.82 -27.20
CA LEU F 121 65.60 30.40 -25.77
C LEU F 121 66.31 31.45 -24.93
N PHE F 122 65.68 31.84 -23.81
CA PHE F 122 66.24 32.84 -22.85
C PHE F 122 66.54 32.19 -21.50
N PRO F 123 67.61 32.64 -20.81
CA PRO F 123 67.88 32.23 -19.42
C PRO F 123 67.02 32.97 -18.40
N PRO F 124 67.08 32.58 -17.11
CA PRO F 124 66.47 33.37 -16.05
C PRO F 124 67.38 34.59 -15.94
N SER F 125 66.82 35.71 -15.48
CA SER F 125 67.43 37.07 -15.56
C SER F 125 68.55 37.26 -14.52
N SER F 126 69.38 38.29 -14.73
CA SER F 126 70.31 38.84 -13.72
C SER F 126 69.53 38.95 -12.41
N GLU F 127 68.40 39.65 -12.46
CA GLU F 127 67.62 40.21 -11.33
C GLU F 127 66.65 39.16 -10.76
N GLU F 128 66.10 38.28 -11.60
CA GLU F 128 65.03 37.31 -11.23
C GLU F 128 65.57 36.40 -10.15
N LEU F 129 66.77 35.88 -10.35
CA LEU F 129 67.35 34.93 -9.39
C LEU F 129 67.24 35.54 -8.00
N GLN F 130 67.53 36.83 -7.89
CA GLN F 130 67.62 37.60 -6.62
C GLN F 130 66.28 37.66 -5.90
N ALA F 131 65.15 37.46 -6.60
CA ALA F 131 63.79 37.37 -6.00
C ALA F 131 63.50 35.90 -5.60
N ASN F 132 64.39 34.97 -5.99
CA ASN F 132 64.43 33.56 -5.51
C ASN F 132 63.57 32.67 -6.42
N LYS F 133 62.83 33.28 -7.34
CA LYS F 133 62.16 32.63 -8.51
C LYS F 133 63.28 32.41 -9.57
N ALA F 134 63.04 31.63 -10.66
CA ALA F 134 64.01 31.37 -11.75
C ALA F 134 63.33 30.72 -12.96
N THR F 135 63.00 31.50 -14.00
CA THR F 135 62.06 31.11 -15.10
C THR F 135 62.82 31.08 -16.44
N LEU F 136 62.82 29.91 -17.08
CA LEU F 136 63.29 29.67 -18.47
C LEU F 136 62.21 29.99 -19.52
N VAL F 137 62.45 30.99 -20.35
CA VAL F 137 61.54 31.43 -21.43
C VAL F 137 62.02 30.79 -22.75
N CYS F 138 61.14 30.05 -23.44
CA CYS F 138 61.34 29.44 -24.78
C CYS F 138 60.25 29.99 -25.71
N LEU F 139 60.62 30.74 -26.75
CA LEU F 139 59.67 31.38 -27.73
C LEU F 139 59.69 30.63 -29.05
N ILE F 140 58.53 30.41 -29.65
CA ILE F 140 58.35 29.73 -30.96
C ILE F 140 57.65 30.70 -31.92
N SER F 141 58.02 30.72 -33.20
CA SER F 141 57.53 31.66 -34.24
C SER F 141 57.47 30.98 -35.60
N ASP F 142 56.61 31.49 -36.49
CA ASP F 142 56.67 31.31 -37.97
C ASP F 142 56.65 29.82 -38.35
N PHE F 143 55.66 29.05 -37.86
CA PHE F 143 55.46 27.62 -38.24
C PHE F 143 54.00 27.34 -38.68
N TYR F 144 53.87 26.42 -39.63
CA TYR F 144 52.59 25.95 -40.23
C TYR F 144 52.78 24.48 -40.56
N PRO F 145 51.92 23.55 -40.12
CA PRO F 145 50.70 23.86 -39.39
C PRO F 145 50.99 24.37 -37.98
N GLY F 146 49.99 24.46 -37.11
CA GLY F 146 50.13 24.99 -35.72
C GLY F 146 50.10 23.92 -34.63
N ALA F 147 51.04 22.97 -34.67
CA ALA F 147 51.06 21.81 -33.74
C ALA F 147 52.51 21.50 -33.46
N VAL F 148 52.90 21.71 -32.20
CA VAL F 148 54.31 21.59 -31.73
C VAL F 148 54.34 20.72 -30.48
N THR F 149 55.48 20.06 -30.25
CA THR F 149 55.78 19.25 -29.05
C THR F 149 56.96 19.92 -28.33
N VAL F 150 56.72 20.37 -27.12
CA VAL F 150 57.69 21.14 -26.29
C VAL F 150 58.32 20.18 -25.27
N ALA F 151 59.52 19.69 -25.57
CA ALA F 151 60.34 18.88 -24.64
C ALA F 151 61.37 19.80 -23.97
N TRP F 152 61.56 19.65 -22.65
CA TRP F 152 62.66 20.30 -21.89
C TRP F 152 63.65 19.23 -21.41
N LYS F 153 64.94 19.56 -21.36
CA LYS F 153 66.01 18.67 -20.82
C LYS F 153 66.85 19.40 -19.78
N ALA F 154 67.29 18.67 -18.77
CA ALA F 154 68.10 19.16 -17.64
C ALA F 154 69.58 19.05 -18.01
N ASP F 155 70.00 17.89 -18.56
CA ASP F 155 71.28 17.74 -19.33
C ASP F 155 71.01 16.81 -20.52
N SER F 156 70.60 15.59 -20.21
CA SER F 156 69.95 14.63 -21.14
C SER F 156 68.80 13.96 -20.37
N SER F 157 68.21 14.73 -19.46
CA SER F 157 67.24 14.30 -18.44
C SER F 157 65.93 15.00 -18.72
N PRO F 158 64.82 14.27 -18.93
CA PRO F 158 63.50 14.90 -19.07
C PRO F 158 63.04 15.56 -17.76
N VAL F 159 62.32 16.69 -17.85
CA VAL F 159 61.53 17.29 -16.75
C VAL F 159 60.11 17.50 -17.29
N LYS F 160 59.05 17.11 -16.58
CA LYS F 160 57.68 17.52 -17.03
C LYS F 160 57.00 18.34 -15.93
N ALA F 161 57.74 18.68 -14.87
CA ALA F 161 57.24 19.42 -13.70
C ALA F 161 57.52 20.92 -13.81
N GLY F 162 56.47 21.75 -13.70
CA GLY F 162 56.55 23.22 -13.65
C GLY F 162 56.78 23.83 -15.02
N VAL F 163 56.42 23.07 -16.05
CA VAL F 163 56.43 23.48 -17.48
C VAL F 163 55.03 23.97 -17.81
N GLU F 164 54.93 25.20 -18.26
CA GLU F 164 53.70 25.82 -18.78
C GLU F 164 53.96 26.16 -20.25
N THR F 165 53.03 25.79 -21.15
CA THR F 165 53.13 26.01 -22.62
C THR F 165 51.80 26.58 -23.14
N THR F 166 51.82 27.73 -23.84
CA THR F 166 50.60 28.40 -24.36
C THR F 166 50.00 27.55 -25.48
N THR F 167 48.75 27.82 -25.82
CA THR F 167 48.09 27.33 -27.05
C THR F 167 48.72 28.04 -28.24
N PRO F 168 49.12 27.29 -29.29
CA PRO F 168 49.57 27.91 -30.55
C PRO F 168 48.55 28.96 -31.00
N SER F 169 49.03 30.06 -31.58
CA SER F 169 48.23 31.28 -31.83
C SER F 169 48.66 31.93 -33.16
N LYS F 170 47.85 31.77 -34.20
CA LYS F 170 48.07 32.34 -35.56
C LYS F 170 48.64 33.76 -35.38
N GLN F 171 49.74 34.09 -36.04
CA GLN F 171 50.46 35.39 -35.90
C GLN F 171 49.78 36.46 -36.79
N SER F 172 50.42 37.62 -36.90
CA SER F 172 50.08 38.75 -37.80
C SER F 172 50.32 38.39 -39.28
N ASN F 173 50.83 37.19 -39.56
CA ASN F 173 51.25 36.72 -40.91
C ASN F 173 50.75 35.29 -41.15
N ASN F 174 49.59 34.96 -40.58
CA ASN F 174 48.83 33.69 -40.82
C ASN F 174 49.71 32.44 -40.61
N LYS F 175 50.89 32.56 -39.98
CA LYS F 175 51.70 31.42 -39.47
C LYS F 175 51.50 31.36 -37.95
N TYR F 176 51.61 30.18 -37.32
CA TYR F 176 51.30 29.97 -35.88
C TYR F 176 52.56 30.25 -35.04
N ALA F 177 52.34 30.57 -33.76
CA ALA F 177 53.36 30.98 -32.76
C ALA F 177 52.85 30.65 -31.35
N ALA F 178 53.74 30.24 -30.43
CA ALA F 178 53.42 29.92 -29.03
C ALA F 178 54.66 30.03 -28.15
N SER F 179 54.47 30.35 -26.88
CA SER F 179 55.53 30.45 -25.87
C SER F 179 55.51 29.19 -24.99
N SER F 180 56.65 28.84 -24.36
CA SER F 180 56.77 27.81 -23.29
C SER F 180 57.68 28.28 -22.15
N TYR F 181 57.12 28.43 -20.96
CA TYR F 181 57.83 28.82 -19.71
C TYR F 181 58.13 27.53 -18.90
N LEU F 182 59.28 27.50 -18.20
CA LEU F 182 59.68 26.45 -17.22
C LEU F 182 60.12 27.13 -15.92
N SER F 183 59.24 27.18 -14.92
CA SER F 183 59.57 27.71 -13.58
C SER F 183 60.59 26.76 -12.93
N LEU F 184 61.67 27.32 -12.36
CA LEU F 184 62.75 26.58 -11.65
C LEU F 184 63.12 27.35 -10.37
N THR F 185 64.02 26.75 -9.60
CA THR F 185 64.65 27.31 -8.36
C THR F 185 66.12 27.60 -8.63
N PRO F 186 66.66 28.71 -8.09
CA PRO F 186 68.03 29.14 -8.40
C PRO F 186 69.05 28.00 -8.21
N GLU F 187 68.73 27.04 -7.35
CA GLU F 187 69.57 25.86 -7.05
C GLU F 187 69.60 25.01 -8.32
N GLN F 188 68.43 24.56 -8.76
CA GLN F 188 68.23 23.67 -9.92
C GLN F 188 68.90 24.26 -11.16
N TRP F 189 68.96 25.60 -11.25
CA TRP F 189 69.53 26.31 -12.43
C TRP F 189 71.05 26.20 -12.43
N LYS F 190 71.68 26.24 -11.25
CA LYS F 190 73.16 26.17 -11.11
C LYS F 190 73.62 24.71 -11.00
N SER F 191 72.82 23.85 -10.37
CA SER F 191 73.14 22.41 -10.10
C SER F 191 73.45 21.66 -11.41
N HIS F 192 72.58 21.77 -12.43
CA HIS F 192 72.71 21.09 -13.75
C HIS F 192 73.48 22.02 -14.72
N ARG F 193 74.43 21.47 -15.50
CA ARG F 193 75.32 22.24 -16.42
C ARG F 193 74.45 23.18 -17.27
N SER F 194 73.69 22.61 -18.21
CA SER F 194 72.93 23.33 -19.26
C SER F 194 71.48 22.82 -19.34
N TYR F 195 70.54 23.73 -19.54
CA TYR F 195 69.12 23.40 -19.82
C TYR F 195 68.83 23.63 -21.30
N SER F 196 67.97 22.77 -21.85
CA SER F 196 67.58 22.80 -23.27
C SER F 196 66.04 22.87 -23.40
N CYS F 197 65.55 23.63 -24.39
CA CYS F 197 64.15 23.63 -24.90
C CYS F 197 64.09 22.98 -26.29
N GLN F 198 63.47 21.79 -26.33
CA GLN F 198 63.36 20.97 -27.56
C GLN F 198 61.94 21.08 -28.12
N VAL F 199 61.81 21.67 -29.30
CA VAL F 199 60.52 21.83 -30.02
C VAL F 199 60.60 20.99 -31.29
N THR F 200 59.59 20.13 -31.53
CA THR F 200 59.45 19.28 -32.73
C THR F 200 58.18 19.66 -33.50
N HIS F 201 58.25 19.82 -34.82
CA HIS F 201 57.13 20.28 -35.67
C HIS F 201 57.11 19.54 -37.00
N GLU F 202 56.20 18.58 -37.12
CA GLU F 202 56.05 17.67 -38.29
C GLU F 202 57.38 16.90 -38.47
N GLY F 203 57.87 16.30 -37.38
CA GLY F 203 59.13 15.52 -37.34
C GLY F 203 60.40 16.35 -37.30
N SER F 204 60.29 17.69 -37.44
CA SER F 204 61.41 18.67 -37.62
C SER F 204 61.86 19.21 -36.27
N THR F 205 62.66 18.43 -35.52
CA THR F 205 63.08 18.74 -34.12
C THR F 205 64.03 19.94 -34.10
N VAL F 206 63.72 20.95 -33.29
CA VAL F 206 64.56 22.16 -33.04
C VAL F 206 64.85 22.27 -31.53
N GLU F 207 66.14 22.40 -31.19
CA GLU F 207 66.66 22.50 -29.81
C GLU F 207 67.38 23.85 -29.67
N LYS F 208 67.37 24.38 -28.46
CA LYS F 208 68.29 25.46 -28.03
C LYS F 208 68.73 25.16 -26.59
N THR F 209 69.92 25.63 -26.20
CA THR F 209 70.61 25.29 -24.94
C THR F 209 71.13 26.57 -24.29
N VAL F 210 71.00 26.69 -22.97
CA VAL F 210 71.51 27.84 -22.16
C VAL F 210 72.05 27.31 -20.83
N ALA F 211 73.10 27.94 -20.29
CA ALA F 211 73.78 27.56 -19.03
C ALA F 211 74.37 28.78 -18.33
N PRO F 212 74.54 28.74 -17.00
CA PRO F 212 74.98 29.90 -16.22
C PRO F 212 76.28 30.60 -16.64
N GLN G 1 72.28 -38.79 10.97
CA GLN G 1 71.21 -37.74 11.12
C GLN G 1 71.09 -36.94 9.81
N VAL G 2 70.14 -35.99 9.76
CA VAL G 2 69.44 -35.51 8.52
C VAL G 2 70.42 -34.75 7.63
N GLN G 3 70.51 -35.10 6.34
CA GLN G 3 71.05 -34.17 5.33
C GLN G 3 70.55 -34.52 3.93
N LEU G 4 70.86 -33.58 3.04
CA LEU G 4 70.56 -33.58 1.58
C LEU G 4 71.88 -33.36 0.84
N VAL G 5 72.18 -34.27 -0.09
CA VAL G 5 73.32 -34.22 -1.04
C VAL G 5 72.76 -34.11 -2.46
N GLU G 6 73.42 -33.42 -3.36
CA GLU G 6 72.94 -33.27 -4.75
C GLU G 6 73.99 -33.80 -5.72
N SER G 7 73.56 -34.08 -6.96
CA SER G 7 74.40 -34.58 -8.08
C SER G 7 74.10 -33.81 -9.37
N GLY G 8 75.13 -33.56 -10.18
CA GLY G 8 75.07 -32.61 -11.32
C GLY G 8 76.46 -32.12 -11.66
N GLY G 9 76.99 -31.18 -10.86
CA GLY G 9 78.43 -30.88 -10.78
C GLY G 9 79.01 -30.28 -12.07
N GLY G 10 78.81 -30.95 -13.21
CA GLY G 10 79.57 -30.74 -14.45
C GLY G 10 79.29 -29.42 -15.19
N VAL G 11 79.95 -29.30 -16.35
CA VAL G 11 79.81 -28.22 -17.37
C VAL G 11 79.19 -28.83 -18.64
N VAL G 12 78.34 -28.07 -19.34
CA VAL G 12 77.58 -28.55 -20.55
C VAL G 12 77.42 -27.38 -21.53
N GLN G 13 77.28 -27.71 -22.82
CA GLN G 13 77.11 -26.72 -23.94
C GLN G 13 75.63 -26.38 -24.11
N PRO G 14 75.29 -25.13 -24.48
CA PRO G 14 73.91 -24.65 -24.46
C PRO G 14 72.96 -25.49 -25.31
N GLY G 15 71.77 -25.81 -24.79
CA GLY G 15 70.80 -26.69 -25.46
C GLY G 15 70.70 -28.02 -24.72
N ARG G 16 71.83 -28.70 -24.53
CA ARG G 16 71.77 -30.12 -24.08
C ARG G 16 70.91 -30.22 -22.82
N SER G 17 70.23 -31.36 -22.69
CA SER G 17 69.51 -31.82 -21.49
C SER G 17 70.52 -32.09 -20.37
N LEU G 18 70.08 -31.95 -19.12
CA LEU G 18 70.89 -32.34 -17.93
C LEU G 18 69.96 -32.71 -16.75
N ARG G 19 70.24 -33.84 -16.09
CA ARG G 19 69.43 -34.39 -14.96
C ARG G 19 70.17 -34.06 -13.66
N LEU G 20 69.41 -33.72 -12.62
CA LEU G 20 69.95 -33.37 -11.28
C LEU G 20 69.29 -34.30 -10.26
N SER G 21 70.07 -34.86 -9.34
CA SER G 21 69.58 -35.73 -8.25
C SER G 21 69.89 -35.10 -6.89
N CYS G 22 69.11 -35.46 -5.87
CA CYS G 22 69.24 -34.93 -4.48
C CYS G 22 68.96 -36.06 -3.50
N ALA G 23 70.01 -36.76 -3.05
CA ALA G 23 69.96 -37.92 -2.13
C ALA G 23 69.68 -37.45 -0.70
N ALA G 24 68.51 -37.80 -0.16
CA ALA G 24 68.06 -37.39 1.18
C ALA G 24 68.23 -38.57 2.13
N SER G 25 68.33 -38.28 3.43
CA SER G 25 68.47 -39.30 4.49
C SER G 25 68.10 -38.68 5.84
N GLY G 26 67.61 -39.51 6.76
CA GLY G 26 67.44 -39.15 8.18
C GLY G 26 66.14 -38.41 8.46
N PHE G 27 65.04 -38.80 7.79
CA PHE G 27 63.68 -38.25 8.00
C PHE G 27 62.67 -38.98 7.13
N THR G 28 61.39 -38.86 7.52
CA THR G 28 60.21 -39.39 6.77
C THR G 28 60.12 -38.68 5.41
N PHE G 29 60.95 -39.04 4.43
CA PHE G 29 61.01 -38.37 3.09
C PHE G 29 59.58 -38.22 2.57
N SER G 30 58.85 -39.31 2.79
CA SER G 30 57.43 -39.59 2.48
C SER G 30 56.55 -38.38 2.79
N SER G 31 56.92 -37.53 3.77
CA SER G 31 56.03 -36.53 4.41
C SER G 31 56.27 -35.09 3.91
N TYR G 32 57.53 -34.71 3.76
CA TYR G 32 57.92 -33.31 3.55
C TYR G 32 57.73 -32.94 2.08
N GLY G 33 57.48 -31.67 1.80
CA GLY G 33 57.79 -31.05 0.50
C GLY G 33 59.26 -31.19 0.13
N MET G 34 59.59 -30.86 -1.13
CA MET G 34 60.96 -30.88 -1.71
C MET G 34 61.07 -29.88 -2.88
N HIS G 35 61.98 -28.89 -2.77
CA HIS G 35 62.17 -27.78 -3.74
C HIS G 35 63.52 -27.91 -4.44
N TRP G 36 63.70 -27.12 -5.50
CA TRP G 36 65.00 -26.71 -6.10
C TRP G 36 65.11 -25.19 -6.03
N VAL G 37 66.24 -24.70 -5.56
CA VAL G 37 66.58 -23.25 -5.59
C VAL G 37 67.95 -23.14 -6.27
N ARG G 38 68.13 -22.13 -7.13
CA ARG G 38 69.42 -21.82 -7.80
C ARG G 38 69.97 -20.51 -7.25
N GLN G 39 71.28 -20.30 -7.38
CA GLN G 39 71.98 -19.04 -7.01
C GLN G 39 73.10 -18.73 -8.01
N ALA G 40 72.89 -17.78 -8.91
CA ALA G 40 73.93 -17.31 -9.86
C ALA G 40 75.12 -16.77 -9.05
N PRO G 41 76.36 -17.24 -9.28
CA PRO G 41 77.48 -16.90 -8.41
C PRO G 41 77.52 -15.37 -8.24
N GLY G 42 77.57 -14.90 -6.98
CA GLY G 42 77.62 -13.47 -6.61
C GLY G 42 76.24 -12.83 -6.49
N LYS G 43 75.29 -13.30 -7.31
CA LYS G 43 73.91 -12.78 -7.36
C LYS G 43 73.07 -13.43 -6.26
N GLY G 44 71.80 -13.03 -6.16
CA GLY G 44 70.88 -13.49 -5.09
C GLY G 44 70.43 -14.93 -5.29
N LEU G 45 69.37 -15.33 -4.58
CA LEU G 45 68.73 -16.66 -4.69
C LEU G 45 67.48 -16.55 -5.56
N GLU G 46 67.25 -17.59 -6.37
CA GLU G 46 66.05 -17.69 -7.25
C GLU G 46 65.35 -19.03 -6.99
N TRP G 47 64.03 -18.99 -6.87
CA TRP G 47 63.21 -20.23 -6.69
C TRP G 47 63.08 -20.87 -8.04
N VAL G 48 63.28 -22.19 -8.11
CA VAL G 48 63.19 -22.97 -9.37
C VAL G 48 61.85 -23.72 -9.38
N ALA G 49 61.73 -24.80 -8.61
CA ALA G 49 60.63 -25.78 -8.71
C ALA G 49 60.26 -26.29 -7.32
N VAL G 50 59.25 -27.15 -7.25
CA VAL G 50 58.74 -27.75 -6.00
C VAL G 50 57.94 -29.01 -6.31
N PHE G 51 58.09 -30.00 -5.46
CA PHE G 51 57.25 -31.22 -5.43
C PHE G 51 56.72 -31.35 -4.01
N TRP G 52 55.42 -31.57 -3.87
CA TRP G 52 54.73 -31.64 -2.55
C TRP G 52 54.85 -33.04 -1.96
N TYR G 53 53.95 -33.40 -1.05
CA TYR G 53 54.05 -34.61 -0.22
C TYR G 53 53.52 -35.83 -1.00
N ASP G 54 52.36 -35.76 -1.67
CA ASP G 54 51.59 -36.92 -2.19
C ASP G 54 51.87 -37.17 -3.67
N GLY G 55 52.42 -36.19 -4.41
CA GLY G 55 52.76 -36.33 -5.84
C GLY G 55 51.96 -35.39 -6.72
N SER G 56 50.63 -35.43 -6.60
CA SER G 56 49.70 -34.69 -7.49
C SER G 56 50.31 -33.35 -7.91
N ASN G 57 50.91 -32.63 -6.95
CA ASN G 57 51.21 -31.18 -7.09
C ASN G 57 52.70 -30.98 -7.37
N LYS G 58 53.00 -30.39 -8.51
CA LYS G 58 54.36 -29.94 -8.90
C LYS G 58 54.16 -28.54 -9.45
N TYR G 59 54.96 -27.58 -9.00
CA TYR G 59 54.91 -26.19 -9.51
C TYR G 59 56.32 -25.72 -9.91
N TYR G 60 56.40 -24.89 -10.94
CA TYR G 60 57.67 -24.32 -11.46
C TYR G 60 57.54 -22.80 -11.51
N ALA G 61 58.69 -22.12 -11.57
CA ALA G 61 58.79 -20.66 -11.66
C ALA G 61 58.60 -20.22 -13.10
N ASP G 62 58.02 -19.05 -13.31
CA ASP G 62 57.80 -18.48 -14.68
C ASP G 62 59.11 -18.56 -15.47
N SER G 63 60.25 -18.44 -14.81
CA SER G 63 61.58 -18.39 -15.46
C SER G 63 61.95 -19.74 -16.09
N VAL G 64 61.50 -20.86 -15.54
CA VAL G 64 61.82 -22.22 -16.08
C VAL G 64 60.54 -23.00 -16.38
N LYS G 65 59.45 -22.29 -16.73
CA LYS G 65 58.13 -22.92 -16.99
C LYS G 65 58.30 -23.92 -18.15
N GLY G 66 58.03 -25.21 -17.91
CA GLY G 66 57.99 -26.27 -18.94
C GLY G 66 59.29 -26.42 -19.71
N ARG G 67 60.30 -25.60 -19.41
CA ARG G 67 61.72 -25.82 -19.80
C ARG G 67 62.31 -26.89 -18.89
N PHE G 68 61.87 -26.90 -17.61
CA PHE G 68 62.31 -27.79 -16.52
C PHE G 68 61.15 -28.67 -16.05
N THR G 69 61.52 -29.90 -15.65
CA THR G 69 60.64 -31.00 -15.20
C THR G 69 61.21 -31.57 -13.91
N ILE G 70 60.40 -31.58 -12.84
CA ILE G 70 60.80 -32.09 -11.49
C ILE G 70 60.11 -33.44 -11.26
N SER G 71 60.78 -34.36 -10.59
CA SER G 71 60.25 -35.71 -10.31
C SER G 71 60.81 -36.23 -8.99
N ARG G 72 59.94 -36.68 -8.10
CA ARG G 72 60.26 -37.25 -6.77
C ARG G 72 60.15 -38.77 -6.90
N ASP G 73 61.05 -39.51 -6.22
CA ASP G 73 60.96 -40.99 -6.07
C ASP G 73 61.08 -41.39 -4.59
N ASN G 74 59.97 -41.48 -3.88
CA ASN G 74 59.91 -41.91 -2.46
C ASN G 74 60.33 -43.36 -2.34
N SER G 75 60.16 -44.16 -3.39
CA SER G 75 60.66 -45.57 -3.42
C SER G 75 62.16 -45.56 -3.14
N LYS G 76 62.84 -44.44 -3.41
CA LYS G 76 64.32 -44.38 -3.46
C LYS G 76 64.82 -43.16 -2.67
N ASN G 77 63.95 -42.50 -1.90
CA ASN G 77 64.26 -41.31 -1.04
C ASN G 77 65.21 -40.35 -1.79
N THR G 78 64.92 -40.03 -3.05
CA THR G 78 65.71 -39.10 -3.88
C THR G 78 64.79 -38.19 -4.72
N LEU G 79 65.18 -36.93 -4.86
CA LEU G 79 64.50 -35.93 -5.72
C LEU G 79 65.30 -35.74 -7.02
N TYR G 80 64.62 -35.50 -8.13
CA TYR G 80 65.21 -35.35 -9.50
C TYR G 80 64.74 -34.03 -10.14
N LEU G 81 65.57 -33.45 -11.01
CA LEU G 81 65.22 -32.29 -11.86
C LEU G 81 65.81 -32.51 -13.27
N GLN G 82 64.92 -32.66 -14.25
CA GLN G 82 65.23 -32.71 -15.71
C GLN G 82 65.31 -31.29 -16.28
N MET G 83 66.51 -30.86 -16.70
CA MET G 83 66.78 -29.49 -17.21
C MET G 83 67.10 -29.56 -18.72
N ASN G 84 66.06 -29.42 -19.53
CA ASN G 84 66.17 -29.39 -21.01
C ASN G 84 66.25 -27.93 -21.45
N SER G 85 66.94 -27.69 -22.56
CA SER G 85 67.04 -26.37 -23.21
C SER G 85 67.72 -25.39 -22.25
N LEU G 86 68.98 -25.65 -21.91
CA LEU G 86 69.82 -24.82 -21.01
C LEU G 86 70.33 -23.60 -21.78
N SER G 87 70.91 -22.64 -21.06
CA SER G 87 71.43 -21.36 -21.57
C SER G 87 72.44 -20.81 -20.55
N ALA G 88 72.82 -19.54 -20.60
CA ALA G 88 73.85 -18.97 -19.70
C ALA G 88 73.21 -18.48 -18.39
N GLU G 89 71.92 -18.12 -18.41
CA GLU G 89 71.19 -17.60 -17.22
C GLU G 89 70.83 -18.75 -16.26
N ASP G 90 70.99 -19.99 -16.73
CA ASP G 90 70.83 -21.21 -15.90
C ASP G 90 72.14 -21.51 -15.17
N THR G 91 73.27 -20.97 -15.65
CA THR G 91 74.58 -21.07 -14.94
C THR G 91 74.34 -20.47 -13.55
N ALA G 92 74.48 -21.32 -12.51
CA ALA G 92 74.22 -21.00 -11.11
C ALA G 92 74.51 -22.23 -10.21
N VAL G 93 74.46 -22.03 -8.89
CA VAL G 93 74.53 -23.10 -7.87
C VAL G 93 73.11 -23.61 -7.66
N TYR G 94 72.90 -24.93 -7.68
CA TYR G 94 71.56 -25.57 -7.59
C TYR G 94 71.42 -26.37 -6.30
N TYR G 95 70.70 -25.81 -5.32
CA TYR G 95 70.39 -26.46 -4.02
C TYR G 95 69.04 -27.15 -4.12
N CYS G 96 68.89 -28.31 -3.45
CA CYS G 96 67.59 -28.91 -3.09
C CYS G 96 67.38 -28.65 -1.60
N ALA G 97 66.20 -28.15 -1.23
CA ALA G 97 65.84 -27.93 0.16
C ALA G 97 64.49 -28.60 0.46
N ARG G 98 64.36 -29.20 1.64
CA ARG G 98 63.10 -29.80 2.15
C ARG G 98 62.23 -28.68 2.71
N ALA G 99 60.93 -28.90 2.71
CA ALA G 99 59.91 -28.04 3.32
C ALA G 99 59.03 -28.89 4.24
N PRO G 100 58.85 -28.51 5.52
CA PRO G 100 57.76 -29.05 6.33
C PRO G 100 56.41 -28.53 5.76
N ASN G 101 55.38 -29.31 6.01
CA ASN G 101 54.00 -29.04 5.51
C ASN G 101 53.52 -27.71 6.18
N TRP G 102 54.18 -27.05 7.17
CA TRP G 102 53.74 -25.75 7.80
C TRP G 102 53.36 -24.69 6.75
N ASP G 103 54.09 -23.55 6.70
CA ASP G 103 53.85 -22.42 5.75
C ASP G 103 54.36 -22.89 4.39
N ASP G 104 54.24 -24.21 4.15
CA ASP G 104 54.98 -24.87 3.08
C ASP G 104 56.45 -24.26 3.31
N ALA G 105 57.15 -24.35 4.53
CA ALA G 105 58.37 -23.59 5.06
C ALA G 105 59.67 -23.88 4.27
N PHE G 106 60.88 -23.74 4.84
CA PHE G 106 62.17 -24.29 4.27
C PHE G 106 63.26 -24.58 5.31
N ASP G 107 63.12 -25.55 6.23
CA ASP G 107 64.03 -25.68 7.39
C ASP G 107 65.44 -26.13 6.94
N ILE G 108 65.58 -27.24 6.22
CA ILE G 108 66.89 -27.87 5.92
C ILE G 108 67.28 -27.56 4.48
N TRP G 109 68.56 -27.26 4.22
CA TRP G 109 69.15 -26.96 2.87
C TRP G 109 70.29 -27.92 2.58
N GLY G 110 70.50 -28.22 1.29
CA GLY G 110 71.58 -29.11 0.84
C GLY G 110 72.86 -28.32 0.68
N GLN G 111 73.98 -29.02 0.52
CA GLN G 111 75.31 -28.44 0.26
C GLN G 111 75.27 -27.64 -1.05
N GLY G 112 74.53 -28.14 -2.04
CA GLY G 112 74.31 -27.48 -3.34
C GLY G 112 75.27 -28.06 -4.38
N THR G 113 74.99 -27.82 -5.67
CA THR G 113 75.80 -28.32 -6.82
C THR G 113 75.87 -27.23 -7.91
N MET G 114 76.93 -27.28 -8.72
CA MET G 114 77.28 -26.19 -9.68
C MET G 114 76.86 -26.60 -11.10
N VAL G 115 76.14 -25.71 -11.76
CA VAL G 115 75.65 -25.90 -13.16
C VAL G 115 76.29 -24.79 -14.00
N THR G 116 77.34 -25.11 -14.77
CA THR G 116 78.02 -24.16 -15.68
C THR G 116 77.72 -24.56 -17.13
N VAL G 117 77.03 -23.69 -17.85
CA VAL G 117 76.68 -23.91 -19.28
C VAL G 117 77.25 -22.74 -20.08
N SER G 118 78.28 -23.01 -20.88
CA SER G 118 78.95 -22.05 -21.79
C SER G 118 79.38 -22.79 -23.08
N SER G 119 79.73 -22.03 -24.10
CA SER G 119 80.48 -22.54 -25.29
C SER G 119 81.91 -22.87 -24.83
N ALA G 120 82.48 -22.04 -23.95
CA ALA G 120 83.48 -22.48 -22.96
C ALA G 120 84.83 -22.83 -23.63
N SER G 121 85.20 -22.18 -24.73
CA SER G 121 86.46 -22.45 -25.51
C SER G 121 87.67 -21.95 -24.72
N THR G 122 88.88 -22.49 -24.95
CA THR G 122 90.12 -22.17 -24.16
C THR G 122 90.81 -20.93 -24.75
N LYS G 123 90.72 -19.76 -24.11
CA LYS G 123 90.86 -18.43 -24.78
C LYS G 123 92.24 -17.82 -24.55
N GLY G 124 92.73 -17.10 -25.55
CA GLY G 124 93.84 -16.13 -25.41
C GLY G 124 93.29 -14.78 -24.95
N PRO G 125 94.03 -14.04 -24.10
CA PRO G 125 93.60 -12.69 -23.70
C PRO G 125 93.98 -11.63 -24.75
N SER G 126 93.00 -10.81 -25.15
CA SER G 126 93.22 -9.47 -25.74
C SER G 126 93.84 -8.61 -24.63
N VAL G 127 95.01 -8.01 -24.86
CA VAL G 127 95.64 -7.03 -23.92
C VAL G 127 95.55 -5.64 -24.55
N PHE G 128 95.25 -4.63 -23.73
CA PHE G 128 95.16 -3.19 -24.12
C PHE G 128 95.82 -2.35 -23.02
N PRO G 129 96.34 -1.15 -23.33
CA PRO G 129 96.91 -0.27 -22.30
C PRO G 129 95.82 0.56 -21.62
N LEU G 130 96.17 1.32 -20.60
CA LEU G 130 95.20 2.21 -19.92
C LEU G 130 95.86 3.56 -19.66
N ALA G 131 95.29 4.59 -20.31
CA ALA G 131 95.86 5.95 -20.53
C ALA G 131 96.03 6.68 -19.20
N PRO G 132 97.29 6.84 -18.71
CA PRO G 132 97.56 7.40 -17.37
C PRO G 132 97.07 8.84 -17.15
N SER G 133 95.79 8.95 -16.81
CA SER G 133 95.10 10.20 -16.43
C SER G 133 95.41 10.52 -14.97
N SER G 134 95.99 11.68 -14.71
CA SER G 134 96.01 12.30 -13.35
C SER G 134 94.59 12.76 -13.02
N LYS G 135 93.77 11.89 -12.41
CA LYS G 135 92.36 12.18 -11.97
C LYS G 135 91.99 11.36 -10.70
N SER G 136 92.94 10.57 -10.16
CA SER G 136 92.78 9.72 -8.95
C SER G 136 93.84 10.05 -7.88
N THR G 137 94.99 10.60 -8.29
CA THR G 137 96.19 10.84 -7.45
C THR G 137 96.46 12.35 -7.30
N SER G 138 97.03 12.76 -6.16
CA SER G 138 97.18 14.19 -5.71
C SER G 138 98.65 14.54 -5.45
N GLY G 139 99.35 13.73 -4.64
CA GLY G 139 100.69 14.04 -4.08
C GLY G 139 101.81 13.91 -5.10
N GLY G 140 101.55 14.26 -6.36
CA GLY G 140 102.53 14.27 -7.47
C GLY G 140 102.73 12.91 -8.11
N THR G 141 101.69 12.07 -8.17
CA THR G 141 101.69 10.75 -8.84
C THR G 141 100.46 10.63 -9.76
N ALA G 142 100.44 9.58 -10.58
CA ALA G 142 99.29 9.20 -11.45
C ALA G 142 99.14 7.68 -11.44
N ALA G 143 97.92 7.23 -11.70
CA ALA G 143 97.54 5.81 -11.81
C ALA G 143 97.44 5.41 -13.29
N LEU G 144 98.07 4.30 -13.68
CA LEU G 144 98.04 3.69 -15.03
C LEU G 144 98.08 2.18 -14.91
N GLY G 145 97.49 1.47 -15.87
CA GLY G 145 97.49 -0.01 -15.87
C GLY G 145 97.39 -0.59 -17.26
N CYS G 146 97.06 -1.88 -17.34
CA CYS G 146 96.74 -2.60 -18.60
C CYS G 146 95.53 -3.53 -18.39
N LEU G 147 94.62 -3.55 -19.37
CA LEU G 147 93.36 -4.33 -19.43
C LEU G 147 93.66 -5.69 -20.06
N VAL G 148 93.33 -6.78 -19.36
CA VAL G 148 93.31 -8.16 -19.93
C VAL G 148 91.84 -8.56 -20.18
N LYS G 149 91.40 -8.50 -21.44
CA LYS G 149 90.00 -8.72 -21.88
C LYS G 149 89.85 -10.20 -22.32
N ASP G 150 88.64 -10.76 -22.24
CA ASP G 150 88.15 -11.97 -22.97
C ASP G 150 89.19 -13.10 -22.94
N TYR G 151 89.20 -13.92 -21.88
CA TYR G 151 90.08 -15.11 -21.73
C TYR G 151 89.30 -16.20 -20.98
N PHE G 152 89.67 -17.51 -20.97
CA PHE G 152 88.82 -18.57 -20.34
C PHE G 152 89.42 -19.45 -19.26
N PRO G 153 90.63 -19.98 -19.42
CA PRO G 153 91.15 -20.84 -18.38
C PRO G 153 91.73 -19.92 -17.30
N GLU G 154 91.01 -19.74 -16.19
CA GLU G 154 91.60 -19.07 -15.00
C GLU G 154 92.74 -19.98 -14.52
N PRO G 155 93.86 -19.45 -13.99
CA PRO G 155 94.10 -18.00 -13.80
C PRO G 155 94.83 -17.25 -14.95
N VAL G 156 95.34 -16.05 -14.69
CA VAL G 156 96.30 -15.29 -15.56
C VAL G 156 97.26 -14.49 -14.65
N THR G 157 98.59 -14.61 -14.82
CA THR G 157 99.61 -13.88 -14.02
C THR G 157 99.82 -12.49 -14.62
N VAL G 158 100.04 -11.46 -13.79
CA VAL G 158 100.35 -10.07 -14.24
C VAL G 158 101.51 -9.51 -13.43
N SER G 159 102.64 -9.22 -14.10
CA SER G 159 103.87 -8.60 -13.55
C SER G 159 103.96 -7.15 -14.02
N TRP G 160 105.06 -6.45 -13.70
CA TRP G 160 105.34 -5.09 -14.20
C TRP G 160 106.86 -4.90 -14.39
N ASN G 161 107.30 -4.65 -15.62
CA ASN G 161 108.74 -4.52 -16.00
C ASN G 161 109.42 -5.85 -15.67
N SER G 162 108.87 -6.94 -16.19
CA SER G 162 109.30 -8.36 -16.01
C SER G 162 109.19 -8.81 -14.54
N GLY G 163 108.37 -8.15 -13.71
CA GLY G 163 108.22 -8.44 -12.28
C GLY G 163 109.25 -7.70 -11.43
N ALA G 164 109.91 -6.70 -12.02
CA ALA G 164 110.89 -5.80 -11.38
C ALA G 164 110.18 -4.57 -10.81
N LEU G 165 108.87 -4.69 -10.53
CA LEU G 165 108.04 -3.65 -9.85
C LEU G 165 106.85 -4.34 -9.20
N THR G 166 106.92 -4.56 -7.88
CA THR G 166 105.83 -5.16 -7.08
C THR G 166 105.22 -4.05 -6.20
N SER G 167 105.83 -2.86 -6.19
CA SER G 167 105.53 -1.77 -5.24
C SER G 167 104.49 -0.80 -5.84
N GLY G 168 103.25 -0.80 -5.32
CA GLY G 168 102.15 0.11 -5.73
C GLY G 168 101.18 -0.52 -6.72
N VAL G 169 101.45 -1.76 -7.13
CA VAL G 169 100.62 -2.59 -8.06
C VAL G 169 99.33 -3.01 -7.33
N HIS G 170 98.19 -2.98 -8.01
CA HIS G 170 96.87 -3.48 -7.51
C HIS G 170 96.14 -4.21 -8.66
N THR G 171 96.50 -5.47 -8.93
CA THR G 171 95.78 -6.40 -9.85
C THR G 171 94.40 -6.73 -9.22
N PHE G 172 93.35 -6.92 -10.02
CA PHE G 172 91.94 -7.02 -9.53
C PHE G 172 91.37 -8.42 -9.73
N PRO G 173 90.16 -8.71 -9.17
CA PRO G 173 89.45 -9.93 -9.50
C PRO G 173 89.02 -9.85 -10.97
N ALA G 174 89.08 -11.00 -11.63
CA ALA G 174 88.43 -11.27 -12.93
C ALA G 174 86.92 -11.07 -12.79
N VAL G 175 86.28 -10.49 -13.80
CA VAL G 175 84.80 -10.52 -13.95
C VAL G 175 84.46 -11.66 -14.88
N LEU G 176 83.33 -12.33 -14.65
CA LEU G 176 82.80 -13.38 -15.55
C LEU G 176 81.72 -12.75 -16.44
N GLN G 177 82.11 -12.17 -17.59
CA GLN G 177 81.17 -11.52 -18.56
C GLN G 177 80.11 -12.57 -18.95
N SER G 178 78.88 -12.12 -19.29
CA SER G 178 77.68 -12.99 -19.52
C SER G 178 77.96 -14.02 -20.62
N SER G 179 79.05 -13.83 -21.37
CA SER G 179 79.54 -14.74 -22.45
C SER G 179 80.37 -15.88 -21.86
N GLY G 180 80.57 -15.94 -20.54
CA GLY G 180 81.37 -16.99 -19.88
C GLY G 180 82.86 -16.81 -20.15
N LEU G 181 83.27 -15.60 -20.53
CA LEU G 181 84.69 -15.20 -20.75
C LEU G 181 85.11 -14.23 -19.66
N TYR G 182 86.21 -14.54 -18.97
CA TYR G 182 86.83 -13.64 -17.97
C TYR G 182 87.49 -12.44 -18.67
N SER G 183 87.63 -11.37 -17.86
CA SER G 183 88.29 -10.07 -18.14
C SER G 183 88.73 -9.49 -16.78
N LEU G 184 89.90 -8.86 -16.69
CA LEU G 184 90.33 -8.14 -15.46
C LEU G 184 91.22 -6.97 -15.86
N SER G 185 91.58 -6.15 -14.86
CA SER G 185 92.62 -5.11 -15.01
C SER G 185 93.69 -5.29 -13.93
N SER G 186 94.82 -4.60 -14.14
CA SER G 186 95.93 -4.46 -13.19
C SER G 186 96.44 -3.02 -13.24
N VAL G 187 96.18 -2.24 -12.19
CA VAL G 187 96.60 -0.83 -12.04
C VAL G 187 97.93 -0.77 -11.27
N VAL G 188 98.66 0.34 -11.36
CA VAL G 188 99.90 0.63 -10.56
C VAL G 188 100.01 2.16 -10.41
N THR G 189 100.21 2.67 -9.19
CA THR G 189 100.39 4.12 -8.90
C THR G 189 101.90 4.45 -8.98
N VAL G 190 102.26 5.41 -9.83
CA VAL G 190 103.67 5.85 -10.06
C VAL G 190 103.71 7.38 -10.08
N PRO G 191 104.88 7.99 -9.78
CA PRO G 191 105.07 9.45 -9.94
C PRO G 191 105.04 10.00 -11.38
N SER G 192 104.48 11.22 -11.52
CA SER G 192 104.39 12.02 -12.79
C SER G 192 105.78 12.20 -13.42
N SER G 193 106.79 12.32 -12.55
CA SER G 193 108.20 12.67 -12.84
C SER G 193 108.86 11.67 -13.80
N SER G 194 108.38 10.43 -13.82
CA SER G 194 109.01 9.29 -14.53
C SER G 194 108.37 9.08 -15.91
N LEU G 195 107.54 9.99 -16.39
CA LEU G 195 106.94 9.96 -17.75
C LEU G 195 108.03 9.82 -18.81
N GLY G 196 108.93 10.82 -18.91
CA GLY G 196 110.03 10.86 -19.90
C GLY G 196 111.23 10.04 -19.46
N THR G 197 111.27 9.64 -18.16
CA THR G 197 112.42 9.00 -17.46
C THR G 197 112.30 7.47 -17.48
N GLN G 198 111.17 6.93 -17.02
CA GLN G 198 110.98 5.49 -16.76
C GLN G 198 109.94 4.89 -17.72
N THR G 199 110.15 3.62 -18.11
CA THR G 199 109.29 2.82 -19.01
C THR G 199 108.50 1.80 -18.20
N TYR G 200 107.18 1.73 -18.40
CA TYR G 200 106.24 0.81 -17.70
C TYR G 200 105.62 -0.19 -18.68
N ILE G 201 106.05 -1.46 -18.61
CA ILE G 201 105.50 -2.56 -19.47
C ILE G 201 104.88 -3.62 -18.56
N CYS G 202 103.55 -3.74 -18.63
CA CYS G 202 102.76 -4.79 -17.93
C CYS G 202 102.91 -6.09 -18.72
N ASN G 203 103.15 -7.21 -18.03
CA ASN G 203 103.45 -8.51 -18.66
C ASN G 203 102.41 -9.53 -18.20
N VAL G 204 101.68 -10.11 -19.16
CA VAL G 204 100.64 -11.16 -18.92
C VAL G 204 101.18 -12.52 -19.36
N ASN G 205 100.99 -13.56 -18.54
CA ASN G 205 101.24 -14.98 -18.88
C ASN G 205 99.94 -15.71 -18.59
N HIS G 206 99.53 -16.60 -19.49
CA HIS G 206 98.29 -17.38 -19.39
C HIS G 206 98.57 -18.81 -19.83
N LYS G 207 99.34 -19.58 -19.07
CA LYS G 207 99.97 -20.86 -19.54
C LYS G 207 98.91 -21.83 -20.07
N PRO G 208 97.66 -21.82 -19.57
CA PRO G 208 96.57 -22.57 -20.22
C PRO G 208 96.25 -22.30 -21.70
N SER G 209 96.82 -21.27 -22.33
CA SER G 209 96.86 -21.12 -23.82
C SER G 209 98.26 -20.70 -24.29
N ASN G 210 99.20 -20.56 -23.35
CA ASN G 210 100.62 -20.22 -23.56
C ASN G 210 100.79 -18.79 -24.11
N THR G 211 99.70 -18.02 -24.21
CA THR G 211 99.68 -16.60 -24.65
C THR G 211 100.38 -15.72 -23.60
N LYS G 212 101.47 -15.04 -23.97
CA LYS G 212 102.35 -14.29 -23.04
C LYS G 212 102.67 -12.93 -23.64
N VAL G 213 101.67 -12.03 -23.65
CA VAL G 213 101.77 -10.65 -24.20
C VAL G 213 102.51 -9.76 -23.20
N ASP G 214 103.23 -8.75 -23.68
CA ASP G 214 104.03 -7.80 -22.85
C ASP G 214 103.89 -6.38 -23.41
N LYS G 215 102.81 -5.66 -23.06
CA LYS G 215 102.41 -4.35 -23.67
C LYS G 215 102.89 -3.16 -22.82
N LYS G 216 103.54 -2.21 -23.50
CA LYS G 216 104.00 -0.92 -22.96
C LYS G 216 102.79 0.01 -22.78
N VAL G 217 102.88 0.92 -21.81
CA VAL G 217 101.81 1.91 -21.48
C VAL G 217 102.42 3.32 -21.54
N GLU G 218 101.96 4.14 -22.51
CA GLU G 218 102.38 5.55 -22.72
C GLU G 218 101.18 6.49 -22.62
N PRO G 219 101.38 7.76 -22.19
CA PRO G 219 100.33 8.76 -22.25
C PRO G 219 99.89 9.01 -23.70
N GLN H 1 56.57 -10.02 -13.88
CA GLN H 1 56.63 -10.70 -12.54
C GLN H 1 56.78 -9.65 -11.43
N THR H 2 56.48 -10.05 -10.19
CA THR H 2 56.54 -9.22 -8.95
C THR H 2 57.88 -9.44 -8.22
N VAL H 3 58.53 -8.35 -7.84
CA VAL H 3 59.89 -8.34 -7.24
C VAL H 3 59.71 -8.16 -5.74
N VAL H 4 60.32 -9.05 -4.95
CA VAL H 4 60.52 -8.84 -3.49
C VAL H 4 61.81 -8.03 -3.33
N THR H 5 61.67 -6.81 -2.82
CA THR H 5 62.76 -5.81 -2.67
C THR H 5 63.13 -5.74 -1.19
N GLN H 6 64.35 -6.12 -0.83
CA GLN H 6 64.88 -5.98 0.57
C GLN H 6 66.21 -5.22 0.50
N GLU H 7 66.53 -4.46 1.55
CA GLU H 7 67.72 -3.56 1.58
C GLU H 7 68.90 -4.30 0.96
N PRO H 8 69.72 -3.61 0.14
CA PRO H 8 70.82 -4.25 -0.57
C PRO H 8 72.03 -4.58 0.34
N SER H 9 72.29 -3.76 1.36
CA SER H 9 73.36 -3.97 2.35
C SER H 9 73.12 -3.17 3.64
N PHE H 10 73.61 -3.67 4.76
CA PHE H 10 73.57 -2.98 6.07
C PHE H 10 74.89 -3.19 6.83
N SER H 11 75.17 -2.25 7.73
CA SER H 11 76.30 -2.29 8.70
C SER H 11 75.74 -2.11 10.12
N VAL H 12 76.28 -2.86 11.08
CA VAL H 12 75.93 -2.66 12.53
C VAL H 12 77.19 -2.80 13.39
N SER H 13 77.24 -1.98 14.44
CA SER H 13 78.20 -2.07 15.57
C SER H 13 77.92 -3.37 16.29
N PRO H 14 78.95 -4.11 16.76
CA PRO H 14 78.72 -5.29 17.60
C PRO H 14 77.93 -4.92 18.86
N GLY H 15 77.00 -5.80 19.26
CA GLY H 15 76.08 -5.58 20.39
C GLY H 15 75.04 -4.50 20.08
N GLY H 16 74.90 -4.13 18.80
CA GLY H 16 73.90 -3.14 18.37
C GLY H 16 72.56 -3.80 18.03
N THR H 17 71.59 -2.95 17.70
CA THR H 17 70.28 -3.29 17.14
C THR H 17 70.26 -2.81 15.68
N VAL H 18 69.72 -3.65 14.81
CA VAL H 18 69.53 -3.36 13.36
C VAL H 18 68.28 -4.12 12.89
N THR H 19 67.52 -3.52 11.99
CA THR H 19 66.33 -4.14 11.36
C THR H 19 66.52 -4.20 9.84
N LEU H 20 66.44 -5.41 9.28
CA LEU H 20 66.30 -5.67 7.83
C LEU H 20 64.80 -5.67 7.53
N THR H 21 64.36 -4.93 6.53
CA THR H 21 62.96 -4.98 6.03
C THR H 21 62.97 -5.78 4.72
N CYS H 22 61.80 -6.00 4.15
CA CYS H 22 61.56 -6.86 2.96
C CYS H 22 60.13 -6.65 2.45
N GLY H 23 60.03 -5.90 1.34
CA GLY H 23 58.78 -5.37 0.78
C GLY H 23 58.47 -5.91 -0.61
N LEU H 24 57.26 -5.60 -1.04
CA LEU H 24 56.63 -6.17 -2.24
C LEU H 24 56.36 -4.99 -3.18
N SER H 25 56.81 -5.09 -4.43
CA SER H 25 56.74 -4.01 -5.46
C SER H 25 55.31 -3.49 -5.58
N SER H 26 54.33 -4.39 -5.64
CA SER H 26 52.91 -4.07 -5.94
C SER H 26 52.01 -4.67 -4.86
N GLY H 27 51.62 -3.88 -3.86
CA GLY H 27 50.81 -4.30 -2.70
C GLY H 27 51.64 -4.35 -1.42
N SER H 28 51.00 -4.60 -0.27
CA SER H 28 51.64 -4.76 1.06
C SER H 28 52.05 -6.20 1.28
N VAL H 29 52.92 -6.43 2.26
CA VAL H 29 53.25 -7.77 2.82
C VAL H 29 52.46 -7.94 4.11
N SER H 30 51.66 -9.01 4.19
CA SER H 30 50.92 -9.39 5.41
C SER H 30 51.49 -10.71 5.91
N THR H 31 50.96 -11.17 7.03
CA THR H 31 51.27 -12.49 7.63
C THR H 31 50.93 -13.57 6.58
N SER H 32 49.80 -13.41 5.88
CA SER H 32 49.22 -14.44 4.97
C SER H 32 50.05 -14.52 3.68
N TYR H 33 51.28 -13.99 3.63
CA TYR H 33 52.30 -14.30 2.57
C TYR H 33 53.37 -15.26 3.12
N TYR H 34 53.25 -15.62 4.41
CA TYR H 34 54.15 -16.49 5.20
C TYR H 34 55.64 -16.13 5.01
N PRO H 35 56.04 -14.89 5.43
CA PRO H 35 57.43 -14.46 5.42
C PRO H 35 58.32 -15.45 6.13
N ASN H 36 59.60 -15.26 5.88
CA ASN H 36 60.61 -16.34 6.01
C ASN H 36 61.97 -15.75 5.64
N TRP H 37 62.91 -15.85 6.59
CA TRP H 37 64.26 -15.22 6.56
C TRP H 37 65.30 -16.35 6.65
N TYR H 38 66.44 -16.19 5.95
CA TYR H 38 67.54 -17.19 5.91
C TYR H 38 68.89 -16.48 6.07
N GLN H 39 69.82 -17.14 6.73
CA GLN H 39 71.21 -16.68 6.91
C GLN H 39 72.05 -17.49 5.94
N GLN H 40 72.78 -16.83 5.08
CA GLN H 40 73.72 -17.51 4.15
C GLN H 40 75.08 -16.94 4.43
N THR H 41 76.01 -17.75 4.90
CA THR H 41 77.44 -17.44 4.81
C THR H 41 77.82 -17.44 3.34
N PRO H 42 78.37 -16.35 2.80
CA PRO H 42 78.66 -16.26 1.38
C PRO H 42 79.37 -17.55 0.96
N GLY H 43 78.78 -18.27 0.00
CA GLY H 43 79.34 -19.49 -0.60
C GLY H 43 78.97 -20.77 0.16
N GLN H 44 78.05 -20.67 1.11
CA GLN H 44 77.64 -21.80 2.00
C GLN H 44 76.14 -22.07 1.85
N ALA H 45 75.67 -23.25 2.27
CA ALA H 45 74.24 -23.63 2.36
C ALA H 45 73.51 -22.66 3.28
N PRO H 46 72.49 -21.94 2.83
CA PRO H 46 71.71 -21.07 3.73
C PRO H 46 70.97 -21.84 4.85
N ARG H 47 71.31 -21.56 6.11
CA ARG H 47 70.62 -22.04 7.36
C ARG H 47 69.33 -21.22 7.53
N THR H 48 68.29 -21.85 8.05
CA THR H 48 67.02 -21.18 8.42
C THR H 48 67.30 -20.18 9.54
N LEU H 49 66.51 -19.13 9.62
CA LEU H 49 66.35 -18.31 10.84
C LEU H 49 64.88 -18.38 11.25
N ILE H 50 63.96 -17.69 10.58
CA ILE H 50 62.55 -17.54 11.08
C ILE H 50 61.53 -17.78 9.99
N TYR H 51 60.54 -18.65 10.24
CA TYR H 51 59.36 -18.88 9.35
C TYR H 51 58.13 -18.31 10.06
N SER H 52 56.99 -18.20 9.38
CA SER H 52 55.70 -17.59 9.90
C SER H 52 55.80 -16.07 10.00
N THR H 53 57.01 -15.47 10.03
CA THR H 53 57.28 -14.02 10.21
C THR H 53 57.81 -13.73 11.62
N ASN H 54 57.33 -14.53 12.58
CA ASN H 54 57.51 -14.31 14.03
C ASN H 54 58.26 -15.53 14.60
N THR H 55 57.81 -16.76 14.30
CA THR H 55 58.33 -18.01 14.88
C THR H 55 59.83 -18.14 14.60
N ARG H 56 60.63 -18.40 15.63
CA ARG H 56 62.07 -18.81 15.53
C ARG H 56 62.11 -20.31 15.22
N SER H 57 63.09 -20.76 14.45
CA SER H 57 63.26 -22.20 14.10
C SER H 57 64.07 -22.90 15.22
N SER H 58 64.20 -24.23 15.19
CA SER H 58 64.97 -25.06 16.16
C SER H 58 66.34 -24.41 16.39
N GLY H 59 66.72 -24.10 17.63
CA GLY H 59 68.08 -23.64 17.98
C GLY H 59 68.49 -22.32 17.35
N VAL H 60 67.51 -21.45 17.07
CA VAL H 60 67.77 -20.06 16.60
C VAL H 60 67.90 -19.20 17.86
N PRO H 61 68.99 -18.43 18.00
CA PRO H 61 69.10 -17.46 19.10
C PRO H 61 67.90 -16.51 19.22
N ASP H 62 67.63 -16.06 20.44
CA ASP H 62 66.46 -15.23 20.85
C ASP H 62 66.69 -13.78 20.40
N ARG H 63 67.95 -13.40 20.16
CA ARG H 63 68.36 -12.05 19.68
C ARG H 63 67.68 -11.71 18.33
N PHE H 64 67.53 -12.71 17.45
CA PHE H 64 66.82 -12.64 16.14
C PHE H 64 65.30 -12.70 16.37
N SER H 65 64.54 -11.75 15.83
CA SER H 65 63.11 -11.55 16.19
C SER H 65 62.38 -10.87 15.03
N GLY H 66 61.55 -11.65 14.34
CA GLY H 66 60.86 -11.23 13.12
C GLY H 66 59.60 -10.49 13.44
N SER H 67 59.17 -9.63 12.52
CA SER H 67 57.93 -8.84 12.69
C SER H 67 57.45 -8.39 11.31
N ILE H 68 56.53 -7.43 11.31
CA ILE H 68 56.03 -6.70 10.13
C ILE H 68 55.95 -5.21 10.45
N LEU H 69 56.66 -4.37 9.67
CA LEU H 69 56.58 -2.88 9.71
C LEU H 69 55.81 -2.36 8.50
N GLY H 70 54.54 -1.95 8.73
CA GLY H 70 53.65 -1.36 7.71
C GLY H 70 53.58 -2.22 6.46
N ASN H 71 54.24 -1.81 5.40
CA ASN H 71 54.08 -2.43 4.06
C ASN H 71 54.98 -3.69 3.98
N LYS H 72 56.01 -3.76 4.80
CA LYS H 72 57.14 -4.69 4.63
C LYS H 72 57.16 -5.67 5.80
N ALA H 73 57.53 -6.92 5.54
CA ALA H 73 57.97 -7.89 6.56
C ALA H 73 59.33 -7.43 7.07
N ALA H 74 59.66 -7.78 8.32
CA ALA H 74 60.89 -7.28 8.99
C ALA H 74 61.56 -8.39 9.80
N LEU H 75 62.86 -8.16 10.09
CA LEU H 75 63.78 -8.96 10.96
C LEU H 75 64.63 -7.99 11.79
N THR H 76 64.39 -7.99 13.08
CA THR H 76 65.13 -7.20 14.08
C THR H 76 66.21 -8.09 14.70
N ILE H 77 67.48 -7.70 14.60
CA ILE H 77 68.61 -8.36 15.35
C ILE H 77 68.98 -7.50 16.55
N THR H 78 68.36 -7.78 17.70
CA THR H 78 68.65 -7.11 19.00
C THR H 78 69.88 -7.76 19.63
N GLY H 79 71.04 -7.08 19.60
CA GLY H 79 72.29 -7.54 20.20
C GLY H 79 73.10 -8.39 19.24
N ALA H 80 73.68 -7.77 18.23
CA ALA H 80 74.48 -8.41 17.18
C ALA H 80 75.76 -8.98 17.78
N GLN H 81 76.14 -10.21 17.39
CA GLN H 81 77.50 -10.76 17.60
C GLN H 81 78.35 -10.56 16.33
N ALA H 82 79.68 -10.73 16.42
CA ALA H 82 80.58 -10.72 15.24
C ALA H 82 80.30 -11.97 14.39
N ASP H 83 79.66 -12.95 15.03
CA ASP H 83 79.16 -14.22 14.47
C ASP H 83 78.09 -13.97 13.40
N ASP H 84 77.49 -12.78 13.29
CA ASP H 84 76.30 -12.52 12.44
C ASP H 84 76.67 -11.93 11.06
N GLU H 85 77.93 -11.57 10.81
CA GLU H 85 78.39 -10.95 9.54
C GLU H 85 78.15 -11.98 8.42
N SER H 86 77.00 -11.89 7.73
CA SER H 86 76.66 -12.73 6.55
C SER H 86 75.55 -12.08 5.71
N ASP H 87 75.00 -12.80 4.71
CA ASP H 87 73.94 -12.35 3.79
C ASP H 87 72.61 -12.94 4.27
N TYR H 88 71.54 -12.13 4.29
CA TYR H 88 70.20 -12.47 4.85
C TYR H 88 69.13 -12.30 3.76
N TYR H 89 68.45 -13.40 3.44
CA TYR H 89 67.44 -13.53 2.37
C TYR H 89 66.06 -13.64 3.02
N CYS H 90 65.17 -12.74 2.62
CA CYS H 90 63.72 -12.77 2.88
C CYS H 90 63.04 -13.44 1.70
N VAL H 91 61.87 -14.03 1.90
CA VAL H 91 61.17 -14.77 0.80
C VAL H 91 59.71 -15.16 1.19
N LEU H 92 58.73 -14.94 0.29
CA LEU H 92 57.25 -15.05 0.56
C LEU H 92 56.60 -16.07 -0.38
N PHE H 93 55.48 -16.70 0.01
CA PHE H 93 54.72 -17.69 -0.81
C PHE H 93 53.30 -17.17 -1.14
N MET H 94 53.11 -16.57 -2.35
CA MET H 94 51.85 -15.99 -2.88
C MET H 94 50.99 -17.12 -3.47
N GLY H 95 51.15 -18.33 -2.91
CA GLY H 95 50.31 -19.51 -3.18
C GLY H 95 50.22 -19.82 -4.66
N SER H 96 49.58 -20.97 -4.95
CA SER H 96 49.49 -21.62 -6.27
C SER H 96 50.80 -22.35 -6.59
N GLY H 97 51.78 -22.31 -5.68
CA GLY H 97 53.13 -22.91 -5.84
C GLY H 97 54.18 -21.80 -5.88
N ILE H 98 53.72 -20.58 -6.16
CA ILE H 98 54.55 -19.39 -6.48
C ILE H 98 55.33 -19.02 -5.20
N TRP H 99 56.63 -19.28 -5.16
CA TRP H 99 57.56 -18.81 -4.12
C TRP H 99 58.57 -17.83 -4.77
N VAL H 100 58.89 -16.67 -4.13
CA VAL H 100 59.81 -15.62 -4.71
C VAL H 100 60.79 -15.08 -3.67
N PHE H 101 62.09 -15.06 -3.97
CA PHE H 101 63.15 -14.56 -3.06
C PHE H 101 63.31 -13.04 -3.10
N GLY H 102 64.03 -12.52 -2.09
CA GLY H 102 64.57 -11.13 -2.05
C GLY H 102 65.95 -11.08 -2.69
N GLY H 103 66.43 -9.86 -2.94
CA GLY H 103 67.76 -9.62 -3.54
C GLY H 103 68.87 -10.04 -2.60
N GLY H 104 68.56 -10.07 -1.30
CA GLY H 104 69.55 -10.40 -0.25
C GLY H 104 70.14 -9.13 0.31
N THR H 105 70.20 -9.06 1.65
CA THR H 105 70.82 -7.96 2.42
C THR H 105 72.15 -8.46 2.99
N LYS H 106 73.27 -7.81 2.65
CA LYS H 106 74.63 -8.14 3.19
C LYS H 106 74.82 -7.36 4.49
N LEU H 107 74.91 -8.05 5.63
CA LEU H 107 75.03 -7.43 6.97
C LEU H 107 76.50 -7.49 7.42
N THR H 108 77.12 -6.31 7.59
CA THR H 108 78.53 -6.19 8.06
C THR H 108 78.56 -5.77 9.53
N VAL H 109 79.32 -6.51 10.35
CA VAL H 109 79.65 -6.15 11.75
C VAL H 109 81.14 -6.41 11.88
N LEU H 110 81.99 -5.47 11.51
CA LEU H 110 83.40 -5.49 11.99
C LEU H 110 83.43 -4.30 12.94
N GLY H 111 84.65 -4.03 13.44
CA GLY H 111 84.99 -3.21 14.63
C GLY H 111 85.83 -2.01 14.24
N GLN H 112 85.52 -1.45 13.06
CA GLN H 112 85.58 -0.01 12.69
C GLN H 112 86.80 0.30 11.81
N PRO H 113 87.34 -0.62 10.98
CA PRO H 113 88.27 -0.16 9.95
C PRO H 113 87.57 0.77 8.90
N LYS H 114 86.51 1.54 9.24
CA LYS H 114 85.42 2.00 8.30
C LYS H 114 85.87 3.10 7.35
N ALA H 115 86.23 2.73 6.12
CA ALA H 115 86.95 3.60 5.15
C ALA H 115 86.14 3.70 3.86
N ALA H 116 85.99 4.93 3.34
CA ALA H 116 85.25 5.23 2.10
C ALA H 116 86.12 4.84 0.90
N PRO H 117 85.51 4.67 -0.29
CA PRO H 117 86.19 4.08 -1.46
C PRO H 117 87.12 4.99 -2.28
N SER H 118 88.04 4.41 -3.04
CA SER H 118 89.02 5.12 -3.92
C SER H 118 88.82 4.69 -5.39
N VAL H 119 88.12 5.53 -6.15
CA VAL H 119 87.61 5.23 -7.52
C VAL H 119 88.58 5.77 -8.58
N THR H 120 89.08 4.89 -9.46
CA THR H 120 90.04 5.19 -10.56
C THR H 120 89.38 4.86 -11.92
N LEU H 121 88.83 5.84 -12.64
CA LEU H 121 88.02 5.59 -13.88
C LEU H 121 88.91 5.71 -15.11
N PHE H 122 88.87 4.68 -15.97
CA PHE H 122 89.73 4.58 -17.18
C PHE H 122 88.87 4.63 -18.44
N PRO H 123 89.37 5.30 -19.51
CA PRO H 123 88.69 5.29 -20.81
C PRO H 123 88.94 3.99 -21.58
N PRO H 124 88.28 3.80 -22.75
CA PRO H 124 88.68 2.75 -23.65
C PRO H 124 90.04 3.22 -24.20
N SER H 125 90.91 2.27 -24.54
CA SER H 125 92.38 2.49 -24.75
C SER H 125 92.67 3.21 -26.08
N SER H 126 93.90 3.70 -26.24
CA SER H 126 94.48 4.10 -27.55
C SER H 126 94.07 3.03 -28.59
N GLU H 127 94.42 1.79 -28.30
CA GLU H 127 94.44 0.66 -29.27
C GLU H 127 93.07 -0.03 -29.33
N GLU H 128 92.30 -0.08 -28.23
CA GLU H 128 91.06 -0.92 -28.11
C GLU H 128 90.06 -0.42 -29.15
N LEU H 129 89.87 0.88 -29.23
CA LEU H 129 88.92 1.45 -30.21
C LEU H 129 89.18 0.82 -31.57
N GLN H 130 90.46 0.71 -31.93
CA GLN H 130 90.94 0.25 -33.26
C GLN H 130 90.54 -1.21 -33.54
N ALA H 131 90.27 -2.01 -32.50
CA ALA H 131 89.75 -3.40 -32.62
C ALA H 131 88.23 -3.38 -32.73
N ASN H 132 87.60 -2.21 -32.53
CA ASN H 132 86.18 -1.91 -32.81
C ASN H 132 85.32 -2.23 -31.58
N LYS H 133 85.92 -2.84 -30.56
CA LYS H 133 85.35 -2.93 -29.19
C LYS H 133 85.60 -1.59 -28.47
N ALA H 134 85.00 -1.38 -27.28
CA ALA H 134 85.12 -0.15 -26.47
C ALA H 134 84.62 -0.37 -25.03
N THR H 135 85.54 -0.55 -24.08
CA THR H 135 85.25 -1.00 -22.68
C THR H 135 85.71 0.08 -21.68
N LEU H 136 84.76 0.59 -20.88
CA LEU H 136 84.97 1.53 -19.75
C LEU H 136 85.31 0.77 -18.46
N VAL H 137 86.52 0.97 -17.94
CA VAL H 137 87.04 0.32 -16.71
C VAL H 137 86.87 1.31 -15.54
N CYS H 138 86.16 0.88 -14.50
CA CYS H 138 85.97 1.63 -13.23
C CYS H 138 86.50 0.78 -12.08
N LEU H 139 87.57 1.20 -11.41
CA LEU H 139 88.25 0.42 -10.33
C LEU H 139 87.91 1.00 -8.95
N ILE H 140 87.69 0.14 -7.97
CA ILE H 140 87.38 0.52 -6.57
C ILE H 140 88.44 -0.12 -5.67
N SER H 141 88.88 0.60 -4.64
CA SER H 141 89.94 0.17 -3.70
C SER H 141 89.60 0.64 -2.26
N ASP H 142 90.12 -0.04 -1.24
CA ASP H 142 90.32 0.47 0.14
C ASP H 142 89.00 0.98 0.74
N PHE H 143 87.95 0.16 0.75
CA PHE H 143 86.66 0.48 1.41
C PHE H 143 86.20 -0.65 2.33
N TYR H 144 85.49 -0.25 3.40
CA TYR H 144 84.80 -1.11 4.39
C TYR H 144 83.55 -0.32 4.76
N PRO H 145 82.33 -0.90 4.79
CA PRO H 145 82.12 -2.34 4.92
C PRO H 145 82.51 -3.28 3.78
N GLY H 146 82.58 -2.85 2.51
CA GLY H 146 82.74 -3.79 1.38
C GLY H 146 81.41 -4.11 0.73
N ALA H 147 80.54 -3.10 0.69
CA ALA H 147 79.24 -3.14 -0.01
C ALA H 147 79.11 -1.83 -0.76
N VAL H 148 79.09 -1.89 -2.10
CA VAL H 148 79.04 -0.68 -2.98
C VAL H 148 77.90 -0.83 -3.97
N THR H 149 77.34 0.28 -4.43
CA THR H 149 76.36 0.36 -5.56
C THR H 149 77.04 1.14 -6.68
N VAL H 150 77.27 0.49 -7.82
CA VAL H 150 77.95 1.09 -9.01
C VAL H 150 76.90 1.50 -10.03
N ALA H 151 76.60 2.81 -10.04
CA ALA H 151 75.74 3.48 -11.04
C ALA H 151 76.63 4.02 -12.17
N TRP H 152 76.21 3.84 -13.43
CA TRP H 152 76.83 4.46 -14.63
C TRP H 152 75.88 5.49 -15.24
N LYS H 153 76.43 6.52 -15.89
CA LYS H 153 75.60 7.54 -16.58
C LYS H 153 76.32 8.02 -17.85
N ALA H 154 75.58 8.73 -18.69
CA ALA H 154 76.12 9.68 -19.69
C ALA H 154 75.30 10.96 -19.61
N ASP H 155 75.98 12.11 -19.41
CA ASP H 155 75.44 13.50 -19.42
C ASP H 155 74.14 13.60 -18.61
N SER H 156 73.93 12.78 -17.57
CA SER H 156 72.78 12.81 -16.62
C SER H 156 71.72 11.79 -17.06
N SER H 157 72.11 10.82 -17.91
CA SER H 157 71.24 9.76 -18.46
C SER H 157 71.73 8.42 -17.95
N PRO H 158 70.90 7.61 -17.24
CA PRO H 158 71.32 6.29 -16.78
C PRO H 158 71.53 5.31 -17.94
N VAL H 159 72.52 4.41 -17.84
CA VAL H 159 72.72 3.29 -18.80
C VAL H 159 72.57 1.98 -18.03
N LYS H 160 71.73 1.07 -18.55
CA LYS H 160 71.48 -0.26 -17.96
C LYS H 160 72.03 -1.34 -18.89
N ALA H 161 72.63 -0.94 -20.02
CA ALA H 161 73.16 -1.83 -21.08
C ALA H 161 74.66 -2.08 -20.88
N GLY H 162 75.03 -3.36 -20.75
CA GLY H 162 76.39 -3.87 -20.94
C GLY H 162 77.28 -3.65 -19.73
N VAL H 163 76.66 -3.47 -18.55
CA VAL H 163 77.36 -3.22 -17.25
C VAL H 163 77.62 -4.57 -16.56
N GLU H 164 78.89 -4.85 -16.28
CA GLU H 164 79.36 -6.07 -15.56
C GLU H 164 80.14 -5.55 -14.34
N THR H 165 79.89 -6.06 -13.12
CA THR H 165 80.49 -5.58 -11.83
C THR H 165 80.90 -6.80 -10.98
N THR H 166 82.16 -6.87 -10.54
CA THR H 166 82.66 -8.01 -9.71
C THR H 166 82.01 -7.96 -8.33
N THR H 167 82.06 -9.08 -7.60
CA THR H 167 81.77 -9.16 -6.15
C THR H 167 82.92 -8.48 -5.42
N PRO H 168 82.61 -7.60 -4.45
CA PRO H 168 83.63 -7.06 -3.54
C PRO H 168 84.50 -8.20 -2.99
N SER H 169 85.81 -7.96 -2.81
CA SER H 169 86.83 -9.00 -2.50
C SER H 169 87.93 -8.41 -1.62
N LYS H 170 87.93 -8.78 -0.32
CA LYS H 170 88.93 -8.38 0.72
C LYS H 170 90.29 -8.28 0.02
N GLN H 171 90.99 -7.16 0.19
CA GLN H 171 92.36 -6.92 -0.36
C GLN H 171 93.41 -7.58 0.54
N SER H 172 94.69 -7.30 0.24
CA SER H 172 95.89 -7.70 1.00
C SER H 172 95.97 -6.97 2.35
N ASN H 173 95.02 -6.06 2.63
CA ASN H 173 95.02 -5.14 3.81
C ASN H 173 93.61 -5.12 4.42
N ASN H 174 92.89 -6.24 4.33
CA ASN H 174 91.59 -6.51 5.05
C ASN H 174 90.56 -5.41 4.80
N LYS H 175 90.77 -4.58 3.78
CA LYS H 175 89.74 -3.66 3.21
C LYS H 175 89.30 -4.28 1.88
N TYR H 176 88.07 -4.01 1.44
CA TYR H 176 87.43 -4.69 0.27
C TYR H 176 87.76 -3.85 -0.98
N ALA H 177 87.70 -4.51 -2.14
CA ALA H 177 88.00 -3.98 -3.49
C ALA H 177 87.18 -4.74 -4.53
N ALA H 178 86.71 -4.03 -5.57
CA ALA H 178 85.91 -4.59 -6.68
C ALA H 178 86.06 -3.73 -7.93
N SER H 179 85.98 -4.35 -9.10
CA SER H 179 86.06 -3.69 -10.43
C SER H 179 84.63 -3.61 -11.00
N SER H 180 84.36 -2.65 -11.91
CA SER H 180 83.11 -2.56 -12.73
C SER H 180 83.41 -2.17 -14.18
N TYR H 181 83.10 -3.05 -15.12
CA TYR H 181 83.28 -2.90 -16.59
C TYR H 181 81.95 -2.46 -17.20
N LEU H 182 82.01 -1.62 -18.25
CA LEU H 182 80.87 -1.24 -19.12
C LEU H 182 81.29 -1.40 -20.58
N SER H 183 80.94 -2.52 -21.20
CA SER H 183 81.20 -2.82 -22.62
C SER H 183 80.32 -1.86 -23.45
N LEU H 184 80.91 -1.18 -24.46
CA LEU H 184 80.23 -0.21 -25.37
C LEU H 184 80.73 -0.37 -26.81
N THR H 185 80.17 0.44 -27.72
CA THR H 185 80.52 0.51 -29.17
C THR H 185 81.15 1.87 -29.48
N PRO H 186 82.20 1.92 -30.35
CA PRO H 186 82.90 3.16 -30.61
C PRO H 186 81.98 4.33 -30.96
N GLU H 187 80.78 4.03 -31.47
CA GLU H 187 79.75 5.04 -31.83
C GLU H 187 79.26 5.68 -30.53
N GLN H 188 78.72 4.84 -29.64
CA GLN H 188 78.12 5.27 -28.36
C GLN H 188 79.13 6.05 -27.53
N TRP H 189 80.44 5.77 -27.70
CA TRP H 189 81.55 6.40 -26.94
C TRP H 189 81.76 7.83 -27.43
N LYS H 190 81.62 8.06 -28.74
CA LYS H 190 81.87 9.38 -29.37
C LYS H 190 80.56 10.20 -29.36
N SER H 191 79.40 9.53 -29.50
CA SER H 191 78.06 10.16 -29.59
C SER H 191 77.78 11.03 -28.35
N HIS H 192 77.98 10.50 -27.14
CA HIS H 192 77.73 11.20 -25.85
C HIS H 192 78.99 11.96 -25.41
N ARG H 193 78.83 13.19 -24.87
CA ARG H 193 79.95 14.06 -24.42
C ARG H 193 80.88 13.23 -23.52
N SER H 194 80.40 12.89 -22.32
CA SER H 194 81.17 12.26 -21.22
C SER H 194 80.38 11.09 -20.61
N TYR H 195 81.10 10.03 -20.22
CA TYR H 195 80.54 8.93 -19.39
C TYR H 195 81.07 9.06 -17.97
N SER H 196 80.25 8.66 -17.01
CA SER H 196 80.54 8.72 -15.56
C SER H 196 80.31 7.35 -14.92
N CYS H 197 81.18 6.98 -13.96
CA CYS H 197 81.03 5.85 -13.01
C CYS H 197 80.72 6.37 -11.59
N GLN H 198 79.50 6.13 -11.11
CA GLN H 198 79.02 6.58 -9.78
C GLN H 198 79.04 5.42 -8.80
N VAL H 199 79.88 5.52 -7.78
CA VAL H 199 79.99 4.52 -6.69
C VAL H 199 79.48 5.16 -5.42
N THR H 200 78.55 4.49 -4.74
CA THR H 200 77.87 4.95 -3.48
C THR H 200 78.19 3.93 -2.38
N HIS H 201 78.62 4.41 -1.21
CA HIS H 201 79.24 3.58 -0.14
C HIS H 201 78.89 4.10 1.27
N GLU H 202 77.86 3.52 1.88
CA GLU H 202 77.23 3.99 3.14
C GLU H 202 76.74 5.43 2.96
N GLY H 203 76.00 5.71 1.89
CA GLY H 203 75.43 7.05 1.56
C GLY H 203 76.47 8.05 1.01
N SER H 204 77.75 7.63 0.92
CA SER H 204 78.92 8.46 0.49
C SER H 204 79.14 8.30 -1.01
N THR H 205 78.36 8.99 -1.87
CA THR H 205 78.43 8.91 -3.36
C THR H 205 79.78 9.45 -3.86
N VAL H 206 80.50 8.65 -4.65
CA VAL H 206 81.77 9.02 -5.35
C VAL H 206 81.57 8.82 -6.86
N GLU H 207 81.90 9.85 -7.65
CA GLU H 207 81.76 9.86 -9.13
C GLU H 207 83.16 10.07 -9.73
N LYS H 208 83.34 9.60 -10.96
CA LYS H 208 84.46 10.02 -11.86
C LYS H 208 83.90 10.10 -13.29
N THR H 209 84.50 10.96 -14.13
CA THR H 209 83.96 11.33 -15.46
C THR H 209 85.11 11.27 -16.50
N VAL H 210 84.83 10.76 -17.71
CA VAL H 210 85.82 10.64 -18.83
C VAL H 210 85.10 10.82 -20.18
N ALA H 211 85.81 11.42 -21.16
CA ALA H 211 85.36 11.77 -22.52
C ALA H 211 86.59 11.89 -23.44
N PRO H 212 86.45 11.75 -24.78
CA PRO H 212 87.60 11.82 -25.70
C PRO H 212 88.33 13.18 -25.75
N GLN I 1 0.81 46.58 55.89
CA GLN I 1 -0.09 46.22 54.77
C GLN I 1 0.70 46.11 53.47
N VAL I 2 0.01 45.78 52.36
CA VAL I 2 0.47 45.97 50.95
C VAL I 2 0.87 47.42 50.70
N GLN I 3 2.05 47.64 50.13
CA GLN I 3 2.54 48.99 49.78
C GLN I 3 3.44 48.93 48.53
N LEU I 4 3.33 49.97 47.70
CA LEU I 4 4.10 50.16 46.45
C LEU I 4 4.85 51.49 46.52
N VAL I 5 6.17 51.42 46.31
CA VAL I 5 7.14 52.55 46.34
C VAL I 5 7.70 52.72 44.92
N GLU I 6 7.65 53.94 44.38
CA GLU I 6 8.23 54.30 43.05
C GLU I 6 9.70 54.64 43.28
N SER I 7 10.47 54.79 42.20
CA SER I 7 11.96 54.87 42.29
C SER I 7 12.46 56.31 42.25
N GLY I 8 11.91 57.19 41.39
CA GLY I 8 12.39 58.57 41.27
C GLY I 8 12.99 58.86 39.90
N GLY I 9 12.13 59.33 39.00
CA GLY I 9 12.52 60.24 37.89
C GLY I 9 12.87 61.63 38.43
N GLY I 10 14.12 62.05 38.25
CA GLY I 10 14.62 63.41 38.54
C GLY I 10 14.19 64.44 37.50
N VAL I 11 15.14 65.17 36.89
CA VAL I 11 14.99 66.00 35.66
C VAL I 11 15.90 65.40 34.55
N VAL I 12 15.50 65.50 33.27
CA VAL I 12 16.32 65.05 32.10
C VAL I 12 15.95 65.88 30.85
N GLN I 13 16.87 65.94 29.88
CA GLN I 13 16.77 66.74 28.61
C GLN I 13 16.04 65.92 27.56
N PRO I 14 15.27 66.57 26.64
CA PRO I 14 14.58 65.85 25.55
C PRO I 14 15.50 64.97 24.69
N GLY I 15 15.04 63.75 24.38
CA GLY I 15 15.80 62.74 23.63
C GLY I 15 16.31 61.62 24.53
N ARG I 16 16.74 61.92 25.75
CA ARG I 16 17.52 60.98 26.61
C ARG I 16 16.65 59.83 27.09
N SER I 17 17.28 58.67 27.30
CA SER I 17 16.67 57.48 27.96
C SER I 17 16.52 57.76 29.46
N LEU I 18 15.54 57.11 30.12
CA LEU I 18 15.39 57.11 31.61
C LEU I 18 14.57 55.89 32.09
N ARG I 19 15.07 55.17 33.12
CA ARG I 19 14.43 53.96 33.69
C ARG I 19 13.69 54.34 34.98
N LEU I 20 12.53 53.74 35.21
CA LEU I 20 11.68 53.96 36.41
C LEU I 20 11.46 52.61 37.12
N SER I 21 11.55 52.56 38.45
CA SER I 21 11.38 51.33 39.27
C SER I 21 10.22 51.51 40.25
N CYS I 22 9.61 50.40 40.69
CA CYS I 22 8.44 50.36 41.61
C CYS I 22 8.55 49.12 42.53
N ALA I 23 9.10 49.30 43.73
CA ALA I 23 9.32 48.22 44.73
C ALA I 23 7.98 47.88 45.42
N ALA I 24 7.50 46.66 45.25
CA ALA I 24 6.28 46.14 45.91
C ALA I 24 6.68 45.28 47.10
N SER I 25 5.77 45.10 48.05
CA SER I 25 5.94 44.20 49.22
C SER I 25 4.57 43.83 49.80
N GLY I 26 4.46 42.62 50.36
CA GLY I 26 3.27 42.15 51.09
C GLY I 26 2.17 41.62 50.19
N PHE I 27 2.53 40.83 49.16
CA PHE I 27 1.58 39.97 48.38
C PHE I 27 2.34 39.11 47.37
N THR I 28 1.69 38.06 46.85
CA THR I 28 2.17 37.19 45.74
C THR I 28 2.37 38.03 44.48
N PHE I 29 3.44 38.83 44.41
CA PHE I 29 3.74 39.77 43.28
C PHE I 29 3.51 39.01 41.98
N SER I 30 3.99 37.77 41.99
CA SER I 30 3.97 36.79 40.88
C SER I 30 2.59 36.70 40.21
N SER I 31 1.50 37.07 40.90
CA SER I 31 0.09 36.78 40.47
C SER I 31 -0.62 38.00 39.87
N TYR I 32 -0.46 39.18 40.46
CA TYR I 32 -1.24 40.38 40.05
C TYR I 32 -0.67 41.00 38.78
N GLY I 33 -1.53 41.66 38.01
CA GLY I 33 -1.12 42.66 37.00
C GLY I 33 -0.35 43.81 37.65
N MET I 34 0.29 44.64 36.82
CA MET I 34 1.10 45.82 37.24
C MET I 34 1.14 46.88 36.12
N HIS I 35 0.65 48.09 36.38
CA HIS I 35 0.52 49.19 35.39
C HIS I 35 1.45 50.35 35.75
N TRP I 36 1.57 51.30 34.83
CA TRP I 36 2.05 52.70 35.06
C TRP I 36 0.92 53.66 34.68
N VAL I 37 0.63 54.63 35.55
CA VAL I 37 -0.30 55.75 35.27
C VAL I 37 0.48 57.04 35.54
N ARG I 38 0.33 58.04 34.67
CA ARG I 38 0.95 59.38 34.82
C ARG I 38 -0.15 60.41 35.10
N GLN I 39 0.25 61.55 35.68
CA GLN I 39 -0.64 62.72 35.92
C GLN I 39 0.14 64.00 35.64
N ALA I 40 -0.10 64.56 34.44
CA ALA I 40 0.46 65.83 33.98
C ALA I 40 0.05 66.91 34.96
N PRO I 41 1.01 67.73 35.49
CA PRO I 41 0.70 68.69 36.55
C PRO I 41 -0.54 69.49 36.15
N GLY I 42 -1.56 69.53 37.03
CA GLY I 42 -2.83 70.27 36.83
C GLY I 42 -3.88 69.51 36.04
N LYS I 43 -3.43 68.62 35.14
CA LYS I 43 -4.29 67.82 34.24
C LYS I 43 -4.78 66.58 35.00
N GLY I 44 -5.68 65.83 34.37
CA GLY I 44 -6.28 64.62 34.96
C GLY I 44 -5.30 63.45 34.98
N LEU I 45 -5.84 62.24 34.93
CA LEU I 45 -5.09 60.95 35.02
C LEU I 45 -4.96 60.39 33.61
N GLU I 46 -3.78 59.87 33.25
CA GLU I 46 -3.54 59.24 31.92
C GLU I 46 -2.96 57.84 32.12
N TRP I 47 -3.49 56.84 31.40
CA TRP I 47 -2.93 55.47 31.40
C TRP I 47 -1.67 55.48 30.56
N VAL I 48 -0.60 54.84 31.05
CA VAL I 48 0.71 54.75 30.35
C VAL I 48 0.84 53.35 29.75
N ALA I 49 1.12 52.35 30.58
CA ALA I 49 1.57 51.00 30.17
C ALA I 49 0.97 49.95 31.11
N VAL I 50 1.24 48.68 30.82
CA VAL I 50 0.74 47.52 31.62
C VAL I 50 1.60 46.27 31.38
N PHE I 51 1.83 45.50 32.44
CA PHE I 51 2.42 44.15 32.40
C PHE I 51 1.44 43.23 33.13
N TRP I 52 1.10 42.09 32.54
CA TRP I 52 0.22 41.06 33.17
C TRP I 52 1.05 40.17 34.11
N TYR I 53 0.52 39.01 34.49
CA TYR I 53 1.12 38.18 35.55
C TYR I 53 2.19 37.25 34.96
N ASP I 54 1.92 36.56 33.84
CA ASP I 54 2.82 35.54 33.24
C ASP I 54 3.69 36.14 32.12
N GLY I 55 3.29 37.29 31.57
CA GLY I 55 4.19 38.17 30.81
C GLY I 55 3.79 38.36 29.36
N SER I 56 3.19 37.36 28.71
CA SER I 56 2.78 37.42 27.28
C SER I 56 2.37 38.85 26.91
N ASN I 57 1.59 39.53 27.74
CA ASN I 57 0.94 40.81 27.35
C ASN I 57 1.64 41.97 28.04
N LYS I 58 2.18 42.85 27.20
CA LYS I 58 2.69 44.17 27.58
C LYS I 58 2.07 45.12 26.59
N TYR I 59 1.34 46.11 27.08
CA TYR I 59 0.51 47.02 26.24
C TYR I 59 0.81 48.46 26.63
N TYR I 60 0.80 49.35 25.63
CA TYR I 60 1.12 50.80 25.78
C TYR I 60 -0.02 51.61 25.19
N ALA I 61 -0.14 52.87 25.63
CA ALA I 61 -1.12 53.86 25.13
C ALA I 61 -0.58 54.48 23.83
N ASP I 62 -1.48 54.88 22.93
CA ASP I 62 -1.13 55.51 21.62
C ASP I 62 -0.11 56.63 21.86
N SER I 63 -0.15 57.29 23.02
CA SER I 63 0.69 58.47 23.33
C SER I 63 2.16 58.07 23.48
N VAL I 64 2.45 56.85 23.98
CA VAL I 64 3.85 56.37 24.23
C VAL I 64 4.08 55.05 23.50
N LYS I 65 3.38 54.85 22.38
CA LYS I 65 3.49 53.63 21.54
C LYS I 65 4.97 53.48 21.12
N GLY I 66 5.60 52.36 21.46
CA GLY I 66 6.95 51.99 21.01
C GLY I 66 8.03 52.98 21.44
N ARG I 67 7.66 54.11 22.02
CA ARG I 67 8.58 55.08 22.66
C ARG I 67 8.98 54.56 24.04
N PHE I 68 8.04 53.89 24.72
CA PHE I 68 8.16 53.34 26.10
C PHE I 68 8.06 51.81 26.11
N THR I 69 8.80 51.22 27.05
CA THR I 69 9.02 49.75 27.24
C THR I 69 8.84 49.43 28.72
N ILE I 70 7.95 48.48 29.05
CA ILE I 70 7.69 48.04 30.45
C ILE I 70 8.33 46.67 30.68
N SER I 71 8.85 46.39 31.88
CA SER I 71 9.52 45.12 32.23
C SER I 71 9.33 44.78 33.71
N ARG I 72 8.91 43.55 34.00
CA ARG I 72 8.67 43.02 35.37
C ARG I 72 9.89 42.16 35.77
N ASP I 73 10.30 42.21 37.04
CA ASP I 73 11.40 41.38 37.63
C ASP I 73 10.92 40.70 38.92
N ASN I 74 10.39 39.48 38.77
CA ASN I 74 9.90 38.62 39.89
C ASN I 74 11.15 38.17 40.65
N SER I 75 11.05 37.41 41.75
CA SER I 75 12.21 37.03 42.60
C SER I 75 12.88 38.28 43.17
N LYS I 76 12.63 39.45 42.58
CA LYS I 76 13.05 40.77 43.13
C LYS I 76 11.85 41.72 43.24
N ASN I 77 10.63 41.23 42.97
CA ASN I 77 9.32 41.86 43.32
C ASN I 77 9.38 43.37 42.99
N THR I 78 9.85 43.72 41.79
CA THR I 78 9.96 45.13 41.32
C THR I 78 9.51 45.25 39.85
N LEU I 79 8.77 46.32 39.56
CA LEU I 79 8.32 46.69 38.19
C LEU I 79 9.21 47.81 37.66
N TYR I 80 9.49 47.79 36.35
CA TYR I 80 10.39 48.75 35.65
C TYR I 80 9.64 49.39 34.46
N LEU I 81 10.02 50.62 34.11
CA LEU I 81 9.57 51.32 32.87
C LEU I 81 10.76 52.04 32.24
N GLN I 82 11.14 51.58 31.04
CA GLN I 82 12.17 52.17 30.16
C GLN I 82 11.52 53.27 29.31
N MET I 83 11.92 54.53 29.55
CA MET I 83 11.39 55.73 28.85
C MET I 83 12.47 56.30 27.93
N ASN I 84 12.50 55.85 26.68
CA ASN I 84 13.46 56.31 25.65
C ASN I 84 12.79 57.41 24.85
N SER I 85 13.59 58.37 24.38
CA SER I 85 13.16 59.41 23.42
C SER I 85 12.04 60.26 24.05
N LEU I 86 12.37 60.95 25.15
CA LEU I 86 11.42 61.74 25.97
C LEU I 86 11.14 63.09 25.29
N SER I 87 10.22 63.87 25.86
CA SER I 87 9.78 65.20 25.35
C SER I 87 9.17 65.98 26.50
N ALA I 88 8.47 67.08 26.24
CA ALA I 88 7.96 67.99 27.29
C ALA I 88 6.59 67.52 27.78
N GLU I 89 5.81 66.80 26.96
CA GLU I 89 4.43 66.36 27.33
C GLU I 89 4.51 65.13 28.26
N ASP I 90 5.71 64.56 28.45
CA ASP I 90 5.96 63.42 29.38
C ASP I 90 6.18 63.96 30.81
N THR I 91 6.48 65.25 30.98
CA THR I 91 6.56 65.92 32.31
C THR I 91 5.22 65.65 32.99
N ALA I 92 5.24 64.91 34.10
CA ALA I 92 4.05 64.45 34.85
C ALA I 92 4.48 63.63 36.08
N VAL I 93 3.51 63.32 36.94
CA VAL I 93 3.67 62.41 38.12
C VAL I 93 3.43 60.98 37.63
N TYR I 94 4.32 60.03 37.95
CA TYR I 94 4.29 58.64 37.45
C TYR I 94 4.04 57.65 38.59
N TYR I 95 2.80 57.15 38.71
CA TYR I 95 2.37 56.15 39.71
C TYR I 95 2.45 54.74 39.10
N CYS I 96 2.85 53.74 39.90
CA CYS I 96 2.67 52.29 39.60
C CYS I 96 1.55 51.77 40.49
N ALA I 97 0.60 51.04 39.92
CA ALA I 97 -0.55 50.48 40.67
C ALA I 97 -0.72 49.00 40.29
N ARG I 98 -1.06 48.16 41.27
CA ARG I 98 -1.37 46.72 41.07
C ARG I 98 -2.83 46.62 40.57
N ALA I 99 -3.16 45.50 39.91
CA ALA I 99 -4.51 45.20 39.42
C ALA I 99 -4.97 43.86 39.97
N PRO I 100 -6.19 43.78 40.55
CA PRO I 100 -6.85 42.52 40.85
C PRO I 100 -7.18 41.81 39.54
N ASN I 101 -7.15 40.48 39.54
CA ASN I 101 -7.33 39.68 38.30
C ASN I 101 -8.78 39.90 37.80
N TRP I 102 -9.79 40.03 38.68
CA TRP I 102 -11.19 40.33 38.23
C TRP I 102 -11.23 41.81 37.83
N ASP I 103 -12.23 42.17 37.00
CA ASP I 103 -12.55 43.53 36.51
C ASP I 103 -11.35 44.11 35.77
N ASP I 104 -10.21 43.46 35.90
CA ASP I 104 -8.94 43.95 35.34
C ASP I 104 -8.96 45.47 35.58
N ALA I 105 -8.97 45.88 36.87
CA ALA I 105 -9.02 47.29 37.38
C ALA I 105 -8.47 47.37 38.83
N PHE I 106 -8.04 48.57 39.31
CA PHE I 106 -6.99 48.76 40.36
C PHE I 106 -7.48 49.23 41.75
N ASP I 107 -7.23 48.38 42.75
CA ASP I 107 -7.51 48.65 44.19
C ASP I 107 -6.31 49.44 44.78
N ILE I 108 -5.08 48.96 44.68
CA ILE I 108 -3.93 49.51 45.45
C ILE I 108 -3.05 50.39 44.54
N TRP I 109 -2.60 51.54 45.05
CA TRP I 109 -1.81 52.58 44.34
C TRP I 109 -0.49 52.85 45.06
N GLY I 110 0.51 53.33 44.32
CA GLY I 110 1.78 53.82 44.89
C GLY I 110 1.65 55.27 45.30
N GLN I 111 2.67 55.81 45.97
CA GLN I 111 2.76 57.25 46.32
C GLN I 111 2.86 58.05 45.01
N GLY I 112 3.61 57.53 44.04
CA GLY I 112 3.93 58.19 42.77
C GLY I 112 5.29 58.87 42.81
N THR I 113 5.83 59.26 41.64
CA THR I 113 7.16 59.90 41.46
C THR I 113 7.11 60.92 40.32
N MET I 114 8.02 61.91 40.31
CA MET I 114 7.97 63.09 39.41
C MET I 114 8.97 62.95 38.27
N VAL I 115 8.50 63.14 37.03
CA VAL I 115 9.31 63.12 35.80
C VAL I 115 9.27 64.52 35.18
N THR I 116 10.36 65.29 35.28
CA THR I 116 10.49 66.64 34.67
C THR I 116 11.48 66.62 33.51
N VAL I 117 11.01 66.89 32.29
CA VAL I 117 11.86 66.99 31.06
C VAL I 117 11.72 68.43 30.53
N SER I 118 12.82 69.19 30.56
CA SER I 118 12.96 70.47 29.78
C SER I 118 14.40 70.68 29.34
N SER I 119 14.68 71.86 28.77
CA SER I 119 16.01 72.50 28.65
C SER I 119 16.25 73.41 29.87
N GLN J 1 -9.06 58.25 18.49
CA GLN J 1 -9.25 57.66 19.85
C GLN J 1 -10.65 57.99 20.39
N THR J 2 -11.14 57.18 21.34
CA THR J 2 -12.48 57.28 22.00
C THR J 2 -12.34 57.97 23.35
N VAL J 3 -13.16 58.99 23.61
CA VAL J 3 -13.09 59.81 24.86
C VAL J 3 -14.20 59.32 25.80
N VAL J 4 -13.85 58.98 27.04
CA VAL J 4 -14.82 58.73 28.15
C VAL J 4 -15.21 60.08 28.75
N THR J 5 -16.49 60.42 28.66
CA THR J 5 -17.07 61.73 29.04
C THR J 5 -17.78 61.59 30.40
N GLN J 6 -17.29 62.26 31.45
CA GLN J 6 -17.98 62.32 32.76
C GLN J 6 -18.13 63.78 33.16
N GLU J 7 -19.20 64.11 33.90
CA GLU J 7 -19.57 65.51 34.24
C GLU J 7 -18.29 66.25 34.64
N PRO J 8 -18.14 67.53 34.19
CA PRO J 8 -16.93 68.30 34.46
C PRO J 8 -16.81 68.77 35.92
N SER J 9 -17.94 69.08 36.58
CA SER J 9 -18.01 69.47 38.01
C SER J 9 -19.45 69.36 38.54
N PHE J 10 -19.60 69.04 39.83
CA PHE J 10 -20.93 68.95 40.51
C PHE J 10 -20.84 69.52 41.93
N SER J 11 -21.95 70.02 42.46
CA SER J 11 -22.13 70.57 43.82
C SER J 11 -23.33 69.89 44.48
N VAL J 12 -23.22 69.58 45.77
CA VAL J 12 -24.31 68.97 46.60
C VAL J 12 -24.26 69.55 48.02
N SER J 13 -25.45 69.67 48.63
CA SER J 13 -25.66 70.00 50.07
C SER J 13 -25.07 68.87 50.90
N PRO J 14 -24.41 69.19 52.05
CA PRO J 14 -23.98 68.15 52.99
C PRO J 14 -25.20 67.34 53.48
N GLY J 15 -25.02 66.03 53.64
CA GLY J 15 -26.12 65.10 54.01
C GLY J 15 -27.10 64.90 52.87
N GLY J 16 -26.80 65.38 51.67
CA GLY J 16 -27.63 65.20 50.46
C GLY J 16 -27.16 63.99 49.70
N THR J 17 -27.89 63.63 48.63
CA THR J 17 -27.60 62.51 47.71
C THR J 17 -27.27 63.09 46.34
N VAL J 18 -26.28 62.53 45.65
CA VAL J 18 -25.79 63.01 44.33
C VAL J 18 -25.25 61.81 43.55
N THR J 19 -25.41 61.83 42.23
CA THR J 19 -24.85 60.79 41.31
C THR J 19 -23.90 61.46 40.30
N LEU J 20 -22.65 60.98 40.25
CA LEU J 20 -21.68 61.24 39.17
C LEU J 20 -21.90 60.17 38.12
N THR J 21 -22.07 60.54 36.86
CA THR J 21 -22.20 59.59 35.72
C THR J 21 -20.87 59.60 34.97
N CYS J 22 -20.76 58.72 33.96
CA CYS J 22 -19.53 58.44 33.17
C CYS J 22 -19.87 57.58 31.95
N GLY J 23 -19.92 58.21 30.77
CA GLY J 23 -20.33 57.62 29.49
C GLY J 23 -19.23 57.53 28.44
N LEU J 24 -19.46 56.79 27.36
CA LEU J 24 -18.54 56.61 26.21
C LEU J 24 -19.07 57.39 25.01
N SER J 25 -18.21 58.15 24.35
CA SER J 25 -18.51 59.00 23.16
C SER J 25 -19.30 58.20 22.12
N SER J 26 -18.87 56.96 21.83
CA SER J 26 -19.45 56.08 20.79
C SER J 26 -19.84 54.72 21.38
N GLY J 27 -21.12 54.54 21.73
CA GLY J 27 -21.68 53.28 22.26
C GLY J 27 -22.05 53.40 23.74
N SER J 28 -22.69 52.36 24.29
CA SER J 28 -23.17 52.27 25.70
C SER J 28 -22.06 51.74 26.60
N VAL J 29 -22.22 51.94 27.91
CA VAL J 29 -21.36 51.31 28.95
C VAL J 29 -22.16 50.15 29.55
N SER J 30 -21.58 48.95 29.54
CA SER J 30 -22.12 47.73 30.19
C SER J 30 -21.19 47.33 31.33
N THR J 31 -21.53 46.24 32.02
CA THR J 31 -20.67 45.56 33.01
C THR J 31 -19.33 45.20 32.35
N SER J 32 -19.35 44.72 31.10
CA SER J 32 -18.17 44.17 30.39
C SER J 32 -17.20 45.30 30.00
N TYR J 33 -17.36 46.53 30.52
CA TYR J 33 -16.35 47.62 30.46
C TYR J 33 -15.64 47.76 31.81
N TYR J 34 -16.07 46.98 32.81
CA TYR J 34 -15.52 46.87 34.20
C TYR J 34 -15.30 48.25 34.82
N PRO J 35 -16.39 49.05 35.02
CA PRO J 35 -16.30 50.39 35.60
C PRO J 35 -15.51 50.38 36.90
N ASN J 36 -15.09 51.57 37.28
CA ASN J 36 -13.99 51.78 38.23
C ASN J 36 -13.84 53.30 38.48
N TRP J 37 -13.97 53.69 39.75
CA TRP J 37 -14.05 55.09 40.23
C TRP J 37 -12.90 55.30 41.22
N TYR J 38 -12.32 56.49 41.23
CA TYR J 38 -11.29 56.92 42.20
C TYR J 38 -11.66 58.27 42.80
N GLN J 39 -11.28 58.45 44.06
CA GLN J 39 -11.30 59.74 44.78
C GLN J 39 -9.87 60.25 44.74
N GLN J 40 -9.68 61.45 44.21
CA GLN J 40 -8.38 62.14 44.27
C GLN J 40 -8.61 63.40 45.08
N THR J 41 -8.06 63.42 46.29
CA THR J 41 -8.00 64.64 47.12
C THR J 41 -7.03 65.56 46.40
N PRO J 42 -7.42 66.79 46.02
CA PRO J 42 -6.55 67.63 45.20
C PRO J 42 -5.15 67.61 45.84
N GLY J 43 -4.13 67.15 45.09
CA GLY J 43 -2.72 67.13 45.52
C GLY J 43 -2.30 65.83 46.20
N GLN J 44 -3.21 64.86 46.34
CA GLN J 44 -2.94 63.58 47.05
C GLN J 44 -3.06 62.40 46.07
N ALA J 45 -2.34 61.30 46.34
CA ALA J 45 -2.35 60.05 45.56
C ALA J 45 -3.77 59.48 45.56
N PRO J 46 -4.42 59.34 44.39
CA PRO J 46 -5.84 58.96 44.32
C PRO J 46 -6.13 57.57 44.92
N ARG J 47 -6.97 57.54 45.96
CA ARG J 47 -7.47 56.34 46.69
C ARG J 47 -8.52 55.65 45.80
N THR J 48 -8.53 54.33 45.78
CA THR J 48 -9.60 53.51 45.15
C THR J 48 -10.91 53.81 45.90
N LEU J 49 -12.04 53.71 45.20
CA LEU J 49 -13.37 53.60 45.83
C LEU J 49 -13.97 52.26 45.40
N ILE J 50 -14.38 52.18 44.13
CA ILE J 50 -15.26 51.12 43.57
C ILE J 50 -14.59 50.53 42.33
N TYR J 51 -14.12 49.29 42.36
CA TYR J 51 -13.68 48.51 41.16
C TYR J 51 -14.72 47.42 40.98
N SER J 52 -14.65 46.62 39.90
CA SER J 52 -15.35 45.31 39.78
C SER J 52 -16.86 45.51 39.53
N THR J 53 -17.25 46.69 39.00
CA THR J 53 -18.62 47.03 38.51
C THR J 53 -19.34 47.94 39.50
N ASN J 54 -19.07 47.70 40.81
CA ASN J 54 -19.74 48.31 41.98
C ASN J 54 -18.92 48.04 43.26
N THR J 55 -18.43 46.80 43.49
CA THR J 55 -17.72 46.32 44.72
C THR J 55 -16.90 47.43 45.38
N ARG J 56 -17.12 47.64 46.69
CA ARG J 56 -16.30 48.55 47.54
C ARG J 56 -15.02 47.81 47.95
N SER J 57 -13.91 48.55 48.09
CA SER J 57 -12.61 48.05 48.63
C SER J 57 -12.69 48.07 50.19
N SER J 58 -11.73 47.44 50.89
CA SER J 58 -11.62 47.43 52.39
C SER J 58 -11.77 48.87 52.89
N GLY J 59 -12.70 49.16 53.81
CA GLY J 59 -12.83 50.48 54.47
C GLY J 59 -13.08 51.64 53.51
N VAL J 60 -13.83 51.36 52.44
CA VAL J 60 -14.53 52.39 51.63
C VAL J 60 -15.85 52.69 52.32
N PRO J 61 -16.14 53.96 52.66
CA PRO J 61 -17.39 54.29 53.35
C PRO J 61 -18.66 53.78 52.65
N ASP J 62 -19.72 53.59 53.43
CA ASP J 62 -21.03 52.97 53.07
C ASP J 62 -21.87 53.93 52.22
N ARG J 63 -21.60 55.23 52.37
CA ARG J 63 -22.27 56.34 51.63
C ARG J 63 -22.07 56.16 50.11
N PHE J 64 -20.90 55.66 49.67
CA PHE J 64 -20.57 55.34 48.25
C PHE J 64 -21.23 54.02 47.83
N SER J 65 -21.84 54.06 46.65
CA SER J 65 -22.43 52.88 45.94
C SER J 65 -22.35 53.08 44.42
N GLY J 66 -21.45 52.37 43.75
CA GLY J 66 -21.28 52.43 42.29
C GLY J 66 -22.31 51.55 41.59
N SER J 67 -22.69 51.91 40.37
CA SER J 67 -23.84 51.30 39.65
C SER J 67 -23.71 51.62 38.16
N ILE J 68 -24.77 51.39 37.40
CA ILE J 68 -24.88 51.64 35.93
C ILE J 68 -26.29 52.15 35.63
N LEU J 69 -26.42 53.40 35.15
CA LEU J 69 -27.71 54.04 34.74
C LEU J 69 -27.74 54.17 33.21
N GLY J 70 -28.56 53.33 32.59
CA GLY J 70 -28.83 53.35 31.14
C GLY J 70 -27.54 53.27 30.34
N ASN J 71 -27.13 54.39 29.75
CA ASN J 71 -26.00 54.41 28.78
C ASN J 71 -24.66 54.43 29.57
N LYS J 72 -24.70 54.95 30.79
CA LYS J 72 -23.50 55.46 31.50
C LYS J 72 -23.28 54.62 32.76
N ALA J 73 -22.01 54.38 33.12
CA ALA J 73 -21.60 53.91 34.46
C ALA J 73 -21.85 55.05 35.44
N ALA J 74 -22.11 54.74 36.70
CA ALA J 74 -22.53 55.73 37.72
C ALA J 74 -21.86 55.45 39.08
N LEU J 75 -21.80 56.51 39.89
CA LEU J 75 -21.34 56.55 41.30
C LEU J 75 -22.32 57.40 42.14
N THR J 76 -23.08 56.74 42.99
CA THR J 76 -24.14 57.37 43.83
C THR J 76 -23.55 57.60 45.23
N ILE J 77 -23.45 58.87 45.66
CA ILE J 77 -22.90 59.27 46.98
C ILE J 77 -24.08 59.73 47.87
N THR J 78 -24.68 58.77 48.57
CA THR J 78 -25.86 58.96 49.46
C THR J 78 -25.35 59.45 50.82
N GLY J 79 -25.58 60.73 51.13
CA GLY J 79 -25.25 61.33 52.43
C GLY J 79 -23.85 61.91 52.43
N ALA J 80 -23.68 63.05 51.76
CA ALA J 80 -22.34 63.66 51.49
C ALA J 80 -21.67 64.13 52.79
N GLN J 81 -20.39 63.81 52.96
CA GLN J 81 -19.56 64.20 54.14
C GLN J 81 -18.66 65.38 53.74
N ALA J 82 -18.02 66.02 54.72
CA ALA J 82 -16.99 67.07 54.53
C ALA J 82 -15.77 66.45 53.85
N ASP J 83 -15.64 65.12 53.98
CA ASP J 83 -14.51 64.33 53.43
C ASP J 83 -14.60 64.25 51.91
N ASP J 84 -15.74 64.63 51.31
CA ASP J 84 -16.08 64.34 49.89
C ASP J 84 -15.76 65.51 48.96
N GLU J 85 -15.40 66.69 49.50
CA GLU J 85 -14.82 67.83 48.73
C GLU J 85 -13.55 67.33 48.04
N SER J 86 -13.64 66.87 46.79
CA SER J 86 -12.50 66.30 46.02
C SER J 86 -12.94 65.95 44.59
N ASP J 87 -11.98 65.45 43.78
CA ASP J 87 -12.12 65.14 42.34
C ASP J 87 -12.29 63.63 42.18
N TYR J 88 -13.20 63.19 41.32
CA TYR J 88 -13.60 61.76 41.11
C TYR J 88 -13.39 61.38 39.64
N TYR J 89 -12.52 60.39 39.41
CA TYR J 89 -12.18 59.86 38.05
C TYR J 89 -12.86 58.50 37.87
N CYS J 90 -13.63 58.37 36.79
CA CYS J 90 -14.17 57.11 36.24
C CYS J 90 -13.19 56.57 35.20
N VAL J 91 -13.22 55.26 34.91
CA VAL J 91 -12.29 54.65 33.91
C VAL J 91 -12.70 53.21 33.56
N LEU J 92 -12.72 52.88 32.24
CA LEU J 92 -13.23 51.62 31.64
C LEU J 92 -12.11 50.86 30.90
N PHE J 93 -12.26 49.53 30.75
CA PHE J 93 -11.26 48.61 30.13
C PHE J 93 -11.84 47.92 28.89
N MET J 94 -11.50 48.39 27.68
CA MET J 94 -11.88 47.80 26.35
C MET J 94 -10.87 46.71 25.99
N GLY J 95 -10.28 46.09 27.00
CA GLY J 95 -9.39 44.92 26.87
C GLY J 95 -8.26 45.14 25.89
N SER J 96 -7.36 44.16 25.85
CA SER J 96 -6.07 44.15 25.11
C SER J 96 -5.01 44.94 25.89
N GLY J 97 -5.36 45.56 27.02
CA GLY J 97 -4.47 46.46 27.79
C GLY J 97 -5.02 47.87 27.80
N ILE J 98 -5.93 48.11 26.84
CA ILE J 98 -6.51 49.46 26.54
C ILE J 98 -7.34 49.88 27.75
N TRP J 99 -6.81 50.82 28.54
CA TRP J 99 -7.51 51.48 29.67
C TRP J 99 -7.65 52.97 29.33
N VAL J 100 -8.85 53.56 29.48
CA VAL J 100 -9.14 54.98 29.13
C VAL J 100 -9.89 55.69 30.27
N PHE J 101 -9.34 56.81 30.73
CA PHE J 101 -9.88 57.57 31.89
C PHE J 101 -10.98 58.54 31.43
N GLY J 102 -11.73 59.06 32.41
CA GLY J 102 -12.66 60.19 32.26
C GLY J 102 -11.94 61.52 32.51
N GLY J 103 -12.60 62.63 32.16
CA GLY J 103 -12.05 63.98 32.35
C GLY J 103 -11.86 64.31 33.81
N GLY J 104 -12.63 63.66 34.68
CA GLY J 104 -12.65 63.94 36.11
C GLY J 104 -13.78 64.89 36.46
N THR J 105 -14.55 64.55 37.49
CA THR J 105 -15.67 65.35 38.03
C THR J 105 -15.19 65.96 39.37
N LYS J 106 -15.20 67.30 39.51
CA LYS J 106 -14.93 67.99 40.80
C LYS J 106 -16.24 68.08 41.59
N LEU J 107 -16.29 67.41 42.76
CA LEU J 107 -17.48 67.40 43.65
C LEU J 107 -17.31 68.43 44.78
N THR J 108 -18.23 69.39 44.82
CA THR J 108 -18.35 70.48 45.81
C THR J 108 -19.42 70.11 46.84
N VAL J 109 -19.08 70.28 48.12
CA VAL J 109 -20.00 70.14 49.29
C VAL J 109 -20.17 71.52 49.90
N LEU J 110 -21.38 72.09 49.87
CA LEU J 110 -21.69 73.50 50.19
C LEU J 110 -21.35 73.79 51.65
N GLN K 1 -85.58 12.89 2.78
CA GLN K 1 -84.53 12.10 2.06
C GLN K 1 -83.18 12.77 2.25
N VAL K 2 -82.12 12.17 1.69
CA VAL K 2 -80.79 12.81 1.43
C VAL K 2 -80.98 14.02 0.52
N GLN K 3 -80.42 15.17 0.87
CA GLN K 3 -80.63 16.41 0.08
C GLN K 3 -79.43 17.36 0.18
N LEU K 4 -79.06 17.97 -0.95
CA LEU K 4 -77.92 18.90 -1.11
C LEU K 4 -78.42 20.20 -1.74
N VAL K 5 -78.10 21.33 -1.11
CA VAL K 5 -78.71 22.65 -1.41
C VAL K 5 -78.27 23.12 -2.81
N GLU K 6 -79.06 24.03 -3.41
CA GLU K 6 -78.63 24.94 -4.52
C GLU K 6 -77.23 25.43 -4.17
N SER K 7 -77.15 26.44 -3.28
CA SER K 7 -75.97 27.07 -2.66
C SER K 7 -76.14 28.59 -2.56
N GLY K 8 -76.47 29.27 -3.67
CA GLY K 8 -76.80 30.71 -3.76
C GLY K 8 -75.68 31.60 -4.30
N GLY K 9 -75.15 31.29 -5.48
CA GLY K 9 -74.17 32.14 -6.19
C GLY K 9 -74.88 33.26 -6.92
N GLY K 10 -74.64 34.51 -6.53
CA GLY K 10 -75.21 35.72 -7.20
C GLY K 10 -74.52 36.10 -8.52
N VAL K 11 -74.37 37.42 -8.76
CA VAL K 11 -73.61 38.07 -9.87
C VAL K 11 -72.43 38.85 -9.27
N VAL K 12 -71.30 38.94 -9.99
CA VAL K 12 -70.05 39.61 -9.49
C VAL K 12 -69.18 40.07 -10.67
N GLN K 13 -68.33 41.09 -10.44
CA GLN K 13 -67.42 41.71 -11.43
C GLN K 13 -66.12 40.92 -11.49
N PRO K 14 -65.44 40.85 -12.66
CA PRO K 14 -64.15 40.18 -12.77
C PRO K 14 -63.08 40.69 -11.78
N GLY K 15 -62.34 39.77 -11.16
CA GLY K 15 -61.33 40.05 -10.15
C GLY K 15 -61.80 39.67 -8.75
N ARG K 16 -63.06 39.91 -8.42
CA ARG K 16 -63.57 39.88 -7.02
C ARG K 16 -63.62 38.45 -6.49
N SER K 17 -63.46 38.33 -5.17
CA SER K 17 -63.68 37.09 -4.40
C SER K 17 -65.17 36.78 -4.33
N LEU K 18 -65.53 35.49 -4.18
CA LEU K 18 -66.92 35.04 -3.90
C LEU K 18 -66.93 33.63 -3.27
N ARG K 19 -67.67 33.46 -2.17
CA ARG K 19 -67.80 32.18 -1.40
C ARG K 19 -69.10 31.47 -1.82
N LEU K 20 -69.05 30.15 -1.92
CA LEU K 20 -70.21 29.29 -2.29
C LEU K 20 -70.41 28.27 -1.18
N SER K 21 -71.66 28.05 -0.74
CA SER K 21 -72.00 27.09 0.35
C SER K 21 -72.93 26.00 -0.19
N CYS K 22 -72.94 24.83 0.44
CA CYS K 22 -73.75 23.64 0.04
C CYS K 22 -74.21 22.90 1.30
N ALA K 23 -75.42 23.18 1.79
CA ALA K 23 -76.02 22.55 2.99
C ALA K 23 -76.50 21.13 2.65
N ALA K 24 -75.91 20.11 3.29
CA ALA K 24 -76.28 18.69 3.15
C ALA K 24 -77.14 18.27 4.35
N SER K 25 -77.94 17.22 4.19
CA SER K 25 -78.80 16.63 5.25
C SER K 25 -79.25 15.24 4.82
N GLY K 26 -79.43 14.33 5.78
CA GLY K 26 -79.93 12.96 5.54
C GLY K 26 -78.82 12.01 5.11
N PHE K 27 -77.64 12.09 5.73
CA PHE K 27 -76.58 11.04 5.73
C PHE K 27 -75.41 11.46 6.62
N THR K 28 -74.54 10.51 6.99
CA THR K 28 -73.24 10.74 7.67
C THR K 28 -72.34 11.60 6.78
N PHE K 29 -72.57 12.91 6.72
CA PHE K 29 -71.76 13.89 5.93
C PHE K 29 -70.29 13.54 6.14
N SER K 30 -69.97 13.27 7.41
CA SER K 30 -68.67 12.88 7.99
C SER K 30 -67.91 11.90 7.08
N SER K 31 -68.62 11.08 6.28
CA SER K 31 -68.07 9.84 5.64
C SER K 31 -67.82 10.03 4.14
N TYR K 32 -68.75 10.67 3.43
CA TYR K 32 -68.74 10.74 1.95
C TYR K 32 -67.73 11.78 1.48
N GLY K 33 -67.19 11.56 0.28
CA GLY K 33 -66.54 12.62 -0.52
C GLY K 33 -67.52 13.73 -0.85
N MET K 34 -67.03 14.87 -1.33
CA MET K 34 -67.83 16.07 -1.69
C MET K 34 -67.12 16.88 -2.78
N HIS K 35 -67.78 17.05 -3.93
CA HIS K 35 -67.22 17.74 -5.12
C HIS K 35 -67.96 19.06 -5.36
N TRP K 36 -67.40 19.87 -6.26
CA TRP K 36 -68.09 20.94 -7.04
C TRP K 36 -68.00 20.60 -8.53
N VAL K 37 -69.11 20.67 -9.22
CA VAL K 37 -69.17 20.56 -10.70
C VAL K 37 -69.90 21.81 -11.21
N ARG K 38 -69.41 22.39 -12.30
CA ARG K 38 -70.04 23.56 -12.97
C ARG K 38 -70.59 23.12 -14.34
N GLN K 39 -71.56 23.87 -14.87
CA GLN K 39 -72.16 23.67 -16.21
C GLN K 39 -72.38 25.04 -16.89
N ALA K 40 -71.45 25.39 -17.77
CA ALA K 40 -71.48 26.58 -18.64
C ALA K 40 -72.78 26.58 -19.41
N PRO K 41 -73.57 27.68 -19.36
CA PRO K 41 -74.92 27.68 -19.93
C PRO K 41 -74.88 27.12 -21.36
N GLY K 42 -75.70 26.11 -21.65
CA GLY K 42 -75.82 25.46 -22.98
C GLY K 42 -74.81 24.34 -23.19
N LYS K 43 -73.63 24.48 -22.58
CA LYS K 43 -72.48 23.54 -22.73
C LYS K 43 -72.67 22.35 -21.80
N GLY K 44 -71.74 21.39 -21.88
CA GLY K 44 -71.72 20.17 -21.05
C GLY K 44 -71.35 20.46 -19.61
N LEU K 45 -70.86 19.43 -18.91
CA LEU K 45 -70.50 19.44 -17.47
C LEU K 45 -68.98 19.53 -17.37
N GLU K 46 -68.49 20.29 -16.40
CA GLU K 46 -67.03 20.43 -16.12
C GLU K 46 -66.79 20.16 -14.63
N TRP K 47 -65.77 19.39 -14.30
CA TRP K 47 -65.35 19.15 -12.90
C TRP K 47 -64.61 20.38 -12.41
N VAL K 48 -64.91 20.81 -11.20
CA VAL K 48 -64.27 21.99 -10.54
C VAL K 48 -63.26 21.48 -9.51
N ALA K 49 -63.74 21.01 -8.36
CA ALA K 49 -62.94 20.76 -7.15
C ALA K 49 -63.42 19.49 -6.45
N VAL K 50 -62.75 19.08 -5.37
CA VAL K 50 -63.09 17.86 -4.59
C VAL K 50 -62.49 17.95 -3.17
N PHE K 51 -63.24 17.46 -2.19
CA PHE K 51 -62.78 17.25 -0.80
C PHE K 51 -63.13 15.81 -0.46
N TRP K 52 -62.18 15.07 0.14
CA TRP K 52 -62.38 13.69 0.65
C TRP K 52 -63.05 13.74 2.03
N TYR K 53 -63.04 12.63 2.75
CA TYR K 53 -63.86 12.48 3.98
C TYR K 53 -63.10 13.01 5.20
N ASP K 54 -61.82 12.64 5.39
CA ASP K 54 -61.01 13.01 6.60
C ASP K 54 -60.16 14.26 6.33
N GLY K 55 -59.93 14.60 5.06
CA GLY K 55 -59.59 15.98 4.65
C GLY K 55 -58.21 16.13 4.04
N SER K 56 -57.24 15.28 4.37
CA SER K 56 -55.86 15.38 3.80
C SER K 56 -55.94 15.85 2.34
N ASN K 57 -56.89 15.34 1.56
CA ASN K 57 -56.91 15.51 0.09
C ASN K 57 -57.96 16.55 -0.31
N LYS K 58 -57.50 17.60 -0.96
CA LYS K 58 -58.33 18.61 -1.65
C LYS K 58 -57.68 18.80 -3.01
N TYR K 59 -58.40 18.64 -4.11
CA TYR K 59 -57.83 18.73 -5.48
C TYR K 59 -58.69 19.64 -6.38
N TYR K 60 -58.04 20.32 -7.32
CA TYR K 60 -58.67 21.29 -8.25
C TYR K 60 -58.32 20.91 -9.70
N ALA K 61 -59.12 21.37 -10.65
CA ALA K 61 -58.95 21.18 -12.11
C ALA K 61 -57.93 22.19 -12.63
N ASP K 62 -57.18 21.83 -13.67
CA ASP K 62 -56.19 22.73 -14.33
C ASP K 62 -56.82 24.10 -14.58
N SER K 63 -58.12 24.15 -14.86
CA SER K 63 -58.84 25.38 -15.26
C SER K 63 -58.94 26.36 -14.08
N VAL K 64 -59.01 25.88 -12.84
CA VAL K 64 -59.16 26.75 -11.63
C VAL K 64 -58.03 26.44 -10.62
N LYS K 65 -56.87 26.00 -11.11
CA LYS K 65 -55.72 25.64 -10.25
C LYS K 65 -55.33 26.88 -9.40
N GLY K 66 -55.37 26.76 -8.07
CA GLY K 66 -54.86 27.79 -7.14
C GLY K 66 -55.63 29.11 -7.24
N ARG K 67 -56.52 29.24 -8.23
CA ARG K 67 -57.49 30.36 -8.33
C ARG K 67 -58.66 30.11 -7.37
N PHE K 68 -59.02 28.82 -7.19
CA PHE K 68 -60.13 28.33 -6.35
C PHE K 68 -59.62 27.46 -5.18
N THR K 69 -60.35 27.56 -4.06
CA THR K 69 -60.06 26.94 -2.74
C THR K 69 -61.35 26.29 -2.22
N ILE K 70 -61.31 24.99 -1.91
CA ILE K 70 -62.47 24.22 -1.36
C ILE K 70 -62.26 23.95 0.13
N SER K 71 -63.32 23.97 0.93
CA SER K 71 -63.25 23.76 2.39
C SER K 71 -64.55 23.11 2.89
N ARG K 72 -64.42 22.04 3.65
CA ARG K 72 -65.52 21.27 4.27
C ARG K 72 -65.61 21.72 5.74
N ASP K 73 -66.83 21.82 6.30
CA ASP K 73 -67.11 22.15 7.73
C ASP K 73 -68.08 21.13 8.32
N ASN K 74 -67.52 20.07 8.94
CA ASN K 74 -68.26 18.97 9.62
C ASN K 74 -68.86 19.61 10.88
N SER K 75 -69.65 18.90 11.71
CA SER K 75 -70.36 19.48 12.87
C SER K 75 -71.33 20.57 12.41
N LYS K 76 -71.14 21.10 11.20
CA LYS K 76 -72.09 22.04 10.55
C LYS K 76 -72.48 21.54 9.14
N ASN K 77 -72.05 20.33 8.76
CA ASN K 77 -72.56 19.53 7.61
C ASN K 77 -72.77 20.43 6.38
N THR K 78 -71.77 21.28 6.06
CA THR K 78 -71.81 22.22 4.92
C THR K 78 -70.45 22.24 4.21
N LEU K 79 -70.50 22.27 2.88
CA LEU K 79 -69.32 22.37 2.00
C LEU K 79 -69.22 23.80 1.48
N TYR K 80 -67.99 24.30 1.32
CA TYR K 80 -67.67 25.70 0.90
C TYR K 80 -66.75 25.66 -0.33
N LEU K 81 -66.85 26.69 -1.19
CA LEU K 81 -65.91 26.96 -2.29
C LEU K 81 -65.60 28.45 -2.33
N GLN K 82 -64.34 28.80 -2.05
CA GLN K 82 -63.75 30.15 -2.16
C GLN K 82 -63.30 30.37 -3.61
N MET K 83 -63.96 31.28 -4.32
CA MET K 83 -63.68 31.61 -5.74
C MET K 83 -63.07 33.01 -5.83
N ASN K 84 -61.74 33.10 -5.77
CA ASN K 84 -60.98 34.36 -5.87
C ASN K 84 -60.57 34.53 -7.33
N SER K 85 -60.49 35.79 -7.76
CA SER K 85 -59.92 36.17 -9.07
C SER K 85 -60.74 35.54 -10.20
N LEU K 86 -62.01 35.94 -10.28
CA LEU K 86 -63.02 35.39 -11.23
C LEU K 86 -62.84 36.03 -12.61
N SER K 87 -63.58 35.55 -13.61
CA SER K 87 -63.48 35.97 -15.03
C SER K 87 -64.79 35.57 -15.73
N ALA K 88 -64.82 35.56 -17.07
CA ALA K 88 -66.05 35.32 -17.85
C ALA K 88 -66.26 33.84 -18.07
N GLU K 89 -65.19 33.02 -18.07
CA GLU K 89 -65.26 31.55 -18.33
C GLU K 89 -65.86 30.82 -17.11
N ASP K 90 -65.96 31.51 -15.96
CA ASP K 90 -66.47 30.95 -14.68
C ASP K 90 -68.01 31.08 -14.66
N THR K 91 -68.60 31.96 -15.49
CA THR K 91 -70.09 32.06 -15.63
C THR K 91 -70.59 30.67 -16.02
N ALA K 92 -71.39 30.06 -15.15
CA ALA K 92 -71.91 28.67 -15.27
C ALA K 92 -72.82 28.34 -14.07
N VAL K 93 -73.50 27.19 -14.14
CA VAL K 93 -74.31 26.61 -13.04
C VAL K 93 -73.36 25.79 -12.16
N TYR K 94 -73.38 25.96 -10.83
CA TYR K 94 -72.42 25.35 -9.87
C TYR K 94 -73.14 24.38 -8.92
N TYR K 95 -73.04 23.08 -9.20
CA TYR K 95 -73.63 21.99 -8.37
C TYR K 95 -72.59 21.46 -7.37
N CYS K 96 -73.04 21.09 -6.17
CA CYS K 96 -72.27 20.25 -5.21
C CYS K 96 -72.88 18.85 -5.19
N ALA K 97 -72.06 17.82 -5.32
CA ALA K 97 -72.54 16.41 -5.40
C ALA K 97 -71.69 15.56 -4.45
N ARG K 98 -72.32 14.62 -3.76
CA ARG K 98 -71.66 13.63 -2.85
C ARG K 98 -71.08 12.50 -3.71
N ALA K 99 -70.06 11.80 -3.19
CA ALA K 99 -69.45 10.63 -3.87
C ALA K 99 -69.39 9.46 -2.90
N PRO K 100 -69.87 8.25 -3.29
CA PRO K 100 -69.54 7.02 -2.59
C PRO K 100 -68.04 6.72 -2.77
N ASN K 101 -67.42 6.12 -1.75
CA ASN K 101 -65.93 6.04 -1.66
C ASN K 101 -65.44 5.13 -2.82
N TRP K 102 -66.18 4.05 -3.21
CA TRP K 102 -65.78 3.19 -4.36
C TRP K 102 -66.08 3.96 -5.65
N ASP K 103 -65.43 3.56 -6.75
CA ASP K 103 -65.49 4.11 -8.13
C ASP K 103 -65.13 5.58 -8.10
N ASP K 104 -65.06 6.17 -6.91
CA ASP K 104 -64.83 7.62 -6.76
C ASP K 104 -65.73 8.26 -7.84
N ALA K 105 -67.05 8.06 -7.71
CA ALA K 105 -68.14 8.45 -8.65
C ALA K 105 -69.49 8.57 -7.91
N PHE K 106 -70.39 9.44 -8.43
CA PHE K 106 -71.46 10.18 -7.69
C PHE K 106 -72.90 9.70 -7.95
N ASP K 107 -73.56 9.24 -6.89
CA ASP K 107 -75.01 8.87 -6.87
C ASP K 107 -75.85 10.15 -6.73
N ILE K 108 -75.66 10.99 -5.70
CA ILE K 108 -76.63 12.06 -5.35
C ILE K 108 -76.08 13.43 -5.80
N TRP K 109 -76.96 14.28 -6.33
CA TRP K 109 -76.66 15.62 -6.89
C TRP K 109 -77.45 16.71 -6.16
N GLY K 110 -76.93 17.94 -6.15
CA GLY K 110 -77.67 19.13 -5.70
C GLY K 110 -78.56 19.67 -6.79
N GLN K 111 -79.49 20.58 -6.45
CA GLN K 111 -80.26 21.36 -7.44
C GLN K 111 -79.28 22.23 -8.23
N GLY K 112 -78.24 22.74 -7.56
CA GLY K 112 -77.22 23.62 -8.16
C GLY K 112 -77.54 25.07 -7.95
N THR K 113 -76.62 25.98 -8.32
CA THR K 113 -76.74 27.46 -8.18
C THR K 113 -76.06 28.16 -9.36
N MET K 114 -76.45 29.41 -9.66
CA MET K 114 -75.98 30.17 -10.86
C MET K 114 -74.90 31.19 -10.46
N VAL K 115 -73.78 31.19 -11.19
CA VAL K 115 -72.66 32.13 -11.02
C VAL K 115 -72.54 32.93 -12.32
N THR K 116 -72.98 34.19 -12.31
CA THR K 116 -72.82 35.13 -13.46
C THR K 116 -71.76 36.19 -13.11
N VAL K 117 -70.67 36.23 -13.88
CA VAL K 117 -69.62 37.29 -13.83
C VAL K 117 -69.73 38.10 -15.14
N SER K 118 -70.13 39.36 -14.97
CA SER K 118 -70.22 40.42 -16.00
C SER K 118 -69.90 41.73 -15.27
N SER K 119 -70.80 42.72 -15.24
CA SER K 119 -70.53 44.00 -14.54
C SER K 119 -71.85 44.62 -14.08
N ALA K 120 -72.86 44.59 -14.93
CA ALA K 120 -74.13 45.33 -14.79
C ALA K 120 -74.87 44.84 -13.53
N SER K 121 -75.30 45.79 -12.69
CA SER K 121 -75.89 45.58 -11.35
C SER K 121 -77.20 44.79 -11.43
N THR K 122 -77.55 44.11 -10.34
CA THR K 122 -78.69 43.16 -10.28
C THR K 122 -79.96 43.91 -9.88
N LYS K 123 -80.93 44.00 -10.79
CA LYS K 123 -82.23 44.69 -10.58
C LYS K 123 -83.28 43.71 -10.07
N GLY K 124 -84.09 44.17 -9.11
CA GLY K 124 -85.37 43.54 -8.74
C GLY K 124 -86.38 43.64 -9.88
N PRO K 125 -87.19 42.58 -10.10
CA PRO K 125 -88.15 42.59 -11.20
C PRO K 125 -89.39 43.45 -10.91
N SER K 126 -89.83 44.21 -11.91
CA SER K 126 -91.22 44.75 -12.01
C SER K 126 -92.14 43.53 -12.19
N VAL K 127 -93.13 43.32 -11.31
CA VAL K 127 -94.15 42.23 -11.47
C VAL K 127 -95.49 42.90 -11.76
N PHE K 128 -96.27 42.31 -12.68
CA PHE K 128 -97.63 42.78 -13.08
C PHE K 128 -98.54 41.55 -13.22
N PRO K 129 -99.89 41.67 -13.07
CA PRO K 129 -100.78 40.53 -13.26
C PRO K 129 -101.15 40.30 -14.73
N LEU K 130 -101.91 39.25 -15.04
CA LEU K 130 -102.30 38.95 -16.45
C LEU K 130 -103.77 38.53 -16.50
N ALA K 131 -104.57 39.30 -17.27
CA ALA K 131 -106.05 39.40 -17.18
C ALA K 131 -106.74 38.10 -17.60
N PRO K 132 -107.29 37.30 -16.67
CA PRO K 132 -107.97 36.04 -17.04
C PRO K 132 -109.34 36.20 -17.73
N SER K 133 -109.45 36.81 -18.92
CA SER K 133 -110.71 36.75 -19.72
C SER K 133 -110.67 35.50 -20.59
N SER K 134 -111.67 34.61 -20.44
CA SER K 134 -111.72 33.28 -21.09
C SER K 134 -111.85 33.45 -22.61
N LYS K 135 -110.73 33.29 -23.33
CA LYS K 135 -110.69 33.13 -24.81
C LYS K 135 -109.54 32.21 -25.26
N SER K 136 -108.95 31.44 -24.33
CA SER K 136 -107.68 30.68 -24.53
C SER K 136 -107.85 29.20 -24.18
N THR K 137 -108.58 28.88 -23.10
CA THR K 137 -108.71 27.50 -22.53
C THR K 137 -110.16 27.03 -22.63
N SER K 138 -110.36 25.69 -22.60
CA SER K 138 -111.64 24.94 -22.80
C SER K 138 -112.84 25.69 -22.24
N GLY K 139 -114.05 25.34 -22.68
CA GLY K 139 -115.33 25.75 -22.02
C GLY K 139 -115.24 25.60 -20.50
N GLY K 140 -114.42 24.66 -20.02
CA GLY K 140 -114.32 24.26 -18.60
C GLY K 140 -113.40 25.14 -17.79
N THR K 141 -112.31 25.67 -18.38
CA THR K 141 -111.22 26.38 -17.64
C THR K 141 -110.87 27.72 -18.30
N ALA K 142 -110.02 28.52 -17.63
CA ALA K 142 -109.46 29.80 -18.09
C ALA K 142 -107.97 29.86 -17.74
N ALA K 143 -107.20 30.64 -18.50
CA ALA K 143 -105.74 30.81 -18.33
C ALA K 143 -105.48 32.19 -17.72
N LEU K 144 -104.69 32.24 -16.64
CA LEU K 144 -104.24 33.51 -15.98
C LEU K 144 -102.83 33.31 -15.45
N GLY K 145 -102.05 34.39 -15.36
CA GLY K 145 -100.65 34.35 -14.92
C GLY K 145 -100.19 35.67 -14.33
N CYS K 146 -98.89 35.82 -14.13
CA CYS K 146 -98.22 37.10 -13.76
C CYS K 146 -96.89 37.27 -14.53
N LEU K 147 -96.65 38.48 -15.03
CA LEU K 147 -95.51 38.88 -15.89
C LEU K 147 -94.40 39.44 -15.00
N VAL K 148 -93.19 38.88 -15.10
CA VAL K 148 -91.97 39.37 -14.39
C VAL K 148 -91.08 40.07 -15.42
N LYS K 149 -91.07 41.41 -15.42
CA LYS K 149 -90.37 42.28 -16.41
C LYS K 149 -88.98 42.68 -15.83
N ASP K 150 -88.02 43.04 -16.71
CA ASP K 150 -86.78 43.82 -16.40
C ASP K 150 -86.11 43.35 -15.10
N TYR K 151 -85.26 42.33 -15.15
CA TYR K 151 -84.48 41.83 -13.97
C TYR K 151 -83.09 41.39 -14.44
N PHE K 152 -82.06 41.37 -13.55
CA PHE K 152 -80.64 40.98 -13.86
C PHE K 152 -80.06 39.85 -13.00
N PRO K 153 -80.87 39.03 -12.33
CA PRO K 153 -80.46 37.64 -12.15
C PRO K 153 -80.74 36.93 -13.49
N GLU K 154 -79.97 35.93 -13.90
CA GLU K 154 -80.53 34.92 -14.84
C GLU K 154 -81.70 34.23 -14.16
N PRO K 155 -81.56 33.87 -12.85
CA PRO K 155 -82.55 33.10 -12.09
C PRO K 155 -83.62 33.87 -11.29
N VAL K 156 -84.86 33.35 -11.27
CA VAL K 156 -86.00 33.92 -10.50
C VAL K 156 -87.11 32.86 -10.35
N THR K 157 -87.50 32.55 -9.11
CA THR K 157 -88.47 31.47 -8.77
C THR K 157 -89.89 32.01 -8.86
N VAL K 158 -90.85 31.20 -9.31
CA VAL K 158 -92.31 31.58 -9.33
C VAL K 158 -93.13 30.42 -8.77
N SER K 159 -93.83 30.64 -7.65
CA SER K 159 -94.78 29.71 -6.99
C SER K 159 -96.21 30.17 -7.27
N TRP K 160 -97.21 29.52 -6.68
CA TRP K 160 -98.64 29.94 -6.77
C TRP K 160 -99.40 29.59 -5.48
N ASN K 161 -99.91 30.61 -4.77
CA ASN K 161 -100.59 30.47 -3.46
C ASN K 161 -99.60 29.88 -2.47
N SER K 162 -98.43 30.52 -2.35
CA SER K 162 -97.27 30.15 -1.50
C SER K 162 -96.69 28.77 -1.90
N GLY K 163 -96.90 28.34 -3.15
CA GLY K 163 -96.43 27.03 -3.66
C GLY K 163 -97.42 25.92 -3.39
N ALA K 164 -98.65 26.28 -2.99
CA ALA K 164 -99.77 25.36 -2.70
C ALA K 164 -100.61 25.10 -3.96
N LEU K 165 -100.01 25.28 -5.14
CA LEU K 165 -100.62 24.99 -6.46
C LEU K 165 -99.50 24.72 -7.46
N THR K 166 -99.27 23.45 -7.77
CA THR K 166 -98.28 23.00 -8.77
C THR K 166 -99.02 22.50 -10.01
N SER K 167 -100.35 22.40 -9.93
CA SER K 167 -101.22 21.73 -10.95
C SER K 167 -101.71 22.76 -11.98
N GLY K 168 -101.22 22.68 -13.22
CA GLY K 168 -101.65 23.55 -14.35
C GLY K 168 -100.69 24.71 -14.62
N VAL K 169 -99.65 24.85 -13.78
CA VAL K 169 -98.59 25.90 -13.86
C VAL K 169 -97.71 25.62 -15.08
N HIS K 170 -97.38 26.65 -15.87
CA HIS K 170 -96.47 26.59 -17.05
C HIS K 170 -95.65 27.89 -17.08
N THR K 171 -94.60 27.99 -16.24
CA THR K 171 -93.58 29.08 -16.26
C THR K 171 -92.77 28.95 -17.56
N PHE K 172 -92.37 30.08 -18.17
CA PHE K 172 -91.78 30.11 -19.54
C PHE K 172 -90.32 30.52 -19.50
N PRO K 173 -89.57 30.39 -20.63
CA PRO K 173 -88.19 30.85 -20.70
C PRO K 173 -88.16 32.37 -20.57
N ALA K 174 -87.14 32.85 -19.85
CA ALA K 174 -86.70 34.26 -19.80
C ALA K 174 -86.28 34.69 -21.21
N VAL K 175 -86.64 35.91 -21.61
CA VAL K 175 -86.12 36.54 -22.86
C VAL K 175 -85.01 37.50 -22.45
N LEU K 176 -83.98 37.64 -23.29
CA LEU K 176 -82.90 38.64 -23.09
C LEU K 176 -83.21 39.86 -23.97
N GLN K 177 -83.96 40.82 -23.41
CA GLN K 177 -84.36 42.08 -24.11
C GLN K 177 -83.07 42.78 -24.57
N SER K 178 -83.11 43.54 -25.66
CA SER K 178 -81.93 44.20 -26.28
C SER K 178 -81.28 45.17 -25.28
N SER K 179 -81.93 45.43 -24.13
CA SER K 179 -81.37 46.23 -23.00
C SER K 179 -80.48 45.37 -22.10
N GLY K 180 -80.34 44.08 -22.39
CA GLY K 180 -79.50 43.15 -21.61
C GLY K 180 -80.12 42.83 -20.27
N LEU K 181 -81.43 43.08 -20.12
CA LEU K 181 -82.25 42.76 -18.91
C LEU K 181 -83.22 41.64 -19.26
N TYR K 182 -83.29 40.61 -18.43
CA TYR K 182 -84.26 39.50 -18.59
C TYR K 182 -85.68 39.97 -18.25
N SER K 183 -86.65 39.22 -18.78
CA SER K 183 -88.14 39.30 -18.59
C SER K 183 -88.72 37.90 -18.86
N LEU K 184 -89.72 37.43 -18.10
CA LEU K 184 -90.44 36.16 -18.39
C LEU K 184 -91.89 36.28 -17.93
N SER K 185 -92.72 35.28 -18.22
CA SER K 185 -94.07 35.12 -17.66
C SER K 185 -94.21 33.73 -17.03
N SER K 186 -95.24 33.54 -16.22
CA SER K 186 -95.67 32.24 -15.63
C SER K 186 -97.19 32.17 -15.67
N VAL K 187 -97.74 31.30 -16.51
CA VAL K 187 -99.20 31.08 -16.69
C VAL K 187 -99.62 29.90 -15.80
N VAL K 188 -100.91 29.78 -15.50
CA VAL K 188 -101.52 28.60 -14.83
C VAL K 188 -102.95 28.45 -15.35
N THR K 189 -103.32 27.24 -15.76
CA THR K 189 -104.69 26.90 -16.25
C THR K 189 -105.53 26.46 -15.04
N VAL K 190 -106.67 27.13 -14.80
CA VAL K 190 -107.60 26.87 -13.65
C VAL K 190 -109.04 26.90 -14.17
N PRO K 191 -110.01 26.26 -13.48
CA PRO K 191 -111.43 26.32 -13.86
C PRO K 191 -112.13 27.68 -13.78
N SER K 192 -113.08 27.93 -14.71
CA SER K 192 -113.98 29.12 -14.78
C SER K 192 -114.72 29.32 -13.46
N SER K 193 -115.08 28.20 -12.84
CA SER K 193 -115.91 28.09 -11.62
C SER K 193 -115.22 28.74 -10.42
N SER K 194 -113.89 28.79 -10.40
CA SER K 194 -113.08 29.26 -9.25
C SER K 194 -112.65 30.71 -9.41
N LEU K 195 -113.07 31.40 -10.48
CA LEU K 195 -112.71 32.82 -10.71
C LEU K 195 -113.29 33.67 -9.58
N GLY K 196 -114.62 33.60 -9.36
CA GLY K 196 -115.34 34.31 -8.27
C GLY K 196 -115.17 33.64 -6.91
N THR K 197 -114.76 32.35 -6.89
CA THR K 197 -114.73 31.44 -5.71
C THR K 197 -113.37 31.44 -5.02
N GLN K 198 -112.28 31.19 -5.78
CA GLN K 198 -110.92 30.94 -5.24
C GLN K 198 -109.98 32.11 -5.59
N THR K 199 -108.98 32.34 -4.73
CA THR K 199 -107.94 33.41 -4.86
C THR K 199 -106.62 32.80 -5.36
N TYR K 200 -106.05 33.41 -6.41
CA TYR K 200 -104.76 33.03 -7.04
C TYR K 200 -103.73 34.17 -6.88
N ILE K 201 -102.71 33.93 -6.05
CA ILE K 201 -101.59 34.90 -5.84
C ILE K 201 -100.28 34.24 -6.28
N CYS K 202 -99.70 34.74 -7.37
CA CYS K 202 -98.36 34.35 -7.90
C CYS K 202 -97.29 34.98 -7.01
N ASN K 203 -96.28 34.21 -6.61
CA ASN K 203 -95.22 34.65 -5.67
C ASN K 203 -93.86 34.55 -6.36
N VAL K 204 -93.17 35.68 -6.50
CA VAL K 204 -91.81 35.79 -7.13
C VAL K 204 -90.76 35.99 -6.04
N ASN K 205 -89.66 35.25 -6.13
CA ASN K 205 -88.46 35.43 -5.30
C ASN K 205 -87.28 35.57 -6.26
N HIS K 206 -86.40 36.54 -6.03
CA HIS K 206 -85.18 36.77 -6.84
C HIS K 206 -84.03 37.05 -5.88
N LYS K 207 -83.54 36.00 -5.19
CA LYS K 207 -82.65 36.11 -4.00
C LYS K 207 -81.40 36.93 -4.33
N PRO K 208 -80.90 36.91 -5.58
CA PRO K 208 -79.86 37.87 -6.01
C PRO K 208 -80.11 39.38 -5.85
N SER K 209 -81.32 39.82 -5.50
CA SER K 209 -81.59 41.20 -4.97
C SER K 209 -82.54 41.15 -3.77
N ASN K 210 -82.95 39.94 -3.36
CA ASN K 210 -83.81 39.65 -2.18
C ASN K 210 -85.23 40.21 -2.37
N THR K 211 -85.55 40.73 -3.56
CA THR K 211 -86.89 41.25 -3.96
C THR K 211 -87.87 40.06 -4.05
N LYS K 212 -88.94 40.08 -3.24
CA LYS K 212 -89.89 38.94 -3.09
C LYS K 212 -91.33 39.46 -3.16
N VAL K 213 -91.75 39.82 -4.37
CA VAL K 213 -93.11 40.39 -4.68
C VAL K 213 -94.13 39.25 -4.67
N ASP K 214 -95.38 39.55 -4.27
CA ASP K 214 -96.51 38.59 -4.17
C ASP K 214 -97.80 39.26 -4.68
N LYS K 215 -98.04 39.19 -6.00
CA LYS K 215 -99.15 39.88 -6.74
C LYS K 215 -100.37 38.95 -6.86
N LYS K 216 -101.54 39.45 -6.48
CA LYS K 216 -102.84 38.75 -6.66
C LYS K 216 -103.30 38.98 -8.09
N VAL K 217 -104.08 38.05 -8.65
CA VAL K 217 -104.61 38.12 -10.05
C VAL K 217 -106.13 37.95 -10.03
N GLU K 218 -106.91 39.00 -10.38
CA GLU K 218 -108.40 39.00 -10.46
C GLU K 218 -108.87 39.39 -11.86
N PRO K 219 -110.05 38.93 -12.32
CA PRO K 219 -110.65 39.41 -13.58
C PRO K 219 -111.20 40.84 -13.49
N LYS K 220 -111.58 41.44 -14.63
CA LYS K 220 -111.95 42.89 -14.78
C LYS K 220 -113.48 43.05 -14.92
N GLN L 1 -53.64 18.83 -21.05
CA GLN L 1 -54.77 18.00 -20.48
C GLN L 1 -55.35 17.09 -21.58
N THR L 2 -56.05 16.02 -21.15
CA THR L 2 -56.72 15.00 -21.99
C THR L 2 -58.21 15.36 -22.12
N VAL L 3 -58.75 15.27 -23.34
CA VAL L 3 -60.21 15.40 -23.62
C VAL L 3 -60.82 14.00 -23.67
N VAL L 4 -61.87 13.78 -22.90
CA VAL L 4 -62.75 12.58 -22.95
C VAL L 4 -63.77 12.83 -24.05
N THR L 5 -63.71 12.01 -25.09
CA THR L 5 -64.50 12.13 -26.34
C THR L 5 -65.64 11.11 -26.30
N GLN L 6 -66.89 11.58 -26.25
CA GLN L 6 -68.08 10.70 -26.38
C GLN L 6 -68.96 11.26 -27.50
N GLU L 7 -69.68 10.39 -28.21
CA GLU L 7 -70.46 10.75 -29.43
C GLU L 7 -71.19 12.06 -29.14
N PRO L 8 -71.24 13.00 -30.12
CA PRO L 8 -71.83 14.32 -29.91
C PRO L 8 -73.37 14.29 -29.84
N SER L 9 -74.02 13.42 -30.62
CA SER L 9 -75.50 13.29 -30.68
C SER L 9 -75.91 11.98 -31.34
N PHE L 10 -77.04 11.41 -30.90
CA PHE L 10 -77.54 10.07 -31.32
C PHE L 10 -79.07 10.13 -31.48
N SER L 11 -79.64 9.33 -32.39
CA SER L 11 -81.11 9.17 -32.58
C SER L 11 -81.45 7.67 -32.60
N VAL L 12 -82.54 7.27 -31.95
CA VAL L 12 -83.01 5.85 -31.88
C VAL L 12 -84.54 5.82 -31.94
N SER L 13 -85.07 4.77 -32.58
CA SER L 13 -86.51 4.40 -32.58
C SER L 13 -86.92 4.05 -31.15
N PRO L 14 -88.14 4.44 -30.72
CA PRO L 14 -88.66 3.99 -29.43
C PRO L 14 -88.73 2.45 -29.41
N GLY L 15 -88.44 1.87 -28.25
CA GLY L 15 -88.31 0.41 -28.03
C GLY L 15 -87.12 -0.18 -28.77
N GLY L 16 -86.18 0.65 -29.23
CA GLY L 16 -84.93 0.22 -29.86
C GLY L 16 -83.83 -0.02 -28.84
N THR L 17 -82.69 -0.54 -29.30
CA THR L 17 -81.43 -0.67 -28.53
C THR L 17 -80.40 0.29 -29.14
N VAL L 18 -79.59 0.93 -28.29
CA VAL L 18 -78.47 1.83 -28.71
C VAL L 18 -77.36 1.72 -27.65
N THR L 19 -76.11 1.86 -28.09
CA THR L 19 -74.94 1.99 -27.18
C THR L 19 -74.25 3.34 -27.41
N LEU L 20 -74.14 4.13 -26.33
CA LEU L 20 -73.29 5.33 -26.24
C LEU L 20 -71.91 4.88 -25.79
N THR L 21 -70.86 5.32 -26.50
CA THR L 21 -69.46 5.06 -26.11
C THR L 21 -68.90 6.34 -25.49
N CYS L 22 -67.67 6.23 -24.99
CA CYS L 22 -66.95 7.29 -24.24
C CYS L 22 -65.49 6.89 -24.07
N GLY L 23 -64.61 7.51 -24.89
CA GLY L 23 -63.16 7.20 -24.96
C GLY L 23 -62.27 8.33 -24.46
N LEU L 24 -61.01 7.99 -24.18
CA LEU L 24 -59.89 8.94 -23.90
C LEU L 24 -59.07 9.14 -25.17
N SER L 25 -58.83 10.41 -25.53
CA SER L 25 -58.11 10.85 -26.74
C SER L 25 -56.80 10.06 -26.91
N SER L 26 -56.06 9.87 -25.82
CA SER L 26 -54.79 9.13 -25.74
C SER L 26 -54.89 8.00 -24.70
N GLY L 27 -55.09 6.76 -25.16
CA GLY L 27 -55.06 5.53 -24.34
C GLY L 27 -56.44 4.90 -24.17
N SER L 28 -56.48 3.69 -23.60
CA SER L 28 -57.70 2.87 -23.39
C SER L 28 -58.36 3.24 -22.06
N VAL L 29 -59.65 2.90 -21.95
CA VAL L 29 -60.45 2.98 -20.70
C VAL L 29 -60.55 1.56 -20.15
N SER L 30 -60.16 1.36 -18.90
CA SER L 30 -60.27 0.09 -18.13
C SER L 30 -61.24 0.30 -16.97
N THR L 31 -61.42 -0.73 -16.14
CA THR L 31 -62.16 -0.65 -14.86
C THR L 31 -61.52 0.42 -13.97
N SER L 32 -60.18 0.46 -13.94
CA SER L 32 -59.40 1.30 -13.01
C SER L 32 -59.51 2.79 -13.39
N TYR L 33 -60.41 3.18 -14.31
CA TYR L 33 -60.78 4.60 -14.62
C TYR L 33 -62.15 4.91 -14.04
N TYR L 34 -62.82 3.88 -13.46
CA TYR L 34 -64.14 3.93 -12.74
C TYR L 34 -65.19 4.72 -13.52
N PRO L 35 -65.58 4.24 -14.75
CA PRO L 35 -66.58 4.88 -15.58
C PRO L 35 -67.85 5.16 -14.79
N ASN L 36 -68.69 6.00 -15.38
CA ASN L 36 -69.74 6.74 -14.66
C ASN L 36 -70.54 7.58 -15.67
N TRP L 37 -71.85 7.32 -15.71
CA TRP L 37 -72.81 7.87 -16.71
C TRP L 37 -73.90 8.66 -15.97
N TYR L 38 -74.41 9.73 -16.59
CA TYR L 38 -75.53 10.56 -16.06
C TYR L 38 -76.53 10.83 -17.16
N GLN L 39 -77.80 10.95 -16.76
CA GLN L 39 -78.93 11.42 -17.58
C GLN L 39 -79.15 12.86 -17.14
N GLN L 40 -79.10 13.79 -18.06
CA GLN L 40 -79.48 15.20 -17.79
C GLN L 40 -80.66 15.48 -18.68
N THR L 41 -81.84 15.62 -18.09
CA THR L 41 -83.03 16.12 -18.78
C THR L 41 -82.76 17.57 -19.08
N PRO L 42 -82.79 18.02 -20.36
CA PRO L 42 -82.27 19.34 -20.70
C PRO L 42 -82.88 20.35 -19.72
N GLY L 43 -82.04 21.05 -18.94
CA GLY L 43 -82.46 22.11 -17.99
C GLY L 43 -82.78 21.61 -16.58
N GLN L 44 -82.62 20.32 -16.32
CA GLN L 44 -82.89 19.69 -14.99
C GLN L 44 -81.57 19.16 -14.40
N ALA L 45 -81.49 19.12 -13.06
CA ALA L 45 -80.32 18.64 -12.29
C ALA L 45 -80.05 17.18 -12.67
N PRO L 46 -78.87 16.86 -13.24
CA PRO L 46 -78.60 15.54 -13.81
C PRO L 46 -78.67 14.40 -12.79
N ARG L 47 -79.60 13.45 -13.04
CA ARG L 47 -79.82 12.20 -12.27
C ARG L 47 -78.67 11.23 -12.57
N THR L 48 -78.21 10.50 -11.55
CA THR L 48 -77.25 9.38 -11.71
C THR L 48 -77.90 8.30 -12.56
N LEU L 49 -77.11 7.54 -13.29
CA LEU L 49 -77.53 6.24 -13.87
C LEU L 49 -76.61 5.17 -13.26
N ILE L 50 -75.35 5.14 -13.69
CA ILE L 50 -74.39 4.01 -13.50
C ILE L 50 -73.10 4.56 -12.87
N TYR L 51 -72.77 4.21 -11.62
CA TYR L 51 -71.80 4.99 -10.77
C TYR L 51 -70.45 4.24 -10.72
N SER L 52 -70.52 2.92 -10.47
CA SER L 52 -69.40 1.96 -10.68
C SER L 52 -69.22 1.79 -12.19
N THR L 53 -68.72 0.65 -12.67
CA THR L 53 -68.40 0.40 -14.12
C THR L 53 -69.64 0.00 -14.93
N ASN L 54 -70.63 -0.54 -14.23
CA ASN L 54 -71.80 -1.27 -14.79
C ASN L 54 -72.99 -1.15 -13.80
N THR L 55 -72.74 -1.23 -12.47
CA THR L 55 -73.77 -1.17 -11.40
C THR L 55 -74.75 -0.01 -11.60
N ARG L 56 -76.05 -0.32 -11.59
CA ARG L 56 -77.17 0.65 -11.57
C ARG L 56 -77.35 1.16 -10.13
N SER L 57 -77.72 2.44 -9.98
CA SER L 57 -77.89 3.18 -8.71
C SER L 57 -79.33 2.93 -8.19
N SER L 58 -79.68 3.45 -6.99
CA SER L 58 -81.03 3.42 -6.38
C SER L 58 -82.09 3.79 -7.45
N GLY L 59 -83.07 2.93 -7.69
CA GLY L 59 -84.24 3.22 -8.54
C GLY L 59 -83.89 3.53 -10.00
N VAL L 60 -82.79 2.97 -10.52
CA VAL L 60 -82.41 3.10 -11.96
C VAL L 60 -83.09 1.97 -12.72
N PRO L 61 -83.83 2.28 -13.81
CA PRO L 61 -84.37 1.24 -14.67
C PRO L 61 -83.36 0.17 -15.13
N ASP L 62 -83.85 -1.05 -15.38
CA ASP L 62 -83.08 -2.26 -15.79
C ASP L 62 -82.67 -2.17 -17.26
N ARG L 63 -83.36 -1.35 -18.06
CA ARG L 63 -83.08 -1.14 -19.51
C ARG L 63 -81.67 -0.56 -19.68
N PHE L 64 -81.21 0.30 -18.75
CA PHE L 64 -79.84 0.87 -18.68
C PHE L 64 -78.85 -0.17 -18.13
N SER L 65 -77.72 -0.34 -18.81
CA SER L 65 -76.65 -1.28 -18.43
C SER L 65 -75.29 -0.78 -18.96
N GLY L 66 -74.46 -0.29 -18.04
CA GLY L 66 -73.11 0.23 -18.34
C GLY L 66 -72.11 -0.89 -18.49
N SER L 67 -71.07 -0.69 -19.28
CA SER L 67 -70.08 -1.73 -19.63
C SER L 67 -68.83 -1.04 -20.15
N ILE L 68 -67.92 -1.82 -20.73
CA ILE L 68 -66.64 -1.33 -21.32
C ILE L 68 -66.37 -2.13 -22.59
N LEU L 69 -66.42 -1.47 -23.76
CA LEU L 69 -66.20 -2.06 -25.11
C LEU L 69 -64.86 -1.62 -25.68
N GLY L 70 -63.92 -2.56 -25.71
CA GLY L 70 -62.57 -2.37 -26.25
C GLY L 70 -61.89 -1.18 -25.59
N ASN L 71 -61.75 -0.09 -26.34
CA ASN L 71 -60.93 1.07 -25.92
C ASN L 71 -61.77 1.95 -24.99
N LYS L 72 -63.09 1.90 -25.14
CA LYS L 72 -64.01 2.95 -24.63
C LYS L 72 -64.92 2.36 -23.56
N ALA L 73 -65.29 3.17 -22.56
CA ALA L 73 -66.41 2.89 -21.63
C ALA L 73 -67.69 3.01 -22.43
N ALA L 74 -68.73 2.28 -22.03
CA ALA L 74 -69.98 2.17 -22.80
C ALA L 74 -71.20 2.19 -21.88
N LEU L 75 -72.33 2.58 -22.49
CA LEU L 75 -73.69 2.61 -21.90
C LEU L 75 -74.67 2.04 -22.91
N THR L 76 -75.20 0.86 -22.61
CA THR L 76 -76.16 0.13 -23.47
C THR L 76 -77.57 0.42 -22.94
N ILE L 77 -78.43 1.05 -23.76
CA ILE L 77 -79.86 1.33 -23.42
C ILE L 77 -80.72 0.37 -24.23
N THR L 78 -81.01 -0.79 -23.64
CA THR L 78 -81.87 -1.85 -24.25
C THR L 78 -83.33 -1.47 -23.98
N GLY L 79 -84.06 -1.04 -25.02
CA GLY L 79 -85.50 -0.73 -24.91
C GLY L 79 -85.71 0.72 -24.55
N ALA L 80 -85.51 1.58 -25.55
CA ALA L 80 -85.62 3.05 -25.45
C ALA L 80 -87.08 3.44 -25.22
N GLN L 81 -87.30 4.31 -24.23
CA GLN L 81 -88.61 4.92 -23.90
C GLN L 81 -88.60 6.36 -24.44
N ALA L 82 -89.76 7.02 -24.42
CA ALA L 82 -89.91 8.47 -24.71
C ALA L 82 -89.23 9.25 -23.58
N ASP L 83 -89.02 8.60 -22.43
CA ASP L 83 -88.35 9.15 -21.23
C ASP L 83 -86.86 9.42 -21.53
N ASP L 84 -86.31 8.86 -22.63
CA ASP L 84 -84.85 8.80 -22.89
C ASP L 84 -84.38 9.93 -23.81
N GLU L 85 -85.30 10.71 -24.41
CA GLU L 85 -85.03 12.04 -25.04
C GLU L 85 -84.37 12.92 -23.97
N SER L 86 -83.03 12.93 -23.93
CA SER L 86 -82.22 13.72 -22.99
C SER L 86 -80.72 13.58 -23.34
N ASP L 87 -79.86 14.29 -22.57
CA ASP L 87 -78.39 14.36 -22.75
C ASP L 87 -77.74 13.41 -21.73
N TYR L 88 -76.72 12.65 -22.18
CA TYR L 88 -76.00 11.61 -21.38
C TYR L 88 -74.51 11.95 -21.31
N TYR L 89 -74.03 12.15 -20.09
CA TYR L 89 -72.63 12.54 -19.77
C TYR L 89 -71.91 11.31 -19.19
N CYS L 90 -70.79 10.96 -19.80
CA CYS L 90 -69.79 10.00 -19.31
C CYS L 90 -68.72 10.78 -18.55
N VAL L 91 -67.97 10.13 -17.66
CA VAL L 91 -66.89 10.80 -16.89
C VAL L 91 -66.02 9.77 -16.14
N LEU L 92 -64.67 9.91 -16.19
CA LEU L 92 -63.64 8.97 -15.67
C LEU L 92 -62.77 9.64 -14.59
N PHE L 93 -62.18 8.85 -13.68
CA PHE L 93 -61.34 9.32 -12.52
C PHE L 93 -59.90 8.80 -12.63
N MET L 94 -58.95 9.62 -13.13
CA MET L 94 -57.48 9.32 -13.20
C MET L 94 -56.82 9.69 -11.88
N GLY L 95 -57.59 9.63 -10.79
CA GLY L 95 -57.11 9.76 -9.41
C GLY L 95 -56.25 10.98 -9.18
N SER L 96 -55.90 11.23 -7.92
CA SER L 96 -55.28 12.47 -7.37
C SER L 96 -56.35 13.55 -7.19
N GLY L 97 -57.61 13.26 -7.51
CA GLY L 97 -58.75 14.22 -7.50
C GLY L 97 -59.25 14.47 -8.90
N ILE L 98 -58.44 14.08 -9.88
CA ILE L 98 -58.60 14.39 -11.33
C ILE L 98 -59.85 13.65 -11.82
N TRP L 99 -60.94 14.39 -12.01
CA TRP L 99 -62.18 13.93 -12.64
C TRP L 99 -62.35 14.73 -13.95
N VAL L 100 -62.62 14.06 -15.08
CA VAL L 100 -62.78 14.72 -16.42
C VAL L 100 -64.03 14.21 -17.13
N PHE L 101 -64.90 15.13 -17.52
CA PHE L 101 -66.21 14.81 -18.14
C PHE L 101 -66.06 14.60 -19.65
N GLY L 102 -67.11 14.02 -20.26
CA GLY L 102 -67.28 13.95 -21.72
C GLY L 102 -68.03 15.17 -22.23
N GLY L 103 -68.06 15.33 -23.56
CA GLY L 103 -68.74 16.45 -24.24
C GLY L 103 -70.24 16.38 -24.03
N GLY L 104 -70.76 15.18 -23.78
CA GLY L 104 -72.20 14.92 -23.66
C GLY L 104 -72.75 14.42 -24.97
N THR L 105 -73.53 13.35 -24.93
CA THR L 105 -74.24 12.73 -26.08
C THR L 105 -75.73 13.07 -25.95
N LYS L 106 -76.28 13.78 -26.94
CA LYS L 106 -77.69 14.23 -27.00
C LYS L 106 -78.48 13.13 -27.71
N LEU L 107 -79.38 12.46 -26.99
CA LEU L 107 -80.13 11.27 -27.47
C LEU L 107 -81.55 11.69 -27.88
N THR L 108 -81.88 11.47 -29.16
CA THR L 108 -83.18 11.71 -29.82
C THR L 108 -83.95 10.38 -29.89
N VAL L 109 -85.23 10.44 -29.55
CA VAL L 109 -86.25 9.36 -29.75
C VAL L 109 -87.23 9.88 -30.81
N LEU L 110 -87.31 9.27 -31.99
CA LEU L 110 -88.32 9.72 -32.98
C LEU L 110 -89.71 9.63 -32.31
N GLY L 111 -89.74 9.41 -30.99
CA GLY L 111 -90.98 9.23 -30.22
C GLY L 111 -91.70 10.55 -30.02
N GLN L 112 -92.23 11.11 -31.11
CA GLN L 112 -92.97 12.40 -31.11
C GLN L 112 -93.88 12.44 -32.33
N PRO L 113 -95.17 12.80 -32.14
CA PRO L 113 -96.09 13.09 -33.25
C PRO L 113 -96.17 14.60 -33.53
N LYS L 114 -96.31 14.99 -34.82
CA LYS L 114 -96.29 16.40 -35.32
C LYS L 114 -97.39 17.18 -34.58
N ALA L 115 -97.24 17.36 -33.26
CA ALA L 115 -98.24 18.03 -32.40
C ALA L 115 -98.16 19.55 -32.67
N ALA L 116 -99.33 20.15 -32.98
CA ALA L 116 -99.44 21.55 -33.42
C ALA L 116 -99.39 22.44 -32.18
N PRO L 117 -99.10 23.76 -32.34
CA PRO L 117 -98.86 24.67 -31.21
C PRO L 117 -100.10 25.22 -30.47
N SER L 118 -99.97 25.60 -29.21
CA SER L 118 -101.11 26.02 -28.33
C SER L 118 -100.85 27.43 -27.79
N VAL L 119 -101.46 28.42 -28.44
CA VAL L 119 -101.12 29.88 -28.33
C VAL L 119 -102.10 30.57 -27.36
N THR L 120 -101.59 31.16 -26.27
CA THR L 120 -102.35 31.90 -25.23
C THR L 120 -101.88 33.36 -25.20
N LEU L 121 -102.65 34.27 -25.80
CA LEU L 121 -102.27 35.70 -25.98
C LEU L 121 -102.85 36.54 -24.85
N PHE L 122 -102.00 37.35 -24.22
CA PHE L 122 -102.35 38.21 -23.06
C PHE L 122 -102.23 39.68 -23.42
N PRO L 123 -103.11 40.54 -22.87
CA PRO L 123 -102.98 41.99 -23.04
C PRO L 123 -101.94 42.60 -22.09
N PRO L 124 -101.63 43.90 -22.24
CA PRO L 124 -100.87 44.61 -21.22
C PRO L 124 -101.83 44.72 -20.03
N SER L 125 -101.29 44.78 -18.82
CA SER L 125 -102.02 44.63 -17.53
C SER L 125 -102.82 45.89 -17.18
N SER L 126 -103.77 45.76 -16.24
CA SER L 126 -104.44 46.92 -15.59
C SER L 126 -103.33 47.90 -15.18
N GLU L 127 -102.35 47.40 -14.44
CA GLU L 127 -101.37 48.18 -13.65
C GLU L 127 -100.14 48.56 -14.50
N GLU L 128 -99.76 47.76 -15.51
CA GLU L 128 -98.57 48.02 -16.36
C GLU L 128 -98.73 49.37 -17.06
N LEU L 129 -99.89 49.61 -17.65
CA LEU L 129 -100.14 50.86 -18.40
C LEU L 129 -99.77 52.02 -17.46
N GLN L 130 -100.11 51.92 -16.17
CA GLN L 130 -99.90 52.97 -15.13
C GLN L 130 -98.41 53.30 -14.94
N ALA L 131 -97.49 52.39 -15.29
CA ALA L 131 -96.03 52.64 -15.28
C ALA L 131 -95.60 53.29 -16.59
N ASN L 132 -96.50 53.31 -17.58
CA ASN L 132 -96.39 54.03 -18.88
C ASN L 132 -95.69 53.13 -19.92
N LYS L 133 -95.24 51.95 -19.50
CA LYS L 133 -94.84 50.81 -20.37
C LYS L 133 -96.14 50.10 -20.83
N ALA L 134 -96.05 49.15 -21.78
CA ALA L 134 -97.20 48.37 -22.34
C ALA L 134 -96.72 47.17 -23.18
N THR L 135 -96.77 45.96 -22.62
CA THR L 135 -96.13 44.73 -23.16
C THR L 135 -97.20 43.69 -23.48
N LEU L 136 -97.24 43.26 -24.76
CA LEU L 136 -98.06 42.13 -25.28
C LEU L 136 -97.34 40.78 -25.11
N VAL L 137 -97.92 39.90 -24.29
CA VAL L 137 -97.38 38.55 -23.97
C VAL L 137 -98.11 37.53 -24.86
N CYS L 138 -97.36 36.77 -25.66
CA CYS L 138 -97.83 35.64 -26.50
C CYS L 138 -97.08 34.37 -26.05
N LEU L 139 -97.79 33.38 -25.52
CA LEU L 139 -97.20 32.09 -25.03
C LEU L 139 -97.50 30.96 -26.02
N ILE L 140 -96.52 30.10 -26.27
CA ILE L 140 -96.63 28.89 -27.14
C ILE L 140 -96.30 27.67 -26.28
N SER L 141 -97.00 26.56 -26.50
CA SER L 141 -96.85 25.30 -25.72
C SER L 141 -97.03 24.07 -26.63
N ASP L 142 -96.45 22.93 -26.23
CA ASP L 142 -96.84 21.55 -26.66
C ASP L 142 -96.82 21.42 -28.19
N PHE L 143 -95.69 21.74 -28.83
CA PHE L 143 -95.49 21.54 -30.29
C PHE L 143 -94.20 20.78 -30.58
N TYR L 144 -94.27 19.95 -31.61
CA TYR L 144 -93.17 19.11 -32.15
C TYR L 144 -93.39 19.06 -33.66
N PRO L 145 -92.37 19.35 -34.50
CA PRO L 145 -91.01 19.64 -34.04
C PRO L 145 -90.93 21.01 -33.34
N GLY L 146 -89.73 21.50 -33.03
CA GLY L 146 -89.52 22.74 -32.25
C GLY L 146 -89.03 23.91 -33.07
N ALA L 147 -89.79 24.32 -34.08
CA ALA L 147 -89.48 25.44 -34.98
C ALA L 147 -90.78 26.16 -35.27
N VAL L 148 -90.91 27.42 -34.84
CA VAL L 148 -92.12 28.27 -35.02
C VAL L 148 -91.72 29.60 -35.64
N THR L 149 -92.66 30.24 -36.34
CA THR L 149 -92.55 31.61 -36.89
C THR L 149 -93.58 32.47 -36.17
N VAL L 150 -93.11 33.47 -35.42
CA VAL L 150 -93.96 34.40 -34.61
C VAL L 150 -94.14 35.70 -35.39
N ALA L 151 -95.28 35.86 -36.06
CA ALA L 151 -95.69 37.10 -36.74
C ALA L 151 -96.61 37.89 -35.81
N TRP L 152 -96.42 39.21 -35.72
CA TRP L 152 -97.33 40.17 -35.04
C TRP L 152 -98.01 41.07 -36.08
N LYS L 153 -99.25 41.48 -35.81
CA LYS L 153 -99.99 42.46 -36.64
C LYS L 153 -100.54 43.59 -35.77
N ALA L 154 -100.59 44.80 -36.34
CA ALA L 154 -101.12 46.03 -35.73
C ALA L 154 -102.64 46.11 -35.96
N ASP L 155 -103.09 45.88 -37.21
CA ASP L 155 -104.50 45.54 -37.57
C ASP L 155 -104.50 44.48 -38.67
N SER L 156 -103.92 44.82 -39.83
CA SER L 156 -103.39 43.87 -40.84
C SER L 156 -102.04 44.40 -41.32
N SER L 157 -101.29 44.96 -40.37
CA SER L 157 -100.00 45.66 -40.59
C SER L 157 -98.89 44.88 -39.90
N PRO L 158 -97.85 44.39 -40.62
CA PRO L 158 -96.71 43.75 -39.97
C PRO L 158 -95.89 44.75 -39.12
N VAL L 159 -95.40 44.31 -37.96
CA VAL L 159 -94.47 45.10 -37.08
C VAL L 159 -93.30 44.17 -36.80
N LYS L 160 -92.04 44.61 -36.98
CA LYS L 160 -90.86 43.83 -36.53
C LYS L 160 -90.09 44.65 -35.49
N ALA L 161 -90.64 45.79 -35.07
CA ALA L 161 -90.03 46.73 -34.09
C ALA L 161 -90.52 46.45 -32.67
N GLY L 162 -89.59 46.21 -31.75
CA GLY L 162 -89.84 46.01 -30.31
C GLY L 162 -90.36 44.61 -30.00
N VAL L 163 -90.17 43.67 -30.93
CA VAL L 163 -90.55 42.23 -30.80
C VAL L 163 -89.33 41.48 -30.28
N GLU L 164 -89.50 40.81 -29.14
CA GLU L 164 -88.52 39.84 -28.59
C GLU L 164 -89.21 38.47 -28.57
N THR L 165 -88.53 37.44 -29.10
CA THR L 165 -89.03 36.04 -29.19
C THR L 165 -87.96 35.07 -28.68
N THR L 166 -88.27 34.24 -27.68
CA THR L 166 -87.29 33.30 -27.06
C THR L 166 -86.95 32.20 -28.07
N THR L 167 -85.85 31.50 -27.80
CA THR L 167 -85.49 30.22 -28.45
C THR L 167 -86.48 29.16 -27.98
N PRO L 168 -87.07 28.37 -28.91
CA PRO L 168 -87.86 27.21 -28.55
C PRO L 168 -87.08 26.35 -27.53
N SER L 169 -87.78 25.76 -26.56
CA SER L 169 -87.16 25.12 -25.37
C SER L 169 -87.99 23.88 -24.99
N LYS L 170 -87.47 22.68 -25.29
CA LYS L 170 -88.09 21.38 -24.91
C LYS L 170 -88.68 21.54 -23.50
N GLN L 171 -89.95 21.17 -23.31
CA GLN L 171 -90.70 21.33 -22.03
C GLN L 171 -90.34 20.16 -21.10
N SER L 172 -91.04 20.05 -19.96
CA SER L 172 -90.98 18.91 -19.00
C SER L 172 -91.67 17.66 -19.56
N ASN L 173 -92.16 17.73 -20.80
CA ASN L 173 -92.81 16.62 -21.54
C ASN L 173 -92.20 16.53 -22.96
N ASN L 174 -90.93 16.92 -23.12
CA ASN L 174 -90.08 16.75 -24.33
C ASN L 174 -90.80 17.17 -25.63
N LYS L 175 -91.84 17.99 -25.51
CA LYS L 175 -92.42 18.82 -26.61
C LYS L 175 -91.89 20.24 -26.39
N TYR L 176 -91.75 21.02 -27.46
CA TYR L 176 -91.05 22.35 -27.44
C TYR L 176 -92.07 23.43 -27.06
N ALA L 177 -91.56 24.55 -26.53
CA ALA L 177 -92.32 25.72 -26.00
C ALA L 177 -91.43 26.97 -26.05
N ALA L 178 -92.02 28.14 -26.30
CA ALA L 178 -91.31 29.42 -26.40
C ALA L 178 -92.29 30.56 -26.16
N SER L 179 -91.80 31.67 -25.62
CA SER L 179 -92.58 32.91 -25.40
C SER L 179 -92.22 33.93 -26.49
N SER L 180 -93.11 34.91 -26.75
CA SER L 180 -92.84 36.11 -27.60
C SER L 180 -93.49 37.35 -26.99
N TYR L 181 -92.66 38.33 -26.63
CA TYR L 181 -93.05 39.65 -26.04
C TYR L 181 -93.00 40.69 -27.17
N LEU L 182 -93.92 41.65 -27.12
CA LEU L 182 -93.95 42.86 -28.00
C LEU L 182 -94.11 44.11 -27.12
N SER L 183 -93.01 44.80 -26.83
CA SER L 183 -93.00 46.05 -26.04
C SER L 183 -93.69 47.14 -26.89
N LEU L 184 -94.62 47.89 -26.29
CA LEU L 184 -95.38 49.01 -26.92
C LEU L 184 -95.55 50.17 -25.94
N THR L 185 -96.19 51.26 -26.40
CA THR L 185 -96.53 52.49 -25.63
C THR L 185 -98.04 52.61 -25.48
N PRO L 186 -98.56 53.05 -24.31
CA PRO L 186 -100.02 53.07 -24.06
C PRO L 186 -100.82 53.74 -25.20
N GLU L 187 -100.17 54.63 -25.95
CA GLU L 187 -100.76 55.37 -27.08
C GLU L 187 -101.00 54.36 -28.21
N GLN L 188 -99.93 53.69 -28.65
CA GLN L 188 -99.96 52.72 -29.76
C GLN L 188 -100.96 51.58 -29.47
N TRP L 189 -101.20 51.29 -28.19
CA TRP L 189 -102.12 50.23 -27.74
C TRP L 189 -103.58 50.65 -27.92
N LYS L 190 -103.88 51.94 -27.70
CA LYS L 190 -105.25 52.51 -27.84
C LYS L 190 -105.49 52.92 -29.31
N SER L 191 -104.46 53.44 -29.98
CA SER L 191 -104.53 54.03 -31.36
C SER L 191 -105.06 52.99 -32.36
N HIS L 192 -104.48 51.78 -32.38
CA HIS L 192 -104.85 50.67 -33.30
C HIS L 192 -105.93 49.79 -32.62
N ARG L 193 -106.95 49.38 -33.38
CA ARG L 193 -108.13 48.64 -32.86
C ARG L 193 -107.65 47.45 -32.03
N SER L 194 -107.08 46.46 -32.71
CA SER L 194 -106.72 45.13 -32.15
C SER L 194 -105.30 44.74 -32.58
N TYR L 195 -104.55 44.11 -31.66
CA TYR L 195 -103.23 43.50 -31.97
C TYR L 195 -103.37 41.99 -31.99
N SER L 196 -102.62 41.35 -32.88
CA SER L 196 -102.68 39.88 -33.11
C SER L 196 -101.28 39.27 -33.03
N CYS L 197 -101.18 38.06 -32.45
CA CYS L 197 -99.97 37.19 -32.46
C CYS L 197 -100.21 35.98 -33.37
N GLN L 198 -99.50 35.94 -34.50
CA GLN L 198 -99.61 34.87 -35.52
C GLN L 198 -98.44 33.91 -35.39
N VAL L 199 -98.71 32.66 -35.03
CA VAL L 199 -97.69 31.58 -34.93
C VAL L 199 -97.98 30.56 -36.02
N THR L 200 -96.97 30.18 -36.81
CA THR L 200 -97.03 29.16 -37.89
C THR L 200 -96.09 28.00 -37.55
N HIS L 201 -96.56 26.74 -37.66
CA HIS L 201 -95.82 25.51 -37.28
C HIS L 201 -96.09 24.36 -38.26
N GLU L 202 -95.10 24.09 -39.14
CA GLU L 202 -95.18 23.09 -40.24
C GLU L 202 -96.32 23.51 -41.18
N GLY L 203 -96.36 24.79 -41.57
CA GLY L 203 -97.38 25.38 -42.47
C GLY L 203 -98.70 25.70 -41.78
N SER L 204 -98.87 25.29 -40.51
CA SER L 204 -100.14 25.30 -39.72
C SER L 204 -100.29 26.60 -38.94
N THR L 205 -100.71 27.68 -39.60
CA THR L 205 -100.79 29.06 -39.01
C THR L 205 -101.87 29.12 -37.92
N VAL L 206 -101.50 29.61 -36.72
CA VAL L 206 -102.40 29.85 -35.54
C VAL L 206 -102.29 31.33 -35.15
N GLU L 207 -103.45 31.97 -34.94
CA GLU L 207 -103.58 33.40 -34.55
C GLU L 207 -104.33 33.49 -33.22
N LYS L 208 -104.13 34.59 -32.48
CA LYS L 208 -105.05 35.10 -31.44
C LYS L 208 -105.01 36.63 -31.47
N THR L 209 -106.07 37.28 -30.98
CA THR L 209 -106.33 38.75 -31.11
C THR L 209 -106.75 39.32 -29.75
N VAL L 210 -106.27 40.52 -29.40
CA VAL L 210 -106.65 41.25 -28.15
C VAL L 210 -106.69 42.76 -28.45
N ALA L 211 -107.59 43.49 -27.77
CA ALA L 211 -107.88 44.93 -27.99
C ALA L 211 -108.41 45.59 -26.72
N PRO L 212 -108.50 46.94 -26.65
CA PRO L 212 -108.84 47.65 -25.41
C PRO L 212 -110.06 47.12 -24.65
C1 NAG M . 25.79 -17.66 36.68
C2 NAG M . 24.79 -17.51 37.83
C3 NAG M . 25.53 -17.38 39.14
C4 NAG M . 26.42 -18.60 39.33
C5 NAG M . 27.37 -18.73 38.14
C6 NAG M . 28.24 -19.97 38.26
C7 NAG M . 22.71 -16.45 37.16
C8 NAG M . 21.77 -15.36 37.56
N2 NAG M . 23.95 -16.35 37.62
O3 NAG M . 24.60 -17.31 40.23
O4 NAG M . 27.17 -18.48 40.54
O5 NAG M . 26.61 -18.81 36.93
O6 NAG M . 27.40 -21.13 38.27
O7 NAG M . 22.36 -17.39 36.45
C1 NAG M . 26.88 -19.62 41.36
C2 NAG M . 27.95 -19.77 42.45
C3 NAG M . 27.64 -21.00 43.28
C4 NAG M . 26.24 -20.89 43.85
C5 NAG M . 25.24 -20.70 42.72
C6 NAG M . 23.83 -20.54 43.26
C7 NAG M . 30.10 -18.87 41.80
C8 NAG M . 31.52 -19.21 41.43
N2 NAG M . 29.26 -19.90 41.85
O3 NAG M . 28.59 -21.11 44.34
O4 NAG M . 25.93 -22.07 44.60
O5 NAG M . 25.59 -19.54 41.96
O6 NAG M . 23.70 -19.27 43.92
O7 NAG M . 29.75 -17.73 42.04
C1 NAG N . 13.75 -30.79 -48.64
C2 NAG N . 13.21 -31.99 -49.43
C3 NAG N . 13.04 -31.62 -50.89
C4 NAG N . 12.10 -30.42 -50.97
C5 NAG N . 12.67 -29.26 -50.15
C6 NAG N . 11.73 -28.08 -50.18
C7 NAG N . 13.84 -34.12 -48.49
C8 NAG N . 14.59 -35.40 -48.75
N2 NAG N . 14.11 -33.11 -49.31
O3 NAG N . 12.47 -32.72 -51.60
O4 NAG N . 11.91 -30.03 -52.34
O5 NAG N . 12.84 -29.69 -48.80
O6 NAG N . 10.43 -28.48 -49.74
O7 NAG N . 13.03 -34.01 -47.57
C1 NAG N . 10.50 -30.12 -52.60
C2 NAG N . 10.13 -29.47 -53.92
C3 NAG N . 8.62 -29.50 -54.08
C4 NAG N . 8.14 -30.94 -53.98
C5 NAG N . 8.59 -31.54 -52.65
C6 NAG N . 8.17 -33.00 -52.54
C7 NAG N . 11.71 -27.76 -54.60
C8 NAG N . 12.58 -26.76 -53.91
N2 NAG N . 10.59 -28.10 -53.96
O3 NAG N . 8.24 -28.96 -55.35
O4 NAG N . 6.72 -30.98 -54.06
O5 NAG N . 10.01 -31.45 -52.54
O6 NAG N . 8.96 -33.78 -53.43
O7 NAG N . 11.99 -28.23 -55.69
C1 BMA N . 6.34 -31.70 -55.25
C2 BMA N . 4.93 -32.26 -55.08
C3 BMA N . 4.58 -33.08 -56.31
C4 BMA N . 4.69 -32.17 -57.53
C5 BMA N . 6.11 -31.62 -57.60
C6 BMA N . 6.28 -30.71 -58.80
O2 BMA N . 4.00 -31.17 -54.95
O3 BMA N . 3.25 -33.58 -56.20
O4 BMA N . 4.39 -32.92 -58.72
O5 BMA N . 6.38 -30.88 -56.41
O6 BMA N . 7.60 -30.16 -58.79
C1 NAG O . -40.62 13.00 41.66
C2 NAG O . -40.95 13.19 43.16
C3 NAG O . -42.04 12.19 43.56
C4 NAG O . -43.24 12.47 42.64
C5 NAG O . -42.87 11.97 41.25
C6 NAG O . -43.58 12.80 40.17
C7 NAG O . -39.69 12.81 45.32
C8 NAG O . -38.35 13.02 45.96
N2 NAG O . -39.75 13.16 44.01
O3 NAG O . -42.42 12.25 44.93
O4 NAG O . -44.47 11.89 43.08
O5 NAG O . -41.42 11.93 41.12
O6 NAG O . -43.52 12.10 38.93
O7 NAG O . -40.62 12.36 45.99
#